data_7MOP
#
_entry.id   7MOP
#
_cell.length_a   1.00
_cell.length_b   1.00
_cell.length_c   1.00
_cell.angle_alpha   90.00
_cell.angle_beta   90.00
_cell.angle_gamma   90.00
#
_symmetry.space_group_name_H-M   'P 1'
#
loop_
_entity.id
_entity.type
_entity.pdbx_description
1 polymer 'E3 ubiquitin-protein ligase HUWE1'
2 polymer 'DNA damage-inducible transcript 4 protein'
#
loop_
_entity_poly.entity_id
_entity_poly.type
_entity_poly.pdbx_seq_one_letter_code
_entity_poly.pdbx_strand_id
1 'polypeptide(L)'
;MDYKDDDDKLAAANSSIDLISTSLYKKAGFKGTNSVDMKVDRTKLKKTPTEAPADCRALIDKLKVCNDEQLLLELQQIKT
WNIGKCELYHWVDLLDRFDGILADAGQTVENMSWMLVCDRPEREQLKMLLLAVLNFTALLIEYSFSRHLYSSIEHLTTLL
ASSDMQVVLAVLNLLYVFSKRSNYITRLGSDKRTPLLTRLQHLAESWGGKENGFGLAECCRDLHMMKYPPSATTLHFEFY
ADPGAEVKIEKRTTSNTLHYIHIEQLDKISESPSEIMESLTKMYSIPKDKQMLLFTHIRLAHGFSNHRKRLQAVQARLHA
ISILVYSNALQESANSILYNGLIEELVDVLQITDKQLMEIKAASLRTLTSIVHLERTPKLSSIIDCTGTASYHGFLPVLV
RNCIQAMIDPSMDPYPHQFATALFSFLYHLASYDAGGEALVSCGMMEALLKVIKFLGDEQDQITFVTRAVRVVDLITNLD
MAAFQSHSGLSIFIYRLEHEVDLCRKECPFVIKPKIQRPNTTQEGEEMETDMDGVQCIPQRAALLKSMLNFLKKAIQDPA
FSDGIRHVMDGSLPTSLKHIISNAEYYGPSLFLLATEVVTVFVFQEPSLLSSLQDNGLTDVMLHALLIKDVPATREVLGS
LPNVFSALCLNARGLQSFVQCQPFERLFKVLLSPDYLPAMRRRRSSDPLGDTASNLGSAVDELMRHQPTLKTDATTAIIK
LLEEICNLGRDPKYICQKPSIQKADGTATAPPPRSNHAAEEASSEDEEEEEVQAMQSFNSTQQNETEPNQQVVGTEERIP
IPLMDYILNVMKFVESILSNNTTDDHCQEFVNQKGLLPLVTILGLPNLPIDFPTSAACQAVAGVCKSILTLSHEPKVLQE
GLLQLDSILSSLEPLHRPIESPGGSVLLRELACAGNVADATLSAQATPLLHALTAAHAYIMMFVHTCRVGQSEIRSISVN
QWGSQLGLSVLSKLSQLYCSLVWESTVLLSLCTPNSLPSGCEFGQADMQKLVPKDEKAGTTQGGKRSDGEQDGAAGSMDA
STQGLLEGIGLDGDTLAPMETDEPTASDSKGKSKITPAMAARIKQIKPLLSASSRLGRALAELFGLLVKLCVGSPVRQRR
SHHAASTTTAPTPAARSTASALTKLLTKGLSWQPPPYTPTPRFRLTFFICSVGFTSPMLFDERKYPYHLMLQKFLCSGGH
NALFETFNWALSMGGKVPVSEGLEHSDLPDGTGEFLDAWLMLVEKMVNPTTVLESPHSLPAKLPGGVQNFPQFSALRFLV
VTQKAAFTCIKNLWNRKPLKVYGGRMAESMLAILCHILRGEPVIRERLSKEKEGSRGEEDTGQEEGGSRREPQVNQQQLQ
QLMDMGFTREHAMEALLNTSTMEQATEYLLTHPPPIMGGVVRDLSMSEEDQMMRAIAMSLGQDIPMDQRAESPEEVACRK
EEEERKAREKQEEEEAKCLEKFQDADPLEQDELHTFTDTMLPGCFHLLDELPDTVYRVCDLIMTAIKRNGADYRDMILKQ
VVNQVWEAADVLIKAALPLTTSDTKTVSEWISQMATLPQASNLATRILLLTLLFEELKLPCAWVVESSGILNVLIKLLEV
VQPCLQAAKEQKEVQTPKWITPVLLLIDFYEKTAISSKRRAQMTKYLQSNSNNWRWFDDRSGRWCSYSASNNSTIDSAWK
SGETSVRFTAGRRRYTVQFTTMVQVNEETGNRRPVMLTLLRVPRLNKNSKNSNGQELEKTLEESKEMDIKRKENKGNDTP
LALESTNTEKETSLEETKIGEILIQGLTEDMVTVLIRACVSMLGVPVDPDTLHATLRLCLRLTRDHKYAMMFAELKSTRM
ILNLTQSSGFNGFTPLVTLLLRHIIEDPCTLRHTMEKVVRSAATSGAGSTTSGVVSGSLGSREINYILRVLGPAACRNPD
IFTEVANCCIRIALPAPRGSGTASDDEFENLRIKGPNAVQLVKTTPLKPSPLPVIPDTIKEVIYDMLNALAAYHAPEEAD
KSDPKPGVMTQEVGQLLQDMGDDVYQQYRSLTRQSSDFDTQSGFSINSQVFAADGASTETSASGTSQGEASTPEESRDGK
KDKEGDRASEEGKQKGKGSKPLMPTSTILRLLAELVRSYVGIATLIANYSYTVGQSELIKEDCSVLAFVLDHLLPHTQNA
EDKDTPALARLFLASLAAAGSGTDAQVALVNEVKAALGRALAMAESTEKHARLQAVMCIISTIMESCPSTSSFYSSATAK
TQHNGMNNIIRLFLKKGLVNDLARVPHSLDLSSPNMANTVNAALKPLETLSRIVNQPSSLFGSKSASSKNKSEQDAQGAS
QDSSSNQQDPGEPGEAEVQEEDHDVTQTEVADGDIMDGEAETDSVVIAGQPEVLSSQEMQVENELEDLIDELLERDGGSG
NSTIIVSRSGEDESQEDVLMDEAPSNLSQASTLQANREDSMNILDPEDEEEHTQEEDSSGSNEDEDDSQDEEEEEEEDEE
DDQEDDEGEEGDEDDDDDGSEMELDEDYPDMNASPLVRFERFDREDDLIIEFDNMFSSATDIPPSPGNIPTTHPLMVRHA
DHSSLTLGSGSSTTRLTQGIGRSQRTLRQLTANTGHTIHVHYPGNRQPNPPLILQRLLGPSAAADILQLSSSLPLQSRGR
ARLLVGNDDVHIIARSDDELLDDFFHDQSTATSQAGTLSSIPTALTRWTEECKVLDAESMHDCVSVVKVSIVNHLEFLRD
EELEERREKRRKQLAEEETKITDKGKEDKENRDQSAQCTASKSNDSTEQNLSDGTPMPDSYPTTPSSTDAATSESKETLG
TLQSSQQQPTLPTPPALGEVPQELQSPAGEGGSSTQLLMPVEPEELGPTRPSGEAETTQMELSPAPTITSLSPERAEDSD
ALTAVSSQLEGSPMDTSSLASCTLEEAVGDTSAAGSSEQPRAGSSTPGDAPPAVAEVQGRSDGSGESAQPPEDSSPPASS
ESSSTRDSAVAISGADSRGILEEPLPSTSSEEEDPLAGISLPEGVDPSFLAALPDDIRREVLQNQLGIRPPTRTAPSTNS
SAPAVVGNPGVTEVSPEFLAALPPAIQEEVLAQQRAEQQRRELAQNASSDTPMDPVTFIQTLPSDLRRSVLEDMEDSVLA
VMPPDIAAEAQALRREQEARQRQLMHERLFGHSSTSALSAILRSPAFTSRLSGNRGVQYTRLAVQRGGTFQMGGSSSHNR
PSGSNVDTLLRLRGRLLLDHEALSCLLVLLFVDEPKLNTSRLHRVLRNLCYHAQTRHWVIRSLLSILQRSSESELCIETP
KLTTSEEKGKKSSKSCGSSSHENRPLDLLHKMESKSSNQLSWLSVSMDAALGCRTNIFQIQRSGGRKHTEKHASGGSTVH
IHPQAAPVVCRHVLDTLIQLAKVFPSHFTQQRTKETNCESDRERGNKACSPCSSQSSSSGICTDFWDLLVKLDNMNVSRK
GKNSVKSVPVSAGGEGETSPYSLEASPLGQLMNMLSHPVIRRSSLLTEKLLRLLSLISIALPENKVSEAQANSGSGASST
TTATSTTSTTTTTAASTTPTPPTAPTPVTSAPALVAATAISTIVVAASTTVTTPTTATTTVSISPTTKGSKSPAKVSDGG
SSSTDFKMVSSGLTENQLQLSVEVLTSHSCSEEGLEDAANVLLQLSRGDSGTRDTVLKLLLNGARHLGYTLCKQIGTLLA
ELREYNLEQQRRAQCETLSPDGLPEEQPQTTKLKGKMQSRFDMAENVVIVASQKRPLGGRELQLPSMSMLTSKTSTQKFF
LRVLQVIIQLRDDTRRANKKAKQTGRLGSSGLGSASSIQAAVRQLEAEADAIIQMVREGQRARRQQQAATSESSQSEASV
RREESPMDVDQPSPSAQDTQSIASDGTPQGEKEKEERPPELPLLSEQLSLDELWDMLGECLKELEESHDQHAVLVLQPAV
EAFFLVHATERESKPPVRDTRESQLAHIKDEPPPLSPAPLTPATPSSLDPFFSREPSSMHISSSLPPDTQKFLRFAETHR
TVLNQILRQSTTHLADGPFAVLVDYIRVLDFDVKRKYFRQELERLDEGLRKEDMAVHVRRDHVFEDSYRELHRKSPEEMK
NRLYIVFEGEEGQDAGGLLREWYMIISREMFNPMYALFRTSPGDRVTYTINPSSHCNPNHLSYFKFVGRIVAKAVYDNRL
LECYFTRSFYKHILGKSVRYTDMESEDYHFYQGLVYLLENDVSTLGYDLTFSTEVQEFGVCEVRDLKPNGANILVTEENK
KEYVHLVCQMRMTGAIRKQLAAFLEGFYEIIPKRLISIFTEQELELLISGLPTIDIDDLKSNTEYHKYQSNSIQIQWFWR
ALRSFDQADRAKFLQFVTGTSKVPLQGFAALEGMNGIQKFQIHRDDRSTDRLPSAHTCFNQLDLPAYESFEKLRHMLLLA
IQECSEGFGLA
;
A
2 'polypeptide(L)'
;MDSAWSHPQFEKSAVDENLYFQGGGRTMPSLWDRFSSSSTSSSPSSLPRTPTPDRPPRSAWGSATREEGFDRSTSLESSD
CESLDSSNSGFGPEEDTAYLDGVSLPDFELLSDPEDEHLCANLMQLLQESLAQARLGSRRPARLLMPSQLVSQVGKELLR
LAYSEPCGLRGALLDVCVEQGKSCHSVGQLALDPSLVPTFQLTLVLRLDSRLWPKIQGLFSSANSPFLPGFSQSLTLSTG
FRVIKKKLYSSEQLLIEEC
;
B
#
# COMPACT_ATOMS: atom_id res chain seq x y z
N ALA A 54 9.51 -9.24 39.32
CA ALA A 54 9.41 -10.69 39.38
C ALA A 54 10.82 -11.30 39.34
N ASP A 55 10.90 -12.59 39.00
CA ASP A 55 12.16 -13.31 39.14
C ASP A 55 13.25 -12.71 38.26
N CYS A 56 12.87 -12.06 37.16
CA CYS A 56 13.82 -11.21 36.42
C CYS A 56 14.44 -10.15 37.32
N ARG A 57 13.60 -9.48 38.12
CA ARG A 57 14.12 -8.48 39.04
C ARG A 57 15.00 -9.10 40.12
N ALA A 58 14.67 -10.32 40.56
CA ALA A 58 15.54 -10.98 41.52
C ALA A 58 16.88 -11.34 40.89
N LEU A 59 16.88 -11.81 39.65
CA LEU A 59 18.13 -12.10 38.96
C LEU A 59 18.96 -10.84 38.78
N ILE A 60 18.30 -9.71 38.50
CA ILE A 60 19.01 -8.45 38.35
C ILE A 60 19.65 -8.05 39.67
N ASP A 61 18.88 -8.05 40.75
CA ASP A 61 19.43 -7.70 42.05
C ASP A 61 20.58 -8.62 42.42
N LYS A 62 20.46 -9.92 42.12
CA LYS A 62 21.53 -10.85 42.41
C LYS A 62 22.79 -10.46 41.64
N LEU A 63 22.63 -10.15 40.35
CA LEU A 63 23.77 -9.79 39.53
C LEU A 63 24.33 -8.44 39.94
N LYS A 64 23.47 -7.51 40.33
CA LYS A 64 23.88 -6.17 40.72
C LYS A 64 24.18 -6.12 42.22
N ASP A 68 32.07 -11.52 41.72
CA ASP A 68 31.24 -12.71 41.59
C ASP A 68 30.22 -12.56 40.46
N GLU A 69 30.09 -11.35 39.93
CA GLU A 69 29.27 -11.14 38.74
C GLU A 69 29.68 -12.10 37.63
N GLN A 70 30.97 -12.14 37.31
CA GLN A 70 31.44 -13.06 36.28
C GLN A 70 31.21 -14.51 36.67
N LEU A 71 31.25 -14.83 37.96
CA LEU A 71 30.91 -16.19 38.39
C LEU A 71 29.44 -16.51 38.18
N LEU A 72 28.56 -15.51 38.30
CA LEU A 72 27.14 -15.74 38.05
C LEU A 72 26.84 -15.86 36.56
N LEU A 73 27.44 -15.00 35.76
CA LEU A 73 27.31 -15.15 34.30
C LEU A 73 27.89 -16.48 33.82
N GLU A 74 28.97 -16.95 34.43
CA GLU A 74 29.47 -18.29 34.13
C GLU A 74 28.50 -19.37 34.58
N LEU A 75 27.79 -19.15 35.69
CA LEU A 75 26.77 -20.10 36.11
C LEU A 75 25.61 -20.15 35.12
N GLN A 76 25.15 -18.98 34.67
CA GLN A 76 24.09 -18.90 33.69
C GLN A 76 24.53 -19.48 32.35
N TRP A 91 15.95 -4.01 32.62
CA TRP A 91 17.22 -4.55 32.19
C TRP A 91 18.26 -3.44 32.11
N VAL A 92 17.78 -2.19 32.22
CA VAL A 92 18.46 -1.06 31.61
C VAL A 92 19.86 -0.88 32.21
N ASP A 93 19.97 -0.91 33.54
CA ASP A 93 21.27 -0.69 34.16
C ASP A 93 22.19 -1.91 34.09
N LEU A 94 21.66 -3.11 33.88
CA LEU A 94 22.55 -4.24 33.67
C LEU A 94 23.09 -4.26 32.24
N LEU A 95 22.23 -3.98 31.27
CA LEU A 95 22.71 -3.80 29.90
C LEU A 95 23.64 -2.60 29.80
N ASP A 96 23.43 -1.57 30.63
CA ASP A 96 24.33 -0.42 30.63
C ASP A 96 25.69 -0.75 31.23
N ARG A 97 25.74 -1.56 32.29
CA ARG A 97 27.03 -2.02 32.79
C ARG A 97 27.73 -2.91 31.76
N PHE A 98 26.96 -3.75 31.06
CA PHE A 98 27.53 -4.55 29.98
C PHE A 98 28.09 -3.67 28.86
N ASP A 99 27.29 -2.75 28.33
CA ASP A 99 27.78 -1.79 27.34
C ASP A 99 28.99 -1.02 27.84
N GLY A 100 29.05 -0.75 29.14
CA GLY A 100 30.24 -0.24 29.77
C GLY A 100 31.46 -1.09 29.49
N ILE A 101 31.41 -2.34 29.95
CA ILE A 101 32.59 -3.19 29.83
C ILE A 101 32.89 -3.51 28.37
N LEU A 102 31.89 -3.48 27.49
CA LEU A 102 32.13 -3.53 26.05
C LEU A 102 32.93 -2.33 25.56
N ALA A 103 32.50 -1.12 25.91
CA ALA A 103 33.24 0.09 25.56
C ALA A 103 34.58 0.18 26.27
N ASP A 104 34.83 -0.68 27.25
CA ASP A 104 36.08 -0.66 28.00
C ASP A 104 37.08 -1.66 27.44
N ALA A 105 36.64 -2.87 27.13
CA ALA A 105 37.57 -3.95 26.79
C ALA A 105 38.08 -3.80 25.36
N GLY A 106 37.27 -3.23 24.48
CA GLY A 106 37.62 -3.13 23.07
C GLY A 106 38.61 -2.03 22.73
N GLN A 107 38.84 -1.09 23.65
CA GLN A 107 39.68 0.07 23.34
C GLN A 107 41.11 -0.38 23.10
N GLN A 125 42.30 -11.23 33.19
CA GLN A 125 40.95 -11.31 33.75
C GLN A 125 40.04 -10.26 33.14
N LEU A 126 40.16 -10.09 31.83
CA LEU A 126 39.33 -9.15 31.07
C LEU A 126 38.60 -9.84 29.93
N LYS A 127 39.32 -10.59 29.10
CA LYS A 127 38.72 -11.23 27.94
C LYS A 127 37.62 -12.21 28.32
N MET A 128 37.83 -12.99 29.38
CA MET A 128 36.81 -13.97 29.78
C MET A 128 35.57 -13.29 30.34
N LEU A 129 35.70 -12.12 30.96
CA LEU A 129 34.54 -11.36 31.37
C LEU A 129 33.76 -10.87 30.16
N LEU A 130 34.47 -10.38 29.13
CA LEU A 130 33.80 -9.97 27.90
C LEU A 130 33.07 -11.14 27.27
N LEU A 131 33.73 -12.30 27.23
CA LEU A 131 33.11 -13.49 26.63
C LEU A 131 31.86 -13.90 27.39
N ALA A 132 31.89 -13.87 28.72
CA ALA A 132 30.70 -14.22 29.48
C ALA A 132 29.59 -13.19 29.30
N VAL A 133 29.95 -11.90 29.30
CA VAL A 133 28.97 -10.85 29.04
C VAL A 133 28.28 -11.09 27.71
N LEU A 134 29.05 -11.47 26.69
CA LEU A 134 28.47 -11.70 25.37
C LEU A 134 27.60 -12.95 25.35
N ASN A 135 28.12 -14.05 25.88
CA ASN A 135 27.38 -15.30 25.88
C ASN A 135 26.05 -15.17 26.63
N PHE A 136 26.02 -14.36 27.68
CA PHE A 136 24.75 -14.09 28.37
C PHE A 136 23.87 -13.10 27.63
N THR A 137 24.45 -12.04 27.07
CA THR A 137 23.64 -11.06 26.35
C THR A 137 22.94 -11.73 25.17
N ALA A 138 23.59 -12.71 24.56
CA ALA A 138 22.97 -13.49 23.50
C ALA A 138 21.81 -14.36 24.01
N LEU A 139 21.61 -14.44 25.32
CA LEU A 139 20.39 -14.99 25.89
C LEU A 139 19.38 -13.93 26.28
N LEU A 140 19.85 -12.76 26.73
CA LEU A 140 18.90 -11.75 27.17
C LEU A 140 18.06 -11.24 26.01
N ILE A 141 18.69 -11.00 24.86
CA ILE A 141 17.97 -10.50 23.70
C ILE A 141 17.01 -11.57 23.19
N GLU A 142 17.29 -12.83 23.49
CA GLU A 142 16.45 -13.93 23.07
C GLU A 142 15.29 -14.18 24.03
N TYR A 143 15.14 -13.32 25.03
CA TYR A 143 14.11 -13.48 26.05
C TYR A 143 14.23 -14.83 26.76
N SER A 151 22.78 0.65 21.74
CA SER A 151 24.04 1.32 22.01
C SER A 151 25.20 0.34 22.07
N SER A 152 24.88 -0.95 21.92
CA SER A 152 25.89 -2.00 21.86
C SER A 152 26.37 -2.28 20.45
N ILE A 153 25.63 -1.85 19.43
CA ILE A 153 26.00 -2.15 18.04
C ILE A 153 27.41 -1.66 17.75
N GLU A 154 27.72 -0.42 18.12
CA GLU A 154 29.01 0.17 17.78
C GLU A 154 30.14 -0.61 18.46
N HIS A 155 29.98 -0.89 19.76
CA HIS A 155 31.03 -1.58 20.48
C HIS A 155 31.19 -3.00 19.96
N LEU A 156 30.09 -3.61 19.52
CA LEU A 156 30.15 -4.95 18.98
C LEU A 156 30.91 -4.97 17.66
N THR A 157 30.70 -3.95 16.81
CA THR A 157 31.47 -3.93 15.58
C THR A 157 32.93 -3.63 15.88
N THR A 158 33.19 -2.90 16.96
CA THR A 158 34.57 -2.60 17.33
C THR A 158 35.26 -3.84 17.87
N LEU A 159 34.48 -4.76 18.45
CA LEU A 159 34.98 -6.00 19.01
C LEU A 159 35.02 -7.13 18.00
N LEU A 160 34.31 -6.97 16.88
CA LEU A 160 34.39 -7.89 15.75
C LEU A 160 35.73 -7.80 15.04
N ALA A 161 36.54 -6.80 15.36
CA ALA A 161 37.88 -6.59 14.80
C ALA A 161 38.98 -7.07 15.74
N SER A 162 38.85 -8.23 16.36
CA SER A 162 39.81 -8.68 17.36
C SER A 162 40.52 -9.96 16.94
N SER A 163 41.78 -10.06 17.37
CA SER A 163 42.63 -11.19 17.02
C SER A 163 42.07 -12.50 17.57
N ASP A 164 41.53 -12.48 18.78
CA ASP A 164 41.01 -13.70 19.39
C ASP A 164 39.67 -14.04 18.77
N MET A 165 39.56 -15.28 18.28
CA MET A 165 38.36 -15.69 17.54
C MET A 165 37.18 -15.97 18.47
N GLN A 166 37.42 -16.41 19.70
CA GLN A 166 36.34 -16.62 20.66
C GLN A 166 35.40 -15.41 20.70
N VAL A 167 35.99 -14.21 20.92
CA VAL A 167 35.19 -13.00 21.03
C VAL A 167 34.51 -12.66 19.72
N VAL A 168 35.17 -12.91 18.60
CA VAL A 168 34.53 -12.66 17.31
C VAL A 168 33.30 -13.55 17.18
N LEU A 169 33.44 -14.81 17.57
CA LEU A 169 32.33 -15.76 17.47
C LEU A 169 31.19 -15.32 18.36
N ALA A 170 31.51 -14.84 19.56
CA ALA A 170 30.47 -14.42 20.49
C ALA A 170 29.72 -13.22 19.95
N VAL A 171 30.45 -12.25 19.38
CA VAL A 171 29.80 -11.08 18.80
C VAL A 171 28.91 -11.53 17.65
N LEU A 172 29.40 -12.47 16.85
CA LEU A 172 28.64 -12.94 15.70
C LEU A 172 27.36 -13.64 16.16
N ASN A 173 27.45 -14.41 17.23
CA ASN A 173 26.29 -15.13 17.75
C ASN A 173 25.25 -14.17 18.31
N LEU A 174 25.72 -13.08 18.92
CA LEU A 174 24.80 -12.05 19.39
C LEU A 174 24.14 -11.34 18.20
N LEU A 175 24.88 -11.18 17.11
CA LEU A 175 24.33 -10.46 15.97
C LEU A 175 23.43 -11.38 15.17
N TYR A 176 23.62 -12.69 15.34
CA TYR A 176 22.73 -13.67 14.74
C TYR A 176 21.42 -13.64 15.49
N VAL A 177 21.49 -13.57 16.82
CA VAL A 177 20.26 -13.60 17.60
C VAL A 177 19.43 -12.37 17.23
N PHE A 178 20.08 -11.21 17.18
CA PHE A 178 19.36 -9.98 16.84
C PHE A 178 18.74 -10.13 15.45
N SER A 179 19.56 -10.49 14.46
CA SER A 179 19.07 -10.51 13.08
C SER A 179 17.93 -11.50 12.92
N LYS A 180 18.05 -12.69 13.53
CA LYS A 180 17.06 -13.72 13.33
C LYS A 180 15.72 -13.36 13.93
N ARG A 181 15.70 -12.90 15.19
CA ARG A 181 14.41 -12.75 15.85
C ARG A 181 13.80 -11.36 15.79
N SER A 182 14.59 -10.28 15.67
CA SER A 182 13.96 -9.00 15.38
C SER A 182 14.83 -8.19 14.42
N ASN A 183 14.16 -7.25 13.73
CA ASN A 183 14.82 -6.36 12.79
C ASN A 183 15.42 -5.15 13.52
N TYR A 184 16.46 -5.43 14.28
CA TYR A 184 17.10 -4.38 15.05
C TYR A 184 18.26 -3.75 14.28
N ILE A 185 19.01 -4.58 13.55
CA ILE A 185 20.11 -4.10 12.74
C ILE A 185 19.72 -3.82 11.29
N THR A 186 18.53 -4.24 10.87
CA THR A 186 18.09 -3.92 9.51
C THR A 186 17.53 -2.51 9.44
N ARG A 187 16.80 -2.08 10.46
CA ARG A 187 16.22 -0.74 10.47
C ARG A 187 17.27 0.32 10.77
N LEU A 188 18.42 -0.09 11.31
CA LEU A 188 19.42 0.86 11.79
C LEU A 188 19.90 1.75 10.65
N GLY A 189 20.38 2.93 11.04
CA GLY A 189 20.97 3.85 10.08
C GLY A 189 22.39 3.47 9.69
N SER A 190 22.81 4.02 8.55
CA SER A 190 24.12 3.76 7.95
C SER A 190 25.26 4.42 8.69
N ASP A 191 25.05 5.03 9.86
CA ASP A 191 26.19 5.44 10.68
C ASP A 191 27.06 4.27 11.07
N LYS A 192 26.45 3.15 11.45
CA LYS A 192 27.21 1.94 11.77
C LYS A 192 26.68 0.67 11.11
N ARG A 193 25.49 0.69 10.52
CA ARG A 193 24.98 -0.47 9.81
C ARG A 193 25.92 -0.90 8.68
N THR A 194 26.40 0.06 7.89
CA THR A 194 27.35 -0.27 6.82
C THR A 194 28.72 -0.73 7.32
N PRO A 195 29.37 -0.07 8.28
CA PRO A 195 30.61 -0.66 8.81
C PRO A 195 30.44 -2.08 9.32
N LEU A 196 29.30 -2.35 9.94
CA LEU A 196 29.00 -3.71 10.40
C LEU A 196 28.90 -4.65 9.21
N LEU A 197 27.98 -4.36 8.28
CA LEU A 197 27.72 -5.30 7.20
C LEU A 197 28.95 -5.50 6.34
N THR A 198 29.84 -4.50 6.26
CA THR A 198 31.09 -4.68 5.53
C THR A 198 32.08 -5.58 6.27
N ARG A 199 32.20 -5.42 7.59
CA ARG A 199 33.01 -6.38 8.34
C ARG A 199 32.46 -7.79 8.21
N LEU A 200 31.13 -7.92 8.23
CA LEU A 200 30.50 -9.22 8.04
C LEU A 200 30.77 -9.77 6.65
N GLN A 201 30.76 -8.90 5.64
CA GLN A 201 31.05 -9.33 4.28
C GLN A 201 32.49 -9.83 4.17
N HIS A 202 33.41 -9.14 4.84
CA HIS A 202 34.81 -9.54 4.75
C HIS A 202 35.06 -10.84 5.48
N LEU A 203 34.28 -11.13 6.52
CA LEU A 203 34.29 -12.46 7.11
C LEU A 203 33.68 -13.50 6.17
N ALA A 204 32.53 -13.19 5.59
CA ALA A 204 31.73 -14.16 4.86
C ALA A 204 32.34 -14.54 3.52
N GLU A 205 33.08 -13.63 2.88
CA GLU A 205 33.41 -13.80 1.48
C GLU A 205 34.16 -15.09 1.21
N SER A 206 33.93 -15.63 0.02
CA SER A 206 34.28 -16.99 -0.33
C SER A 206 35.78 -17.25 -0.24
N TRP A 207 36.13 -18.52 -0.07
CA TRP A 207 37.50 -18.99 -0.03
C TRP A 207 37.88 -19.75 -1.30
N GLY A 208 36.95 -19.95 -2.23
CA GLY A 208 37.19 -20.71 -3.43
C GLY A 208 36.44 -22.02 -3.53
N GLY A 209 35.76 -22.43 -2.47
CA GLY A 209 34.92 -23.61 -2.51
C GLY A 209 35.69 -24.87 -2.87
N LYS A 210 34.96 -25.81 -3.49
CA LYS A 210 35.54 -27.10 -3.83
C LYS A 210 36.46 -27.01 -5.05
N GLU A 211 36.10 -26.17 -6.02
CA GLU A 211 36.86 -26.14 -7.27
C GLU A 211 38.32 -25.80 -7.02
N ASN A 212 38.56 -24.83 -6.14
CA ASN A 212 39.91 -24.36 -5.86
C ASN A 212 40.56 -25.10 -4.70
N GLY A 213 39.81 -25.91 -3.96
CA GLY A 213 40.37 -26.70 -2.89
C GLY A 213 40.03 -26.24 -1.50
N PHE A 214 39.13 -25.27 -1.35
CA PHE A 214 38.81 -24.67 -0.07
C PHE A 214 37.32 -24.81 0.26
N GLY A 215 36.77 -26.00 0.06
CA GLY A 215 35.39 -26.23 0.43
C GLY A 215 35.25 -26.34 1.94
N LEU A 216 34.04 -26.06 2.42
CA LEU A 216 33.84 -26.05 3.88
C LEU A 216 34.10 -27.42 4.48
N ALA A 217 33.71 -28.48 3.79
CA ALA A 217 33.86 -29.82 4.36
C ALA A 217 35.34 -30.12 4.58
N GLU A 218 36.20 -29.78 3.63
CA GLU A 218 37.61 -30.08 3.75
C GLU A 218 38.25 -29.37 4.94
N CYS A 219 37.85 -28.12 5.22
CA CYS A 219 38.48 -27.36 6.28
C CYS A 219 38.02 -27.77 7.67
N CYS A 220 37.21 -28.83 7.78
CA CYS A 220 36.79 -29.35 9.07
C CYS A 220 37.46 -30.67 9.40
N ARG A 221 37.66 -31.51 8.39
CA ARG A 221 38.56 -32.64 8.52
C ARG A 221 39.99 -32.14 8.56
N ASP A 222 40.86 -32.87 9.26
CA ASP A 222 42.23 -32.36 9.45
C ASP A 222 43.01 -32.32 8.13
N LEU A 223 43.06 -33.43 7.41
CA LEU A 223 43.72 -33.56 6.10
C LEU A 223 45.24 -33.48 6.17
N HIS A 224 45.83 -33.40 7.37
CA HIS A 224 47.27 -33.41 7.61
C HIS A 224 47.94 -32.07 7.32
N MET A 225 47.24 -31.07 6.81
CA MET A 225 47.77 -29.75 6.48
C MET A 225 48.61 -29.78 5.21
N MET A 226 48.68 -30.91 4.51
CA MET A 226 49.46 -31.03 3.30
C MET A 226 48.60 -31.40 2.11
N LYS A 227 47.29 -31.53 2.30
CA LYS A 227 46.35 -31.85 1.23
C LYS A 227 45.51 -30.65 0.84
N TYR A 228 45.76 -29.49 1.44
CA TYR A 228 45.13 -28.23 1.10
C TYR A 228 45.99 -27.49 0.08
N PRO A 229 45.42 -26.54 -0.65
CA PRO A 229 46.22 -25.79 -1.61
C PRO A 229 47.34 -25.05 -0.90
N PRO A 230 48.55 -25.00 -1.48
CA PRO A 230 49.65 -24.31 -0.80
C PRO A 230 49.41 -22.82 -0.58
N SER A 231 48.38 -22.25 -1.19
CA SER A 231 48.03 -20.85 -1.02
C SER A 231 47.20 -20.57 0.22
N ALA A 232 46.92 -21.59 1.04
CA ALA A 232 46.11 -21.34 2.24
C ALA A 232 46.85 -20.46 3.23
N THR A 233 48.14 -20.69 3.44
CA THR A 233 48.94 -19.81 4.29
C THR A 233 49.70 -18.78 3.46
N THR A 234 49.02 -18.14 2.52
CA THR A 234 49.61 -17.10 1.71
C THR A 234 48.71 -15.87 1.73
N LEU A 235 49.28 -14.71 2.05
CA LEU A 235 48.52 -13.48 2.17
C LEU A 235 48.82 -12.65 0.93
N HIS A 236 47.77 -12.25 0.20
CA HIS A 236 47.93 -11.50 -1.03
C HIS A 236 46.98 -10.30 -1.02
N PHE A 237 47.26 -9.33 -0.17
CA PHE A 237 46.44 -8.13 -0.12
C PHE A 237 46.80 -7.24 -1.32
N GLU A 238 45.79 -6.80 -2.06
CA GLU A 238 46.02 -5.95 -3.22
C GLU A 238 44.95 -4.88 -3.26
N PHE A 239 45.40 -3.62 -3.30
CA PHE A 239 44.49 -2.48 -3.25
C PHE A 239 44.90 -1.41 -4.26
N TYR A 260 50.70 -3.30 -2.63
CA TYR A 260 50.50 -4.69 -2.99
C TYR A 260 51.32 -5.60 -2.09
N ILE A 261 50.64 -6.29 -1.17
CA ILE A 261 51.27 -7.10 -0.14
C ILE A 261 51.06 -8.56 -0.52
N HIS A 262 52.15 -9.32 -0.65
CA HIS A 262 52.06 -10.76 -0.90
C HIS A 262 52.98 -11.50 0.07
N ILE A 263 52.63 -11.48 1.36
CA ILE A 263 53.37 -12.28 2.33
C ILE A 263 53.01 -13.75 2.15
N GLU A 264 53.98 -14.62 2.41
CA GLU A 264 53.80 -16.05 2.21
C GLU A 264 54.16 -16.79 3.50
N GLN A 265 53.58 -17.99 3.65
CA GLN A 265 53.89 -18.86 4.78
C GLN A 265 53.64 -18.19 6.13
N LEU A 266 52.52 -17.49 6.27
CA LEU A 266 52.19 -16.89 7.56
C LEU A 266 52.15 -17.93 8.67
N ASP A 267 52.08 -19.23 8.32
CA ASP A 267 52.16 -20.27 9.34
C ASP A 267 53.58 -20.39 9.87
N LYS A 268 54.58 -20.34 8.99
CA LYS A 268 55.96 -20.40 9.43
C LYS A 268 56.25 -19.26 10.40
N ILE A 269 55.82 -18.05 10.04
CA ILE A 269 55.99 -16.90 10.93
C ILE A 269 55.18 -17.17 12.19
N SER A 270 55.85 -17.09 13.35
CA SER A 270 55.19 -17.32 14.63
C SER A 270 54.70 -16.05 15.29
N GLU A 271 54.97 -14.88 14.71
CA GLU A 271 54.62 -13.63 15.37
C GLU A 271 53.11 -13.53 15.55
N SER A 272 52.70 -12.96 16.67
CA SER A 272 51.29 -12.79 16.95
C SER A 272 50.58 -12.16 15.75
N PRO A 273 49.35 -12.55 15.45
CA PRO A 273 48.70 -12.00 14.24
C PRO A 273 48.56 -10.49 14.30
N SER A 274 48.17 -9.97 15.46
CA SER A 274 48.02 -8.53 15.61
C SER A 274 49.37 -7.82 15.45
N GLU A 275 50.45 -8.42 15.96
CA GLU A 275 51.76 -7.84 15.77
C GLU A 275 52.12 -7.78 14.29
N ILE A 276 51.82 -8.84 13.54
CA ILE A 276 52.06 -8.80 12.10
C ILE A 276 51.24 -7.70 11.46
N MET A 277 49.98 -7.56 11.88
CA MET A 277 49.12 -6.55 11.25
C MET A 277 49.68 -5.16 11.54
N GLU A 278 50.17 -4.95 12.76
CA GLU A 278 50.74 -3.66 13.13
C GLU A 278 52.00 -3.37 12.30
N SER A 279 52.83 -4.41 12.11
CA SER A 279 54.03 -4.25 11.31
C SER A 279 53.66 -3.88 9.88
N LEU A 280 52.64 -4.54 9.33
CA LEU A 280 52.18 -4.19 7.98
C LEU A 280 51.68 -2.74 7.96
N THR A 281 50.99 -2.34 9.03
CA THR A 281 50.44 -1.00 9.12
C THR A 281 51.55 0.04 9.03
N LYS A 282 52.67 -0.21 9.71
CA LYS A 282 53.75 0.77 9.72
C LYS A 282 54.59 0.66 8.46
N MET A 283 54.88 -0.56 8.02
CA MET A 283 55.75 -0.80 6.88
C MET A 283 55.13 -0.31 5.58
N TYR A 284 53.80 -0.34 5.48
CA TYR A 284 53.09 0.13 4.30
C TYR A 284 51.94 1.03 4.70
N SER A 285 51.58 1.95 3.82
CA SER A 285 50.42 2.81 3.99
C SER A 285 49.20 2.08 3.46
N ILE A 286 48.42 1.49 4.37
CA ILE A 286 47.27 0.68 3.98
C ILE A 286 46.06 1.60 3.75
N PRO A 287 45.25 1.36 2.73
CA PRO A 287 44.15 2.27 2.43
C PRO A 287 43.29 2.52 3.67
N LYS A 288 42.87 3.76 3.85
CA LYS A 288 42.20 4.15 5.07
C LYS A 288 40.78 3.58 5.12
N ASP A 289 40.38 3.12 6.30
CA ASP A 289 39.05 2.59 6.57
C ASP A 289 38.77 1.28 5.85
N LYS A 290 39.81 0.55 5.41
CA LYS A 290 39.60 -0.77 4.84
C LYS A 290 40.72 -1.74 5.21
N GLN A 291 41.51 -1.41 6.22
CA GLN A 291 42.47 -2.35 6.79
C GLN A 291 41.80 -3.58 7.38
N MET A 292 40.49 -3.53 7.61
CA MET A 292 39.77 -4.70 8.11
C MET A 292 39.88 -5.91 7.19
N LEU A 293 39.81 -5.71 5.88
CA LEU A 293 39.96 -6.86 4.98
C LEU A 293 41.36 -7.46 5.04
N LEU A 294 42.38 -6.65 5.30
CA LEU A 294 43.70 -7.19 5.56
C LEU A 294 43.73 -7.96 6.87
N PHE A 295 43.16 -7.38 7.93
CA PHE A 295 43.21 -8.05 9.23
C PHE A 295 42.50 -9.39 9.17
N THR A 296 41.36 -9.45 8.47
CA THR A 296 40.63 -10.69 8.38
C THR A 296 41.38 -11.71 7.52
N HIS A 297 42.06 -11.26 6.46
CA HIS A 297 42.87 -12.19 5.68
C HIS A 297 44.04 -12.73 6.50
N ILE A 298 44.68 -11.88 7.29
CA ILE A 298 45.85 -12.30 8.06
C ILE A 298 45.44 -13.27 9.17
N ARG A 299 44.39 -12.94 9.92
CA ARG A 299 43.96 -13.87 10.95
C ARG A 299 43.40 -15.16 10.37
N LEU A 300 42.87 -15.12 9.14
CA LEU A 300 42.50 -16.37 8.50
C LEU A 300 43.73 -17.19 8.15
N ALA A 301 44.76 -16.55 7.58
CA ALA A 301 45.94 -17.28 7.14
C ALA A 301 46.75 -17.80 8.32
N HIS A 302 46.69 -17.13 9.46
CA HIS A 302 47.17 -17.73 10.70
C HIS A 302 46.29 -18.89 11.14
N GLY A 303 44.97 -18.76 11.01
CA GLY A 303 44.11 -19.82 11.47
C GLY A 303 44.30 -21.11 10.72
N PHE A 304 44.33 -21.03 9.38
CA PHE A 304 44.16 -22.22 8.56
C PHE A 304 45.26 -23.25 8.81
N SER A 305 46.39 -22.81 9.37
CA SER A 305 47.45 -23.72 9.76
C SER A 305 47.00 -24.78 10.77
N ASN A 306 45.96 -24.51 11.56
CA ASN A 306 45.62 -25.42 12.65
C ASN A 306 44.12 -25.60 12.79
N HIS A 307 43.75 -26.75 13.35
CA HIS A 307 42.38 -27.26 13.25
C HIS A 307 41.40 -26.35 13.97
N ARG A 308 41.67 -26.05 15.24
CA ARG A 308 40.72 -25.27 16.03
C ARG A 308 40.45 -23.92 15.37
N LYS A 309 41.49 -23.28 14.84
CA LYS A 309 41.35 -21.94 14.30
C LYS A 309 40.68 -21.99 12.93
N ARG A 310 40.97 -23.04 12.16
CA ARG A 310 40.29 -23.25 10.90
C ARG A 310 38.80 -23.44 11.15
N LEU A 311 38.46 -24.26 12.14
CA LEU A 311 37.06 -24.53 12.45
C LEU A 311 36.39 -23.23 12.90
N GLN A 312 37.07 -22.45 13.73
CA GLN A 312 36.48 -21.23 14.25
C GLN A 312 36.24 -20.24 13.13
N ALA A 313 37.18 -20.14 12.19
CA ALA A 313 36.98 -19.26 11.04
C ALA A 313 35.81 -19.76 10.18
N VAL A 314 35.69 -21.07 10.01
CA VAL A 314 34.57 -21.61 9.24
C VAL A 314 33.27 -21.21 9.91
N GLN A 315 33.20 -21.37 11.22
CA GLN A 315 31.98 -21.07 11.98
C GLN A 315 31.67 -19.58 11.88
N ALA A 316 32.70 -18.74 11.96
CA ALA A 316 32.53 -17.30 11.87
C ALA A 316 31.99 -16.90 10.50
N ARG A 317 32.54 -17.49 9.44
CA ARG A 317 32.05 -17.22 8.10
C ARG A 317 30.59 -17.64 7.98
N LEU A 318 30.24 -18.80 8.53
CA LEU A 318 28.88 -19.30 8.42
C LEU A 318 27.92 -18.36 9.12
N HIS A 319 28.32 -17.90 10.32
CA HIS A 319 27.46 -17.01 11.08
C HIS A 319 27.31 -15.70 10.33
N ALA A 320 28.39 -15.24 9.71
CA ALA A 320 28.35 -13.97 9.00
C ALA A 320 27.39 -14.07 7.83
N ILE A 321 27.45 -15.18 7.08
CA ILE A 321 26.48 -15.42 6.02
C ILE A 321 25.08 -15.24 6.59
N SER A 322 24.80 -15.99 7.66
CA SER A 322 23.43 -16.06 8.14
C SER A 322 22.94 -14.67 8.56
N ILE A 323 23.82 -13.90 9.19
CA ILE A 323 23.47 -12.53 9.55
C ILE A 323 23.25 -11.69 8.31
N LEU A 324 24.05 -11.89 7.26
CA LEU A 324 23.94 -11.13 6.04
C LEU A 324 22.74 -11.53 5.19
N VAL A 325 22.02 -12.57 5.60
CA VAL A 325 20.87 -13.05 4.84
C VAL A 325 19.57 -12.85 5.59
N TYR A 326 19.57 -13.04 6.91
CA TYR A 326 18.47 -12.49 7.70
C TYR A 326 18.36 -10.99 7.58
N SER A 327 19.43 -10.31 7.17
CA SER A 327 19.37 -8.87 6.88
C SER A 327 19.61 -8.61 5.40
N SER A 336 26.69 -11.82 -3.40
CA SER A 336 28.11 -11.96 -3.68
C SER A 336 28.76 -12.98 -2.76
N ILE A 337 28.12 -13.22 -1.61
CA ILE A 337 28.65 -14.18 -0.64
C ILE A 337 28.16 -15.58 -0.96
N LEU A 338 26.89 -15.71 -1.35
CA LEU A 338 26.29 -16.99 -1.67
C LEU A 338 26.68 -17.42 -3.07
N TYR A 339 26.80 -18.73 -3.27
CA TYR A 339 27.16 -19.26 -4.57
C TYR A 339 26.75 -20.72 -4.70
N ASN A 340 26.79 -21.20 -5.95
CA ASN A 340 26.22 -22.49 -6.31
C ASN A 340 26.75 -23.62 -5.45
N GLY A 341 28.02 -23.55 -5.05
CA GLY A 341 28.64 -24.59 -4.25
C GLY A 341 28.38 -24.51 -2.77
N LEU A 342 27.89 -23.37 -2.27
CA LEU A 342 27.73 -23.19 -0.83
C LEU A 342 26.74 -24.17 -0.22
N ILE A 343 25.59 -24.37 -0.87
CA ILE A 343 24.61 -25.32 -0.32
C ILE A 343 25.22 -26.72 -0.26
N GLU A 344 25.90 -27.13 -1.33
CA GLU A 344 26.48 -28.47 -1.34
C GLU A 344 27.53 -28.57 -0.25
N GLU A 345 28.33 -27.53 -0.09
CA GLU A 345 29.40 -27.54 0.90
C GLU A 345 28.84 -27.65 2.30
N LEU A 346 27.75 -26.95 2.58
CA LEU A 346 27.12 -27.03 3.89
C LEU A 346 26.54 -28.42 4.14
N VAL A 347 25.90 -29.00 3.13
CA VAL A 347 25.40 -30.36 3.28
C VAL A 347 26.55 -31.31 3.55
N ASP A 348 27.70 -31.07 2.92
CA ASP A 348 28.84 -31.93 3.12
C ASP A 348 29.40 -31.77 4.53
N VAL A 349 29.36 -30.54 5.06
CA VAL A 349 29.76 -30.34 6.46
C VAL A 349 28.86 -31.18 7.35
N LEU A 350 27.57 -31.20 7.05
CA LEU A 350 26.64 -31.97 7.86
C LEU A 350 26.99 -33.45 7.81
N GLN A 351 27.23 -33.97 6.61
CA GLN A 351 27.45 -35.39 6.39
C GLN A 351 28.79 -35.89 6.89
N ILE A 352 29.61 -35.03 7.50
CA ILE A 352 30.86 -35.49 8.08
C ILE A 352 30.52 -36.41 9.26
N THR A 353 31.27 -37.51 9.37
CA THR A 353 31.01 -38.54 10.36
C THR A 353 31.85 -38.42 11.61
N ASP A 354 32.64 -37.35 11.74
CA ASP A 354 33.56 -37.22 12.87
C ASP A 354 32.80 -37.21 14.19
N LYS A 355 31.66 -36.53 14.23
CA LYS A 355 30.75 -36.45 15.36
C LYS A 355 31.30 -35.50 16.42
N GLN A 356 32.47 -34.92 16.19
CA GLN A 356 33.04 -33.92 17.07
C GLN A 356 32.81 -32.51 16.55
N LEU A 357 32.08 -32.39 15.43
CA LEU A 357 31.81 -31.13 14.76
C LEU A 357 30.34 -30.74 14.88
N MET A 358 29.63 -31.25 15.88
CA MET A 358 28.22 -30.91 16.06
C MET A 358 28.01 -29.41 16.08
N GLU A 359 28.95 -28.66 16.68
CA GLU A 359 28.81 -27.20 16.69
C GLU A 359 28.84 -26.65 15.28
N ILE A 360 29.80 -27.12 14.48
CA ILE A 360 29.89 -26.67 13.09
C ILE A 360 28.64 -27.11 12.32
N LYS A 361 28.16 -28.32 12.58
CA LYS A 361 27.00 -28.79 11.83
C LYS A 361 25.79 -27.94 12.16
N ALA A 362 25.67 -27.56 13.43
CA ALA A 362 24.54 -26.74 13.85
C ALA A 362 24.63 -25.39 13.16
N ALA A 363 25.84 -24.82 13.10
CA ALA A 363 26.02 -23.53 12.46
C ALA A 363 25.66 -23.62 10.99
N SER A 364 26.06 -24.72 10.34
CA SER A 364 25.72 -24.93 8.94
C SER A 364 24.22 -25.02 8.73
N LEU A 365 23.54 -25.74 9.62
CA LEU A 365 22.09 -25.86 9.51
C LEU A 365 21.42 -24.50 9.69
N ARG A 366 21.92 -23.71 10.64
CA ARG A 366 21.37 -22.38 10.84
C ARG A 366 21.60 -21.51 9.61
N THR A 367 22.77 -21.65 8.98
CA THR A 367 23.05 -20.90 7.76
C THR A 367 22.11 -21.34 6.65
N LEU A 368 21.83 -22.64 6.55
CA LEU A 368 20.89 -23.11 5.55
C LEU A 368 19.52 -22.52 5.81
N THR A 369 19.14 -22.43 7.08
CA THR A 369 17.84 -21.88 7.43
C THR A 369 17.76 -20.43 6.98
N SER A 370 18.84 -19.68 7.21
CA SER A 370 18.89 -18.30 6.75
C SER A 370 18.71 -18.26 5.24
N ILE A 371 19.49 -19.06 4.52
CA ILE A 371 19.45 -19.06 3.06
C ILE A 371 18.04 -19.32 2.57
N VAL A 372 17.30 -20.19 3.26
CA VAL A 372 15.93 -20.46 2.87
C VAL A 372 15.12 -19.16 2.85
N HIS A 373 15.29 -18.32 3.86
CA HIS A 373 14.69 -17.00 3.85
C HIS A 373 15.23 -16.19 2.67
N LYS A 379 16.42 -20.20 -3.88
CA LYS A 379 17.32 -21.33 -4.03
C LYS A 379 16.71 -22.59 -3.41
N LEU A 380 15.46 -22.44 -2.96
CA LEU A 380 14.85 -23.44 -2.09
C LEU A 380 14.76 -24.80 -2.76
N SER A 381 14.50 -24.83 -4.06
CA SER A 381 14.52 -26.08 -4.81
C SER A 381 15.88 -26.75 -4.79
N SER A 382 16.96 -25.97 -4.76
CA SER A 382 18.28 -26.58 -4.66
C SER A 382 18.54 -27.11 -3.24
N ILE A 383 18.13 -26.38 -2.22
CA ILE A 383 18.22 -26.88 -0.86
C ILE A 383 17.52 -28.23 -0.76
N ILE A 384 16.32 -28.32 -1.34
CA ILE A 384 15.55 -29.55 -1.30
C ILE A 384 16.23 -30.67 -2.10
N ASP A 385 16.77 -30.34 -3.27
CA ASP A 385 17.44 -31.36 -4.08
C ASP A 385 18.69 -31.91 -3.41
N CYS A 386 19.43 -31.04 -2.71
CA CYS A 386 20.66 -31.48 -2.05
C CYS A 386 20.37 -32.24 -0.77
N THR A 387 19.63 -31.63 0.16
CA THR A 387 19.33 -32.31 1.41
C THR A 387 18.59 -33.63 1.21
N GLY A 388 17.78 -33.74 0.15
CA GLY A 388 17.14 -35.01 -0.15
C GLY A 388 15.79 -35.20 0.49
N THR A 389 15.10 -34.13 0.87
CA THR A 389 13.84 -34.22 1.59
C THR A 389 12.70 -34.81 0.76
N ALA A 390 12.89 -34.96 -0.55
CA ALA A 390 11.84 -35.48 -1.41
C ALA A 390 11.66 -36.99 -1.29
N SER A 391 12.54 -37.69 -0.57
CA SER A 391 12.51 -39.13 -0.49
C SER A 391 12.72 -39.55 0.96
N TYR A 392 12.10 -40.67 1.35
CA TYR A 392 12.23 -41.12 2.73
C TYR A 392 13.69 -41.37 3.06
N HIS A 393 14.44 -41.88 2.11
CA HIS A 393 15.87 -42.06 2.27
C HIS A 393 16.54 -40.82 1.69
N GLY A 394 17.29 -40.12 2.53
CA GLY A 394 17.86 -38.85 2.18
C GLY A 394 18.58 -38.34 3.41
N PHE A 395 19.65 -37.58 3.26
CA PHE A 395 20.45 -37.25 4.43
C PHE A 395 19.62 -36.55 5.50
N LEU A 396 18.90 -35.50 5.12
CA LEU A 396 18.18 -34.76 6.17
C LEU A 396 17.10 -35.63 6.80
N PRO A 397 16.27 -36.36 6.04
CA PRO A 397 15.24 -37.17 6.69
C PRO A 397 15.84 -38.19 7.64
N VAL A 398 16.90 -38.86 7.21
CA VAL A 398 17.49 -39.91 8.01
C VAL A 398 18.07 -39.28 9.27
N LEU A 399 18.68 -38.11 9.12
CA LEU A 399 19.29 -37.44 10.25
C LEU A 399 18.24 -37.08 11.27
N VAL A 400 17.11 -36.56 10.80
CA VAL A 400 16.02 -36.17 11.71
C VAL A 400 15.51 -37.40 12.44
N ARG A 401 15.31 -38.49 11.70
CA ARG A 401 14.79 -39.71 12.33
C ARG A 401 15.77 -40.24 13.35
N ASN A 402 17.07 -40.15 13.09
CA ASN A 402 18.05 -40.59 14.07
C ASN A 402 18.00 -39.69 15.30
N CYS A 403 17.90 -38.38 15.10
CA CYS A 403 17.84 -37.46 16.21
C CYS A 403 16.64 -37.78 17.08
N ILE A 404 15.52 -38.11 16.42
CA ILE A 404 14.28 -38.40 17.12
C ILE A 404 14.43 -39.70 17.92
N GLN A 405 14.97 -40.74 17.31
CA GLN A 405 15.13 -42.00 18.01
C GLN A 405 16.09 -41.88 19.19
N ALA A 406 17.17 -41.11 19.02
CA ALA A 406 18.07 -40.85 20.14
C ALA A 406 17.41 -40.03 21.23
N MET A 407 16.48 -39.16 20.87
CA MET A 407 15.75 -38.39 21.88
C MET A 407 14.75 -39.26 22.63
N ILE A 408 14.12 -40.19 21.92
CA ILE A 408 13.10 -41.05 22.53
C ILE A 408 13.77 -42.12 23.40
N ASP A 409 14.68 -42.88 22.80
CA ASP A 409 15.31 -44.00 23.48
C ASP A 409 16.55 -43.53 24.25
N PRO A 410 16.67 -43.88 25.53
CA PRO A 410 17.88 -43.50 26.27
C PRO A 410 19.14 -44.13 25.71
N SER A 411 19.05 -45.36 25.20
CA SER A 411 20.24 -46.08 24.79
C SER A 411 21.02 -45.32 23.72
N MET A 412 20.32 -44.79 22.72
CA MET A 412 21.00 -44.05 21.67
C MET A 412 21.45 -42.71 22.22
N ASP A 413 22.70 -42.34 22.00
CA ASP A 413 23.23 -41.12 22.59
C ASP A 413 22.47 -39.89 22.10
N PRO A 414 21.86 -39.10 22.99
CA PRO A 414 21.09 -37.95 22.52
C PRO A 414 21.94 -36.97 21.73
N TYR A 415 21.46 -36.59 20.56
CA TYR A 415 22.17 -35.58 19.78
C TYR A 415 22.14 -34.25 20.54
N PRO A 416 23.26 -33.52 20.58
CA PRO A 416 23.29 -32.26 21.34
C PRO A 416 22.07 -31.38 21.16
N HIS A 417 21.68 -30.69 22.23
CA HIS A 417 20.45 -29.90 22.21
C HIS A 417 20.50 -28.86 21.09
N GLN A 418 21.63 -28.18 20.94
CA GLN A 418 21.75 -27.14 19.92
C GLN A 418 21.53 -27.72 18.53
N PHE A 419 22.16 -28.86 18.23
CA PHE A 419 22.02 -29.45 16.91
C PHE A 419 20.57 -29.84 16.63
N ALA A 420 19.90 -30.45 17.60
CA ALA A 420 18.50 -30.84 17.41
C ALA A 420 17.61 -29.63 17.24
N THR A 421 17.91 -28.56 17.99
CA THR A 421 17.16 -27.32 17.85
C THR A 421 17.32 -26.79 16.44
N ALA A 422 18.54 -26.77 15.94
CA ALA A 422 18.79 -26.25 14.61
C ALA A 422 18.03 -27.07 13.59
N LEU A 423 18.03 -28.40 13.76
CA LEU A 423 17.36 -29.26 12.78
C LEU A 423 15.87 -28.96 12.72
N PHE A 424 15.24 -28.85 13.90
CA PHE A 424 13.81 -28.60 13.93
C PHE A 424 13.49 -27.20 13.41
N SER A 425 14.34 -26.23 13.71
CA SER A 425 14.12 -24.88 13.18
C SER A 425 14.21 -24.89 11.67
N PHE A 426 15.16 -25.64 11.13
CA PHE A 426 15.28 -25.73 9.67
C PHE A 426 14.00 -26.34 9.12
N LEU A 427 13.48 -27.39 9.77
CA LEU A 427 12.30 -28.06 9.28
C LEU A 427 11.12 -27.10 9.28
N TYR A 428 10.98 -26.32 10.34
CA TYR A 428 9.85 -25.39 10.44
C TYR A 428 9.96 -24.34 9.35
N HIS A 429 11.15 -23.78 9.18
CA HIS A 429 11.39 -22.70 8.22
C HIS A 429 11.20 -23.19 6.80
N LEU A 430 11.38 -24.50 6.58
CA LEU A 430 11.14 -25.10 5.28
C LEU A 430 9.64 -25.36 5.07
N ALA A 431 9.01 -26.06 6.01
CA ALA A 431 7.59 -26.37 5.89
C ALA A 431 6.78 -25.12 5.58
N SER A 432 7.23 -23.96 6.08
CA SER A 432 6.50 -22.73 5.88
C SER A 432 6.45 -22.32 4.42
N TYR A 433 7.28 -22.93 3.57
CA TYR A 433 7.26 -22.72 2.14
C TYR A 433 6.68 -23.95 1.47
N ASP A 434 5.84 -23.73 0.46
CA ASP A 434 5.09 -24.83 -0.13
C ASP A 434 5.99 -25.94 -0.65
N ALA A 435 7.13 -25.59 -1.25
CA ALA A 435 8.05 -26.61 -1.74
C ALA A 435 8.60 -27.46 -0.60
N GLY A 436 8.81 -26.86 0.55
CA GLY A 436 9.36 -27.59 1.67
C GLY A 436 8.30 -28.42 2.34
N GLY A 437 7.09 -27.87 2.49
CA GLY A 437 6.01 -28.66 3.04
C GLY A 437 5.69 -29.86 2.17
N GLU A 438 5.71 -29.68 0.85
CA GLU A 438 5.53 -30.82 -0.05
C GLU A 438 6.68 -31.82 0.03
N ALA A 439 7.90 -31.37 0.30
CA ALA A 439 8.98 -32.33 0.49
C ALA A 439 8.83 -33.10 1.80
N LEU A 440 8.45 -32.41 2.88
CA LEU A 440 8.21 -33.08 4.15
C LEU A 440 7.02 -34.02 4.09
N VAL A 441 6.04 -33.72 3.23
CA VAL A 441 5.05 -34.73 2.86
C VAL A 441 5.73 -35.93 2.22
N SER A 442 6.55 -35.68 1.20
CA SER A 442 7.06 -36.79 0.39
C SER A 442 7.92 -37.75 1.21
N CYS A 443 8.77 -37.24 2.09
CA CYS A 443 9.59 -38.11 2.95
C CYS A 443 8.86 -38.67 4.16
N GLY A 444 7.61 -38.30 4.42
CA GLY A 444 6.90 -38.90 5.53
C GLY A 444 7.39 -38.50 6.91
N MET A 445 7.83 -37.25 7.08
CA MET A 445 8.26 -36.77 8.40
C MET A 445 7.13 -36.70 9.42
N MET A 446 5.88 -36.62 8.96
CA MET A 446 4.75 -36.66 9.90
C MET A 446 4.78 -37.88 10.81
N GLU A 447 5.25 -39.03 10.32
CA GLU A 447 5.29 -40.21 11.16
C GLU A 447 6.32 -40.06 12.28
N ALA A 448 7.48 -39.49 11.97
CA ALA A 448 8.50 -39.32 12.99
C ALA A 448 8.11 -38.23 13.97
N LEU A 449 7.46 -37.18 13.48
CA LEU A 449 7.09 -36.09 14.37
C LEU A 449 5.95 -36.50 15.28
N LEU A 450 5.00 -37.30 14.79
CA LEU A 450 4.01 -37.88 15.68
C LEU A 450 4.64 -38.88 16.63
N LYS A 451 5.75 -39.51 16.24
CA LYS A 451 6.47 -40.37 17.18
C LYS A 451 7.02 -39.53 18.31
N VAL A 452 7.54 -38.35 17.96
CA VAL A 452 8.08 -37.44 18.97
C VAL A 452 6.96 -37.03 19.93
N ILE A 453 5.83 -36.58 19.36
CA ILE A 453 4.73 -36.05 20.17
C ILE A 453 4.02 -37.15 20.94
N LYS A 454 4.29 -38.42 20.65
CA LYS A 454 3.71 -39.52 21.42
C LYS A 454 4.63 -40.03 22.51
N PHE A 455 5.92 -40.21 22.24
CA PHE A 455 6.80 -40.91 23.16
C PHE A 455 7.75 -40.02 23.95
N LEU A 456 7.90 -38.75 23.58
CA LEU A 456 8.82 -37.88 24.31
C LEU A 456 8.35 -37.61 25.74
N GLY A 457 9.34 -37.39 26.60
CA GLY A 457 9.15 -37.22 28.02
C GLY A 457 8.58 -35.87 28.42
N ASP A 458 8.83 -35.49 29.67
CA ASP A 458 8.19 -34.36 30.31
C ASP A 458 9.15 -33.22 30.62
N GLU A 459 10.45 -33.42 30.43
CA GLU A 459 11.46 -32.43 30.83
C GLU A 459 11.48 -31.26 29.86
N GLN A 460 11.89 -30.10 30.40
CA GLN A 460 11.69 -28.82 29.70
C GLN A 460 12.23 -28.85 28.29
N ASP A 461 13.39 -29.47 28.08
CA ASP A 461 13.93 -29.57 26.72
C ASP A 461 13.07 -30.48 25.86
N GLN A 462 12.60 -31.58 26.43
CA GLN A 462 11.74 -32.49 25.68
C GLN A 462 10.40 -31.83 25.40
N ILE A 463 9.86 -31.07 26.35
CA ILE A 463 8.66 -30.28 26.08
C ILE A 463 8.90 -29.36 24.91
N THR A 464 10.07 -28.72 24.86
CA THR A 464 10.31 -27.75 23.81
C THR A 464 10.40 -28.43 22.45
N PHE A 465 11.02 -29.61 22.39
CA PHE A 465 11.05 -30.36 21.14
C PHE A 465 9.65 -30.77 20.71
N VAL A 466 8.80 -31.13 21.68
CA VAL A 466 7.42 -31.49 21.35
C VAL A 466 6.69 -30.28 20.77
N THR A 467 6.91 -29.10 21.35
CA THR A 467 6.30 -27.90 20.78
C THR A 467 6.78 -27.66 19.35
N ARG A 468 8.08 -27.83 19.11
CA ARG A 468 8.58 -27.56 17.77
C ARG A 468 7.94 -28.55 16.80
N ALA A 469 7.84 -29.81 17.21
CA ALA A 469 7.27 -30.82 16.35
C ALA A 469 5.81 -30.51 16.04
N VAL A 470 5.07 -30.04 17.04
CA VAL A 470 3.66 -29.72 16.82
C VAL A 470 3.54 -28.58 15.83
N ARG A 471 4.38 -27.56 15.96
CA ARG A 471 4.35 -26.47 14.99
C ARG A 471 4.66 -26.96 13.59
N VAL A 472 5.65 -27.84 13.46
CA VAL A 472 6.02 -28.37 12.14
C VAL A 472 4.85 -29.17 11.56
N VAL A 473 4.20 -29.96 12.42
CA VAL A 473 3.08 -30.77 11.95
C VAL A 473 1.96 -29.85 11.49
N ASP A 474 1.76 -28.75 12.20
CA ASP A 474 0.74 -27.78 11.81
C ASP A 474 1.05 -27.18 10.44
N LEU A 475 2.31 -26.81 10.22
CA LEU A 475 2.72 -26.28 8.93
C LEU A 475 2.57 -27.28 7.80
N ILE A 476 2.83 -28.56 8.05
CA ILE A 476 2.60 -29.57 7.01
C ILE A 476 1.11 -29.80 6.79
N THR A 477 0.35 -30.01 7.85
CA THR A 477 -1.07 -30.27 7.70
C THR A 477 -1.82 -29.10 7.08
N ASN A 478 -1.18 -27.94 6.95
CA ASN A 478 -1.78 -26.87 6.18
C ASN A 478 -1.80 -27.14 4.68
N LEU A 479 -1.18 -28.25 4.23
CA LEU A 479 -1.30 -28.64 2.83
C LEU A 479 -1.48 -30.14 2.57
N ASP A 480 -1.26 -31.02 3.54
CA ASP A 480 -1.73 -32.40 3.42
C ASP A 480 -2.34 -32.86 4.73
N MET A 481 -3.48 -33.54 4.65
CA MET A 481 -4.11 -34.16 5.79
C MET A 481 -3.98 -35.68 5.84
N ALA A 482 -3.79 -36.34 4.69
CA ALA A 482 -3.94 -37.78 4.64
C ALA A 482 -2.91 -38.49 5.51
N ALA A 483 -1.65 -38.03 5.46
CA ALA A 483 -0.63 -38.62 6.32
C ALA A 483 -1.00 -38.46 7.80
N PHE A 484 -1.32 -37.24 8.22
CA PHE A 484 -1.69 -37.00 9.62
C PHE A 484 -2.84 -37.91 10.06
N GLN A 485 -3.88 -38.01 9.23
CA GLN A 485 -5.03 -38.81 9.59
C GLN A 485 -4.66 -40.29 9.65
N SER A 486 -3.88 -40.75 8.68
CA SER A 486 -3.46 -42.15 8.63
C SER A 486 -2.58 -42.53 9.81
N HIS A 487 -1.80 -41.60 10.33
CA HIS A 487 -1.00 -41.82 11.52
C HIS A 487 -1.75 -41.58 12.82
N SER A 488 -3.08 -41.44 12.77
CA SER A 488 -3.89 -41.28 13.98
C SER A 488 -3.49 -40.03 14.76
N GLY A 489 -3.03 -39.01 14.04
CA GLY A 489 -2.41 -37.86 14.71
C GLY A 489 -3.32 -37.19 15.71
N LEU A 490 -4.62 -37.08 15.38
CA LEU A 490 -5.55 -36.43 16.28
C LEU A 490 -5.60 -37.13 17.64
N SER A 491 -5.58 -38.46 17.63
CA SER A 491 -5.56 -39.21 18.87
C SER A 491 -4.29 -38.89 19.66
N ILE A 492 -3.16 -38.81 18.97
CA ILE A 492 -1.88 -38.57 19.63
C ILE A 492 -1.89 -37.18 20.27
N PHE A 493 -2.41 -36.19 19.53
CA PHE A 493 -2.47 -34.83 20.04
C PHE A 493 -3.34 -34.77 21.28
N ILE A 494 -4.49 -35.43 21.23
CA ILE A 494 -5.41 -35.39 22.37
C ILE A 494 -4.80 -36.10 23.57
N TYR A 495 -4.10 -37.21 23.34
CA TYR A 495 -3.48 -37.93 24.43
C TYR A 495 -2.37 -37.10 25.07
N ARG A 496 -1.59 -36.39 24.26
CA ARG A 496 -0.54 -35.53 24.81
C ARG A 496 -1.15 -34.37 25.60
N LEU A 497 -2.25 -33.82 25.10
CA LEU A 497 -2.93 -32.76 25.84
C LEU A 497 -3.45 -33.26 27.16
N GLU A 498 -3.96 -34.50 27.19
CA GLU A 498 -4.39 -35.10 28.44
C GLU A 498 -3.20 -35.34 29.36
N HIS A 499 -2.05 -35.69 28.80
CA HIS A 499 -0.90 -36.04 29.63
C HIS A 499 -0.30 -34.80 30.28
N GLU A 500 -0.27 -33.68 29.54
CA GLU A 500 0.22 -32.44 30.10
C GLU A 500 -0.77 -31.83 31.08
N VAL A 501 -2.06 -31.85 30.76
CA VAL A 501 -3.04 -31.37 31.73
C VAL A 501 -3.04 -32.24 32.98
N ASP A 502 -2.85 -33.54 32.84
CA ASP A 502 -2.71 -34.41 34.01
C ASP A 502 -1.45 -34.12 34.82
N LEU A 503 -0.39 -33.64 34.16
CA LEU A 503 0.81 -33.29 34.92
C LEU A 503 0.67 -31.94 35.61
N CYS A 504 -0.16 -31.05 35.06
CA CYS A 504 -0.55 -29.84 35.77
C CYS A 504 -1.52 -30.13 36.91
N ARG A 505 -2.40 -31.10 36.71
CA ARG A 505 -3.38 -31.50 37.72
C ARG A 505 -2.75 -31.76 39.07
N LYS A 506 -1.47 -32.17 39.10
CA LYS A 506 -0.79 -32.35 40.37
C LYS A 506 -0.53 -31.02 41.06
N GLU A 507 -0.11 -30.01 40.30
CA GLU A 507 0.13 -28.70 40.89
C GLU A 507 -1.16 -27.98 41.27
N CYS A 508 -2.21 -28.15 40.47
CA CYS A 508 -3.43 -27.33 40.59
C CYS A 508 -4.65 -28.18 40.35
N PRO A 509 -5.05 -29.01 41.31
CA PRO A 509 -6.07 -30.03 41.06
C PRO A 509 -7.49 -29.47 40.97
N PHE A 510 -7.72 -28.23 41.38
CA PHE A 510 -9.06 -27.67 41.36
C PHE A 510 -9.71 -27.83 40.00
N VAL A 511 -10.96 -28.31 40.01
CA VAL A 511 -11.84 -28.24 38.85
C VAL A 511 -13.22 -27.82 39.33
N ILE A 512 -13.85 -26.93 38.57
CA ILE A 512 -15.21 -26.50 38.86
C ILE A 512 -16.14 -27.71 38.84
N GLN A 536 1.53 -20.99 39.00
CA GLN A 536 1.50 -20.67 37.59
C GLN A 536 2.02 -21.85 36.76
N CYS A 537 1.49 -22.01 35.55
CA CYS A 537 1.94 -23.10 34.69
C CYS A 537 3.39 -22.88 34.25
N ILE A 538 4.11 -23.99 34.08
CA ILE A 538 5.46 -23.94 33.55
C ILE A 538 5.40 -23.43 32.12
N PRO A 539 6.13 -22.35 31.79
CA PRO A 539 5.96 -21.73 30.46
C PRO A 539 6.04 -22.65 29.26
N GLN A 540 6.96 -23.63 29.27
CA GLN A 540 7.11 -24.52 28.13
C GLN A 540 5.89 -25.40 27.93
N ARG A 541 5.29 -25.88 29.01
CA ARG A 541 4.08 -26.66 28.90
C ARG A 541 2.91 -25.81 28.43
N ALA A 542 2.85 -24.57 28.87
CA ALA A 542 1.81 -23.67 28.38
C ALA A 542 1.96 -23.39 26.89
N ALA A 543 3.20 -23.27 26.40
CA ALA A 543 3.39 -23.10 24.97
C ALA A 543 3.04 -24.35 24.19
N LEU A 544 3.31 -25.52 24.77
CA LEU A 544 2.89 -26.77 24.15
C LEU A 544 1.37 -26.83 24.03
N LEU A 545 0.69 -26.65 25.16
CA LEU A 545 -0.78 -26.65 25.17
C LEU A 545 -1.33 -25.65 24.18
N LYS A 546 -0.73 -24.47 24.13
CA LYS A 546 -1.19 -23.41 23.23
C LYS A 546 -1.08 -23.81 21.77
N SER A 547 0.09 -24.32 21.36
CA SER A 547 0.24 -24.74 19.97
C SER A 547 -0.64 -25.93 19.63
N MET A 548 -0.94 -26.78 20.60
CA MET A 548 -1.71 -27.97 20.30
C MET A 548 -3.20 -27.67 20.24
N LEU A 549 -3.66 -26.74 21.07
CA LEU A 549 -5.02 -26.25 20.95
C LEU A 549 -5.20 -25.43 19.68
N ASN A 550 -4.20 -24.65 19.27
CA ASN A 550 -4.27 -23.99 17.98
C ASN A 550 -4.39 -25.00 16.84
N PHE A 551 -3.65 -26.12 16.93
CA PHE A 551 -3.82 -27.15 15.92
C PHE A 551 -5.23 -27.74 15.94
N LEU A 552 -5.76 -28.02 17.13
CA LEU A 552 -7.09 -28.61 17.21
C LEU A 552 -8.15 -27.66 16.68
N LYS A 553 -8.03 -26.37 17.02
CA LYS A 553 -8.91 -25.35 16.44
C LYS A 553 -8.82 -25.33 14.93
N LYS A 554 -7.61 -25.41 14.37
CA LYS A 554 -7.47 -25.41 12.92
C LYS A 554 -8.11 -26.65 12.30
N ALA A 555 -7.90 -27.81 12.92
CA ALA A 555 -8.46 -29.05 12.40
C ALA A 555 -9.97 -29.06 12.43
N ILE A 556 -10.56 -28.60 13.52
CA ILE A 556 -12.02 -28.52 13.58
C ILE A 556 -12.55 -27.64 12.46
N GLN A 557 -11.87 -26.53 12.18
CA GLN A 557 -12.25 -25.66 11.07
C GLN A 557 -11.75 -26.15 9.72
N ASP A 558 -11.27 -27.39 9.63
CA ASP A 558 -10.71 -27.90 8.40
C ASP A 558 -11.48 -29.12 7.94
N PRO A 559 -11.87 -29.20 6.66
CA PRO A 559 -12.27 -30.49 6.09
C PRO A 559 -11.14 -31.52 6.14
N ALA A 560 -11.53 -32.74 5.81
CA ALA A 560 -10.82 -33.99 6.10
C ALA A 560 -10.89 -34.39 7.57
N PHE A 561 -11.45 -33.55 8.43
CA PHE A 561 -11.95 -33.99 9.72
C PHE A 561 -13.44 -33.79 9.87
N SER A 562 -14.07 -32.99 9.00
CA SER A 562 -15.51 -32.78 9.09
C SER A 562 -16.24 -34.11 9.07
N ASP A 563 -15.74 -35.06 8.28
CA ASP A 563 -16.02 -36.47 8.47
C ASP A 563 -15.12 -36.99 9.57
N GLY A 564 -15.66 -37.07 10.78
CA GLY A 564 -15.01 -37.76 11.89
C GLY A 564 -14.79 -36.90 13.12
N ILE A 565 -14.99 -35.58 13.01
CA ILE A 565 -14.69 -34.67 14.11
C ILE A 565 -15.69 -34.82 15.25
N ARG A 566 -16.84 -35.43 14.97
CA ARG A 566 -17.76 -35.87 16.03
C ARG A 566 -17.08 -36.67 17.12
N HIS A 567 -15.99 -37.37 16.82
CA HIS A 567 -15.31 -38.22 17.79
C HIS A 567 -14.13 -37.53 18.45
N VAL A 568 -14.10 -36.19 18.42
CA VAL A 568 -13.18 -35.45 19.27
C VAL A 568 -13.73 -35.29 20.68
N MET A 569 -15.00 -34.91 20.81
CA MET A 569 -15.58 -34.60 22.11
C MET A 569 -16.16 -35.80 22.83
N ASP A 570 -16.00 -37.00 22.29
CA ASP A 570 -16.23 -38.22 23.06
C ASP A 570 -14.94 -38.86 23.53
N GLY A 571 -13.80 -38.25 23.20
CA GLY A 571 -12.53 -38.56 23.83
C GLY A 571 -12.40 -37.92 25.20
N SER A 572 -11.16 -37.90 25.67
CA SER A 572 -10.79 -37.27 26.93
C SER A 572 -10.73 -35.74 26.83
N LEU A 573 -10.60 -35.20 25.62
CA LEU A 573 -10.38 -33.77 25.41
C LEU A 573 -11.23 -32.87 26.31
N PRO A 574 -12.55 -33.04 26.38
CA PRO A 574 -13.34 -32.15 27.24
C PRO A 574 -12.96 -32.21 28.70
N THR A 575 -12.45 -33.34 29.20
CA THR A 575 -12.04 -33.40 30.59
C THR A 575 -10.81 -32.57 30.88
N SER A 576 -9.98 -32.31 29.87
CA SER A 576 -8.79 -31.46 30.06
C SER A 576 -9.08 -30.00 29.72
N LEU A 577 -9.97 -29.76 28.76
CA LEU A 577 -10.45 -28.40 28.57
C LEU A 577 -11.17 -27.90 29.81
N LYS A 578 -12.02 -28.74 30.40
CA LYS A 578 -12.66 -28.42 31.67
C LYS A 578 -11.67 -27.92 32.71
N HIS A 579 -10.44 -28.43 32.69
CA HIS A 579 -9.44 -28.02 33.67
C HIS A 579 -8.74 -26.73 33.29
N ILE A 580 -8.47 -26.55 32.01
CA ILE A 580 -7.90 -25.28 31.58
C ILE A 580 -8.89 -24.15 31.83
N ILE A 581 -10.15 -24.37 31.46
CA ILE A 581 -11.18 -23.37 31.67
C ILE A 581 -11.40 -23.13 33.15
N SER A 582 -11.34 -24.19 33.96
CA SER A 582 -11.53 -24.04 35.40
C SER A 582 -10.35 -23.42 36.12
N ASN A 583 -9.21 -23.21 35.45
CA ASN A 583 -8.03 -22.73 36.17
C ASN A 583 -7.31 -21.65 35.36
N ALA A 584 -8.07 -20.68 34.87
CA ALA A 584 -7.54 -19.57 34.09
C ALA A 584 -6.48 -18.75 34.81
N GLU A 585 -6.24 -19.00 36.10
CA GLU A 585 -5.16 -18.32 36.80
C GLU A 585 -3.89 -19.15 36.90
N TYR A 586 -4.00 -20.47 36.82
CA TYR A 586 -2.80 -21.30 36.74
C TYR A 586 -2.32 -21.34 35.30
N TYR A 587 -3.22 -21.69 34.39
CA TYR A 587 -2.98 -21.49 32.97
C TYR A 587 -3.24 -20.05 32.59
N GLY A 588 -2.47 -19.57 31.63
CA GLY A 588 -2.54 -18.20 31.20
C GLY A 588 -3.89 -17.81 30.61
N PRO A 589 -4.13 -16.51 30.51
CA PRO A 589 -5.38 -16.05 29.87
C PRO A 589 -5.42 -16.39 28.39
N SER A 590 -4.28 -16.38 27.71
CA SER A 590 -4.26 -16.79 26.31
C SER A 590 -4.72 -18.24 26.18
N LEU A 591 -4.22 -19.10 27.05
CA LEU A 591 -4.61 -20.51 27.01
C LEU A 591 -6.10 -20.67 27.34
N PHE A 592 -6.61 -19.86 28.27
CA PHE A 592 -8.04 -19.91 28.60
C PHE A 592 -8.87 -19.53 27.38
N LEU A 593 -8.45 -18.47 26.69
CA LEU A 593 -9.16 -18.02 25.51
C LEU A 593 -9.11 -19.10 24.45
N LEU A 594 -7.96 -19.74 24.31
CA LEU A 594 -7.80 -20.75 23.28
C LEU A 594 -8.75 -21.90 23.54
N ALA A 595 -8.84 -22.34 24.80
CA ALA A 595 -9.70 -23.47 25.10
C ALA A 595 -11.16 -23.11 24.81
N THR A 596 -11.56 -21.91 25.22
CA THR A 596 -12.94 -21.49 25.01
C THR A 596 -13.23 -21.39 23.52
N GLU A 597 -12.27 -20.89 22.75
CA GLU A 597 -12.40 -20.77 21.31
C GLU A 597 -12.52 -22.13 20.65
N VAL A 598 -11.77 -23.12 21.13
CA VAL A 598 -11.89 -24.46 20.59
C VAL A 598 -13.30 -25.00 20.84
N VAL A 599 -13.80 -24.84 22.06
CA VAL A 599 -15.15 -25.36 22.31
C VAL A 599 -16.15 -24.62 21.43
N THR A 600 -15.95 -23.31 21.26
CA THR A 600 -16.87 -22.49 20.49
C THR A 600 -16.91 -22.95 19.04
N VAL A 601 -15.73 -23.19 18.46
CA VAL A 601 -15.65 -23.60 17.08
C VAL A 601 -16.25 -24.98 16.91
N PHE A 602 -16.05 -25.87 17.88
CA PHE A 602 -16.70 -27.17 17.76
C PHE A 602 -18.21 -26.99 17.77
N VAL A 603 -18.71 -26.15 18.69
CA VAL A 603 -20.15 -25.99 18.82
C VAL A 603 -20.75 -25.39 17.56
N PHE A 604 -19.95 -24.64 16.79
CA PHE A 604 -20.43 -24.11 15.53
C PHE A 604 -20.23 -25.04 14.35
N GLN A 605 -19.34 -26.03 14.46
CA GLN A 605 -19.24 -27.00 13.38
C GLN A 605 -20.28 -28.11 13.51
N GLU A 606 -20.61 -28.50 14.73
CA GLU A 606 -21.57 -29.59 14.97
C GLU A 606 -22.45 -29.18 16.15
N PRO A 607 -23.34 -28.22 15.96
CA PRO A 607 -24.21 -27.78 17.06
C PRO A 607 -25.02 -28.90 17.69
N SER A 608 -25.28 -29.98 16.96
CA SER A 608 -25.93 -31.14 17.56
C SER A 608 -25.18 -31.62 18.78
N LEU A 609 -23.86 -31.68 18.68
CA LEU A 609 -23.09 -32.27 19.75
C LEU A 609 -22.89 -31.29 20.88
N LEU A 610 -23.43 -30.08 20.74
CA LEU A 610 -23.55 -29.21 21.90
C LEU A 610 -24.32 -29.89 23.00
N SER A 611 -25.30 -30.73 22.64
CA SER A 611 -26.00 -31.51 23.66
C SER A 611 -25.05 -32.42 24.41
N SER A 612 -24.07 -33.01 23.72
CA SER A 612 -23.12 -33.84 24.42
C SER A 612 -22.25 -32.98 25.33
N LEU A 613 -21.93 -31.77 24.89
CA LEU A 613 -21.11 -30.90 25.71
C LEU A 613 -21.92 -30.44 26.90
N GLN A 614 -23.23 -30.35 26.74
CA GLN A 614 -24.10 -30.08 27.87
C GLN A 614 -24.20 -31.29 28.79
N ASP A 615 -24.26 -32.50 28.20
CA ASP A 615 -24.34 -33.72 29.01
C ASP A 615 -23.13 -33.91 29.91
N ASN A 616 -21.93 -33.56 29.44
CA ASN A 616 -20.74 -33.63 30.29
C ASN A 616 -20.39 -32.32 30.97
N GLY A 617 -21.22 -31.28 30.81
CA GLY A 617 -21.08 -30.11 31.65
C GLY A 617 -19.92 -29.21 31.31
N LEU A 618 -19.36 -29.33 30.11
CA LEU A 618 -18.32 -28.38 29.69
C LEU A 618 -18.88 -26.98 29.52
N THR A 619 -20.08 -26.86 28.96
CA THR A 619 -20.72 -25.56 28.85
C THR A 619 -21.04 -24.97 30.22
N ASP A 620 -21.36 -25.83 31.18
CA ASP A 620 -21.70 -25.37 32.52
C ASP A 620 -20.46 -24.99 33.32
N VAL A 621 -19.29 -25.52 32.94
CA VAL A 621 -18.03 -25.03 33.46
C VAL A 621 -17.63 -23.73 32.79
N MET A 622 -17.87 -23.60 31.48
CA MET A 622 -17.55 -22.36 30.80
C MET A 622 -18.34 -21.20 31.36
N LEU A 623 -19.65 -21.39 31.53
CA LEU A 623 -20.49 -20.36 32.14
C LEU A 623 -19.92 -19.92 33.49
N HIS A 624 -19.63 -20.87 34.36
CA HIS A 624 -19.09 -20.54 35.68
C HIS A 624 -17.76 -19.81 35.59
N ALA A 625 -16.90 -20.19 34.64
CA ALA A 625 -15.60 -19.54 34.51
C ALA A 625 -15.67 -18.19 33.83
N LEU A 626 -16.74 -17.91 33.09
CA LEU A 626 -16.86 -16.67 32.35
C LEU A 626 -17.83 -15.68 32.99
N LEU A 627 -18.69 -16.15 33.89
CA LEU A 627 -19.66 -15.29 34.55
C LEU A 627 -19.39 -15.23 36.05
N ILE A 628 -19.43 -16.36 36.73
CA ILE A 628 -19.47 -16.37 38.18
C ILE A 628 -18.07 -16.20 38.76
N LYS A 629 -17.10 -16.92 38.19
CA LYS A 629 -15.69 -16.66 38.42
C LYS A 629 -15.27 -15.45 37.61
N ASP A 630 -14.27 -14.74 38.11
CA ASP A 630 -13.82 -13.52 37.42
C ASP A 630 -13.21 -13.87 36.07
N VAL A 631 -13.74 -13.25 35.02
CA VAL A 631 -13.15 -13.25 33.69
C VAL A 631 -11.71 -12.76 33.75
N PRO A 632 -10.76 -13.46 33.13
CA PRO A 632 -9.39 -12.91 33.05
C PRO A 632 -9.35 -11.65 32.20
N ALA A 633 -8.78 -10.59 32.77
CA ALA A 633 -8.90 -9.22 32.27
C ALA A 633 -7.91 -8.98 31.13
N THR A 634 -8.32 -9.35 29.91
CA THR A 634 -7.51 -9.06 28.75
C THR A 634 -8.41 -8.85 27.54
N ARG A 635 -7.91 -8.07 26.58
CA ARG A 635 -8.73 -7.63 25.45
C ARG A 635 -9.41 -8.79 24.73
N GLU A 636 -8.68 -9.87 24.48
CA GLU A 636 -9.19 -10.93 23.64
C GLU A 636 -10.28 -11.73 24.34
N VAL A 637 -10.14 -11.92 25.66
CA VAL A 637 -11.16 -12.64 26.39
C VAL A 637 -12.46 -11.84 26.40
N LEU A 638 -12.39 -10.55 26.74
CA LEU A 638 -13.60 -9.73 26.71
C LEU A 638 -14.19 -9.70 25.31
N GLY A 639 -13.34 -9.57 24.30
CA GLY A 639 -13.82 -9.57 22.92
C GLY A 639 -14.47 -10.87 22.51
N SER A 640 -14.19 -11.95 23.24
CA SER A 640 -14.66 -13.27 22.84
C SER A 640 -15.84 -13.76 23.66
N LEU A 641 -16.03 -13.24 24.87
CA LEU A 641 -17.10 -13.75 25.74
C LEU A 641 -18.45 -13.82 25.03
N PRO A 642 -18.88 -12.79 24.29
CA PRO A 642 -20.19 -12.86 23.65
C PRO A 642 -20.29 -13.90 22.56
N ASN A 643 -19.19 -14.21 21.86
CA ASN A 643 -19.24 -15.29 20.87
C ASN A 643 -19.35 -16.64 21.56
N VAL A 644 -18.67 -16.80 22.69
CA VAL A 644 -18.85 -17.99 23.51
C VAL A 644 -20.32 -18.14 23.91
N PHE A 645 -20.91 -17.09 24.47
CA PHE A 645 -22.32 -17.16 24.84
C PHE A 645 -23.24 -17.36 23.64
N SER A 646 -22.85 -16.85 22.48
CA SER A 646 -23.57 -17.15 21.23
C SER A 646 -23.52 -18.62 20.89
N ALA A 647 -22.47 -19.31 21.30
CA ALA A 647 -22.43 -20.76 21.15
C ALA A 647 -23.22 -21.49 22.23
N LEU A 648 -22.97 -21.17 23.50
CA LEU A 648 -23.58 -21.91 24.59
C LEU A 648 -25.10 -21.77 24.62
N CYS A 649 -25.66 -20.68 24.10
CA CYS A 649 -27.10 -20.53 23.99
C CYS A 649 -27.71 -21.35 22.87
N LEU A 650 -26.89 -21.92 21.98
CA LEU A 650 -27.36 -22.36 20.68
C LEU A 650 -28.35 -23.53 20.75
N ASN A 651 -28.43 -24.23 21.88
CA ASN A 651 -29.24 -25.45 22.00
C ASN A 651 -30.60 -25.20 22.64
N ALA A 652 -30.91 -23.95 22.99
CA ALA A 652 -32.12 -23.55 23.71
C ALA A 652 -32.09 -23.98 25.17
N ARG A 653 -31.62 -25.20 25.44
CA ARG A 653 -31.36 -25.58 26.83
C ARG A 653 -30.20 -24.75 27.37
N GLY A 654 -29.19 -24.55 26.53
CA GLY A 654 -28.08 -23.70 26.89
C GLY A 654 -28.53 -22.26 27.10
N LEU A 655 -29.42 -21.78 26.23
CA LEU A 655 -29.95 -20.42 26.42
C LEU A 655 -30.64 -20.30 27.77
N GLN A 656 -31.43 -21.31 28.13
CA GLN A 656 -32.11 -21.28 29.42
C GLN A 656 -31.09 -21.20 30.55
N SER A 657 -30.07 -22.04 30.49
CA SER A 657 -29.07 -22.05 31.57
C SER A 657 -28.29 -20.73 31.60
N PHE A 658 -28.01 -20.16 30.44
CA PHE A 658 -27.28 -18.90 30.36
C PHE A 658 -28.09 -17.75 30.95
N VAL A 659 -29.39 -17.71 30.67
CA VAL A 659 -30.20 -16.60 31.15
C VAL A 659 -30.62 -16.82 32.60
N GLN A 660 -30.53 -18.06 33.08
CA GLN A 660 -30.91 -18.37 34.45
C GLN A 660 -30.01 -17.64 35.44
N CYS A 661 -28.72 -17.48 35.10
CA CYS A 661 -27.70 -17.01 36.02
C CYS A 661 -27.37 -15.53 35.82
N GLN A 662 -28.34 -14.72 35.41
CA GLN A 662 -28.21 -13.27 35.37
C GLN A 662 -26.94 -12.84 34.62
N PRO A 663 -26.78 -13.28 33.37
CA PRO A 663 -25.45 -13.20 32.75
C PRO A 663 -24.96 -11.79 32.52
N PHE A 664 -25.84 -10.88 32.12
CA PHE A 664 -25.42 -9.54 31.76
C PHE A 664 -25.11 -8.65 32.95
N GLU A 665 -25.76 -8.88 34.09
CA GLU A 665 -25.36 -8.20 35.31
C GLU A 665 -23.89 -8.44 35.64
N ARG A 666 -23.37 -9.61 35.26
CA ARG A 666 -21.99 -9.97 35.52
C ARG A 666 -21.09 -9.55 34.38
N LEU A 667 -21.55 -9.75 33.14
CA LEU A 667 -20.73 -9.47 31.98
C LEU A 667 -20.46 -7.98 31.84
N PHE A 668 -21.43 -7.13 32.16
CA PHE A 668 -21.27 -5.69 31.99
C PHE A 668 -20.56 -5.05 33.17
N LYS A 669 -20.46 -5.74 34.30
CA LYS A 669 -19.71 -5.21 35.44
C LYS A 669 -18.27 -4.94 35.06
N VAL A 670 -17.79 -5.57 33.99
CA VAL A 670 -16.44 -5.37 33.49
C VAL A 670 -16.17 -3.90 33.20
N LEU A 671 -17.17 -3.17 32.74
CA LEU A 671 -17.00 -1.78 32.32
C LEU A 671 -16.86 -0.81 33.49
N LEU A 672 -17.24 -1.23 34.70
CA LEU A 672 -17.18 -0.38 35.88
C LEU A 672 -16.08 -0.78 36.85
N SER A 673 -15.12 -1.57 36.40
CA SER A 673 -14.12 -2.16 37.27
C SER A 673 -12.75 -1.67 36.85
N PRO A 674 -11.93 -1.14 37.77
CA PRO A 674 -10.60 -0.69 37.37
C PRO A 674 -9.67 -1.83 36.98
N ASP A 675 -9.98 -3.05 37.39
CA ASP A 675 -9.16 -4.19 37.03
C ASP A 675 -9.11 -4.41 35.52
N TYR A 676 -10.16 -4.01 34.80
CA TYR A 676 -10.28 -4.24 33.37
C TYR A 676 -10.00 -2.98 32.54
N LEU A 677 -9.78 -1.85 33.19
CA LEU A 677 -9.38 -0.64 32.44
C LEU A 677 -8.13 -0.82 31.61
N PRO A 678 -7.07 -1.51 32.05
CA PRO A 678 -5.96 -1.77 31.13
C PRO A 678 -6.34 -2.58 29.91
N ALA A 679 -7.36 -3.43 30.00
CA ALA A 679 -7.86 -4.09 28.81
C ALA A 679 -8.62 -3.12 27.91
N MET A 680 -9.26 -2.11 28.49
CA MET A 680 -10.01 -1.15 27.70
C MET A 680 -9.14 -0.07 27.08
N ARG A 681 -7.92 0.15 27.59
CA ARG A 681 -7.10 1.22 27.08
C ARG A 681 -6.75 0.95 25.62
N ARG A 682 -6.77 2.02 24.82
CA ARG A 682 -6.49 1.88 23.39
C ARG A 682 -5.11 1.27 23.16
N ARG A 683 -5.06 0.31 22.24
CA ARG A 683 -3.82 -0.36 21.90
C ARG A 683 -3.13 0.42 20.78
N ARG A 684 -1.86 0.75 20.98
CA ARG A 684 -0.98 1.36 19.99
C ARG A 684 -1.15 2.88 19.90
N SER A 685 -2.05 3.49 20.65
CA SER A 685 -2.35 4.91 20.51
C SER A 685 -2.67 5.24 19.06
N SER A 686 -3.41 4.35 18.41
CA SER A 686 -3.82 4.54 17.02
C SER A 686 -5.29 4.16 16.82
N ASP A 687 -5.71 3.04 17.41
CA ASP A 687 -7.09 2.63 17.30
C ASP A 687 -7.98 3.54 18.13
N PRO A 688 -9.27 3.60 17.81
CA PRO A 688 -10.16 4.58 18.44
C PRO A 688 -10.16 4.47 19.96
N LEU A 689 -10.52 5.58 20.59
CA LEU A 689 -10.96 5.56 21.98
C LEU A 689 -12.15 4.64 22.18
N GLY A 690 -12.06 3.77 23.18
CA GLY A 690 -13.09 2.78 23.43
C GLY A 690 -13.21 1.69 22.39
N ASP A 691 -12.16 1.45 21.60
CA ASP A 691 -12.23 0.42 20.57
C ASP A 691 -12.64 -0.92 21.16
N THR A 692 -12.18 -1.22 22.37
CA THR A 692 -12.49 -2.50 22.98
C THR A 692 -13.90 -2.52 23.55
N ALA A 693 -14.37 -1.38 24.04
CA ALA A 693 -15.75 -1.27 24.48
C ALA A 693 -16.70 -1.35 23.29
N SER A 694 -16.36 -0.66 22.20
CA SER A 694 -17.16 -0.73 20.99
C SER A 694 -17.21 -2.16 20.45
N ASN A 695 -16.06 -2.84 20.46
CA ASN A 695 -16.04 -4.21 19.97
C ASN A 695 -16.91 -5.11 20.84
N LEU A 696 -16.80 -4.96 22.15
CA LEU A 696 -17.62 -5.76 23.05
C LEU A 696 -19.09 -5.47 22.82
N GLY A 697 -19.42 -4.20 22.58
CA GLY A 697 -20.80 -3.84 22.37
C GLY A 697 -21.35 -4.44 21.11
N SER A 698 -20.58 -4.41 20.03
CA SER A 698 -21.00 -5.02 18.78
C SER A 698 -21.20 -6.51 18.93
N ALA A 699 -20.33 -7.16 19.70
CA ALA A 699 -20.48 -8.59 19.95
C ALA A 699 -21.76 -8.87 20.75
N VAL A 700 -22.03 -8.08 21.78
CA VAL A 700 -23.26 -8.26 22.53
C VAL A 700 -24.46 -8.00 21.63
N ASP A 701 -24.35 -7.02 20.74
CA ASP A 701 -25.46 -6.70 19.86
C ASP A 701 -25.75 -7.88 18.97
N GLU A 702 -24.70 -8.54 18.46
CA GLU A 702 -24.90 -9.74 17.66
C GLU A 702 -25.59 -10.80 18.50
N LEU A 703 -25.15 -10.96 19.75
CA LEU A 703 -25.71 -11.99 20.60
C LEU A 703 -27.20 -11.77 20.80
N MET A 704 -27.62 -10.52 21.03
CA MET A 704 -29.05 -10.25 21.16
C MET A 704 -29.76 -10.45 19.83
N ARG A 705 -29.14 -10.08 18.72
CA ARG A 705 -29.78 -10.17 17.43
C ARG A 705 -30.03 -11.63 17.06
N HIS A 706 -29.19 -12.53 17.57
CA HIS A 706 -29.41 -13.95 17.34
C HIS A 706 -30.40 -14.51 18.37
N GLN A 707 -30.28 -14.08 19.62
CA GLN A 707 -31.11 -14.58 20.73
C GLN A 707 -32.01 -13.48 21.25
N PRO A 708 -33.08 -13.11 20.52
CA PRO A 708 -33.84 -11.92 20.92
C PRO A 708 -34.40 -11.95 22.32
N THR A 709 -34.65 -13.14 22.89
CA THR A 709 -35.16 -13.21 24.26
C THR A 709 -34.26 -12.50 25.26
N LEU A 710 -32.99 -12.31 24.94
CA LEU A 710 -32.08 -11.68 25.89
C LEU A 710 -32.13 -10.16 25.83
N LYS A 711 -32.64 -9.61 24.72
CA LYS A 711 -32.66 -8.16 24.54
C LYS A 711 -33.20 -7.43 25.76
N THR A 712 -34.32 -7.92 26.30
CA THR A 712 -34.97 -7.19 27.37
C THR A 712 -34.12 -7.15 28.62
N ASP A 713 -33.36 -8.20 28.88
CA ASP A 713 -32.53 -8.22 30.06
C ASP A 713 -31.23 -7.46 29.85
N ALA A 714 -30.68 -7.50 28.63
CA ALA A 714 -29.49 -6.72 28.35
C ALA A 714 -29.69 -5.23 28.56
N THR A 715 -30.74 -4.66 27.96
CA THR A 715 -30.99 -3.25 28.20
C THR A 715 -31.37 -2.97 29.64
N THR A 716 -31.91 -3.96 30.35
CA THR A 716 -32.12 -3.75 31.78
C THR A 716 -30.80 -3.60 32.50
N ALA A 717 -29.80 -4.38 32.11
CA ALA A 717 -28.51 -4.26 32.75
C ALA A 717 -27.77 -3.02 32.26
N ILE A 718 -28.07 -2.56 31.04
CA ILE A 718 -27.40 -1.37 30.53
C ILE A 718 -27.84 -0.16 31.32
N ILE A 719 -29.13 -0.04 31.55
CA ILE A 719 -29.64 1.08 32.33
C ILE A 719 -29.06 1.04 33.72
N LYS A 720 -28.85 -0.16 34.27
CA LYS A 720 -28.25 -0.26 35.59
C LYS A 720 -26.82 0.28 35.58
N LEU A 721 -26.07 0.03 34.52
CA LEU A 721 -24.74 0.64 34.47
C LEU A 721 -24.87 2.14 34.50
N LEU A 722 -25.81 2.70 33.74
CA LEU A 722 -25.92 4.14 33.73
C LEU A 722 -26.26 4.62 35.12
N GLU A 723 -27.17 3.91 35.78
CA GLU A 723 -27.58 4.32 37.11
C GLU A 723 -26.42 4.24 38.07
N GLU A 724 -25.57 3.22 37.92
CA GLU A 724 -24.43 3.10 38.79
C GLU A 724 -23.44 4.23 38.54
N ILE A 725 -23.25 4.61 37.28
CA ILE A 725 -22.39 5.76 37.03
C ILE A 725 -22.97 6.97 37.74
N CYS A 726 -24.29 7.13 37.69
CA CYS A 726 -24.88 8.30 38.31
C CYS A 726 -24.59 8.29 39.79
N ASN A 727 -24.69 7.12 40.43
CA ASN A 727 -24.41 7.08 41.86
C ASN A 727 -22.95 7.42 42.13
N LEU A 728 -22.03 6.90 41.31
CA LEU A 728 -20.64 7.27 41.53
C LEU A 728 -20.35 8.70 41.12
N GLY A 729 -21.32 9.38 40.53
CA GLY A 729 -21.16 10.78 40.21
C GLY A 729 -21.92 11.63 41.20
N ARG A 730 -22.84 11.02 41.94
CA ARG A 730 -23.74 11.77 42.80
C ARG A 730 -23.16 12.01 44.19
N ASP A 731 -22.68 10.97 44.85
CA ASP A 731 -22.30 11.15 46.24
C ASP A 731 -20.92 11.82 46.37
N PRO A 732 -20.68 12.54 47.48
CA PRO A 732 -19.44 13.33 47.57
C PRO A 732 -18.20 12.49 47.76
N LYS A 733 -18.33 11.26 48.23
CA LYS A 733 -17.17 10.56 48.78
C LYS A 733 -16.18 10.14 47.69
N TYR A 734 -16.65 9.98 46.47
CA TYR A 734 -15.74 9.75 45.34
C TYR A 734 -15.30 11.07 44.74
N ILE A 735 -14.09 11.06 44.18
CA ILE A 735 -13.55 12.17 43.40
C ILE A 735 -13.00 11.58 42.11
N CYS A 736 -13.33 12.21 41.00
CA CYS A 736 -12.83 11.75 39.70
C CYS A 736 -11.33 12.05 39.59
N GLN A 737 -10.54 11.00 39.37
CA GLN A 737 -9.14 11.16 38.99
C GLN A 737 -9.01 11.38 37.49
N LYS A 738 -7.96 12.10 37.11
CA LYS A 738 -7.72 12.50 35.74
C LYS A 738 -7.79 11.31 34.80
N ILE A 799 -12.04 9.77 47.62
CA ILE A 799 -11.27 8.70 47.01
C ILE A 799 -11.31 8.82 45.50
N PRO A 800 -10.14 8.69 44.85
CA PRO A 800 -10.11 8.80 43.39
C PRO A 800 -10.80 7.64 42.70
N ILE A 801 -11.57 7.97 41.68
CA ILE A 801 -12.28 7.00 40.85
C ILE A 801 -12.13 7.41 39.38
N PRO A 802 -11.85 6.48 38.46
CA PRO A 802 -11.68 6.84 37.04
C PRO A 802 -13.01 6.98 36.32
N LEU A 803 -13.80 7.95 36.76
CA LEU A 803 -15.18 8.10 36.31
C LEU A 803 -15.28 8.48 34.84
N MET A 804 -14.28 9.16 34.29
CA MET A 804 -14.29 9.52 32.88
C MET A 804 -13.90 8.37 31.99
N ASP A 805 -13.03 7.48 32.47
CA ASP A 805 -12.72 6.25 31.73
C ASP A 805 -13.91 5.32 31.72
N TYR A 806 -14.59 5.18 32.87
CA TYR A 806 -15.79 4.35 32.91
C TYR A 806 -16.84 4.94 32.00
N ILE A 807 -17.05 6.25 32.06
CA ILE A 807 -18.11 6.86 31.26
C ILE A 807 -17.80 6.67 29.79
N LEU A 808 -16.54 6.84 29.39
CA LEU A 808 -16.19 6.73 27.98
C LEU A 808 -16.42 5.31 27.49
N ASN A 809 -15.97 4.32 28.26
CA ASN A 809 -16.10 2.94 27.81
C ASN A 809 -17.55 2.52 27.77
N VAL A 810 -18.32 2.89 28.78
CA VAL A 810 -19.75 2.57 28.78
C VAL A 810 -20.45 3.23 27.61
N MET A 811 -20.15 4.50 27.33
CA MET A 811 -20.85 5.19 26.25
C MET A 811 -20.50 4.61 24.89
N LYS A 812 -19.23 4.27 24.67
CA LYS A 812 -18.86 3.63 23.42
C LYS A 812 -19.53 2.27 23.27
N PHE A 813 -19.62 1.53 24.37
CA PHE A 813 -20.29 0.25 24.38
C PHE A 813 -21.77 0.42 24.05
N VAL A 814 -22.44 1.34 24.75
CA VAL A 814 -23.88 1.51 24.55
C VAL A 814 -24.14 2.06 23.16
N GLU A 815 -23.18 2.79 22.59
CA GLU A 815 -23.32 3.29 21.24
C GLU A 815 -23.34 2.13 20.25
N SER A 816 -22.41 1.20 20.42
CA SER A 816 -22.37 0.06 19.51
C SER A 816 -23.62 -0.79 19.67
N ILE A 817 -24.05 -1.00 20.91
CA ILE A 817 -25.20 -1.85 21.17
C ILE A 817 -26.46 -1.22 20.59
N LEU A 818 -26.67 0.06 20.87
CA LEU A 818 -27.88 0.74 20.43
C LEU A 818 -27.91 0.91 18.92
N SER A 819 -26.80 1.36 18.34
CA SER A 819 -26.78 1.73 16.93
C SER A 819 -25.67 1.02 16.17
N ASN A 820 -25.96 -0.21 15.72
CA ASN A 820 -25.00 -0.97 14.92
C ASN A 820 -25.66 -1.26 13.58
N ASN A 821 -26.73 -2.06 13.57
CA ASN A 821 -27.41 -2.45 12.34
C ASN A 821 -28.47 -1.42 11.97
N THR A 822 -28.66 -0.40 12.82
CA THR A 822 -29.70 0.62 12.64
C THR A 822 -31.11 0.02 12.68
N THR A 823 -31.28 -1.08 13.44
CA THR A 823 -32.58 -1.73 13.55
C THR A 823 -33.58 -0.90 14.33
N ASP A 824 -33.10 -0.03 15.23
CA ASP A 824 -33.96 0.80 16.07
C ASP A 824 -34.73 -0.02 17.11
N ASP A 825 -34.64 -1.34 17.07
CA ASP A 825 -35.31 -2.15 18.08
C ASP A 825 -34.63 -2.00 19.44
N HIS A 826 -33.32 -1.83 19.46
CA HIS A 826 -32.61 -1.62 20.71
C HIS A 826 -32.82 -0.20 21.21
N CYS A 827 -32.77 0.78 20.31
CA CYS A 827 -33.03 2.15 20.72
C CYS A 827 -34.43 2.26 21.31
N GLN A 828 -35.42 1.64 20.65
CA GLN A 828 -36.79 1.72 21.13
C GLN A 828 -36.92 1.05 22.48
N GLU A 829 -36.32 -0.13 22.63
CA GLU A 829 -36.42 -0.84 23.90
C GLU A 829 -35.79 0.00 25.01
N PHE A 830 -34.60 0.55 24.74
CA PHE A 830 -33.88 1.32 25.73
C PHE A 830 -34.68 2.56 26.15
N VAL A 831 -35.27 3.26 25.17
CA VAL A 831 -36.03 4.46 25.49
C VAL A 831 -37.32 4.12 26.23
N ASN A 832 -37.90 2.95 25.95
CA ASN A 832 -39.16 2.60 26.58
C ASN A 832 -38.98 2.03 27.97
N GLN A 833 -37.76 1.63 28.32
CA GLN A 833 -37.43 1.19 29.66
C GLN A 833 -36.84 2.32 30.51
N LYS A 834 -37.01 3.57 30.07
CA LYS A 834 -36.62 4.77 30.83
C LYS A 834 -35.11 4.91 31.02
N GLY A 835 -34.32 4.49 30.03
CA GLY A 835 -32.88 4.62 30.12
C GLY A 835 -32.35 5.99 29.79
N LEU A 836 -33.15 6.83 29.13
CA LEU A 836 -32.68 8.14 28.73
C LEU A 836 -32.51 9.08 29.92
N LEU A 837 -33.28 8.91 30.98
CA LEU A 837 -33.02 9.66 32.21
C LEU A 837 -31.64 9.33 32.78
N PRO A 838 -31.33 8.06 33.09
CA PRO A 838 -29.97 7.76 33.56
C PRO A 838 -28.88 8.15 32.58
N LEU A 839 -29.16 8.10 31.28
CA LEU A 839 -28.16 8.53 30.30
C LEU A 839 -27.89 10.02 30.41
N VAL A 840 -28.92 10.83 30.27
CA VAL A 840 -28.76 12.28 30.20
C VAL A 840 -28.37 12.87 31.55
N THR A 841 -28.66 12.18 32.66
CA THR A 841 -28.19 12.64 33.96
C THR A 841 -26.68 12.61 34.09
N ILE A 842 -25.99 11.78 33.32
CA ILE A 842 -24.55 11.64 33.46
C ILE A 842 -23.83 12.93 33.15
N LEU A 843 -24.45 13.82 32.38
CA LEU A 843 -23.86 15.10 32.07
C LEU A 843 -23.82 16.03 33.28
N GLY A 844 -24.85 15.97 34.11
CA GLY A 844 -24.99 16.84 35.26
C GLY A 844 -24.33 16.41 36.55
N LEU A 845 -23.40 15.46 36.50
CA LEU A 845 -22.97 14.80 37.72
C LEU A 845 -22.05 15.71 38.54
N PRO A 846 -22.41 16.02 39.79
CA PRO A 846 -21.60 16.97 40.58
C PRO A 846 -20.10 16.74 40.58
N ASN A 847 -19.66 15.50 40.74
CA ASN A 847 -18.25 15.20 40.97
C ASN A 847 -17.49 14.89 39.68
N LEU A 848 -18.10 15.10 38.53
CA LEU A 848 -17.34 15.12 37.30
C LEU A 848 -16.48 16.38 37.25
N PRO A 849 -15.32 16.32 36.61
CA PRO A 849 -14.41 17.47 36.66
C PRO A 849 -14.89 18.62 35.79
N ILE A 850 -14.23 19.75 35.97
CA ILE A 850 -14.55 20.97 35.24
C ILE A 850 -14.25 20.81 33.75
N ASP A 851 -13.18 20.10 33.42
CA ASP A 851 -12.83 19.85 32.02
C ASP A 851 -13.60 18.68 31.41
N PHE A 852 -14.67 18.22 32.04
CA PHE A 852 -15.48 17.16 31.42
C PHE A 852 -16.12 17.59 30.10
N PRO A 853 -16.77 18.75 30.01
CA PRO A 853 -17.60 19.01 28.82
C PRO A 853 -16.83 19.01 27.52
N THR A 854 -15.56 19.39 27.54
CA THR A 854 -14.72 19.34 26.36
C THR A 854 -14.14 17.96 26.10
N SER A 855 -14.23 17.06 27.08
CA SER A 855 -13.53 15.79 27.07
C SER A 855 -14.22 14.80 26.13
N ALA A 856 -13.54 13.67 25.92
CA ALA A 856 -14.04 12.62 25.05
C ALA A 856 -15.29 11.97 25.61
N ALA A 857 -15.36 11.85 26.94
CA ALA A 857 -16.55 11.26 27.54
C ALA A 857 -17.80 12.05 27.21
N CYS A 858 -17.72 13.38 27.24
CA CYS A 858 -18.91 14.16 26.94
C CYS A 858 -19.32 13.93 25.50
N GLN A 859 -18.33 13.91 24.60
CA GLN A 859 -18.63 13.72 23.19
C GLN A 859 -19.28 12.35 23.00
N ALA A 860 -18.84 11.36 23.76
CA ALA A 860 -19.41 10.02 23.69
C ALA A 860 -20.87 10.01 24.13
N VAL A 861 -21.17 10.73 25.22
CA VAL A 861 -22.57 10.82 25.64
C VAL A 861 -23.40 11.52 24.58
N ALA A 862 -22.86 12.60 24.02
CA ALA A 862 -23.60 13.31 22.99
C ALA A 862 -23.80 12.43 21.77
N GLY A 863 -22.79 11.62 21.43
CA GLY A 863 -22.91 10.69 20.33
C GLY A 863 -24.00 9.67 20.56
N VAL A 864 -24.10 9.18 21.80
CA VAL A 864 -25.18 8.24 22.10
C VAL A 864 -26.53 8.92 21.93
N CYS A 865 -26.67 10.14 22.44
CA CYS A 865 -27.96 10.81 22.35
C CYS A 865 -28.31 11.09 20.89
N LYS A 866 -27.32 11.53 20.12
CA LYS A 866 -27.53 11.78 18.70
C LYS A 866 -27.93 10.49 17.99
N SER A 867 -27.28 9.37 18.32
CA SER A 867 -27.62 8.11 17.70
C SER A 867 -29.07 7.76 17.99
N ILE A 868 -29.50 7.97 19.23
CA ILE A 868 -30.88 7.65 19.58
C ILE A 868 -31.81 8.53 18.76
N LEU A 869 -31.49 9.82 18.66
CA LEU A 869 -32.38 10.73 17.94
C LEU A 869 -32.49 10.33 16.48
N THR A 870 -31.35 10.08 15.84
CA THR A 870 -31.34 9.75 14.42
C THR A 870 -32.02 8.42 14.14
N LEU A 871 -31.89 7.45 15.05
CA LEU A 871 -32.39 6.11 14.78
C LEU A 871 -33.80 5.86 15.29
N SER A 872 -34.33 6.74 16.14
CA SER A 872 -35.69 6.59 16.63
C SER A 872 -36.58 7.74 16.22
N HIS A 873 -36.02 8.82 15.69
CA HIS A 873 -36.78 10.03 15.40
C HIS A 873 -37.54 10.52 16.62
N GLU A 874 -36.95 10.32 17.80
CA GLU A 874 -37.69 10.52 19.04
C GLU A 874 -37.33 11.87 19.64
N PRO A 875 -38.31 12.74 19.93
CA PRO A 875 -37.99 13.98 20.65
C PRO A 875 -37.52 13.77 22.08
N LYS A 876 -37.77 12.58 22.65
CA LYS A 876 -37.63 12.40 24.08
C LYS A 876 -36.22 12.66 24.58
N VAL A 877 -35.22 12.51 23.71
CA VAL A 877 -33.85 12.79 24.12
C VAL A 877 -33.64 14.26 24.41
N LEU A 878 -34.16 15.14 23.54
CA LEU A 878 -34.01 16.58 23.76
C LEU A 878 -34.87 17.08 24.91
N GLN A 879 -36.14 16.66 24.95
CA GLN A 879 -37.02 17.04 26.04
C GLN A 879 -36.40 16.78 27.40
N GLU A 880 -35.85 15.58 27.60
CA GLU A 880 -35.29 15.30 28.91
C GLU A 880 -34.03 16.11 29.15
N GLY A 881 -33.20 16.28 28.11
CA GLY A 881 -32.06 17.16 28.28
C GLY A 881 -32.49 18.57 28.63
N LEU A 882 -33.59 19.02 28.03
CA LEU A 882 -34.01 20.38 28.31
C LEU A 882 -34.58 20.45 29.71
N LEU A 883 -35.26 19.40 30.13
CA LEU A 883 -35.77 19.38 31.49
C LEU A 883 -34.61 19.48 32.46
N GLN A 884 -33.56 18.70 32.22
CA GLN A 884 -32.47 18.73 33.17
C GLN A 884 -31.69 20.02 33.01
N LEU A 885 -31.60 20.52 31.79
CA LEU A 885 -30.97 21.81 31.60
C LEU A 885 -31.80 22.89 32.28
N ASP A 886 -33.12 22.83 32.15
CA ASP A 886 -33.96 23.77 32.88
C ASP A 886 -33.73 23.66 34.38
N SER A 887 -33.48 22.45 34.88
CA SER A 887 -33.18 22.30 36.29
C SER A 887 -31.85 22.95 36.66
N ILE A 888 -30.87 22.88 35.76
CA ILE A 888 -29.54 23.41 36.05
C ILE A 888 -29.50 24.93 35.89
N LEU A 889 -30.12 25.46 34.84
CA LEU A 889 -30.19 26.91 34.68
C LEU A 889 -30.88 27.57 35.84
N SER A 890 -31.91 26.94 36.40
CA SER A 890 -32.58 27.51 37.56
C SER A 890 -31.69 27.49 38.80
N SER A 891 -30.62 26.70 38.79
CA SER A 891 -29.75 26.63 39.96
C SER A 891 -28.78 27.79 40.05
N LEU A 892 -28.47 28.46 38.94
CA LEU A 892 -27.37 29.41 38.88
C LEU A 892 -27.83 30.82 38.58
N GLU A 893 -29.10 31.12 38.85
CA GLU A 893 -29.63 32.48 38.89
C GLU A 893 -28.80 33.45 39.72
N PRO A 894 -28.12 33.02 40.78
CA PRO A 894 -27.18 33.93 41.45
C PRO A 894 -26.04 34.42 40.57
N LEU A 895 -25.80 33.79 39.42
CA LEU A 895 -24.84 34.36 38.48
C LEU A 895 -25.41 35.59 37.80
N HIS A 896 -26.74 35.65 37.64
CA HIS A 896 -27.38 36.79 37.00
C HIS A 896 -27.47 38.01 37.92
N ARG A 897 -27.53 37.80 39.23
CA ARG A 897 -27.71 38.91 40.15
C ARG A 897 -26.35 39.51 40.50
N PRO A 898 -26.11 40.79 40.21
CA PRO A 898 -24.79 41.36 40.50
C PRO A 898 -24.54 41.58 41.98
N ILE A 899 -23.33 42.05 42.31
CA ILE A 899 -22.96 42.28 43.70
C ILE A 899 -23.87 43.32 44.35
N GLU A 900 -24.28 44.33 43.58
CA GLU A 900 -25.06 45.45 44.11
C GLU A 900 -24.26 46.19 45.17
N SER A 901 -22.95 46.23 44.94
CA SER A 901 -21.99 46.97 45.76
C SER A 901 -20.71 47.07 44.94
N PRO A 902 -19.73 47.86 45.38
CA PRO A 902 -18.46 47.80 44.64
C PRO A 902 -17.91 46.40 44.74
N GLY A 903 -18.03 45.67 43.63
CA GLY A 903 -17.73 44.26 43.62
C GLY A 903 -17.41 43.79 42.22
N GLY A 904 -16.74 42.65 42.15
CA GLY A 904 -16.26 42.11 40.90
C GLY A 904 -17.14 40.97 40.45
N SER A 905 -16.52 39.79 40.30
CA SER A 905 -17.20 38.65 39.71
C SER A 905 -17.94 37.89 40.80
N VAL A 906 -19.12 37.38 40.46
CA VAL A 906 -19.83 36.49 41.37
C VAL A 906 -19.08 35.19 41.52
N LEU A 907 -18.53 34.66 40.43
CA LEU A 907 -17.70 33.48 40.50
C LEU A 907 -16.49 33.68 41.41
N LEU A 908 -15.97 34.92 41.50
CA LEU A 908 -14.81 35.16 42.35
C LEU A 908 -15.19 35.52 43.78
N ARG A 909 -16.46 35.78 44.03
CA ARG A 909 -16.94 36.00 45.38
C ARG A 909 -17.50 34.72 45.95
N GLU A 910 -17.76 33.73 45.10
CA GLU A 910 -18.15 32.42 45.55
C GLU A 910 -16.91 31.57 45.73
N LEU A 911 -15.91 31.77 44.88
CA LEU A 911 -14.61 31.13 45.07
C LEU A 911 -13.91 31.67 46.30
N ALA A 912 -13.69 32.98 46.36
CA ALA A 912 -12.88 33.54 47.44
C ALA A 912 -13.49 33.24 48.81
N CYS A 913 -14.80 33.34 48.91
CA CYS A 913 -15.50 33.02 50.15
C CYS A 913 -15.60 31.53 50.42
N ALA A 914 -14.91 30.66 49.68
CA ALA A 914 -14.92 29.22 49.95
C ALA A 914 -13.87 28.84 51.00
N GLY A 915 -13.83 29.61 52.08
CA GLY A 915 -12.87 29.33 53.14
C GLY A 915 -11.45 29.37 52.63
N ASN A 916 -10.67 28.37 53.03
CA ASN A 916 -9.27 28.27 52.63
C ASN A 916 -8.97 26.93 51.95
N VAL A 917 -9.98 26.27 51.41
CA VAL A 917 -9.79 24.94 50.84
C VAL A 917 -8.71 25.01 49.77
N ALA A 918 -7.80 24.05 49.80
CA ALA A 918 -6.64 24.12 48.91
C ALA A 918 -7.07 24.15 47.45
N ASP A 919 -8.04 23.31 47.09
CA ASP A 919 -8.63 23.30 45.74
C ASP A 919 -10.14 23.28 45.89
N ALA A 920 -10.74 24.47 45.96
CA ALA A 920 -12.19 24.58 46.05
C ALA A 920 -12.87 24.08 44.78
N THR A 921 -12.30 24.40 43.63
CA THR A 921 -12.94 24.09 42.35
C THR A 921 -13.11 22.60 42.09
N LEU A 922 -12.49 21.75 42.90
CA LEU A 922 -12.69 20.31 42.82
C LEU A 922 -13.86 19.80 43.64
N SER A 923 -14.56 20.66 44.38
CA SER A 923 -15.65 20.25 45.24
C SER A 923 -16.95 20.92 44.80
N ALA A 924 -18.02 20.14 44.68
CA ALA A 924 -19.29 20.65 44.23
C ALA A 924 -20.00 21.48 45.29
N GLN A 925 -19.61 21.35 46.56
CA GLN A 925 -20.13 22.22 47.59
C GLN A 925 -19.27 23.47 47.76
N ALA A 926 -17.99 23.35 47.44
CA ALA A 926 -17.10 24.51 47.51
C ALA A 926 -17.40 25.50 46.40
N THR A 927 -17.76 24.99 45.21
CA THR A 927 -18.05 25.84 44.05
C THR A 927 -19.30 25.35 43.34
N PRO A 928 -20.48 25.69 43.86
CA PRO A 928 -21.71 25.19 43.23
C PRO A 928 -22.00 25.83 41.89
N LEU A 929 -21.70 27.12 41.74
CA LEU A 929 -22.00 27.83 40.50
C LEU A 929 -21.05 27.44 39.38
N LEU A 930 -19.82 27.07 39.71
CA LEU A 930 -18.85 26.68 38.70
C LEU A 930 -19.14 25.27 38.20
N HIS A 931 -19.45 24.38 39.12
CA HIS A 931 -19.87 23.03 38.75
C HIS A 931 -21.18 23.07 37.97
N ALA A 932 -22.10 23.93 38.36
CA ALA A 932 -23.33 24.10 37.58
C ALA A 932 -23.01 24.63 36.19
N LEU A 933 -22.08 25.57 36.08
CA LEU A 933 -21.67 26.07 34.78
C LEU A 933 -21.17 24.93 33.91
N THR A 934 -20.34 24.06 34.49
CA THR A 934 -19.79 22.95 33.72
C THR A 934 -20.87 21.94 33.34
N ALA A 935 -21.84 21.74 34.22
CA ALA A 935 -22.98 20.89 33.87
C ALA A 935 -23.72 21.47 32.69
N ALA A 936 -23.95 22.78 32.72
CA ALA A 936 -24.63 23.45 31.62
C ALA A 936 -23.83 23.26 30.34
N HIS A 937 -22.51 23.37 30.46
CA HIS A 937 -21.63 23.22 29.29
C HIS A 937 -21.75 21.83 28.72
N ALA A 938 -21.77 20.81 29.58
CA ALA A 938 -21.94 19.45 29.11
C ALA A 938 -23.28 19.28 28.38
N TYR A 939 -24.35 19.81 28.96
CA TYR A 939 -25.64 19.74 28.30
C TYR A 939 -25.64 20.49 26.97
N ILE A 940 -24.93 21.61 26.90
CA ILE A 940 -24.95 22.44 25.70
C ILE A 940 -23.99 21.92 24.63
N MET A 941 -23.07 21.04 24.98
CA MET A 941 -22.23 20.40 23.99
C MET A 941 -22.90 19.18 23.40
N MET A 942 -24.09 18.83 23.88
CA MET A 942 -24.90 17.75 23.34
C MET A 942 -25.98 18.28 22.41
N PHE A 943 -26.52 19.44 22.72
CA PHE A 943 -27.50 20.06 21.84
C PHE A 943 -26.82 20.58 20.58
N VAL A 944 -25.59 21.04 20.71
CA VAL A 944 -24.78 21.33 19.52
C VAL A 944 -24.70 20.10 18.64
N HIS A 945 -24.35 18.97 19.24
CA HIS A 945 -24.12 17.76 18.46
C HIS A 945 -25.40 17.26 17.81
N THR A 946 -26.53 17.39 18.50
CA THR A 946 -27.81 16.98 17.92
C THR A 946 -28.41 17.99 16.96
N CYS A 947 -27.97 19.26 16.99
CA CYS A 947 -28.33 20.19 15.94
C CYS A 947 -27.50 20.01 14.68
N ARG A 948 -26.28 19.48 14.80
CA ARG A 948 -25.43 19.27 13.64
C ARG A 948 -25.91 18.04 12.85
N VAL A 949 -27.16 18.13 12.43
CA VAL A 949 -27.89 17.01 11.82
C VAL A 949 -28.53 17.52 10.53
N GLY A 950 -28.40 16.74 9.46
CA GLY A 950 -28.91 17.15 8.17
C GLY A 950 -30.21 16.51 7.72
N GLN A 951 -30.72 15.56 8.49
CA GLN A 951 -32.05 15.00 8.23
C GLN A 951 -33.14 16.03 8.54
N SER A 952 -33.85 16.45 7.49
CA SER A 952 -34.91 17.45 7.62
C SER A 952 -35.93 17.06 8.69
N GLU A 953 -36.07 15.77 8.97
CA GLU A 953 -37.03 15.28 9.95
C GLU A 953 -36.45 15.38 11.36
N ILE A 954 -35.19 15.01 11.51
CA ILE A 954 -34.52 15.21 12.79
C ILE A 954 -34.37 16.71 13.07
N ARG A 955 -34.05 17.48 12.03
CA ARG A 955 -34.00 18.93 12.17
C ARG A 955 -35.35 19.49 12.59
N SER A 956 -36.43 18.98 11.99
CA SER A 956 -37.77 19.47 12.31
C SER A 956 -38.16 19.14 13.75
N ILE A 957 -37.79 17.95 14.24
CA ILE A 957 -38.10 17.65 15.64
C ILE A 957 -37.20 18.42 16.58
N SER A 958 -36.00 18.80 16.15
CA SER A 958 -35.15 19.64 16.98
C SER A 958 -35.79 21.01 17.13
N VAL A 959 -36.26 21.56 16.01
CA VAL A 959 -36.87 22.88 16.05
C VAL A 959 -38.13 22.82 16.89
N ASN A 960 -38.92 21.76 16.74
CA ASN A 960 -40.17 21.67 17.48
C ASN A 960 -39.88 21.67 18.97
N GLN A 961 -38.89 20.88 19.39
CA GLN A 961 -38.57 20.79 20.81
C GLN A 961 -38.06 22.13 21.34
N TRP A 962 -37.22 22.81 20.57
CA TRP A 962 -36.69 24.09 21.01
C TRP A 962 -37.75 25.18 21.05
N GLY A 963 -38.81 25.07 20.25
CA GLY A 963 -39.77 26.15 20.20
C GLY A 963 -40.90 25.98 21.19
N SER A 964 -40.81 25.00 22.07
CA SER A 964 -41.85 24.67 23.03
C SER A 964 -41.83 25.68 24.18
N GLN A 965 -42.83 25.57 25.06
CA GLN A 965 -42.81 26.34 26.30
C GLN A 965 -41.56 26.06 27.11
N LEU A 966 -41.15 24.78 27.18
CA LEU A 966 -39.91 24.45 27.87
C LEU A 966 -38.71 24.87 27.06
N GLY A 967 -38.78 24.69 25.75
CA GLY A 967 -37.68 25.10 24.90
C GLY A 967 -37.38 26.59 25.04
N LEU A 968 -38.42 27.42 24.99
CA LEU A 968 -38.25 28.85 25.14
C LEU A 968 -37.97 29.30 26.57
N SER A 969 -38.40 28.55 27.59
CA SER A 969 -37.94 28.86 28.94
C SER A 969 -36.44 28.63 29.06
N VAL A 970 -35.95 27.53 28.49
CA VAL A 970 -34.52 27.26 28.49
C VAL A 970 -33.79 28.33 27.69
N LEU A 971 -34.33 28.69 26.54
CA LEU A 971 -33.63 29.60 25.66
C LEU A 971 -33.58 31.02 26.25
N SER A 972 -34.62 31.43 26.97
CA SER A 972 -34.55 32.68 27.73
C SER A 972 -33.48 32.62 28.82
N LYS A 973 -33.42 31.49 29.55
CA LYS A 973 -32.44 31.42 30.62
C LYS A 973 -31.03 31.33 30.07
N LEU A 974 -30.84 30.66 28.93
CA LEU A 974 -29.57 30.65 28.24
C LEU A 974 -29.17 32.03 27.72
N SER A 975 -30.15 32.85 27.31
CA SER A 975 -29.80 34.20 26.87
C SER A 975 -29.33 35.07 28.02
N GLN A 976 -30.03 34.98 29.16
CA GLN A 976 -29.57 35.71 30.33
C GLN A 976 -28.25 35.17 30.85
N LEU A 977 -28.04 33.85 30.74
CA LEU A 977 -26.74 33.27 31.06
C LEU A 977 -25.65 33.79 30.15
N TYR A 978 -25.93 33.90 28.86
CA TYR A 978 -24.94 34.42 27.92
C TYR A 978 -24.47 35.81 28.33
N CYS A 979 -25.43 36.71 28.57
CA CYS A 979 -25.02 38.06 28.99
C CYS A 979 -24.31 38.06 30.34
N SER A 980 -24.70 37.17 31.24
CA SER A 980 -23.99 37.07 32.52
C SER A 980 -22.58 36.56 32.33
N LEU A 981 -22.37 35.66 31.38
CA LEU A 981 -21.05 35.09 31.19
C LEU A 981 -20.13 36.04 30.46
N VAL A 982 -20.66 36.85 29.55
CA VAL A 982 -19.84 37.90 28.95
C VAL A 982 -19.42 38.91 30.02
N TRP A 983 -20.34 39.26 30.92
CA TRP A 983 -19.96 40.16 32.01
C TRP A 983 -18.88 39.54 32.89
N GLU A 984 -19.13 38.31 33.36
CA GLU A 984 -18.19 37.69 34.29
C GLU A 984 -16.84 37.44 33.64
N SER A 985 -16.82 37.05 32.37
CA SER A 985 -15.55 36.81 31.71
C SER A 985 -14.77 38.10 31.55
N THR A 986 -15.46 39.21 31.25
CA THR A 986 -14.71 40.45 31.06
C THR A 986 -14.27 41.05 32.38
N VAL A 987 -14.94 40.66 33.47
CA VAL A 987 -14.54 41.11 34.80
C VAL A 987 -13.35 40.29 35.29
N LEU A 988 -13.43 38.98 35.13
CA LEU A 988 -12.34 38.14 35.57
C LEU A 988 -11.08 38.41 34.75
N LEU A 989 -11.25 38.61 33.45
CA LEU A 989 -10.11 38.95 32.61
C LEU A 989 -9.49 40.27 33.05
N SER A 990 -10.31 41.28 33.35
CA SER A 990 -9.76 42.55 33.80
C SER A 990 -9.08 42.43 35.17
N LEU A 991 -9.63 41.60 36.07
CA LEU A 991 -8.97 41.38 37.36
C LEU A 991 -7.66 40.62 37.22
N CYS A 992 -7.60 39.66 36.29
CA CYS A 992 -6.37 38.95 36.02
C CYS A 992 -5.35 39.82 35.31
N THR A 993 -5.80 40.88 34.65
CA THR A 993 -4.87 41.82 34.05
C THR A 993 -4.10 42.52 35.16
N PRO A 994 -2.80 42.77 34.97
CA PRO A 994 -1.98 43.28 36.09
C PRO A 994 -2.15 44.77 36.42
N ASN A 995 -3.26 45.07 37.09
CA ASN A 995 -3.56 46.42 37.60
C ASN A 995 -3.36 47.48 36.53
N SER A 996 -3.76 47.18 35.30
CA SER A 996 -3.69 48.13 34.19
C SER A 996 -5.07 48.59 33.75
N LEU A 997 -6.00 47.66 33.51
CA LEU A 997 -7.31 48.08 33.00
C LEU A 997 -8.11 48.86 34.04
N PRO A 998 -8.19 48.44 35.30
CA PRO A 998 -8.97 49.22 36.27
C PRO A 998 -8.32 50.55 36.57
N SER A 999 -9.13 51.47 37.09
CA SER A 999 -8.69 52.83 37.38
C SER A 999 -8.25 52.99 38.83
N GLY A 1000 -7.37 52.10 39.29
CA GLY A 1000 -6.90 52.19 40.67
C GLY A 1000 -8.02 52.14 41.69
N CYS A 1001 -8.96 51.22 41.50
CA CYS A 1001 -10.15 51.14 42.35
C CYS A 1001 -10.29 49.73 42.91
N GLU A 1002 -10.96 49.64 44.06
CA GLU A 1002 -11.22 48.37 44.72
C GLU A 1002 -12.51 47.75 44.19
N PHE A 1003 -12.54 47.54 42.87
CA PHE A 1003 -13.75 47.04 42.22
C PHE A 1003 -13.97 45.57 42.54
N GLY A 1004 -12.90 44.78 42.45
CA GLY A 1004 -12.96 43.38 42.79
C GLY A 1004 -11.82 43.00 43.71
N GLN A 1005 -11.08 44.01 44.17
CA GLN A 1005 -9.95 43.77 45.06
C GLN A 1005 -10.39 43.21 46.40
N ALA A 1006 -11.53 43.66 46.91
CA ALA A 1006 -11.98 43.21 48.23
C ALA A 1006 -12.10 41.69 48.30
N ASP A 1007 -12.50 41.05 47.21
CA ASP A 1007 -12.58 39.59 47.17
C ASP A 1007 -11.26 38.93 46.83
N MET A 1008 -10.39 39.59 46.07
CA MET A 1008 -9.04 39.07 45.86
C MET A 1008 -8.22 39.09 47.13
N GLN A 1009 -8.52 40.00 48.07
CA GLN A 1009 -7.81 39.97 49.34
C GLN A 1009 -8.22 38.76 50.17
N LYS A 1010 -9.46 38.27 49.98
CA LYS A 1010 -9.82 37.00 50.59
C LYS A 1010 -9.19 35.84 49.84
N LEU A 1011 -9.15 35.92 48.51
CA LEU A 1011 -8.65 34.82 47.70
C LEU A 1011 -7.18 34.54 48.03
N VAL A 1012 -6.37 35.58 48.04
CA VAL A 1012 -4.94 35.44 48.31
C VAL A 1012 -4.72 34.85 49.69
N ALA A 1078 2.54 36.79 44.39
CA ALA A 1078 1.64 37.74 45.03
C ALA A 1078 0.48 38.09 44.11
N MET A 1079 0.81 38.34 42.83
CA MET A 1079 -0.17 38.49 41.77
C MET A 1079 -0.39 37.21 40.99
N ALA A 1080 0.66 36.40 40.82
CA ALA A 1080 0.58 35.19 40.04
C ALA A 1080 -0.41 34.19 40.62
N ALA A 1081 -0.45 34.03 41.94
CA ALA A 1081 -1.38 33.08 42.54
C ALA A 1081 -2.83 33.47 42.31
N ARG A 1082 -3.16 34.75 42.46
CA ARG A 1082 -4.53 35.17 42.22
C ARG A 1082 -4.90 34.93 40.77
N ILE A 1083 -3.99 35.27 39.86
CA ILE A 1083 -4.25 35.11 38.43
C ILE A 1083 -4.35 33.63 38.07
N LYS A 1084 -3.67 32.77 38.82
CA LYS A 1084 -3.66 31.34 38.59
C LYS A 1084 -4.82 30.62 39.25
N GLN A 1085 -5.57 31.31 40.09
CA GLN A 1085 -6.83 30.77 40.59
C GLN A 1085 -7.99 31.29 39.74
N ILE A 1086 -7.91 32.55 39.34
CA ILE A 1086 -8.89 33.20 38.48
C ILE A 1086 -8.93 32.54 37.09
N LYS A 1087 -7.77 32.14 36.58
CA LYS A 1087 -7.67 31.54 35.24
C LYS A 1087 -8.51 30.27 35.03
N PRO A 1088 -8.44 29.23 35.84
CA PRO A 1088 -9.42 28.14 35.70
C PRO A 1088 -10.87 28.63 35.61
N LEU A 1089 -11.26 29.54 36.49
CA LEU A 1089 -12.61 30.08 36.49
C LEU A 1089 -12.95 30.70 35.13
N LEU A 1090 -12.02 31.48 34.58
CA LEU A 1090 -12.25 32.18 33.33
C LEU A 1090 -12.22 31.23 32.15
N SER A 1091 -11.48 30.13 32.24
CA SER A 1091 -11.53 29.13 31.19
C SER A 1091 -12.84 28.38 31.21
N ALA A 1092 -13.46 28.26 32.39
CA ALA A 1092 -14.79 27.67 32.45
C ALA A 1092 -15.83 28.59 31.82
N SER A 1093 -15.71 29.89 32.10
CA SER A 1093 -16.70 30.84 31.60
C SER A 1093 -16.55 31.03 30.09
N SER A 1094 -15.32 31.19 29.62
CA SER A 1094 -15.08 31.46 28.21
C SER A 1094 -15.58 30.30 27.37
N ARG A 1095 -15.26 29.07 27.80
CA ARG A 1095 -15.59 27.91 26.99
C ARG A 1095 -17.08 27.64 27.04
N LEU A 1096 -17.72 27.91 28.18
CA LEU A 1096 -19.17 27.77 28.22
C LEU A 1096 -19.79 28.74 27.23
N GLY A 1097 -19.29 29.97 27.21
CA GLY A 1097 -19.83 30.98 26.32
C GLY A 1097 -19.64 30.60 24.87
N ARG A 1098 -18.46 30.09 24.53
CA ARG A 1098 -18.20 29.67 23.16
C ARG A 1098 -19.18 28.59 22.73
N ALA A 1099 -19.40 27.60 23.60
CA ALA A 1099 -20.33 26.53 23.27
C ALA A 1099 -21.74 27.07 23.11
N LEU A 1100 -22.14 27.99 23.98
CA LEU A 1100 -23.48 28.55 23.93
C LEU A 1100 -23.69 29.41 22.69
N ALA A 1101 -22.65 30.10 22.23
CA ALA A 1101 -22.73 30.85 20.98
C ALA A 1101 -22.80 29.90 19.79
N GLU A 1102 -22.17 28.74 19.91
CA GLU A 1102 -22.25 27.75 18.85
C GLU A 1102 -23.66 27.16 18.79
N LEU A 1103 -24.28 27.00 19.95
CA LEU A 1103 -25.65 26.50 19.97
C LEU A 1103 -26.59 27.51 19.37
N PHE A 1104 -26.47 28.78 19.76
CA PHE A 1104 -27.40 29.77 19.24
C PHE A 1104 -27.24 29.89 17.73
N GLY A 1105 -25.98 29.89 17.26
CA GLY A 1105 -25.72 30.01 15.84
C GLY A 1105 -26.29 28.86 15.03
N LEU A 1106 -26.14 27.63 15.53
CA LEU A 1106 -26.68 26.48 14.84
C LEU A 1106 -28.20 26.44 14.93
N LEU A 1107 -28.77 27.04 15.99
CA LEU A 1107 -30.21 27.11 16.10
C LEU A 1107 -30.82 28.10 15.12
N VAL A 1108 -30.12 29.19 14.85
CA VAL A 1108 -30.50 30.06 13.74
C VAL A 1108 -30.53 29.27 12.43
N LYS A 1109 -29.49 28.49 12.16
CA LYS A 1109 -29.49 27.68 10.95
C LYS A 1109 -30.67 26.73 10.89
N LEU A 1110 -31.00 26.09 12.01
CA LEU A 1110 -32.13 25.15 11.99
C LEU A 1110 -33.44 25.90 11.79
N CYS A 1111 -33.59 27.05 12.45
CA CYS A 1111 -34.78 27.86 12.31
C CYS A 1111 -34.99 28.32 10.87
N VAL A 1112 -33.92 28.66 10.18
CA VAL A 1112 -34.05 29.19 8.82
C VAL A 1112 -34.01 28.08 7.79
N GLY A 1113 -33.01 27.19 7.86
CA GLY A 1113 -32.84 26.14 6.88
C GLY A 1113 -31.40 26.00 6.43
N PRO A 1133 -42.88 28.30 12.24
CA PRO A 1133 -44.08 28.34 13.09
C PRO A 1133 -43.75 28.22 14.57
N ALA A 1134 -43.00 27.17 14.92
CA ALA A 1134 -42.19 27.17 16.13
C ALA A 1134 -40.81 27.73 15.90
N ALA A 1135 -40.30 27.66 14.67
CA ALA A 1135 -39.09 28.37 14.31
C ALA A 1135 -39.21 29.87 14.56
N ARG A 1136 -40.41 30.42 14.37
CA ARG A 1136 -40.59 31.86 14.48
C ARG A 1136 -40.48 32.33 15.92
N SER A 1137 -40.89 31.52 16.89
CA SER A 1137 -40.67 31.86 18.29
C SER A 1137 -39.21 31.65 18.70
N THR A 1138 -38.55 30.65 18.14
CA THR A 1138 -37.11 30.49 18.40
C THR A 1138 -36.33 31.70 17.91
N ALA A 1139 -36.60 32.13 16.68
CA ALA A 1139 -35.97 33.34 16.16
C ALA A 1139 -36.33 34.57 16.97
N SER A 1140 -37.58 34.65 17.43
CA SER A 1140 -37.96 35.76 18.31
C SER A 1140 -37.09 35.79 19.55
N ALA A 1141 -36.94 34.66 20.24
CA ALA A 1141 -36.13 34.62 21.46
C ALA A 1141 -34.66 34.88 21.17
N LEU A 1142 -34.17 34.49 20.00
CA LEU A 1142 -32.76 34.75 19.69
C LEU A 1142 -32.51 36.21 19.34
N THR A 1143 -33.48 36.86 18.70
CA THR A 1143 -33.35 38.29 18.44
C THR A 1143 -33.60 39.11 19.69
N LYS A 1144 -34.38 38.57 20.63
CA LYS A 1144 -34.46 39.19 21.96
C LYS A 1144 -33.15 39.08 22.70
N LEU A 1145 -32.40 37.99 22.50
CA LEU A 1145 -31.03 37.93 22.98
C LEU A 1145 -30.14 38.98 22.32
N LEU A 1146 -30.26 39.14 21.01
CA LEU A 1146 -29.45 40.15 20.33
C LEU A 1146 -29.76 41.56 20.84
N THR A 1147 -31.05 41.87 21.00
CA THR A 1147 -31.45 43.15 21.58
C THR A 1147 -30.92 43.31 23.00
N LYS A 1148 -31.04 42.27 23.83
CA LYS A 1148 -30.55 42.35 25.20
C LYS A 1148 -29.06 42.63 25.23
N GLY A 1149 -28.29 41.94 24.37
CA GLY A 1149 -26.87 42.17 24.33
C GLY A 1149 -26.49 43.56 23.85
N LEU A 1150 -27.21 44.07 22.86
CA LEU A 1150 -26.90 45.40 22.35
C LEU A 1150 -27.38 46.52 23.28
N SER A 1151 -28.43 46.29 24.05
CA SER A 1151 -28.95 47.29 24.98
C SER A 1151 -28.56 47.02 26.42
N TRP A 1152 -27.79 45.97 26.67
CA TRP A 1152 -27.29 45.69 28.02
C TRP A 1152 -26.48 46.86 28.55
N GLN A 1153 -26.77 47.27 29.78
CA GLN A 1153 -26.00 48.31 30.43
C GLN A 1153 -25.51 47.81 31.79
N PRO A 1154 -24.26 48.07 32.14
CA PRO A 1154 -23.68 47.44 33.33
C PRO A 1154 -24.17 48.12 34.59
N PRO A 1155 -23.81 47.57 35.76
CA PRO A 1155 -24.13 48.26 37.00
C PRO A 1155 -23.41 49.59 37.06
N PRO A 1156 -23.99 50.59 37.73
CA PRO A 1156 -23.38 51.93 37.70
C PRO A 1156 -21.98 51.98 38.28
N TYR A 1157 -21.61 51.03 39.13
CA TYR A 1157 -20.28 51.05 39.74
C TYR A 1157 -19.15 50.70 38.80
N THR A 1158 -19.44 50.26 37.57
CA THR A 1158 -18.42 49.83 36.63
C THR A 1158 -17.25 50.82 36.64
N PRO A 1159 -16.02 50.38 36.94
CA PRO A 1159 -14.93 51.35 37.06
C PRO A 1159 -14.60 52.07 35.77
N THR A 1160 -14.58 51.35 34.64
CA THR A 1160 -14.15 51.93 33.39
C THR A 1160 -15.19 51.63 32.33
N PRO A 1161 -15.33 52.48 31.31
CA PRO A 1161 -16.24 52.16 30.20
C PRO A 1161 -15.85 50.92 29.40
N ARG A 1162 -14.58 50.51 29.42
CA ARG A 1162 -14.14 49.38 28.62
C ARG A 1162 -14.80 48.06 28.98
N PHE A 1163 -15.50 47.99 30.10
CA PHE A 1163 -16.26 46.77 30.36
C PHE A 1163 -17.53 46.70 29.52
N ARG A 1164 -18.15 47.84 29.23
CA ARG A 1164 -19.26 47.84 28.30
C ARG A 1164 -18.81 47.70 26.85
N LEU A 1165 -17.69 48.32 26.49
CA LEU A 1165 -17.24 48.24 25.11
C LEU A 1165 -16.77 46.85 24.75
N THR A 1166 -16.21 46.12 25.70
CA THR A 1166 -15.79 44.77 25.42
C THR A 1166 -17.01 43.89 25.41
N PHE A 1167 -18.03 44.27 26.16
CA PHE A 1167 -19.28 43.54 26.06
C PHE A 1167 -19.89 43.81 24.70
N PHE A 1168 -19.89 45.08 24.29
CA PHE A 1168 -20.48 45.44 23.02
C PHE A 1168 -19.77 44.76 21.87
N ILE A 1169 -18.44 44.68 21.94
CA ILE A 1169 -17.72 44.01 20.87
C ILE A 1169 -18.19 42.57 20.76
N CYS A 1170 -18.29 41.86 21.89
CA CYS A 1170 -18.74 40.49 21.81
C CYS A 1170 -20.17 40.44 21.31
N SER A 1171 -21.02 41.36 21.81
CA SER A 1171 -22.39 41.36 21.33
C SER A 1171 -22.42 41.64 19.84
N VAL A 1172 -21.60 42.58 19.39
CA VAL A 1172 -21.60 42.90 17.97
C VAL A 1172 -20.97 41.76 17.20
N GLY A 1173 -20.03 41.07 17.83
CA GLY A 1173 -19.45 39.88 17.23
C GLY A 1173 -20.42 38.74 17.14
N PHE A 1174 -21.36 38.66 18.09
CA PHE A 1174 -22.32 37.57 18.14
C PHE A 1174 -23.54 37.76 17.23
N THR A 1175 -24.00 38.99 17.03
CA THR A 1175 -25.13 39.24 16.12
C THR A 1175 -24.77 39.05 14.65
N SER A 1176 -23.55 39.42 14.26
CA SER A 1176 -23.11 39.19 12.88
C SER A 1176 -23.18 37.76 12.38
N PRO A 1177 -22.65 36.74 13.05
CA PRO A 1177 -22.95 35.37 12.60
C PRO A 1177 -24.41 34.98 12.67
N MET A 1178 -25.20 35.58 13.56
CA MET A 1178 -26.57 35.11 13.71
C MET A 1178 -27.54 35.81 12.77
N LEU A 1179 -27.19 37.00 12.27
CA LEU A 1179 -27.99 37.64 11.25
C LEU A 1179 -27.56 37.27 9.85
N PHE A 1180 -26.30 36.92 9.64
CA PHE A 1180 -25.76 36.68 8.31
C PHE A 1180 -25.07 35.34 8.24
N ASP A 1181 -25.27 34.63 7.14
CA ASP A 1181 -24.58 33.38 6.89
C ASP A 1181 -23.12 33.63 6.52
N GLU A 1182 -22.35 32.54 6.50
CA GLU A 1182 -21.15 32.48 5.69
C GLU A 1182 -21.48 32.75 4.23
N ARG A 1183 -20.65 33.58 3.59
CA ARG A 1183 -20.89 34.24 2.31
C ARG A 1183 -21.75 35.49 2.47
N LYS A 1184 -22.06 35.90 3.68
CA LYS A 1184 -22.56 37.22 4.00
C LYS A 1184 -23.99 37.45 3.52
N TYR A 1185 -24.71 36.40 3.15
CA TYR A 1185 -26.12 36.58 2.86
C TYR A 1185 -26.91 36.56 4.17
N PRO A 1186 -27.83 37.51 4.38
CA PRO A 1186 -28.64 37.48 5.59
C PRO A 1186 -29.68 36.38 5.61
N TYR A 1187 -30.23 36.18 6.79
CA TYR A 1187 -31.47 35.45 7.01
C TYR A 1187 -32.59 36.45 7.22
N HIS A 1188 -33.58 36.44 6.32
CA HIS A 1188 -34.61 37.49 6.36
C HIS A 1188 -35.55 37.32 7.54
N LEU A 1189 -35.71 36.09 8.05
CA LEU A 1189 -36.46 35.93 9.28
C LEU A 1189 -35.79 36.65 10.43
N MET A 1190 -34.46 36.56 10.48
CA MET A 1190 -33.72 37.16 11.58
C MET A 1190 -33.62 38.66 11.43
N LEU A 1191 -33.43 39.17 10.21
CA LEU A 1191 -33.49 40.61 10.00
C LEU A 1191 -34.87 41.16 10.31
N GLN A 1192 -35.91 40.43 9.93
CA GLN A 1192 -37.27 40.83 10.29
C GLN A 1192 -37.42 40.99 11.79
N LYS A 1193 -36.99 39.99 12.56
CA LYS A 1193 -37.21 40.04 14.00
C LYS A 1193 -36.23 40.97 14.70
N PHE A 1194 -35.03 41.15 14.14
CA PHE A 1194 -34.07 42.11 14.62
C PHE A 1194 -34.54 43.55 14.40
N LEU A 1195 -35.34 43.77 13.36
CA LEU A 1195 -35.89 45.10 13.13
C LEU A 1195 -37.12 45.34 13.99
N CYS A 1196 -38.10 44.43 13.90
CA CYS A 1196 -39.37 44.65 14.60
C CYS A 1196 -39.17 44.64 16.11
N SER A 1197 -38.44 43.65 16.61
CA SER A 1197 -38.25 43.52 18.06
C SER A 1197 -37.39 44.66 18.60
N GLY A 1198 -36.42 45.10 17.83
CA GLY A 1198 -35.38 45.99 18.31
C GLY A 1198 -34.00 45.38 18.11
N GLY A 1199 -33.00 46.20 18.35
CA GLY A 1199 -31.63 45.84 18.08
C GLY A 1199 -31.02 46.60 16.93
N HIS A 1200 -31.84 47.16 16.05
CA HIS A 1200 -31.32 48.10 15.07
C HIS A 1200 -31.21 49.48 15.69
N ASN A 1201 -32.24 49.91 16.40
CA ASN A 1201 -32.16 51.17 17.10
C ASN A 1201 -31.17 51.09 18.24
N ALA A 1202 -30.99 49.89 18.79
CA ALA A 1202 -30.01 49.70 19.85
C ALA A 1202 -28.60 49.56 19.28
N LEU A 1203 -28.47 48.93 18.11
CA LEU A 1203 -27.17 48.89 17.44
C LEU A 1203 -26.65 50.29 17.19
N PHE A 1204 -27.50 51.15 16.64
CA PHE A 1204 -27.03 52.51 16.37
C PHE A 1204 -26.97 53.36 17.63
N GLU A 1205 -27.76 53.04 18.66
CA GLU A 1205 -27.56 53.73 19.93
C GLU A 1205 -26.25 53.33 20.57
N THR A 1206 -25.80 52.08 20.40
CA THR A 1206 -24.49 51.71 20.91
C THR A 1206 -23.38 52.44 20.17
N PHE A 1207 -23.58 52.71 18.89
CA PHE A 1207 -22.60 53.55 18.19
C PHE A 1207 -22.58 54.96 18.75
N ASN A 1208 -23.75 55.56 18.92
CA ASN A 1208 -23.83 56.90 19.48
C ASN A 1208 -23.24 56.95 20.89
N TRP A 1209 -23.56 55.97 21.73
CA TRP A 1209 -22.97 55.90 23.06
C TRP A 1209 -21.45 55.77 23.00
N ALA A 1210 -20.94 54.94 22.11
CA ALA A 1210 -19.50 54.72 22.06
C ALA A 1210 -18.76 55.98 21.62
N LEU A 1211 -19.35 56.77 20.74
CA LEU A 1211 -18.66 57.98 20.32
C LEU A 1211 -18.85 59.10 21.34
N SER A 1212 -20.08 59.30 21.81
CA SER A 1212 -20.40 60.34 22.76
C SER A 1212 -19.93 60.04 24.18
N MET A 1213 -19.59 58.78 24.49
CA MET A 1213 -19.15 58.39 25.82
C MET A 1213 -20.25 58.61 26.85
N GLY A 1214 -21.48 58.25 26.48
CA GLY A 1214 -22.60 58.42 27.39
C GLY A 1214 -23.21 59.79 27.39
N GLY A 1215 -22.99 60.57 26.34
CA GLY A 1215 -23.50 61.93 26.25
C GLY A 1215 -22.55 62.98 26.76
N LYS A 1216 -21.34 62.59 27.17
CA LYS A 1216 -20.38 63.57 27.67
C LYS A 1216 -19.92 64.50 26.55
N VAL A 1217 -19.75 63.96 25.36
CA VAL A 1217 -19.31 64.71 24.19
C VAL A 1217 -20.26 64.38 23.05
N PRO A 1218 -20.58 65.30 22.15
CA PRO A 1218 -21.41 64.94 21.00
C PRO A 1218 -20.71 63.94 20.10
N VAL A 1219 -21.51 63.26 19.28
CA VAL A 1219 -20.96 62.23 18.41
C VAL A 1219 -20.05 62.83 17.35
N SER A 1220 -20.36 64.03 16.87
CA SER A 1220 -19.54 64.65 15.83
C SER A 1220 -18.17 65.05 16.35
N GLU A 1221 -18.02 65.30 17.66
CA GLU A 1221 -16.73 65.56 18.27
C GLU A 1221 -16.10 64.33 18.91
N GLY A 1222 -16.87 63.26 19.12
CA GLY A 1222 -16.37 62.14 19.90
C GLY A 1222 -15.13 61.50 19.30
N LEU A 1223 -15.20 61.12 18.02
CA LEU A 1223 -14.12 60.35 17.41
C LEU A 1223 -12.77 61.04 17.60
N GLU A 1224 -12.75 62.36 17.46
CA GLU A 1224 -11.53 63.13 17.51
C GLU A 1224 -11.13 63.55 18.91
N HIS A 1225 -11.99 63.33 19.90
CA HIS A 1225 -11.68 63.68 21.27
C HIS A 1225 -10.47 62.91 21.78
N SER A 1226 -9.62 63.60 22.54
CA SER A 1226 -8.40 62.98 23.04
C SER A 1226 -8.70 61.87 24.05
N ASP A 1227 -9.75 62.05 24.85
CA ASP A 1227 -10.07 61.13 25.93
C ASP A 1227 -11.03 60.02 25.51
N LEU A 1228 -11.05 59.66 24.23
CA LEU A 1228 -11.88 58.56 23.78
C LEU A 1228 -11.39 57.25 24.40
N PRO A 1229 -12.30 56.40 24.86
CA PRO A 1229 -11.87 55.18 25.56
C PRO A 1229 -10.97 54.30 24.69
N ASP A 1230 -10.16 53.49 25.38
CA ASP A 1230 -9.13 52.70 24.72
C ASP A 1230 -9.69 51.71 23.72
N GLY A 1231 -10.85 51.13 24.02
CA GLY A 1231 -11.40 50.08 23.17
C GLY A 1231 -12.49 50.49 22.21
N THR A 1232 -12.56 51.78 21.89
CA THR A 1232 -13.60 52.28 21.01
C THR A 1232 -13.27 52.09 19.53
N GLY A 1233 -12.03 51.72 19.22
CA GLY A 1233 -11.69 51.43 17.84
C GLY A 1233 -11.99 49.99 17.51
N GLU A 1234 -11.86 49.11 18.50
CA GLU A 1234 -12.16 47.70 18.23
C GLU A 1234 -13.67 47.53 18.10
N PHE A 1235 -14.41 48.24 18.95
CA PHE A 1235 -15.85 48.26 18.82
C PHE A 1235 -16.27 48.85 17.48
N LEU A 1236 -15.69 50.00 17.10
CA LEU A 1236 -16.13 50.59 15.85
C LEU A 1236 -15.74 49.75 14.64
N ASP A 1237 -14.60 49.07 14.69
CA ASP A 1237 -14.27 48.10 13.64
C ASP A 1237 -15.31 47.00 13.53
N ALA A 1238 -15.77 46.46 14.66
CA ALA A 1238 -16.75 45.38 14.59
C ALA A 1238 -18.11 45.90 14.16
N TRP A 1239 -18.49 47.07 14.63
CA TRP A 1239 -19.75 47.67 14.26
C TRP A 1239 -19.80 47.99 12.77
N LEU A 1240 -18.74 48.62 12.25
CA LEU A 1240 -18.68 48.90 10.82
C LEU A 1240 -18.65 47.63 9.99
N MET A 1241 -17.95 46.59 10.45
CA MET A 1241 -17.95 45.34 9.71
C MET A 1241 -19.33 44.69 9.68
N LEU A 1242 -20.10 44.84 10.75
CA LEU A 1242 -21.48 44.36 10.75
C LEU A 1242 -22.36 45.18 9.82
N VAL A 1243 -22.28 46.51 9.91
CA VAL A 1243 -23.12 47.37 9.11
C VAL A 1243 -22.79 47.24 7.63
N GLU A 1244 -21.54 46.96 7.28
CA GLU A 1244 -21.20 46.69 5.89
C GLU A 1244 -21.97 45.50 5.34
N LYS A 1245 -22.19 44.48 6.17
CA LYS A 1245 -23.02 43.36 5.75
C LYS A 1245 -24.49 43.75 5.71
N MET A 1246 -24.90 44.59 6.66
CA MET A 1246 -26.31 44.95 6.78
C MET A 1246 -26.77 45.83 5.64
N VAL A 1247 -25.86 46.62 5.07
CA VAL A 1247 -26.23 47.62 4.08
C VAL A 1247 -26.17 47.13 2.64
N ASN A 1248 -25.43 46.07 2.36
CA ASN A 1248 -25.14 45.68 0.99
C ASN A 1248 -26.41 45.20 0.29
N PRO A 1249 -26.88 45.87 -0.76
CA PRO A 1249 -28.08 45.39 -1.43
C PRO A 1249 -27.86 44.12 -2.23
N THR A 1250 -26.64 43.88 -2.71
CA THR A 1250 -26.40 42.71 -3.55
C THR A 1250 -26.47 41.41 -2.76
N THR A 1251 -26.45 41.48 -1.43
CA THR A 1251 -26.71 40.33 -0.58
C THR A 1251 -28.01 40.42 0.20
N VAL A 1252 -28.41 41.62 0.63
CA VAL A 1252 -29.60 41.75 1.44
C VAL A 1252 -30.85 41.51 0.60
N LEU A 1253 -30.81 41.88 -0.68
CA LEU A 1253 -31.91 41.61 -1.58
C LEU A 1253 -31.80 40.25 -2.26
N GLU A 1254 -30.59 39.77 -2.51
CA GLU A 1254 -30.34 38.56 -3.27
C GLU A 1254 -30.12 37.34 -2.38
N SER A 1255 -30.41 37.42 -1.09
CA SER A 1255 -30.07 36.33 -0.20
C SER A 1255 -30.87 35.08 -0.52
N PRO A 1256 -30.24 33.92 -0.64
CA PRO A 1256 -31.01 32.68 -0.82
C PRO A 1256 -32.02 32.44 0.29
N HIS A 1257 -31.79 33.00 1.48
CA HIS A 1257 -32.57 32.69 2.67
C HIS A 1257 -33.78 33.59 2.81
N SER A 1258 -34.38 34.00 1.69
CA SER A 1258 -35.55 34.86 1.72
C SER A 1258 -36.76 34.12 2.27
N LEU A 1259 -37.65 34.88 2.91
CA LEU A 1259 -38.95 34.38 3.29
C LEU A 1259 -39.82 34.17 2.06
N PRO A 1260 -40.83 33.31 2.17
CA PRO A 1260 -41.77 33.12 1.06
C PRO A 1260 -42.74 34.28 0.93
N ALA A 1261 -43.50 34.25 -0.16
CA ALA A 1261 -44.46 35.29 -0.47
C ALA A 1261 -45.81 34.93 0.15
N LYS A 1262 -46.32 35.81 1.01
CA LYS A 1262 -47.69 35.74 1.47
C LYS A 1262 -48.19 37.11 1.93
N GLN A 1272 -45.61 41.28 6.77
CA GLN A 1272 -44.69 40.82 5.73
C GLN A 1272 -43.41 41.65 5.75
N PHE A 1273 -42.27 40.97 5.64
CA PHE A 1273 -40.98 41.64 5.62
C PHE A 1273 -40.70 42.21 4.24
N SER A 1274 -40.12 43.41 4.22
CA SER A 1274 -39.50 43.96 3.02
C SER A 1274 -38.04 44.28 3.31
N ALA A 1275 -37.15 43.61 2.59
CA ALA A 1275 -35.73 43.95 2.67
C ALA A 1275 -35.44 45.32 2.10
N LEU A 1276 -36.36 45.87 1.32
CA LEU A 1276 -36.16 47.20 0.74
C LEU A 1276 -36.30 48.28 1.81
N ARG A 1277 -37.36 48.22 2.61
CA ARG A 1277 -37.50 49.18 3.70
C ARG A 1277 -36.45 48.97 4.78
N PHE A 1278 -36.04 47.72 4.99
CA PHE A 1278 -34.90 47.46 5.86
C PHE A 1278 -33.63 48.16 5.37
N LEU A 1279 -33.37 48.11 4.07
CA LEU A 1279 -32.20 48.82 3.54
C LEU A 1279 -32.38 50.32 3.57
N VAL A 1280 -33.60 50.81 3.34
CA VAL A 1280 -33.85 52.24 3.49
C VAL A 1280 -33.46 52.72 4.88
N VAL A 1281 -33.99 52.06 5.91
CA VAL A 1281 -33.75 52.53 7.27
C VAL A 1281 -32.30 52.29 7.67
N THR A 1282 -31.69 51.23 7.15
CA THR A 1282 -30.33 50.91 7.55
C THR A 1282 -29.34 51.88 6.91
N GLN A 1283 -29.48 52.13 5.61
CA GLN A 1283 -28.62 53.08 4.94
C GLN A 1283 -28.80 54.49 5.48
N LYS A 1284 -30.04 54.87 5.80
CA LYS A 1284 -30.27 56.16 6.42
C LYS A 1284 -29.60 56.27 7.78
N ALA A 1285 -29.67 55.22 8.59
CA ALA A 1285 -29.05 55.28 9.91
C ALA A 1285 -27.53 55.22 9.82
N ALA A 1286 -27.00 54.44 8.90
CA ALA A 1286 -25.55 54.31 8.78
C ALA A 1286 -24.92 55.58 8.23
N PHE A 1287 -25.60 56.25 7.30
CA PHE A 1287 -25.00 57.40 6.65
C PHE A 1287 -24.66 58.47 7.68
N THR A 1288 -25.54 58.71 8.65
CA THR A 1288 -25.28 59.75 9.64
C THR A 1288 -24.05 59.41 10.48
N CYS A 1289 -23.92 58.15 10.90
CA CYS A 1289 -22.76 57.75 11.68
C CYS A 1289 -21.47 57.87 10.88
N ILE A 1290 -21.54 57.53 9.59
CA ILE A 1290 -20.35 57.68 8.76
C ILE A 1290 -20.02 59.16 8.60
N LYS A 1291 -21.05 60.00 8.43
CA LYS A 1291 -20.82 61.43 8.47
C LYS A 1291 -20.00 61.76 9.71
N ASN A 1292 -20.42 61.20 10.84
CA ASN A 1292 -19.77 61.48 12.11
C ASN A 1292 -18.38 60.87 12.17
N LEU A 1293 -17.98 60.07 11.17
CA LEU A 1293 -16.62 59.57 11.06
C LEU A 1293 -15.93 59.86 9.73
N TRP A 1294 -16.59 60.56 8.81
CA TRP A 1294 -16.08 60.65 7.45
C TRP A 1294 -14.69 61.25 7.34
N ASN A 1295 -14.43 62.37 7.99
CA ASN A 1295 -13.18 63.09 7.78
C ASN A 1295 -12.27 63.18 8.99
N ARG A 1296 -12.69 62.68 10.15
CA ARG A 1296 -11.86 62.84 11.32
C ARG A 1296 -10.63 61.94 11.21
N LYS A 1297 -9.59 62.31 11.95
CA LYS A 1297 -8.33 61.58 11.86
C LYS A 1297 -8.49 60.18 12.45
N PRO A 1298 -7.75 59.21 11.94
CA PRO A 1298 -7.97 57.82 12.35
C PRO A 1298 -7.33 57.48 13.69
N LEU A 1299 -7.87 56.43 14.29
CA LEU A 1299 -7.47 55.95 15.60
C LEU A 1299 -6.13 55.21 15.51
N LYS A 1300 -5.49 55.07 16.68
CA LYS A 1300 -4.10 54.59 16.70
C LYS A 1300 -4.02 53.19 16.12
N VAL A 1301 -4.94 52.31 16.52
CA VAL A 1301 -5.05 50.96 15.99
C VAL A 1301 -6.52 50.79 15.64
N TYR A 1302 -6.81 49.89 14.70
CA TYR A 1302 -8.17 49.72 14.20
C TYR A 1302 -8.64 51.01 13.54
N GLY A 1303 -7.79 51.61 12.72
CA GLY A 1303 -8.15 52.79 11.98
C GLY A 1303 -8.19 52.58 10.48
N GLY A 1304 -7.50 51.56 10.00
CA GLY A 1304 -7.53 51.25 8.58
C GLY A 1304 -8.61 50.25 8.26
N ARG A 1305 -8.96 49.42 9.24
CA ARG A 1305 -10.11 48.54 9.10
C ARG A 1305 -11.41 49.31 9.25
N MET A 1306 -11.43 50.28 10.17
CA MET A 1306 -12.55 51.20 10.25
C MET A 1306 -12.73 51.94 8.94
N ALA A 1307 -11.65 52.53 8.42
CA ALA A 1307 -11.73 53.29 7.19
C ALA A 1307 -12.19 52.42 6.01
N GLU A 1308 -11.66 51.21 5.91
CA GLU A 1308 -12.03 50.36 4.78
C GLU A 1308 -13.48 49.88 4.85
N SER A 1309 -13.97 49.56 6.04
CA SER A 1309 -15.39 49.20 6.15
C SER A 1309 -16.30 50.40 6.01
N MET A 1310 -15.86 51.59 6.42
CA MET A 1310 -16.64 52.79 6.20
C MET A 1310 -16.75 53.13 4.72
N LEU A 1311 -15.64 52.99 3.99
CA LEU A 1311 -15.67 53.21 2.56
C LEU A 1311 -16.52 52.17 1.86
N ALA A 1312 -16.46 50.92 2.28
CA ALA A 1312 -17.33 49.89 1.72
C ALA A 1312 -18.80 50.19 1.97
N ILE A 1313 -19.13 50.71 3.15
CA ILE A 1313 -20.51 51.12 3.43
C ILE A 1313 -20.94 52.25 2.50
N LEU A 1314 -20.08 53.24 2.32
CA LEU A 1314 -20.42 54.34 1.41
C LEU A 1314 -20.60 53.85 -0.02
N CYS A 1315 -19.72 52.97 -0.48
CA CYS A 1315 -19.89 52.36 -1.80
C CYS A 1315 -21.23 51.67 -1.92
N HIS A 1316 -21.58 50.83 -0.94
CA HIS A 1316 -22.84 50.11 -1.03
C HIS A 1316 -24.04 51.05 -1.02
N ILE A 1317 -23.98 52.13 -0.25
CA ILE A 1317 -25.07 53.09 -0.23
C ILE A 1317 -25.19 53.81 -1.58
N LEU A 1318 -24.06 54.24 -2.13
CA LEU A 1318 -24.07 54.97 -3.39
C LEU A 1318 -24.50 54.10 -4.56
N ARG A 1319 -24.13 52.82 -4.55
CA ARG A 1319 -24.66 51.91 -5.56
C ARG A 1319 -26.13 51.57 -5.31
N GLY A 1320 -26.56 51.55 -4.06
CA GLY A 1320 -27.87 51.06 -3.70
C GLY A 1320 -29.00 52.04 -3.90
N GLU A 1321 -28.79 53.30 -3.57
CA GLU A 1321 -29.86 54.28 -3.74
C GLU A 1321 -30.42 54.34 -5.17
N PRO A 1322 -29.66 54.06 -6.21
CA PRO A 1322 -30.27 53.85 -7.53
C PRO A 1322 -31.19 52.65 -7.52
N VAL A 1323 -30.64 51.47 -7.20
CA VAL A 1323 -31.40 50.24 -7.28
C VAL A 1323 -32.56 50.30 -6.29
N ILE A 1324 -32.28 50.79 -5.09
CA ILE A 1324 -33.30 50.87 -4.05
C ILE A 1324 -34.42 51.78 -4.50
N ARG A 1325 -34.06 52.95 -5.06
CA ARG A 1325 -35.09 53.89 -5.49
C ARG A 1325 -35.92 53.29 -6.61
N GLU A 1326 -35.27 52.61 -7.56
CA GLU A 1326 -36.00 51.97 -8.65
C GLU A 1326 -37.01 50.96 -8.12
N ARG A 1327 -36.58 50.09 -7.21
CA ARG A 1327 -37.49 49.07 -6.70
C ARG A 1327 -38.55 49.68 -5.80
N LEU A 1328 -38.23 50.76 -5.10
CA LEU A 1328 -39.21 51.46 -4.29
C LEU A 1328 -40.30 52.04 -5.19
N SER A 1329 -39.89 52.61 -6.31
CA SER A 1329 -40.86 53.13 -7.28
C SER A 1329 -41.73 52.00 -7.81
N LYS A 1330 -41.11 50.87 -8.15
CA LYS A 1330 -41.88 49.77 -8.72
C LYS A 1330 -42.99 49.33 -7.77
N GLU A 1331 -42.68 49.27 -6.47
CA GLU A 1331 -43.67 48.98 -5.44
C GLU A 1331 -44.94 49.79 -5.65
N GLU A 1453 -49.67 40.54 16.26
CA GLU A 1453 -50.05 41.95 16.23
C GLU A 1453 -48.80 42.83 16.25
N GLU A 1454 -47.86 42.48 17.13
CA GLU A 1454 -46.67 43.31 17.30
C GLU A 1454 -45.86 43.34 16.02
N GLU A 1455 -45.71 42.18 15.37
CA GLU A 1455 -44.90 42.12 14.17
C GLU A 1455 -45.45 43.07 13.11
N ALA A 1456 -46.76 43.00 12.89
CA ALA A 1456 -47.37 43.82 11.86
C ALA A 1456 -47.19 45.29 12.19
N LYS A 1457 -47.44 45.66 13.45
CA LYS A 1457 -47.38 47.08 13.81
C LYS A 1457 -45.98 47.62 13.59
N CYS A 1458 -44.96 46.90 14.07
CA CYS A 1458 -43.61 47.44 13.95
C CYS A 1458 -43.18 47.49 12.49
N LEU A 1459 -43.54 46.45 11.72
CA LEU A 1459 -43.16 46.44 10.31
C LEU A 1459 -43.82 47.60 9.58
N GLU A 1460 -45.09 47.87 9.88
CA GLU A 1460 -45.79 48.99 9.25
C GLU A 1460 -45.17 50.31 9.66
N LYS A 1461 -44.75 50.44 10.93
CA LYS A 1461 -44.08 51.66 11.33
C LYS A 1461 -42.82 51.87 10.50
N PHE A 1462 -42.03 50.82 10.32
CA PHE A 1462 -40.79 50.97 9.57
C PHE A 1462 -41.04 51.06 8.08
N GLN A 1463 -42.24 50.69 7.62
CA GLN A 1463 -42.58 50.85 6.21
C GLN A 1463 -42.72 52.32 5.83
N ASP A 1464 -43.25 53.13 6.74
CA ASP A 1464 -43.31 54.58 6.52
C ASP A 1464 -41.94 55.16 6.89
N ALA A 1465 -40.98 54.84 6.04
CA ALA A 1465 -39.58 55.21 6.24
C ALA A 1465 -39.18 56.19 5.17
N ASP A 1466 -38.64 57.33 5.58
CA ASP A 1466 -38.20 58.29 4.60
C ASP A 1466 -37.01 57.72 3.84
N PRO A 1467 -37.05 57.70 2.50
CA PRO A 1467 -35.89 57.25 1.75
C PRO A 1467 -34.75 58.22 1.99
N LEU A 1468 -33.52 57.70 2.00
CA LEU A 1468 -32.38 58.59 2.12
C LEU A 1468 -32.46 59.65 1.04
N GLU A 1469 -32.31 60.91 1.44
CA GLU A 1469 -32.48 62.01 0.50
C GLU A 1469 -31.51 61.90 -0.66
N GLN A 1470 -32.01 62.18 -1.86
CA GLN A 1470 -31.15 62.12 -3.03
C GLN A 1470 -30.28 63.36 -3.14
N ASP A 1471 -30.64 64.42 -2.43
CA ASP A 1471 -29.91 65.68 -2.45
C ASP A 1471 -28.78 65.69 -1.44
N GLU A 1472 -28.73 64.71 -0.55
CA GLU A 1472 -27.72 64.58 0.48
C GLU A 1472 -26.52 63.77 0.00
N LEU A 1473 -26.79 62.67 -0.69
CA LEU A 1473 -25.72 61.92 -1.35
C LEU A 1473 -25.06 62.73 -2.46
N HIS A 1474 -25.81 63.63 -3.10
CA HIS A 1474 -25.20 64.51 -4.10
C HIS A 1474 -24.16 65.41 -3.46
N THR A 1475 -24.55 66.18 -2.44
CA THR A 1475 -23.60 67.06 -1.78
C THR A 1475 -22.47 66.27 -1.12
N PHE A 1476 -22.75 65.06 -0.65
CA PHE A 1476 -21.69 64.21 -0.14
C PHE A 1476 -20.66 63.90 -1.21
N THR A 1477 -21.12 63.37 -2.35
CA THR A 1477 -20.18 63.06 -3.42
C THR A 1477 -19.47 64.29 -3.92
N ASP A 1478 -20.06 65.47 -3.73
CA ASP A 1478 -19.37 66.71 -4.04
C ASP A 1478 -18.21 66.98 -3.07
N THR A 1479 -18.47 66.90 -1.78
CA THR A 1479 -17.47 67.29 -0.77
C THR A 1479 -16.57 66.16 -0.28
N MET A 1480 -16.77 64.93 -0.76
CA MET A 1480 -16.08 63.77 -0.21
C MET A 1480 -14.58 63.73 -0.52
N LEU A 1481 -14.13 64.37 -1.59
CA LEU A 1481 -12.74 64.22 -2.01
C LEU A 1481 -11.71 64.71 -1.00
N PRO A 1482 -11.89 65.85 -0.32
CA PRO A 1482 -11.01 66.18 0.80
C PRO A 1482 -10.82 65.07 1.82
N GLY A 1483 -11.86 64.30 2.11
CA GLY A 1483 -11.72 63.19 3.02
C GLY A 1483 -11.03 62.00 2.41
N CYS A 1484 -11.33 61.71 1.15
CA CYS A 1484 -10.63 60.64 0.46
C CYS A 1484 -9.13 60.89 0.46
N PHE A 1485 -8.70 62.10 0.12
CA PHE A 1485 -7.27 62.40 0.13
C PHE A 1485 -6.68 62.51 1.54
N HIS A 1486 -7.48 62.88 2.54
CA HIS A 1486 -7.01 62.74 3.91
C HIS A 1486 -6.73 61.28 4.26
N LEU A 1487 -7.62 60.38 3.86
CA LEU A 1487 -7.39 58.95 4.10
C LEU A 1487 -6.18 58.44 3.33
N LEU A 1488 -5.94 58.97 2.14
CA LEU A 1488 -4.76 58.54 1.39
C LEU A 1488 -3.47 59.09 2.00
N ASP A 1489 -3.56 60.24 2.68
CA ASP A 1489 -2.39 60.72 3.40
C ASP A 1489 -2.15 59.94 4.69
N GLU A 1490 -3.22 59.57 5.39
CA GLU A 1490 -3.06 58.87 6.66
C GLU A 1490 -2.89 57.36 6.50
N LEU A 1491 -3.65 56.74 5.60
CA LEU A 1491 -3.79 55.28 5.56
C LEU A 1491 -3.75 54.78 4.13
N PRO A 1492 -2.60 54.89 3.48
CA PRO A 1492 -2.48 54.53 2.07
C PRO A 1492 -3.17 53.25 1.63
N ASP A 1493 -3.19 52.22 2.47
CA ASP A 1493 -3.73 50.93 2.03
C ASP A 1493 -5.22 50.98 1.75
N THR A 1494 -5.91 52.04 2.16
CA THR A 1494 -7.32 52.20 1.85
C THR A 1494 -7.57 52.62 0.42
N VAL A 1495 -6.53 53.04 -0.31
CA VAL A 1495 -6.70 53.64 -1.63
C VAL A 1495 -7.51 52.77 -2.60
N TYR A 1496 -7.44 51.46 -2.45
CA TYR A 1496 -8.17 50.58 -3.37
C TYR A 1496 -9.67 50.71 -3.18
N ARG A 1497 -10.12 51.01 -1.98
CA ARG A 1497 -11.54 51.19 -1.73
C ARG A 1497 -11.98 52.60 -2.07
N VAL A 1498 -11.04 53.55 -2.09
CA VAL A 1498 -11.36 54.92 -2.46
C VAL A 1498 -11.57 55.04 -3.95
N CYS A 1499 -10.73 54.40 -4.73
CA CYS A 1499 -11.04 54.27 -6.14
C CYS A 1499 -12.45 53.77 -6.33
N ASP A 1500 -12.82 52.69 -5.62
CA ASP A 1500 -14.16 52.16 -5.85
C ASP A 1500 -15.21 53.15 -5.40
N LEU A 1501 -14.97 53.87 -4.32
CA LEU A 1501 -15.92 54.91 -3.93
C LEU A 1501 -16.00 55.98 -4.99
N ILE A 1502 -14.85 56.41 -5.50
CA ILE A 1502 -14.87 57.44 -6.52
C ILE A 1502 -15.58 56.91 -7.76
N MET A 1503 -15.32 55.66 -8.10
CA MET A 1503 -15.99 55.10 -9.27
C MET A 1503 -17.49 55.06 -9.09
N THR A 1504 -17.97 54.79 -7.89
CA THR A 1504 -19.41 54.80 -7.73
C THR A 1504 -19.96 56.21 -7.76
N ALA A 1505 -19.23 57.17 -7.21
CA ALA A 1505 -19.68 58.54 -7.36
C ALA A 1505 -19.65 58.95 -8.81
N ILE A 1506 -18.69 58.43 -9.55
CA ILE A 1506 -18.62 58.75 -10.96
C ILE A 1506 -19.81 58.11 -11.67
N LYS A 1507 -20.05 56.83 -11.40
CA LYS A 1507 -21.18 56.19 -12.05
C LYS A 1507 -22.51 56.75 -11.54
N ARG A 1508 -22.52 57.48 -10.42
CA ARG A 1508 -23.71 58.28 -10.13
C ARG A 1508 -23.78 59.55 -10.95
N ASN A 1509 -22.68 60.26 -11.08
CA ASN A 1509 -22.67 61.58 -11.68
C ASN A 1509 -22.19 61.51 -13.13
N GLY A 1510 -22.19 62.67 -13.78
CA GLY A 1510 -21.80 62.76 -15.16
C GLY A 1510 -20.30 62.84 -15.37
N ALA A 1511 -19.93 62.85 -16.66
CA ALA A 1511 -18.55 63.07 -17.05
C ALA A 1511 -18.03 64.42 -16.56
N ASP A 1512 -18.90 65.42 -16.42
CA ASP A 1512 -18.49 66.69 -15.82
C ASP A 1512 -17.95 66.52 -14.41
N TYR A 1513 -18.32 65.45 -13.72
CA TYR A 1513 -17.78 65.13 -12.40
C TYR A 1513 -16.55 64.22 -12.47
N ARG A 1514 -16.57 63.27 -13.41
CA ARG A 1514 -15.37 62.47 -13.68
C ARG A 1514 -14.19 63.36 -14.01
N ASP A 1515 -14.39 64.34 -14.88
CA ASP A 1515 -13.32 65.26 -15.26
C ASP A 1515 -12.82 66.05 -14.07
N MET A 1516 -13.72 66.57 -13.23
CA MET A 1516 -13.30 67.33 -12.06
C MET A 1516 -12.45 66.46 -11.13
N ILE A 1517 -12.88 65.23 -10.89
CA ILE A 1517 -12.10 64.32 -10.05
C ILE A 1517 -10.72 64.09 -10.64
N LEU A 1518 -10.68 63.72 -11.92
CA LEU A 1518 -9.42 63.32 -12.53
C LEU A 1518 -8.47 64.50 -12.62
N LYS A 1519 -8.99 65.68 -12.94
CA LYS A 1519 -8.16 66.87 -12.99
C LYS A 1519 -7.65 67.28 -11.62
N GLN A 1520 -8.40 66.99 -10.56
CA GLN A 1520 -7.91 67.33 -9.23
C GLN A 1520 -6.84 66.37 -8.75
N VAL A 1521 -7.07 65.07 -8.95
CA VAL A 1521 -6.01 64.08 -8.72
C VAL A 1521 -4.75 64.42 -9.51
N VAL A 1522 -4.93 64.79 -10.78
CA VAL A 1522 -3.79 65.12 -11.63
C VAL A 1522 -3.09 66.39 -11.16
N ASN A 1523 -3.82 67.37 -10.64
CA ASN A 1523 -3.16 68.54 -10.09
C ASN A 1523 -2.39 68.23 -8.82
N GLN A 1524 -2.89 67.29 -8.01
CA GLN A 1524 -2.14 66.87 -6.83
C GLN A 1524 -0.85 66.18 -7.24
N VAL A 1525 -0.94 65.24 -8.19
CA VAL A 1525 0.25 64.60 -8.74
C VAL A 1525 1.18 65.63 -9.33
N TRP A 1526 0.64 66.61 -10.04
CA TRP A 1526 1.46 67.61 -10.72
C TRP A 1526 2.31 68.39 -9.73
N GLU A 1527 1.68 68.91 -8.68
CA GLU A 1527 2.46 69.70 -7.72
C GLU A 1527 3.42 68.83 -6.93
N ALA A 1528 3.02 67.62 -6.55
CA ALA A 1528 3.94 66.75 -5.83
C ALA A 1528 5.13 66.33 -6.69
N ALA A 1529 4.91 66.19 -7.99
CA ALA A 1529 6.01 65.83 -8.88
C ALA A 1529 6.90 67.03 -9.13
N ASP A 1530 6.33 68.22 -9.29
CA ASP A 1530 7.19 69.36 -9.60
C ASP A 1530 8.00 69.76 -8.37
N VAL A 1531 7.45 69.56 -7.17
CA VAL A 1531 8.24 69.75 -5.97
C VAL A 1531 9.32 68.69 -5.79
N LEU A 1532 9.08 67.45 -6.19
CA LEU A 1532 10.18 66.48 -6.17
C LEU A 1532 11.20 66.73 -7.27
N ILE A 1533 10.78 67.26 -8.42
CA ILE A 1533 11.71 67.70 -9.44
C ILE A 1533 12.57 68.85 -8.92
N LYS A 1534 11.98 69.72 -8.12
CA LYS A 1534 12.76 70.76 -7.46
C LYS A 1534 13.50 70.23 -6.24
N ALA A 1535 13.19 69.02 -5.78
CA ALA A 1535 13.87 68.42 -4.66
C ALA A 1535 15.17 67.74 -5.05
N ALA A 1536 15.45 67.63 -6.35
CA ALA A 1536 16.58 66.85 -6.84
C ALA A 1536 17.44 67.66 -7.79
N LEU A 1537 17.35 68.98 -7.73
CA LEU A 1537 18.29 69.81 -8.48
C LEU A 1537 19.68 69.54 -7.93
N PRO A 1538 20.69 69.38 -8.78
CA PRO A 1538 22.01 69.00 -8.26
C PRO A 1538 22.49 69.99 -7.21
N LEU A 1539 23.08 69.44 -6.15
CA LEU A 1539 23.49 70.23 -4.98
C LEU A 1539 24.87 70.84 -5.21
N THR A 1540 24.88 71.97 -5.90
CA THR A 1540 26.13 72.66 -6.21
C THR A 1540 26.75 73.29 -4.97
N THR A 1541 25.94 74.02 -4.18
CA THR A 1541 26.51 74.85 -3.12
C THR A 1541 26.82 74.10 -1.83
N SER A 1542 26.38 72.85 -1.68
CA SER A 1542 26.72 72.03 -0.52
C SER A 1542 26.03 72.46 0.78
N ASP A 1543 24.92 73.20 0.72
CA ASP A 1543 24.31 73.68 1.96
C ASP A 1543 23.81 72.50 2.79
N THR A 1544 23.22 71.50 2.13
CA THR A 1544 22.82 70.25 2.74
C THR A 1544 23.97 69.26 2.57
N LYS A 1545 23.88 68.12 3.26
CA LYS A 1545 24.99 67.17 3.24
C LYS A 1545 25.31 66.71 1.82
N THR A 1546 24.29 66.54 0.97
CA THR A 1546 24.44 66.19 -0.44
C THR A 1546 24.73 64.72 -0.60
N VAL A 1547 24.63 63.92 0.46
CA VAL A 1547 24.95 62.50 0.37
C VAL A 1547 23.80 61.73 1.01
N SER A 1548 23.65 61.82 2.33
CA SER A 1548 22.63 61.02 2.99
C SER A 1548 21.27 61.73 2.93
N GLU A 1549 21.31 63.05 3.06
CA GLU A 1549 20.08 63.84 3.11
C GLU A 1549 19.40 63.87 1.76
N TRP A 1550 20.13 64.17 0.69
CA TRP A 1550 19.50 64.28 -0.62
C TRP A 1550 18.96 62.92 -1.09
N ILE A 1551 19.78 61.87 -0.92
CA ILE A 1551 19.40 60.54 -1.38
C ILE A 1551 18.16 60.06 -0.63
N SER A 1552 18.05 60.39 0.66
CA SER A 1552 16.90 59.90 1.41
C SER A 1552 15.77 60.92 1.43
N GLN A 1553 16.05 62.14 0.99
CA GLN A 1553 15.03 63.16 0.87
C GLN A 1553 14.14 62.83 -0.29
N MET A 1554 14.72 62.24 -1.33
CA MET A 1554 13.87 61.90 -2.48
C MET A 1554 12.85 60.86 -2.06
N ALA A 1555 13.21 59.99 -1.11
CA ALA A 1555 12.37 58.88 -0.70
C ALA A 1555 11.45 59.23 0.45
N THR A 1556 11.75 60.29 1.22
CA THR A 1556 11.04 60.54 2.46
C THR A 1556 10.32 61.88 2.52
N LEU A 1557 10.56 62.80 1.58
CA LEU A 1557 9.76 64.03 1.56
C LEU A 1557 8.28 63.68 1.62
N PRO A 1558 7.44 64.54 2.21
CA PRO A 1558 6.00 64.25 2.19
C PRO A 1558 5.44 64.09 0.80
N GLN A 1559 5.90 64.91 -0.15
CA GLN A 1559 5.49 64.78 -1.53
C GLN A 1559 5.73 63.38 -2.07
N ALA A 1560 6.84 62.75 -1.68
CA ALA A 1560 7.16 61.40 -2.12
C ALA A 1560 6.37 60.33 -1.39
N SER A 1561 5.68 60.69 -0.31
CA SER A 1561 4.69 59.81 0.28
C SER A 1561 3.33 60.00 -0.36
N ASN A 1562 3.04 61.23 -0.79
CA ASN A 1562 1.79 61.51 -1.47
C ASN A 1562 1.74 60.82 -2.82
N LEU A 1563 2.78 61.02 -3.65
CA LEU A 1563 2.76 60.45 -4.99
C LEU A 1563 2.47 58.96 -4.99
N ALA A 1564 3.03 58.24 -4.01
CA ALA A 1564 2.86 56.80 -3.96
C ALA A 1564 1.40 56.38 -3.88
N THR A 1565 0.50 57.30 -3.56
CA THR A 1565 -0.91 57.00 -3.51
C THR A 1565 -1.73 57.81 -4.49
N ARG A 1566 -1.32 59.03 -4.80
CA ARG A 1566 -2.00 59.79 -5.84
C ARG A 1566 -1.82 59.16 -7.22
N ILE A 1567 -0.61 58.65 -7.50
CA ILE A 1567 -0.38 57.93 -8.75
C ILE A 1567 -1.13 56.61 -8.75
N LEU A 1568 -1.11 55.89 -7.64
CA LEU A 1568 -1.77 54.59 -7.61
C LEU A 1568 -3.27 54.75 -7.78
N LEU A 1569 -3.86 55.74 -7.14
CA LEU A 1569 -5.26 56.08 -7.38
C LEU A 1569 -5.50 56.42 -8.84
N LEU A 1570 -4.72 57.34 -9.40
CA LEU A 1570 -4.88 57.69 -10.80
C LEU A 1570 -4.79 56.48 -11.70
N THR A 1571 -3.93 55.52 -11.35
CA THR A 1571 -3.77 54.31 -12.16
C THR A 1571 -4.98 53.40 -12.05
N LEU A 1572 -5.53 53.23 -10.85
CA LEU A 1572 -6.74 52.43 -10.72
C LEU A 1572 -7.91 53.09 -11.45
N LEU A 1573 -8.01 54.41 -11.34
CA LEU A 1573 -9.04 55.13 -12.07
C LEU A 1573 -8.86 54.93 -13.56
N PHE A 1574 -7.60 54.96 -14.01
CA PHE A 1574 -7.29 54.75 -15.41
C PHE A 1574 -7.73 53.36 -15.84
N GLU A 1575 -7.42 52.35 -15.02
CA GLU A 1575 -7.78 50.99 -15.38
C GLU A 1575 -9.28 50.86 -15.55
N GLU A 1576 -10.06 51.49 -14.68
CA GLU A 1576 -11.50 51.47 -14.90
C GLU A 1576 -11.88 52.43 -16.03
N LEU A 1577 -11.77 53.73 -15.78
CA LEU A 1577 -12.02 54.76 -16.79
C LEU A 1577 -10.86 54.81 -17.78
N LYS A 1578 -10.90 53.94 -18.79
CA LYS A 1578 -9.72 53.80 -19.64
C LYS A 1578 -9.47 55.05 -20.49
N LEU A 1579 -10.49 55.54 -21.18
CA LEU A 1579 -10.27 56.57 -22.18
C LEU A 1579 -10.42 57.99 -21.67
N PRO A 1580 -11.41 58.29 -20.84
CA PRO A 1580 -11.42 59.61 -20.19
C PRO A 1580 -10.13 59.88 -19.44
N CYS A 1581 -9.64 58.90 -18.69
CA CYS A 1581 -8.44 59.12 -17.91
C CYS A 1581 -7.21 59.14 -18.80
N ALA A 1582 -7.21 58.38 -19.90
CA ALA A 1582 -6.13 58.53 -20.87
C ALA A 1582 -6.08 59.94 -21.44
N TRP A 1583 -7.23 60.46 -21.88
CA TRP A 1583 -7.26 61.79 -22.47
C TRP A 1583 -6.89 62.87 -21.47
N VAL A 1584 -7.23 62.71 -20.20
CA VAL A 1584 -6.83 63.68 -19.19
C VAL A 1584 -5.34 63.59 -18.90
N VAL A 1585 -4.79 62.38 -18.79
CA VAL A 1585 -3.35 62.22 -18.58
C VAL A 1585 -2.57 62.75 -19.76
N GLU A 1586 -3.14 62.67 -20.96
CA GLU A 1586 -2.52 63.28 -22.14
C GLU A 1586 -2.58 64.80 -22.06
N SER A 1587 -3.79 65.36 -21.89
CA SER A 1587 -3.96 66.79 -22.04
C SER A 1587 -3.38 67.59 -20.89
N SER A 1588 -3.24 66.98 -19.71
CA SER A 1588 -2.55 67.62 -18.60
C SER A 1588 -1.05 67.71 -18.82
N GLY A 1589 -0.48 66.89 -19.69
CA GLY A 1589 0.96 66.81 -19.81
C GLY A 1589 1.66 66.18 -18.64
N ILE A 1590 0.91 65.59 -17.71
CA ILE A 1590 1.51 65.03 -16.50
C ILE A 1590 2.53 63.96 -16.83
N LEU A 1591 2.38 63.29 -17.98
CA LEU A 1591 3.31 62.25 -18.37
C LEU A 1591 4.69 62.82 -18.65
N ASN A 1592 4.75 64.00 -19.26
CA ASN A 1592 6.04 64.66 -19.46
C ASN A 1592 6.71 64.90 -18.11
N VAL A 1593 5.95 65.42 -17.14
CA VAL A 1593 6.53 65.76 -15.86
C VAL A 1593 7.01 64.49 -15.16
N LEU A 1594 6.23 63.42 -15.25
CA LEU A 1594 6.61 62.19 -14.56
C LEU A 1594 7.86 61.59 -15.18
N ILE A 1595 7.96 61.63 -16.52
CA ILE A 1595 9.16 61.15 -17.19
C ILE A 1595 10.36 62.00 -16.79
N LYS A 1596 10.16 63.31 -16.69
CA LYS A 1596 11.25 64.19 -16.27
C LYS A 1596 11.70 63.84 -14.87
N LEU A 1597 10.76 63.56 -13.97
CA LEU A 1597 11.08 63.19 -12.60
C LEU A 1597 11.83 61.86 -12.57
N LEU A 1598 11.46 60.94 -13.46
CA LEU A 1598 12.17 59.67 -13.56
C LEU A 1598 13.60 59.90 -14.04
N GLU A 1599 13.78 60.77 -15.03
CA GLU A 1599 15.13 61.10 -15.49
C GLU A 1599 15.96 61.69 -14.36
N VAL A 1600 15.35 62.54 -13.54
CA VAL A 1600 16.08 63.27 -12.51
C VAL A 1600 16.44 62.37 -11.33
N VAL A 1601 15.56 61.44 -10.98
CA VAL A 1601 15.82 60.57 -9.83
C VAL A 1601 17.06 59.70 -10.07
N GLN A 1602 17.31 59.27 -11.31
CA GLN A 1602 18.38 58.32 -11.59
C GLN A 1602 19.71 58.71 -10.98
N PRO A 1603 20.19 59.95 -11.11
CA PRO A 1603 21.46 60.29 -10.44
C PRO A 1603 21.42 60.04 -8.95
N CYS A 1604 20.30 60.35 -8.29
CA CYS A 1604 20.22 60.13 -6.85
C CYS A 1604 20.36 58.65 -6.56
N LEU A 1605 19.69 57.82 -7.35
CA LEU A 1605 19.74 56.38 -7.16
C LEU A 1605 21.17 55.87 -7.35
N GLN A 1606 21.86 56.38 -8.37
CA GLN A 1606 23.22 55.92 -8.63
C GLN A 1606 24.10 56.28 -7.44
N ALA A 1607 23.96 57.50 -6.93
CA ALA A 1607 24.72 57.91 -5.76
C ALA A 1607 24.46 56.92 -4.64
N ALA A 1608 23.19 56.71 -4.31
CA ALA A 1608 22.84 55.79 -3.24
C ALA A 1608 23.53 54.44 -3.44
N LYS A 1609 23.59 53.96 -4.69
CA LYS A 1609 24.33 52.73 -4.94
C LYS A 1609 25.79 52.89 -4.61
N GLU A 1610 26.30 54.12 -4.71
CA GLU A 1610 27.71 54.35 -4.41
C GLU A 1610 27.93 54.55 -2.92
N GLN A 1611 26.88 54.94 -2.20
CA GLN A 1611 26.86 54.87 -0.74
C GLN A 1611 26.70 53.44 -0.24
N LYS A 1612 26.36 52.48 -1.11
CA LYS A 1612 26.05 51.12 -0.72
C LYS A 1612 24.84 51.07 0.22
N GLU A 1613 24.01 52.10 0.17
CA GLU A 1613 22.84 52.30 1.03
C GLU A 1613 21.64 52.69 0.19
N VAL A 1614 21.33 51.91 -0.83
CA VAL A 1614 20.17 52.18 -1.67
C VAL A 1614 18.89 51.97 -0.87
N GLN A 1615 17.98 52.95 -0.97
CA GLN A 1615 16.66 52.92 -0.33
C GLN A 1615 15.68 53.50 -1.34
N THR A 1616 14.91 52.64 -1.99
CA THR A 1616 14.22 53.02 -3.22
C THR A 1616 13.02 53.91 -2.91
N PRO A 1617 12.89 55.07 -3.57
CA PRO A 1617 11.65 55.85 -3.50
C PRO A 1617 10.45 55.04 -3.96
N LYS A 1618 9.51 54.80 -3.04
CA LYS A 1618 8.39 53.91 -3.33
C LYS A 1618 7.50 54.42 -4.46
N TRP A 1619 7.47 55.74 -4.69
CA TRP A 1619 6.66 56.33 -5.74
C TRP A 1619 7.08 55.93 -7.16
N ILE A 1620 8.25 55.33 -7.32
CA ILE A 1620 8.71 54.96 -8.66
C ILE A 1620 7.81 53.90 -9.29
N THR A 1621 7.39 52.91 -8.51
CA THR A 1621 6.58 51.84 -9.10
C THR A 1621 5.20 52.31 -9.58
N PRO A 1622 4.43 53.09 -8.83
CA PRO A 1622 3.22 53.68 -9.43
C PRO A 1622 3.42 54.39 -10.74
N VAL A 1623 4.49 55.18 -10.87
CA VAL A 1623 4.70 55.97 -12.08
C VAL A 1623 4.93 55.07 -13.27
N LEU A 1624 5.80 54.06 -13.12
CA LEU A 1624 6.02 53.17 -14.23
C LEU A 1624 4.75 52.43 -14.59
N LEU A 1625 3.94 52.10 -13.59
CA LEU A 1625 2.73 51.37 -13.89
C LEU A 1625 1.74 52.28 -14.57
N LEU A 1626 1.70 53.54 -14.17
CA LEU A 1626 0.82 54.47 -14.86
C LEU A 1626 1.26 54.57 -16.31
N ILE A 1627 2.56 54.70 -16.54
CA ILE A 1627 3.02 54.79 -17.91
C ILE A 1627 2.69 53.51 -18.64
N ASP A 1628 2.84 52.37 -17.97
CA ASP A 1628 2.52 51.12 -18.62
C ASP A 1628 1.09 51.12 -19.12
N PHE A 1629 0.18 51.54 -18.25
CA PHE A 1629 -1.21 51.42 -18.65
C PHE A 1629 -1.59 52.55 -19.57
N TYR A 1630 -0.83 53.64 -19.59
CA TYR A 1630 -1.10 54.65 -20.60
C TYR A 1630 -0.77 54.12 -21.99
N GLU A 1631 0.33 53.38 -22.13
CA GLU A 1631 0.67 52.98 -23.48
C GLU A 1631 -0.03 51.70 -23.88
N LYS A 1632 -0.41 50.88 -22.90
CA LYS A 1632 -1.31 49.81 -23.21
C LYS A 1632 -2.60 50.40 -23.75
N THR A 1633 -3.11 51.41 -23.06
CA THR A 1633 -4.36 51.97 -23.50
C THR A 1633 -4.19 52.61 -24.86
N ALA A 1634 -3.04 53.22 -25.14
CA ALA A 1634 -3.02 53.89 -26.42
C ALA A 1634 -2.93 52.85 -27.50
N ILE A 1635 -2.13 51.81 -27.28
CA ILE A 1635 -2.06 50.75 -28.27
C ILE A 1635 -3.49 50.42 -28.66
N SER A 1636 -4.24 49.97 -27.65
CA SER A 1636 -5.49 49.29 -27.93
C SER A 1636 -6.46 50.23 -28.64
N SER A 1637 -6.47 51.50 -28.23
CA SER A 1637 -7.36 52.44 -28.88
C SER A 1637 -7.04 52.59 -30.35
N LYS A 1638 -5.76 52.67 -30.70
CA LYS A 1638 -5.44 52.76 -32.12
C LYS A 1638 -5.90 51.51 -32.82
N ARG A 1639 -5.64 50.35 -32.22
CA ARG A 1639 -6.11 49.10 -32.81
C ARG A 1639 -7.62 49.09 -32.88
N ARG A 1640 -8.27 49.53 -31.81
CA ARG A 1640 -9.72 49.61 -31.83
C ARG A 1640 -10.22 50.69 -32.78
N ALA A 1641 -9.47 51.80 -32.91
CA ALA A 1641 -9.91 52.84 -33.83
C ALA A 1641 -9.92 52.34 -35.26
N GLN A 1642 -8.81 51.79 -35.72
CA GLN A 1642 -8.81 51.25 -37.07
C GLN A 1642 -9.70 50.02 -37.18
N MET A 1643 -10.04 49.39 -36.05
CA MET A 1643 -11.08 48.37 -36.09
C MET A 1643 -12.45 48.99 -36.30
N THR A 1644 -12.71 50.12 -35.64
CA THR A 1644 -14.00 50.78 -35.85
C THR A 1644 -14.10 51.32 -37.26
N LYS A 1645 -12.98 51.83 -37.78
CA LYS A 1645 -12.93 52.30 -39.15
C LYS A 1645 -13.28 51.20 -40.14
N TYR A 1646 -13.16 49.93 -39.75
CA TYR A 1646 -13.45 48.82 -40.66
C TYR A 1646 -14.73 48.09 -40.28
N LEU A 1647 -15.57 48.68 -39.45
CA LEU A 1647 -16.82 48.05 -39.05
C LEU A 1647 -17.98 49.02 -39.23
N GLN A 1648 -19.10 48.47 -39.71
CA GLN A 1648 -20.38 49.18 -39.67
C GLN A 1648 -20.93 49.11 -38.26
N SER A 1649 -21.33 50.26 -37.72
CA SER A 1649 -21.81 50.32 -36.34
C SER A 1649 -23.19 49.71 -36.19
N ASN A 1650 -23.88 49.42 -37.28
CA ASN A 1650 -25.19 48.80 -37.27
C ASN A 1650 -25.09 47.30 -37.55
N SER A 1651 -25.66 46.49 -36.65
CA SER A 1651 -25.79 45.04 -36.82
C SER A 1651 -24.46 44.37 -37.14
N ASN A 1652 -23.43 44.72 -36.39
CA ASN A 1652 -22.19 43.95 -36.41
C ASN A 1652 -22.46 42.48 -36.13
N ASN A 1653 -22.20 41.63 -37.13
CA ASN A 1653 -22.52 40.20 -37.01
C ASN A 1653 -21.48 39.48 -36.15
N TRP A 1654 -21.90 39.06 -34.96
CA TRP A 1654 -21.19 38.06 -34.18
C TRP A 1654 -21.53 36.65 -34.66
N ARG A 1655 -20.51 35.80 -34.74
CA ARG A 1655 -20.68 34.42 -35.21
C ARG A 1655 -19.93 33.45 -34.31
N TRP A 1656 -20.52 32.28 -34.08
CA TRP A 1656 -19.94 31.27 -33.19
C TRP A 1656 -19.47 30.09 -34.02
N PHE A 1657 -18.34 29.51 -33.63
CA PHE A 1657 -17.60 28.58 -34.47
C PHE A 1657 -18.01 27.13 -34.19
N ASP A 1658 -18.50 26.45 -35.21
CA ASP A 1658 -18.85 25.04 -35.15
C ASP A 1658 -17.66 24.26 -35.71
N ASP A 1659 -16.83 23.77 -34.79
CA ASP A 1659 -15.63 23.01 -35.18
C ASP A 1659 -15.98 21.73 -35.90
N ARG A 1660 -17.14 21.15 -35.60
CA ARG A 1660 -17.47 19.83 -36.15
C ARG A 1660 -17.79 19.95 -37.64
N SER A 1661 -18.52 20.98 -38.02
CA SER A 1661 -18.80 21.27 -39.41
C SER A 1661 -17.87 22.33 -39.95
N GLY A 1662 -17.28 23.14 -39.07
CA GLY A 1662 -16.38 24.19 -39.47
C GLY A 1662 -17.06 25.47 -39.92
N ARG A 1663 -18.22 25.78 -39.36
CA ARG A 1663 -19.03 26.89 -39.84
C ARG A 1663 -19.09 27.99 -38.78
N TRP A 1664 -18.98 29.24 -39.20
CA TRP A 1664 -19.24 30.35 -38.30
C TRP A 1664 -20.72 30.70 -38.34
N CYS A 1665 -21.50 29.99 -37.54
CA CYS A 1665 -22.95 30.11 -37.56
C CYS A 1665 -23.36 31.33 -36.76
N SER A 1666 -24.37 32.05 -37.24
CA SER A 1666 -24.78 33.26 -36.55
C SER A 1666 -25.66 32.93 -35.35
N TYR A 1667 -25.62 33.83 -34.37
CA TYR A 1667 -26.59 33.84 -33.28
C TYR A 1667 -27.93 34.40 -33.77
N SER A 1668 -28.96 34.20 -32.96
CA SER A 1668 -30.22 34.91 -33.20
C SER A 1668 -29.98 36.41 -33.15
N ALA A 1669 -30.92 37.16 -33.74
CA ALA A 1669 -30.79 38.62 -33.80
C ALA A 1669 -30.80 39.23 -32.40
N SER A 1670 -31.61 38.68 -31.50
CA SER A 1670 -31.62 39.21 -30.14
C SER A 1670 -30.33 38.88 -29.40
N ASN A 1671 -29.76 37.71 -29.68
CA ASN A 1671 -28.48 37.36 -29.07
C ASN A 1671 -27.36 38.21 -29.65
N ASN A 1672 -27.33 38.35 -30.98
CA ASN A 1672 -26.31 39.20 -31.60
C ASN A 1672 -26.38 40.62 -31.05
N SER A 1673 -27.58 41.20 -31.00
CA SER A 1673 -27.74 42.54 -30.46
C SER A 1673 -27.31 42.63 -29.00
N THR A 1674 -27.61 41.62 -28.20
CA THR A 1674 -27.20 41.65 -26.80
C THR A 1674 -25.68 41.59 -26.66
N ILE A 1675 -25.07 40.64 -27.37
CA ILE A 1675 -23.61 40.46 -27.32
C ILE A 1675 -22.91 41.72 -27.81
N ASP A 1676 -23.38 42.28 -28.93
CA ASP A 1676 -22.78 43.50 -29.45
C ASP A 1676 -22.92 44.66 -28.46
N SER A 1677 -24.13 44.88 -27.95
CA SER A 1677 -24.33 45.99 -27.02
C SER A 1677 -23.46 45.85 -25.78
N ALA A 1678 -23.30 44.63 -25.26
CA ALA A 1678 -22.50 44.46 -24.04
C ALA A 1678 -21.00 44.42 -24.31
N TRP A 1679 -20.59 44.06 -25.52
CA TRP A 1679 -19.20 44.22 -25.93
C TRP A 1679 -18.84 45.69 -26.10
N LYS A 1680 -19.74 46.44 -26.74
CA LYS A 1680 -19.51 47.87 -26.95
C LYS A 1680 -19.43 48.62 -25.62
N SER A 1681 -20.20 48.20 -24.63
CA SER A 1681 -20.05 48.74 -23.29
C SER A 1681 -18.73 48.35 -22.66
N GLY A 1682 -18.05 47.34 -23.18
CA GLY A 1682 -16.79 46.92 -22.63
C GLY A 1682 -16.92 45.97 -21.46
N GLU A 1683 -18.08 45.34 -21.30
CA GLU A 1683 -18.24 44.32 -20.28
C GLU A 1683 -17.43 43.08 -20.62
N THR A 1684 -16.88 42.45 -19.59
CA THR A 1684 -16.02 41.29 -19.80
C THR A 1684 -16.83 40.08 -20.24
N SER A 1685 -18.10 39.98 -19.85
CA SER A 1685 -18.89 38.81 -20.16
C SER A 1685 -20.35 39.19 -20.34
N VAL A 1686 -21.04 38.39 -21.14
CA VAL A 1686 -22.45 38.63 -21.50
C VAL A 1686 -23.20 37.31 -21.40
N ARG A 1687 -24.39 37.36 -20.80
CA ARG A 1687 -25.24 36.18 -20.60
C ARG A 1687 -26.42 36.19 -21.57
N PHE A 1688 -26.74 35.02 -22.11
CA PHE A 1688 -27.92 34.87 -22.96
C PHE A 1688 -28.36 33.41 -22.90
N THR A 1689 -29.60 33.17 -23.32
CA THR A 1689 -30.18 31.83 -23.31
C THR A 1689 -30.66 31.46 -24.71
N ALA A 1690 -30.29 30.26 -25.14
CA ALA A 1690 -30.70 29.70 -26.43
C ALA A 1690 -31.16 28.28 -26.21
N GLY A 1691 -32.33 27.93 -26.74
CA GLY A 1691 -32.91 26.63 -26.49
C GLY A 1691 -33.11 26.31 -25.02
N ARG A 1692 -33.34 27.33 -24.18
CA ARG A 1692 -33.35 27.22 -22.73
C ARG A 1692 -32.00 26.82 -22.13
N ARG A 1693 -30.98 26.63 -22.98
CA ARG A 1693 -29.62 26.45 -22.49
C ARG A 1693 -29.02 27.81 -22.15
N ARG A 1694 -28.25 27.87 -21.07
CA ARG A 1694 -27.58 29.10 -20.66
C ARG A 1694 -26.18 29.19 -21.26
N TYR A 1695 -25.96 30.18 -22.12
CA TYR A 1695 -24.65 30.49 -22.65
C TYR A 1695 -24.14 31.82 -22.09
N THR A 1696 -22.82 31.90 -21.90
CA THR A 1696 -22.16 33.14 -21.54
C THR A 1696 -20.94 33.32 -22.43
N VAL A 1697 -20.70 34.53 -22.89
CA VAL A 1697 -19.51 34.85 -23.65
C VAL A 1697 -18.54 35.63 -22.77
N GLN A 1698 -17.27 35.28 -22.86
CA GLN A 1698 -16.16 35.93 -22.18
C GLN A 1698 -15.29 36.59 -23.24
N PHE A 1699 -15.39 37.93 -23.34
CA PHE A 1699 -14.63 38.69 -24.32
C PHE A 1699 -13.16 38.86 -23.93
N THR A 1700 -12.77 38.46 -22.72
CA THR A 1700 -11.34 38.38 -22.41
C THR A 1700 -10.70 37.29 -23.27
N THR A 1701 -11.45 36.20 -23.48
CA THR A 1701 -10.99 35.03 -24.20
C THR A 1701 -11.78 34.84 -25.49
N MET A 1702 -12.89 35.53 -25.64
CA MET A 1702 -13.85 35.29 -26.71
C MET A 1702 -14.29 33.82 -26.75
N VAL A 1703 -14.91 33.40 -25.65
CA VAL A 1703 -15.36 32.01 -25.54
C VAL A 1703 -16.80 32.01 -25.05
N GLN A 1704 -17.63 31.19 -25.69
CA GLN A 1704 -18.95 30.84 -25.19
C GLN A 1704 -18.87 29.61 -24.32
N VAL A 1705 -19.22 29.75 -23.04
CA VAL A 1705 -19.36 28.64 -22.12
C VAL A 1705 -20.84 28.31 -21.96
N ASN A 1706 -21.18 27.03 -22.12
CA ASN A 1706 -22.48 26.51 -21.74
C ASN A 1706 -22.48 26.31 -20.23
N GLU A 1707 -23.37 27.02 -19.52
CA GLU A 1707 -23.28 27.01 -18.07
C GLU A 1707 -23.64 25.66 -17.48
N GLU A 1708 -24.38 24.83 -18.22
CA GLU A 1708 -24.72 23.51 -17.71
C GLU A 1708 -23.56 22.53 -17.88
N THR A 1709 -23.00 22.46 -19.09
CA THR A 1709 -21.97 21.50 -19.41
C THR A 1709 -20.55 22.03 -19.24
N GLY A 1710 -20.37 23.35 -19.27
CA GLY A 1710 -19.03 23.91 -19.28
C GLY A 1710 -18.32 23.82 -20.61
N ASN A 1711 -19.01 23.43 -21.68
CA ASN A 1711 -18.40 23.41 -23.00
C ASN A 1711 -18.05 24.83 -23.45
N ARG A 1712 -16.80 25.02 -23.84
CA ARG A 1712 -16.30 26.31 -24.34
C ARG A 1712 -16.05 26.26 -25.84
N ARG A 1713 -16.64 27.21 -26.56
CA ARG A 1713 -16.65 27.27 -28.02
C ARG A 1713 -16.16 28.65 -28.47
N PRO A 1714 -15.39 28.75 -29.55
CA PRO A 1714 -14.91 30.06 -29.99
C PRO A 1714 -16.01 30.92 -30.58
N VAL A 1715 -15.83 32.25 -30.48
CA VAL A 1715 -16.65 33.21 -31.18
C VAL A 1715 -15.79 34.25 -31.89
N MET A 1716 -16.42 34.95 -32.85
CA MET A 1716 -15.77 36.00 -33.62
C MET A 1716 -16.77 37.13 -33.84
N LEU A 1717 -16.24 38.31 -34.15
CA LEU A 1717 -17.00 39.39 -34.75
C LEU A 1717 -16.60 39.52 -36.22
N THR A 1718 -17.59 39.47 -37.11
CA THR A 1718 -17.36 39.50 -38.54
C THR A 1718 -17.22 40.94 -39.04
N LEU A 1719 -15.98 41.35 -39.29
CA LEU A 1719 -15.72 42.60 -39.99
C LEU A 1719 -16.11 42.49 -41.46
N LEU A 1720 -16.28 43.65 -42.08
CA LEU A 1720 -16.62 43.74 -43.49
C LEU A 1720 -15.46 43.27 -44.36
N ILE A 1782 -11.21 61.14 -29.31
CA ILE A 1782 -10.19 60.64 -28.39
C ILE A 1782 -9.25 59.71 -29.12
N LEU A 1783 -8.20 60.27 -29.69
CA LEU A 1783 -7.08 59.53 -30.25
C LEU A 1783 -5.86 59.76 -29.37
N ILE A 1784 -5.41 58.70 -28.70
CA ILE A 1784 -4.34 58.80 -27.72
C ILE A 1784 -3.00 58.71 -28.44
N GLN A 1785 -2.26 59.82 -28.46
CA GLN A 1785 -1.04 59.89 -29.25
C GLN A 1785 -0.08 58.79 -28.83
N GLY A 1786 -0.05 58.46 -27.54
CA GLY A 1786 0.94 57.56 -26.98
C GLY A 1786 2.29 58.20 -26.74
N LEU A 1787 3.17 57.41 -26.14
CA LEU A 1787 4.51 57.85 -25.76
C LEU A 1787 5.38 58.13 -26.97
N THR A 1788 5.80 59.39 -27.12
CA THR A 1788 6.52 59.81 -28.30
C THR A 1788 7.94 59.26 -28.24
N GLU A 1789 8.72 59.52 -29.31
CA GLU A 1789 10.06 58.94 -29.38
C GLU A 1789 10.94 59.42 -28.24
N ASP A 1790 10.90 60.72 -27.92
CA ASP A 1790 11.75 61.25 -26.86
C ASP A 1790 11.40 60.62 -25.52
N MET A 1791 10.11 60.46 -25.26
CA MET A 1791 9.67 59.86 -24.01
C MET A 1791 10.18 58.44 -23.90
N VAL A 1792 10.05 57.67 -24.98
CA VAL A 1792 10.50 56.28 -24.96
C VAL A 1792 12.00 56.22 -24.72
N THR A 1793 12.76 57.10 -25.38
CA THR A 1793 14.22 57.06 -25.21
C THR A 1793 14.59 57.35 -23.76
N VAL A 1794 13.94 58.35 -23.17
CA VAL A 1794 14.28 58.73 -21.81
C VAL A 1794 13.87 57.61 -20.87
N LEU A 1795 12.72 57.01 -21.13
CA LEU A 1795 12.20 55.97 -20.26
C LEU A 1795 13.10 54.75 -20.30
N ILE A 1796 13.59 54.38 -21.49
CA ILE A 1796 14.49 53.25 -21.61
C ILE A 1796 15.78 53.53 -20.84
N ARG A 1797 16.30 54.75 -20.94
CA ARG A 1797 17.52 55.06 -20.21
C ARG A 1797 17.27 54.96 -18.71
N ALA A 1798 16.12 55.47 -18.25
CA ALA A 1798 15.79 55.42 -16.82
C ALA A 1798 15.63 53.98 -16.36
N CYS A 1799 15.01 53.13 -17.18
CA CYS A 1799 14.83 51.73 -16.83
C CYS A 1799 16.17 51.05 -16.67
N VAL A 1800 17.07 51.26 -17.63
CA VAL A 1800 18.34 50.56 -17.53
C VAL A 1800 19.15 51.10 -16.36
N SER A 1801 19.01 52.40 -16.07
CA SER A 1801 19.69 52.94 -14.89
C SER A 1801 19.15 52.29 -13.63
N MET A 1802 17.83 52.05 -13.58
CA MET A 1802 17.23 51.40 -12.42
C MET A 1802 17.65 49.94 -12.33
N LEU A 1803 17.91 49.31 -13.47
CA LEU A 1803 18.39 47.94 -13.47
C LEU A 1803 19.81 47.89 -12.95
N GLY A 1804 20.58 48.95 -13.22
CA GLY A 1804 21.96 49.03 -12.79
C GLY A 1804 22.10 49.00 -11.28
N VAL A 1805 21.49 49.98 -10.62
CA VAL A 1805 21.27 49.96 -9.18
C VAL A 1805 20.07 49.06 -8.91
N PRO A 1806 20.23 47.94 -8.22
CA PRO A 1806 19.08 47.05 -8.03
C PRO A 1806 18.06 47.66 -7.08
N VAL A 1807 17.14 48.42 -7.67
CA VAL A 1807 16.32 49.36 -6.90
C VAL A 1807 15.46 48.61 -5.88
N ASP A 1808 14.60 47.71 -6.34
CA ASP A 1808 13.80 46.88 -5.46
C ASP A 1808 13.17 45.78 -6.31
N PRO A 1809 12.83 44.63 -5.72
CA PRO A 1809 12.08 43.62 -6.49
C PRO A 1809 10.85 44.13 -7.21
N ASP A 1810 9.92 44.80 -6.52
CA ASP A 1810 8.71 45.24 -7.20
C ASP A 1810 8.99 46.36 -8.18
N THR A 1811 10.03 47.14 -7.92
CA THR A 1811 10.39 48.21 -8.86
C THR A 1811 11.13 47.64 -10.06
N LEU A 1812 11.90 46.58 -9.87
CA LEU A 1812 12.51 45.92 -11.01
C LEU A 1812 11.44 45.27 -11.86
N HIS A 1813 10.43 44.70 -11.21
CA HIS A 1813 9.32 44.09 -11.93
C HIS A 1813 8.57 45.12 -12.77
N ALA A 1814 8.29 46.30 -12.20
CA ALA A 1814 7.59 47.31 -12.97
C ALA A 1814 8.45 47.87 -14.10
N THR A 1815 9.74 48.10 -13.86
CA THR A 1815 10.57 48.66 -14.92
C THR A 1815 10.81 47.65 -16.03
N LEU A 1816 10.91 46.36 -15.70
CA LEU A 1816 11.08 45.35 -16.75
C LEU A 1816 9.78 45.14 -17.51
N ARG A 1817 8.63 45.21 -16.83
CA ARG A 1817 7.36 45.16 -17.55
C ARG A 1817 7.27 46.31 -18.55
N LEU A 1818 7.64 47.52 -18.12
CA LEU A 1818 7.62 48.66 -19.03
C LEU A 1818 8.59 48.48 -20.18
N CYS A 1819 9.81 48.02 -19.90
CA CYS A 1819 10.75 47.72 -20.97
C CYS A 1819 10.19 46.69 -21.94
N LEU A 1820 9.50 45.68 -21.41
CA LEU A 1820 8.89 44.66 -22.26
C LEU A 1820 7.86 45.27 -23.19
N ARG A 1821 7.09 46.23 -22.71
CA ARG A 1821 6.12 46.86 -23.61
C ARG A 1821 6.82 47.76 -24.63
N LEU A 1822 7.83 48.51 -24.18
CA LEU A 1822 8.53 49.43 -25.06
C LEU A 1822 9.36 48.70 -26.11
N THR A 1823 10.10 47.67 -25.70
CA THR A 1823 11.07 47.02 -26.57
C THR A 1823 10.43 46.16 -27.66
N ARG A 1824 9.11 46.03 -27.66
CA ARG A 1824 8.45 45.31 -28.75
C ARG A 1824 8.65 45.99 -30.08
N ASP A 1825 9.06 47.26 -30.09
CA ASP A 1825 9.67 47.88 -31.25
C ASP A 1825 11.18 47.65 -31.20
N HIS A 1826 11.72 46.99 -32.22
CA HIS A 1826 13.12 46.59 -32.19
C HIS A 1826 14.07 47.77 -32.05
N LYS A 1827 13.69 48.95 -32.53
CA LYS A 1827 14.52 50.14 -32.32
C LYS A 1827 14.82 50.34 -30.84
N TYR A 1828 13.80 50.21 -30.00
CA TYR A 1828 13.99 50.40 -28.57
C TYR A 1828 14.60 49.18 -27.91
N ALA A 1829 14.40 47.98 -28.47
CA ALA A 1829 15.14 46.82 -27.97
C ALA A 1829 16.63 46.98 -28.20
N MET A 1830 17.00 47.50 -29.37
CA MET A 1830 18.38 47.83 -29.64
C MET A 1830 18.89 48.87 -28.66
N MET A 1831 18.07 49.89 -28.38
CA MET A 1831 18.48 50.90 -27.42
C MET A 1831 18.73 50.29 -26.05
N PHE A 1832 17.83 49.40 -25.62
CA PHE A 1832 17.96 48.68 -24.35
C PHE A 1832 19.14 47.72 -24.32
N ALA A 1833 19.59 47.24 -25.48
CA ALA A 1833 20.73 46.33 -25.51
C ALA A 1833 22.06 47.03 -25.75
N GLU A 1834 22.05 48.24 -26.29
CA GLU A 1834 23.27 49.02 -26.44
C GLU A 1834 23.72 49.68 -25.16
N LEU A 1835 22.85 49.80 -24.16
CA LEU A 1835 23.25 50.33 -22.86
C LEU A 1835 23.72 49.27 -21.89
N LYS A 1836 24.17 48.11 -22.40
CA LYS A 1836 24.76 47.06 -21.58
C LYS A 1836 23.85 46.68 -20.41
N SER A 1837 22.59 46.39 -20.73
CA SER A 1837 21.64 46.02 -19.70
C SER A 1837 21.57 44.52 -19.43
N THR A 1838 21.99 43.69 -20.38
CA THR A 1838 22.02 42.26 -20.13
C THR A 1838 23.13 41.87 -19.16
N ARG A 1839 24.17 42.69 -19.06
CA ARG A 1839 25.16 42.46 -18.02
C ARG A 1839 24.56 42.76 -16.66
N MET A 1840 23.89 43.89 -16.53
CA MET A 1840 23.25 44.21 -15.26
C MET A 1840 22.29 43.11 -14.86
N ILE A 1841 21.49 42.63 -15.82
CA ILE A 1841 20.50 41.59 -15.56
C ILE A 1841 21.17 40.30 -15.10
N LEU A 1842 22.34 39.98 -15.66
CA LEU A 1842 23.05 38.79 -15.21
C LEU A 1842 23.69 39.00 -13.83
N ASN A 1843 24.09 40.22 -13.51
CA ASN A 1843 24.71 40.53 -12.22
C ASN A 1843 23.73 40.58 -11.08
N LEU A 1844 22.44 40.78 -11.36
CA LEU A 1844 21.43 40.90 -10.31
C LEU A 1844 21.48 39.72 -9.34
N THR A 1845 21.44 40.04 -8.06
CA THR A 1845 21.50 39.07 -6.97
C THR A 1845 20.09 38.66 -6.57
N GLN A 1846 20.02 37.54 -5.84
CA GLN A 1846 18.72 37.02 -5.41
C GLN A 1846 17.99 37.97 -4.47
N SER A 1847 18.68 38.90 -3.83
CA SER A 1847 18.00 39.92 -3.05
C SER A 1847 17.13 40.82 -3.91
N SER A 1848 17.41 40.88 -5.21
CA SER A 1848 16.68 41.74 -6.14
C SER A 1848 15.97 40.90 -7.19
N GLY A 1849 15.19 39.91 -6.74
CA GLY A 1849 14.49 39.04 -7.66
C GLY A 1849 13.07 38.80 -7.21
N PHE A 1850 12.24 38.40 -8.18
CA PHE A 1850 10.82 38.27 -7.99
C PHE A 1850 10.30 37.09 -8.81
N ASN A 1851 9.09 36.66 -8.46
CA ASN A 1851 8.51 35.46 -9.05
C ASN A 1851 8.60 35.42 -10.58
N GLY A 1852 8.29 36.53 -11.24
CA GLY A 1852 8.27 36.58 -12.68
C GLY A 1852 9.58 36.91 -13.36
N PHE A 1853 10.68 36.95 -12.63
CA PHE A 1853 11.91 37.55 -13.16
C PHE A 1853 12.42 36.82 -14.40
N THR A 1854 12.57 35.51 -14.31
CA THR A 1854 13.17 34.76 -15.42
C THR A 1854 12.31 34.63 -16.67
N PRO A 1855 11.00 34.41 -16.56
CA PRO A 1855 10.14 34.57 -17.76
C PRO A 1855 10.30 35.93 -18.41
N LEU A 1856 10.19 36.99 -17.62
CA LEU A 1856 10.17 38.34 -18.17
C LEU A 1856 11.50 38.67 -18.83
N VAL A 1857 12.61 38.34 -18.16
CA VAL A 1857 13.93 38.52 -18.74
C VAL A 1857 14.08 37.72 -20.03
N THR A 1858 13.52 36.52 -20.08
CA THR A 1858 13.59 35.74 -21.31
C THR A 1858 12.82 36.42 -22.44
N LEU A 1859 11.67 36.99 -22.12
CA LEU A 1859 10.89 37.71 -23.13
C LEU A 1859 11.62 38.97 -23.59
N LEU A 1860 12.25 39.68 -22.67
CA LEU A 1860 13.04 40.86 -23.05
C LEU A 1860 14.19 40.49 -23.97
N LEU A 1861 14.93 39.45 -23.61
CA LEU A 1861 16.02 39.01 -24.47
C LEU A 1861 15.51 38.58 -25.84
N ARG A 1862 14.38 37.88 -25.88
CA ARG A 1862 13.76 37.56 -27.17
C ARG A 1862 13.39 38.80 -27.96
N HIS A 1863 12.94 39.85 -27.27
CA HIS A 1863 12.64 41.11 -27.94
C HIS A 1863 13.89 41.74 -28.52
N ILE A 1864 15.03 41.52 -27.89
CA ILE A 1864 16.29 42.02 -28.43
C ILE A 1864 16.76 41.16 -29.59
N ILE A 1865 16.51 39.85 -29.52
CA ILE A 1865 16.99 38.93 -30.53
C ILE A 1865 16.16 39.02 -31.80
N GLU A 1866 14.88 39.38 -31.69
CA GLU A 1866 13.94 39.33 -32.81
C GLU A 1866 14.08 40.59 -33.66
N ASP A 1867 15.09 40.61 -34.51
CA ASP A 1867 15.20 41.71 -35.46
C ASP A 1867 14.25 41.43 -36.63
N PRO A 1868 13.92 42.46 -37.41
CA PRO A 1868 12.94 42.29 -38.49
C PRO A 1868 13.08 41.00 -39.29
N CYS A 1869 14.32 40.59 -39.58
CA CYS A 1869 14.53 39.42 -40.42
C CYS A 1869 14.39 38.13 -39.62
N THR A 1870 14.96 38.10 -38.43
CA THR A 1870 14.84 36.90 -37.61
C THR A 1870 13.39 36.72 -37.17
N LEU A 1871 12.72 37.82 -36.86
CA LEU A 1871 11.30 37.78 -36.56
C LEU A 1871 10.49 37.30 -37.76
N ARG A 1872 10.82 37.78 -38.96
CA ARG A 1872 10.13 37.28 -40.15
C ARG A 1872 10.29 35.77 -40.31
N HIS A 1873 11.51 35.27 -40.22
CA HIS A 1873 11.73 33.84 -40.39
C HIS A 1873 11.06 33.03 -39.29
N THR A 1874 11.05 33.54 -38.06
CA THR A 1874 10.39 32.82 -36.98
C THR A 1874 8.88 32.87 -37.12
N MET A 1875 8.34 33.97 -37.65
CA MET A 1875 6.91 34.04 -37.88
C MET A 1875 6.51 33.08 -39.00
N GLU A 1876 7.35 32.96 -40.03
CA GLU A 1876 7.10 31.94 -41.05
C GLU A 1876 7.06 30.56 -40.43
N LYS A 1877 8.04 30.25 -39.58
CA LYS A 1877 8.06 28.95 -38.92
C LYS A 1877 6.79 28.71 -38.10
N VAL A 1878 6.35 29.73 -37.37
CA VAL A 1878 5.17 29.58 -36.52
C VAL A 1878 3.91 29.41 -37.35
N VAL A 1879 3.77 30.22 -38.40
CA VAL A 1879 2.59 30.15 -39.25
C VAL A 1879 2.50 28.80 -39.94
N ARG A 1880 3.61 28.35 -40.51
CA ARG A 1880 3.63 27.03 -41.13
C ARG A 1880 3.29 25.94 -40.13
N SER A 1881 3.89 25.98 -38.94
CA SER A 1881 3.62 24.95 -37.95
C SER A 1881 2.15 24.94 -37.56
N ALA A 1882 1.58 26.11 -37.28
CA ALA A 1882 0.20 26.18 -36.83
C ALA A 1882 -0.78 25.78 -37.92
N ALA A 1883 -0.48 26.11 -39.19
CA ALA A 1883 -1.39 25.71 -40.26
C ALA A 1883 -1.27 24.22 -40.60
N THR A 1884 -0.08 23.65 -40.47
CA THR A 1884 0.11 22.24 -40.81
C THR A 1884 -0.39 21.30 -39.72
N SER A 1885 -0.32 21.72 -38.45
CA SER A 1885 -0.68 20.88 -37.32
C SER A 1885 -1.95 21.37 -36.67
N GLY A 1886 -2.94 20.48 -36.55
CA GLY A 1886 -4.25 20.85 -36.08
C GLY A 1886 -4.26 21.08 -34.58
N ALA A 1887 -3.64 22.17 -34.15
CA ALA A 1887 -3.36 22.36 -32.73
C ALA A 1887 -4.63 22.37 -31.90
N GLY A 1888 -4.54 21.79 -30.70
CA GLY A 1888 -5.62 21.89 -29.74
C GLY A 1888 -5.63 23.22 -29.03
N SER A 1889 -6.70 23.46 -28.28
CA SER A 1889 -6.90 24.73 -27.61
C SER A 1889 -7.82 24.53 -26.43
N THR A 1890 -8.00 25.60 -25.65
CA THR A 1890 -8.93 25.62 -24.53
C THR A 1890 -10.34 26.03 -24.97
N THR A 1891 -10.66 25.77 -26.23
CA THR A 1891 -11.95 26.05 -26.84
C THR A 1891 -12.58 24.77 -27.39
N SER A 1892 -12.11 23.61 -26.93
CA SER A 1892 -12.60 22.32 -27.38
C SER A 1892 -12.47 22.20 -28.91
N GLY A 1893 -11.34 22.68 -29.42
CA GLY A 1893 -10.97 22.43 -30.80
C GLY A 1893 -10.23 21.11 -30.89
N VAL A 1894 -10.85 20.13 -31.55
CA VAL A 1894 -10.34 18.77 -31.48
C VAL A 1894 -8.90 18.70 -31.98
N VAL A 1895 -8.08 17.96 -31.24
CA VAL A 1895 -6.67 17.82 -31.59
C VAL A 1895 -6.55 17.09 -32.92
N SER A 1896 -5.69 17.62 -33.79
CA SER A 1896 -5.50 17.05 -35.13
C SER A 1896 -6.83 16.89 -35.85
N GLY A 1897 -7.71 17.88 -35.69
CA GLY A 1897 -8.91 17.92 -36.50
C GLY A 1897 -8.61 18.37 -37.90
N SER A 1898 -9.51 18.02 -38.82
CA SER A 1898 -9.37 18.42 -40.21
C SER A 1898 -10.42 19.40 -40.68
N LEU A 1899 -11.56 19.50 -40.00
CA LEU A 1899 -12.46 20.64 -40.22
C LEU A 1899 -12.06 21.80 -39.30
N GLY A 1900 -12.31 21.66 -38.00
CA GLY A 1900 -12.19 22.79 -37.09
C GLY A 1900 -10.79 23.32 -36.93
N SER A 1901 -9.80 22.44 -36.84
CA SER A 1901 -8.43 22.84 -36.61
C SER A 1901 -7.80 23.55 -37.81
N ARG A 1902 -8.46 23.56 -38.97
CA ARG A 1902 -7.82 24.06 -40.18
C ARG A 1902 -8.44 25.31 -40.79
N GLU A 1903 -9.49 25.89 -40.20
CA GLU A 1903 -10.08 27.08 -40.81
C GLU A 1903 -9.15 28.26 -40.67
N ILE A 1904 -9.06 29.05 -41.73
CA ILE A 1904 -8.27 30.27 -41.71
C ILE A 1904 -8.70 31.18 -40.57
N ASN A 1905 -10.01 31.33 -40.38
CA ASN A 1905 -10.52 32.23 -39.34
C ASN A 1905 -10.19 31.77 -37.93
N TYR A 1906 -9.92 30.48 -37.74
CA TYR A 1906 -9.47 29.99 -36.44
C TYR A 1906 -7.96 30.00 -36.32
N ILE A 1907 -7.25 29.62 -37.38
CA ILE A 1907 -5.80 29.65 -37.35
C ILE A 1907 -5.30 31.06 -37.11
N LEU A 1908 -5.95 32.07 -37.70
CA LEU A 1908 -5.57 33.45 -37.42
C LEU A 1908 -5.83 33.81 -35.96
N ARG A 1909 -6.78 33.13 -35.31
CA ARG A 1909 -7.03 33.38 -33.91
C ARG A 1909 -5.97 32.74 -33.03
N VAL A 1910 -5.49 31.57 -33.45
CA VAL A 1910 -4.36 30.95 -32.76
C VAL A 1910 -3.11 31.79 -32.95
N LEU A 1911 -2.88 32.26 -34.18
CA LEU A 1911 -1.72 33.07 -34.51
C LEU A 1911 -1.83 34.52 -34.04
N GLY A 1912 -2.91 34.88 -33.33
CA GLY A 1912 -3.07 36.23 -32.88
C GLY A 1912 -1.92 36.81 -32.09
N PRO A 1913 -1.32 36.04 -31.17
CA PRO A 1913 -0.09 36.51 -30.51
C PRO A 1913 0.99 36.90 -31.49
N ALA A 1914 1.07 36.23 -32.63
CA ALA A 1914 2.05 36.57 -33.64
C ALA A 1914 1.68 37.86 -34.37
N ALA A 1915 0.38 38.08 -34.59
CA ALA A 1915 -0.07 39.33 -35.20
C ALA A 1915 0.20 40.51 -34.27
N CYS A 1916 0.02 40.31 -32.97
CA CYS A 1916 0.33 41.34 -31.99
C CYS A 1916 1.83 41.59 -31.88
N ARG A 1917 2.63 40.53 -32.01
CA ARG A 1917 4.08 40.70 -31.94
C ARG A 1917 4.57 41.67 -33.00
N ASN A 1918 4.12 41.52 -34.23
CA ASN A 1918 4.29 42.58 -35.23
C ASN A 1918 3.26 42.42 -36.34
N PRO A 1919 2.28 43.30 -36.44
CA PRO A 1919 1.21 43.09 -37.43
C PRO A 1919 1.68 43.21 -38.87
N ASP A 1920 2.56 44.16 -39.19
CA ASP A 1920 3.01 44.31 -40.58
C ASP A 1920 3.74 43.07 -41.07
N ILE A 1921 4.73 42.62 -40.30
CA ILE A 1921 5.47 41.43 -40.67
C ILE A 1921 4.54 40.23 -40.72
N PHE A 1922 3.58 40.16 -39.81
CA PHE A 1922 2.64 39.05 -39.81
C PHE A 1922 1.76 39.04 -41.04
N THR A 1923 1.36 40.21 -41.54
CA THR A 1923 0.66 40.27 -42.82
C THR A 1923 1.56 39.76 -43.93
N GLU A 1924 2.78 40.27 -44.01
CA GLU A 1924 3.66 39.88 -45.11
C GLU A 1924 3.86 38.36 -45.12
N VAL A 1925 4.13 37.80 -43.94
CA VAL A 1925 4.35 36.37 -43.82
C VAL A 1925 3.09 35.59 -44.19
N ALA A 1926 1.94 36.00 -43.66
CA ALA A 1926 0.73 35.21 -43.91
C ALA A 1926 0.28 35.30 -45.37
N ASN A 1927 0.46 36.46 -45.99
CA ASN A 1927 0.22 36.58 -47.43
C ASN A 1927 1.15 35.69 -48.25
N CYS A 1928 2.40 35.52 -47.80
CA CYS A 1928 3.36 34.78 -48.60
C CYS A 1928 3.34 33.28 -48.32
N CYS A 1929 2.89 32.85 -47.14
CA CYS A 1929 2.98 31.46 -46.73
C CYS A 1929 1.64 30.76 -46.57
N ILE A 1930 0.52 31.44 -46.79
CA ILE A 1930 -0.78 30.80 -46.68
C ILE A 1930 -1.52 30.89 -48.00
N ARG A 1931 -2.32 29.87 -48.27
CA ARG A 1931 -3.27 29.85 -49.37
C ARG A 1931 -4.51 29.12 -48.91
N ILE A 1932 -5.69 29.65 -49.24
CA ILE A 1932 -6.93 28.97 -48.93
C ILE A 1932 -7.08 27.78 -49.87
N ALA A 1933 -7.51 26.64 -49.31
CA ALA A 1933 -7.51 25.41 -50.09
C ALA A 1933 -8.56 25.45 -51.19
N LEU A 1934 -8.30 24.68 -52.25
CA LEU A 1934 -9.26 24.45 -53.32
C LEU A 1934 -9.84 23.04 -53.18
N PRO A 1935 -11.15 22.88 -53.01
CA PRO A 1935 -11.70 21.52 -52.99
C PRO A 1935 -11.76 20.92 -54.38
N ALA A 1936 -11.63 19.60 -54.44
CA ALA A 1936 -11.54 18.87 -55.69
C ALA A 1936 -12.64 19.30 -56.66
N PRO A 1937 -12.44 19.15 -57.97
CA PRO A 1937 -13.53 19.39 -58.91
C PRO A 1937 -14.68 18.41 -58.68
N ARG A 1938 -15.83 18.94 -58.26
CA ARG A 1938 -16.94 18.06 -57.92
C ARG A 1938 -17.40 17.27 -59.13
N GLY A 1939 -17.66 17.95 -60.23
CA GLY A 1939 -18.10 17.31 -61.46
C GLY A 1939 -17.55 18.00 -62.70
N SER A 1940 -17.03 17.23 -63.65
CA SER A 1940 -16.59 17.82 -64.91
C SER A 1940 -17.78 18.45 -65.64
N GLY A 1941 -17.53 19.57 -66.31
CA GLY A 1941 -18.59 20.26 -67.04
C GLY A 1941 -18.69 21.69 -66.55
N THR A 1942 -18.62 22.64 -67.48
CA THR A 1942 -18.53 24.05 -67.12
C THR A 1942 -19.89 24.71 -66.97
N ALA A 1943 -20.84 24.36 -67.83
CA ALA A 1943 -22.15 25.03 -67.83
C ALA A 1943 -22.86 24.86 -66.50
N SER A 1944 -22.87 23.64 -65.96
CA SER A 1944 -23.64 23.31 -64.76
C SER A 1944 -22.77 23.13 -63.52
N ASP A 1945 -21.77 22.26 -63.59
CA ASP A 1945 -21.00 21.90 -62.39
C ASP A 1945 -20.19 23.09 -61.87
N ASP A 1946 -19.53 23.83 -62.75
CA ASP A 1946 -18.74 24.97 -62.29
C ASP A 1946 -19.63 26.11 -61.79
N GLU A 1947 -20.86 26.22 -62.28
CA GLU A 1947 -21.77 27.20 -61.70
C GLU A 1947 -22.03 26.91 -60.23
N PHE A 1948 -22.19 25.64 -59.87
CA PHE A 1948 -22.42 25.34 -58.47
C PHE A 1948 -21.12 25.13 -57.71
N GLU A 1949 -19.99 25.13 -58.41
CA GLU A 1949 -18.71 25.08 -57.72
C GLU A 1949 -18.30 26.49 -57.35
N ASN A 1950 -18.74 27.48 -58.13
CA ASN A 1950 -18.55 28.86 -57.74
C ASN A 1950 -19.56 29.24 -56.66
N LEU A 1951 -20.76 28.67 -56.73
CA LEU A 1951 -21.74 28.90 -55.67
C LEU A 1951 -21.24 28.33 -54.35
N ARG A 1952 -20.53 27.20 -54.41
CA ARG A 1952 -20.08 26.49 -53.21
C ARG A 1952 -18.79 27.10 -52.65
N ILE A 1953 -17.75 27.22 -53.48
CA ILE A 1953 -16.45 27.64 -52.97
C ILE A 1953 -16.49 29.09 -52.51
N LYS A 1954 -17.16 29.97 -53.25
CA LYS A 1954 -17.16 31.39 -52.96
C LYS A 1954 -18.36 31.83 -52.13
N GLY A 1955 -19.24 30.91 -51.73
CA GLY A 1955 -20.43 31.28 -51.02
C GLY A 1955 -20.12 32.00 -49.72
N PRO A 1956 -20.95 32.98 -49.35
CA PRO A 1956 -20.80 33.64 -48.04
C PRO A 1956 -20.52 32.69 -46.88
N ASN A 1957 -21.31 31.63 -46.77
CA ASN A 1957 -21.07 30.58 -45.78
C ASN A 1957 -20.31 29.43 -46.44
N ALA A 1958 -19.05 29.27 -46.05
CA ALA A 1958 -18.17 28.27 -46.63
C ALA A 1958 -17.15 27.84 -45.57
N VAL A 1959 -16.34 26.85 -45.93
CA VAL A 1959 -15.34 26.29 -45.02
C VAL A 1959 -14.00 26.50 -45.71
N GLN A 1960 -13.40 27.67 -45.47
CA GLN A 1960 -12.10 28.04 -46.03
C GLN A 1960 -10.98 27.32 -45.27
N LEU A 1961 -10.72 26.08 -45.68
CA LEU A 1961 -9.55 25.38 -45.17
C LEU A 1961 -8.28 25.98 -45.77
N VAL A 1962 -7.17 25.77 -45.07
CA VAL A 1962 -5.88 26.34 -45.43
C VAL A 1962 -4.93 25.24 -45.90
N LYS A 1963 -4.13 25.59 -46.90
CA LYS A 1963 -2.95 24.82 -47.28
C LYS A 1963 -1.74 25.74 -47.23
N THR A 1964 -0.59 25.17 -46.87
CA THR A 1964 0.64 25.95 -46.92
C THR A 1964 1.18 26.00 -48.34
N THR A 1965 1.87 27.09 -48.65
CA THR A 1965 2.68 27.17 -49.85
C THR A 1965 3.90 26.25 -49.73
N PRO A 1966 4.48 25.84 -50.86
CA PRO A 1966 5.73 25.09 -50.80
C PRO A 1966 6.86 25.97 -50.30
N LEU A 1967 7.74 25.39 -49.50
CA LEU A 1967 8.79 26.16 -48.83
C LEU A 1967 9.67 26.86 -49.85
N LYS A 1968 9.80 28.18 -49.69
CA LYS A 1968 10.71 28.98 -50.49
C LYS A 1968 12.10 29.02 -49.85
N PRO A 1969 13.17 28.98 -50.63
CA PRO A 1969 14.49 28.67 -50.05
C PRO A 1969 15.06 29.85 -49.29
N SER A 1970 14.61 29.99 -48.06
CA SER A 1970 14.96 31.16 -47.27
C SER A 1970 16.44 31.13 -46.89
N PRO A 1971 17.19 32.21 -47.11
CA PRO A 1971 18.55 32.27 -46.59
C PRO A 1971 18.58 32.69 -45.14
N LEU A 1972 19.63 32.28 -44.44
CA LEU A 1972 19.72 32.59 -43.03
C LEU A 1972 19.91 34.09 -42.81
N PRO A 1973 19.18 34.69 -41.88
CA PRO A 1973 19.37 36.12 -41.60
C PRO A 1973 20.67 36.38 -40.86
N VAL A 1974 21.41 37.40 -41.32
CA VAL A 1974 22.66 37.75 -40.66
C VAL A 1974 22.35 38.40 -39.33
N ILE A 1975 22.98 37.89 -38.27
CA ILE A 1975 22.71 38.40 -36.92
C ILE A 1975 23.43 39.74 -36.73
N PRO A 1976 22.72 40.79 -36.34
CA PRO A 1976 23.40 42.06 -36.04
C PRO A 1976 24.43 41.92 -34.92
N ASP A 1977 25.44 42.79 -34.97
CA ASP A 1977 26.57 42.71 -34.04
C ASP A 1977 26.15 42.96 -32.60
N THR A 1978 25.19 43.84 -32.36
CA THR A 1978 24.75 44.07 -31.00
C THR A 1978 24.02 42.86 -30.44
N ILE A 1979 23.30 42.13 -31.30
CA ILE A 1979 22.67 40.92 -30.83
C ILE A 1979 23.72 39.87 -30.52
N LYS A 1980 24.94 40.04 -31.03
CA LYS A 1980 26.00 39.12 -30.71
C LYS A 1980 26.79 39.55 -29.50
N GLU A 1981 26.67 40.81 -29.12
CA GLU A 1981 27.21 41.26 -27.84
C GLU A 1981 26.20 41.05 -26.73
N VAL A 1982 24.97 40.70 -27.09
CA VAL A 1982 24.02 40.20 -26.10
C VAL A 1982 24.19 38.70 -25.89
N ILE A 1983 24.36 37.94 -26.98
CA ILE A 1983 24.49 36.49 -26.82
C ILE A 1983 25.83 36.13 -26.19
N TYR A 1984 26.89 36.85 -26.56
CA TYR A 1984 28.21 36.54 -26.01
C TYR A 1984 28.29 36.85 -24.52
N ASP A 1985 27.58 37.87 -24.04
CA ASP A 1985 27.66 38.16 -22.61
C ASP A 1985 27.00 37.06 -21.78
N MET A 1986 25.97 36.40 -22.32
CA MET A 1986 25.44 35.23 -21.63
C MET A 1986 26.39 34.05 -21.71
N LEU A 1987 26.98 33.81 -22.88
CA LEU A 1987 27.95 32.72 -22.98
C LEU A 1987 29.13 32.93 -22.05
N ASN A 1988 29.54 34.18 -21.84
CA ASN A 1988 30.56 34.49 -20.85
C ASN A 1988 30.05 34.34 -19.43
N ALA A 1989 28.76 34.55 -19.20
CA ALA A 1989 28.19 34.31 -17.88
C ALA A 1989 28.12 32.83 -17.52
N LEU A 1990 28.25 31.93 -18.49
CA LEU A 1990 28.49 30.53 -18.17
C LEU A 1990 29.79 30.36 -17.39
N ALA A 1991 30.80 31.16 -17.72
CA ALA A 1991 32.12 31.01 -17.13
C ALA A 1991 32.32 32.03 -16.02
N SER A 2099 22.67 37.16 -1.75
CA SER A 2099 24.00 37.46 -2.29
C SER A 2099 24.34 36.54 -3.45
N LYS A 2100 23.64 35.41 -3.51
CA LYS A 2100 23.76 34.51 -4.65
C LYS A 2100 23.27 35.20 -5.93
N PRO A 2101 23.86 34.88 -7.08
CA PRO A 2101 23.39 35.46 -8.34
C PRO A 2101 21.99 35.01 -8.69
N LEU A 2102 21.21 35.94 -9.25
CA LEU A 2102 19.82 35.64 -9.59
C LEU A 2102 19.71 34.87 -10.90
N MET A 2103 20.62 35.10 -11.84
CA MET A 2103 20.74 34.19 -12.97
C MET A 2103 21.96 33.30 -12.81
N PRO A 2104 21.78 32.11 -12.22
CA PRO A 2104 22.89 31.16 -12.12
C PRO A 2104 23.15 30.53 -13.48
N THR A 2105 24.17 29.66 -13.57
CA THR A 2105 24.44 29.03 -14.85
C THR A 2105 23.25 28.22 -15.34
N SER A 2106 22.51 27.63 -14.41
CA SER A 2106 21.38 26.78 -14.79
C SER A 2106 20.33 27.59 -15.54
N THR A 2107 19.97 28.76 -15.01
CA THR A 2107 18.99 29.60 -15.67
C THR A 2107 19.49 30.04 -17.03
N ILE A 2108 20.75 30.44 -17.11
CA ILE A 2108 21.29 30.92 -18.37
C ILE A 2108 21.23 29.81 -19.41
N LEU A 2109 21.54 28.59 -18.98
CA LEU A 2109 21.53 27.45 -19.89
C LEU A 2109 20.13 27.17 -20.40
N ARG A 2110 19.12 27.21 -19.51
CA ARG A 2110 17.75 27.01 -19.98
C ARG A 2110 17.37 28.10 -20.98
N LEU A 2111 17.74 29.35 -20.68
CA LEU A 2111 17.36 30.45 -21.57
C LEU A 2111 18.02 30.27 -22.92
N LEU A 2112 19.29 29.88 -22.91
CA LEU A 2112 20.03 29.72 -24.16
C LEU A 2112 19.44 28.59 -24.97
N ALA A 2113 19.00 27.53 -24.29
CA ALA A 2113 18.37 26.41 -24.96
C ALA A 2113 17.11 26.86 -25.67
N GLU A 2114 16.29 27.66 -24.99
CA GLU A 2114 15.10 28.20 -25.64
C GLU A 2114 15.46 29.05 -26.84
N LEU A 2115 16.46 29.92 -26.67
CA LEU A 2115 16.84 30.83 -27.74
C LEU A 2115 17.28 30.04 -28.97
N VAL A 2116 18.10 29.01 -28.74
CA VAL A 2116 18.61 28.18 -29.82
C VAL A 2116 17.47 27.44 -30.49
N ARG A 2117 16.54 26.89 -29.70
CA ARG A 2117 15.41 26.17 -30.26
C ARG A 2117 14.65 27.06 -31.22
N SER A 2118 14.40 28.31 -30.83
CA SER A 2118 13.51 29.13 -31.63
C SER A 2118 14.24 29.80 -32.80
N TYR A 2119 15.50 30.17 -32.64
CA TYR A 2119 16.26 30.89 -33.65
C TYR A 2119 17.56 30.15 -33.97
N VAL A 2120 17.78 29.87 -35.26
CA VAL A 2120 18.90 29.02 -35.65
C VAL A 2120 20.21 29.81 -35.72
N GLY A 2121 20.12 31.11 -35.93
CA GLY A 2121 21.31 31.94 -35.93
C GLY A 2121 22.03 31.83 -34.61
N ILE A 2122 21.26 31.78 -33.52
CA ILE A 2122 21.82 31.72 -32.19
C ILE A 2122 22.64 30.45 -32.04
N ALA A 2123 22.10 29.34 -32.55
CA ALA A 2123 22.82 28.07 -32.51
C ALA A 2123 24.13 28.17 -33.27
N THR A 2124 24.09 28.70 -34.49
CA THR A 2124 25.34 28.77 -35.25
C THR A 2124 26.36 29.64 -34.53
N LEU A 2125 25.91 30.77 -33.98
CA LEU A 2125 26.82 31.69 -33.31
C LEU A 2125 27.46 31.00 -32.12
N ILE A 2126 26.64 30.32 -31.32
CA ILE A 2126 27.17 29.70 -30.12
C ILE A 2126 28.16 28.61 -30.48
N ALA A 2127 27.81 27.79 -31.47
CA ALA A 2127 28.69 26.69 -31.83
C ALA A 2127 30.03 27.22 -32.31
N ASN A 2128 30.01 28.26 -33.13
CA ASN A 2128 31.26 28.86 -33.61
C ASN A 2128 32.03 29.54 -32.50
N TYR A 2129 31.33 30.16 -31.55
CA TYR A 2129 31.98 30.99 -30.54
C TYR A 2129 33.09 30.23 -29.84
N SER A 2130 34.04 30.96 -29.26
CA SER A 2130 35.08 30.38 -28.43
C SER A 2130 35.58 31.41 -27.44
N TYR A 2131 35.94 30.93 -26.24
CA TYR A 2131 36.46 31.78 -25.19
C TYR A 2131 37.91 32.15 -25.49
N THR A 2132 38.45 33.04 -24.66
CA THR A 2132 39.82 33.50 -24.79
C THR A 2132 40.57 33.29 -23.50
N VAL A 2133 41.89 33.17 -23.62
CA VAL A 2133 42.74 32.88 -22.47
C VAL A 2133 42.53 33.96 -21.41
N GLY A 2134 42.44 33.53 -20.16
CA GLY A 2134 42.30 34.47 -19.06
C GLY A 2134 41.08 35.35 -19.21
N GLN A 2135 39.96 34.75 -19.63
CA GLN A 2135 38.67 35.43 -19.67
C GLN A 2135 37.85 35.15 -18.42
N SER A 2136 38.23 34.14 -17.66
CA SER A 2136 37.52 33.69 -16.47
C SER A 2136 38.41 32.70 -15.76
N GLU A 2137 38.13 32.49 -14.47
CA GLU A 2137 39.01 31.64 -13.67
C GLU A 2137 39.04 30.22 -14.20
N LEU A 2138 37.92 29.74 -14.76
CA LEU A 2138 37.81 28.37 -15.20
C LEU A 2138 38.43 28.12 -16.57
N ILE A 2139 38.95 29.15 -17.24
CA ILE A 2139 39.43 29.03 -18.61
C ILE A 2139 40.96 28.98 -18.59
N LYS A 2140 41.51 27.94 -19.19
CA LYS A 2140 42.95 27.75 -19.24
C LYS A 2140 43.56 28.10 -20.59
N GLU A 2141 42.84 27.87 -21.68
CA GLU A 2141 43.28 28.23 -23.01
C GLU A 2141 42.06 28.39 -23.91
N ASP A 2142 42.28 28.96 -25.09
CA ASP A 2142 41.21 29.12 -26.06
C ASP A 2142 40.45 27.80 -26.20
N CYS A 2143 39.16 27.84 -25.89
CA CYS A 2143 38.31 26.67 -25.96
C CYS A 2143 36.90 27.08 -26.28
N SER A 2144 36.18 26.19 -26.94
CA SER A 2144 34.82 26.47 -27.36
C SER A 2144 33.89 26.51 -26.16
N VAL A 2145 32.75 27.17 -26.37
CA VAL A 2145 31.68 27.15 -25.36
C VAL A 2145 31.20 25.72 -25.15
N LEU A 2146 31.04 24.98 -26.23
CA LEU A 2146 30.48 23.63 -26.15
C LEU A 2146 31.45 22.70 -25.43
N ALA A 2147 32.72 22.73 -25.82
CA ALA A 2147 33.75 21.96 -25.14
C ALA A 2147 33.81 22.28 -23.64
N PHE A 2148 33.58 23.54 -23.28
CA PHE A 2148 33.50 23.90 -21.87
C PHE A 2148 32.26 23.34 -21.22
N VAL A 2149 31.11 23.42 -21.88
CA VAL A 2149 29.88 22.90 -21.28
C VAL A 2149 30.01 21.41 -21.05
N LEU A 2150 30.64 20.71 -21.99
CA LEU A 2150 30.84 19.27 -21.86
C LEU A 2150 31.85 18.94 -20.78
N ASP A 2151 32.86 19.78 -20.61
CA ASP A 2151 33.98 19.47 -19.74
C ASP A 2151 33.85 20.04 -18.33
N HIS A 2152 33.44 21.29 -18.17
CA HIS A 2152 33.41 21.91 -16.85
C HIS A 2152 32.03 21.92 -16.19
N LEU A 2153 30.94 22.00 -16.94
CA LEU A 2153 29.62 22.21 -16.37
C LEU A 2153 28.77 20.95 -16.32
N LEU A 2154 28.92 20.11 -17.31
CA LEU A 2154 28.09 18.93 -17.49
C LEU A 2154 28.35 17.83 -16.46
N PRO A 2155 29.60 17.51 -16.14
CA PRO A 2155 29.85 16.39 -15.21
C PRO A 2155 29.33 16.68 -13.82
N HIS A 2156 28.59 15.72 -13.27
CA HIS A 2156 28.28 15.69 -11.85
C HIS A 2156 29.56 15.82 -11.04
N THR A 2157 29.54 16.72 -10.06
CA THR A 2157 30.60 16.85 -9.08
C THR A 2157 30.00 17.04 -7.70
N GLN A 2158 30.70 16.52 -6.69
CA GLN A 2158 30.09 16.35 -5.38
C GLN A 2158 29.88 17.69 -4.67
N ASN A 2159 30.61 18.73 -5.06
CA ASN A 2159 30.49 20.02 -4.42
C ASN A 2159 29.68 20.91 -5.35
N ALA A 2160 28.55 21.41 -4.84
CA ALA A 2160 27.68 22.23 -5.65
C ALA A 2160 28.28 23.60 -5.93
N GLU A 2161 27.93 24.14 -7.10
CA GLU A 2161 27.99 25.57 -7.36
C GLU A 2161 26.59 26.04 -7.75
N ASP A 2162 25.99 25.44 -8.77
CA ASP A 2162 24.56 25.33 -8.90
C ASP A 2162 24.22 23.84 -8.98
N LYS A 2163 23.11 23.45 -8.34
CA LYS A 2163 22.77 22.03 -8.26
C LYS A 2163 22.49 21.42 -9.64
N ASP A 2164 21.50 21.95 -10.36
CA ASP A 2164 20.99 21.32 -11.57
C ASP A 2164 21.65 21.82 -12.85
N THR A 2165 22.86 22.38 -12.78
CA THR A 2165 23.56 22.73 -14.01
C THR A 2165 23.74 21.55 -14.96
N PRO A 2166 24.06 20.34 -14.50
CA PRO A 2166 24.25 19.23 -15.45
C PRO A 2166 23.03 18.92 -16.30
N ALA A 2167 21.84 18.83 -15.70
CA ALA A 2167 20.65 18.55 -16.49
C ALA A 2167 20.39 19.65 -17.51
N LEU A 2168 20.51 20.90 -17.10
CA LEU A 2168 20.20 21.97 -18.03
C LEU A 2168 21.24 22.02 -19.14
N ALA A 2169 22.50 21.69 -18.85
CA ALA A 2169 23.50 21.64 -19.90
C ALA A 2169 23.17 20.55 -20.89
N ARG A 2170 22.68 19.42 -20.39
CA ARG A 2170 22.22 18.35 -21.25
C ARG A 2170 21.09 18.86 -22.14
N LEU A 2171 20.18 19.62 -21.54
CA LEU A 2171 19.07 20.21 -22.30
C LEU A 2171 19.61 21.12 -23.39
N PHE A 2172 20.59 21.96 -23.04
CA PHE A 2172 21.13 22.92 -23.99
C PHE A 2172 21.72 22.18 -25.18
N LEU A 2173 22.49 21.13 -24.91
CA LEU A 2173 23.16 20.43 -25.99
C LEU A 2173 22.16 19.67 -26.85
N ALA A 2174 21.12 19.12 -26.23
CA ALA A 2174 20.07 18.47 -26.99
C ALA A 2174 19.37 19.47 -27.90
N SER A 2175 19.10 20.67 -27.37
CA SER A 2175 18.48 21.72 -28.18
C SER A 2175 19.37 22.05 -29.37
N LEU A 2176 20.65 22.22 -29.12
CA LEU A 2176 21.58 22.63 -30.17
C LEU A 2176 21.63 21.57 -31.26
N ALA A 2177 21.59 20.29 -30.86
CA ALA A 2177 21.57 19.20 -31.83
C ALA A 2177 20.27 19.19 -32.61
N ALA A 2178 19.14 19.32 -31.92
CA ALA A 2178 17.84 19.21 -32.57
C ALA A 2178 17.63 20.36 -33.54
N ALA A 2179 18.13 21.55 -33.20
CA ALA A 2179 18.08 22.66 -34.14
C ALA A 2179 18.84 22.27 -35.39
N GLY A 2180 18.13 22.19 -36.51
CA GLY A 2180 18.74 21.65 -37.71
C GLY A 2180 19.98 22.41 -38.12
N SER A 2181 19.85 23.74 -38.25
CA SER A 2181 20.99 24.60 -38.55
C SER A 2181 21.93 23.97 -39.57
N GLY A 2182 21.38 23.16 -40.47
CA GLY A 2182 22.21 22.58 -41.51
C GLY A 2182 23.35 21.81 -40.88
N THR A 2183 24.58 22.19 -41.24
CA THR A 2183 25.78 21.61 -40.66
C THR A 2183 26.45 22.52 -39.64
N ASP A 2184 26.00 23.76 -39.51
CA ASP A 2184 26.72 24.71 -38.65
C ASP A 2184 26.71 24.28 -37.19
N ALA A 2185 25.56 23.82 -36.69
CA ALA A 2185 25.44 23.44 -35.29
C ALA A 2185 25.66 21.95 -35.06
N GLN A 2186 25.07 21.09 -35.89
CA GLN A 2186 25.17 19.66 -35.67
C GLN A 2186 26.60 19.17 -35.82
N VAL A 2187 27.29 19.59 -36.89
CA VAL A 2187 28.63 19.08 -37.11
C VAL A 2187 29.56 19.56 -36.00
N ALA A 2188 29.41 20.83 -35.59
CA ALA A 2188 30.31 21.35 -34.58
C ALA A 2188 30.09 20.58 -33.28
N LEU A 2189 28.83 20.32 -32.96
CA LEU A 2189 28.50 19.64 -31.73
C LEU A 2189 29.10 18.24 -31.73
N VAL A 2190 28.94 17.52 -32.84
CA VAL A 2190 29.45 16.15 -32.89
C VAL A 2190 30.96 16.17 -32.77
N ASN A 2191 31.62 17.11 -33.45
CA ASN A 2191 33.08 17.16 -33.41
C ASN A 2191 33.55 17.43 -31.99
N GLU A 2192 32.87 18.35 -31.30
CA GLU A 2192 33.27 18.70 -29.94
C GLU A 2192 33.01 17.53 -29.01
N VAL A 2193 31.91 16.81 -29.20
CA VAL A 2193 31.65 15.63 -28.40
C VAL A 2193 32.77 14.62 -28.57
N LYS A 2194 33.20 14.43 -29.82
CA LYS A 2194 34.25 13.46 -30.08
C LYS A 2194 35.53 13.89 -29.38
N ALA A 2195 35.96 15.13 -29.64
CA ALA A 2195 37.20 15.61 -29.05
C ALA A 2195 37.12 15.50 -27.53
N ALA A 2196 35.92 15.72 -26.98
CA ALA A 2196 35.74 15.66 -25.53
C ALA A 2196 35.94 14.25 -25.04
N LEU A 2197 35.41 13.28 -25.78
CA LEU A 2197 35.62 11.88 -25.41
C LEU A 2197 37.11 11.59 -25.42
N GLY A 2198 37.81 12.05 -26.45
CA GLY A 2198 39.23 11.77 -26.55
C GLY A 2198 39.96 12.36 -25.36
N ARG A 2199 39.61 13.60 -25.02
CA ARG A 2199 40.30 14.30 -23.94
C ARG A 2199 40.06 13.59 -22.63
N ALA A 2200 38.82 13.16 -22.40
CA ALA A 2200 38.47 12.49 -21.15
C ALA A 2200 39.22 11.17 -21.04
N LEU A 2201 39.33 10.43 -22.14
CA LEU A 2201 40.11 9.21 -22.15
C LEU A 2201 41.55 9.51 -21.76
N ALA A 2202 42.23 10.31 -22.58
CA ALA A 2202 43.64 10.58 -22.35
C ALA A 2202 43.89 11.15 -20.95
N MET A 2203 42.85 11.61 -20.27
CA MET A 2203 42.99 12.11 -18.92
C MET A 2203 43.57 11.03 -18.01
N ALA A 2204 44.29 11.47 -16.98
CA ALA A 2204 44.84 10.54 -16.00
C ALA A 2204 43.73 9.91 -15.18
N GLU A 2205 43.94 8.65 -14.80
CA GLU A 2205 42.91 7.90 -14.09
C GLU A 2205 42.49 8.64 -12.83
N SER A 2206 41.22 9.01 -12.76
CA SER A 2206 40.69 9.73 -11.61
C SER A 2206 39.18 9.68 -11.66
N THR A 2207 38.56 10.04 -10.54
CA THR A 2207 37.10 10.11 -10.49
C THR A 2207 36.56 11.17 -11.45
N GLU A 2208 37.32 12.25 -11.64
CA GLU A 2208 36.90 13.30 -12.55
C GLU A 2208 36.83 12.79 -13.98
N LYS A 2209 37.81 11.98 -14.40
CA LYS A 2209 37.75 11.38 -15.72
C LYS A 2209 36.51 10.52 -15.87
N HIS A 2210 36.22 9.68 -14.87
CA HIS A 2210 35.07 8.81 -14.99
C HIS A 2210 33.80 9.63 -15.10
N ALA A 2211 33.70 10.71 -14.33
CA ALA A 2211 32.51 11.54 -14.34
C ALA A 2211 32.34 12.16 -15.72
N ARG A 2212 33.43 12.69 -16.27
CA ARG A 2212 33.36 13.32 -17.58
C ARG A 2212 32.90 12.30 -18.60
N LEU A 2213 33.46 11.10 -18.55
CA LEU A 2213 33.15 10.11 -19.57
C LEU A 2213 31.68 9.75 -19.49
N GLN A 2214 31.18 9.52 -18.27
CA GLN A 2214 29.80 9.08 -18.12
C GLN A 2214 28.86 10.16 -18.62
N ALA A 2215 29.17 11.41 -18.29
CA ALA A 2215 28.34 12.52 -18.72
C ALA A 2215 28.32 12.66 -20.24
N VAL A 2216 29.48 12.51 -20.88
CA VAL A 2216 29.52 12.57 -22.34
C VAL A 2216 28.70 11.45 -22.94
N MET A 2217 28.75 10.24 -22.36
CA MET A 2217 27.96 9.16 -22.93
C MET A 2217 26.48 9.46 -22.79
N CYS A 2218 26.08 10.05 -21.66
CA CYS A 2218 24.69 10.43 -21.50
C CYS A 2218 24.28 11.47 -22.54
N ILE A 2219 25.16 12.43 -22.83
CA ILE A 2219 24.86 13.39 -23.90
C ILE A 2219 24.70 12.67 -25.23
N ILE A 2220 25.56 11.71 -25.52
CA ILE A 2220 25.45 11.03 -26.81
C ILE A 2220 24.12 10.32 -26.88
N SER A 2221 23.74 9.65 -25.79
CA SER A 2221 22.51 8.88 -25.77
C SER A 2221 21.33 9.82 -25.98
N THR A 2222 21.33 10.96 -25.28
CA THR A 2222 20.23 11.90 -25.36
C THR A 2222 20.11 12.45 -26.78
N ILE A 2223 21.24 12.85 -27.36
CA ILE A 2223 21.21 13.44 -28.70
C ILE A 2223 20.71 12.43 -29.71
N MET A 2224 21.20 11.19 -29.60
CA MET A 2224 20.76 10.13 -30.50
C MET A 2224 19.26 9.91 -30.38
N GLU A 2225 18.76 9.84 -29.15
CA GLU A 2225 17.32 9.74 -28.92
C GLU A 2225 16.65 11.08 -29.15
N ASN A 2247 18.26 12.31 -37.18
CA ASN A 2247 18.89 11.14 -37.77
C ASN A 2247 20.20 11.52 -38.45
N ASN A 2248 20.31 12.78 -38.86
CA ASN A 2248 21.56 13.27 -39.43
C ASN A 2248 22.67 13.30 -38.39
N ILE A 2249 22.32 13.52 -37.12
CA ILE A 2249 23.29 13.36 -36.04
C ILE A 2249 23.85 11.95 -35.98
N ILE A 2250 23.00 10.94 -36.24
CA ILE A 2250 23.50 9.57 -36.23
C ILE A 2250 24.35 9.31 -37.47
N ARG A 2251 23.96 9.89 -38.60
CA ARG A 2251 24.78 9.81 -39.80
C ARG A 2251 26.18 10.39 -39.54
N LEU A 2252 26.24 11.50 -38.81
CA LEU A 2252 27.52 12.11 -38.48
C LEU A 2252 28.31 11.26 -37.48
N PHE A 2253 27.64 10.72 -36.47
CA PHE A 2253 28.32 9.84 -35.52
C PHE A 2253 28.93 8.64 -36.24
N LEU A 2254 28.26 8.13 -37.26
CA LEU A 2254 28.85 7.06 -38.05
C LEU A 2254 30.04 7.59 -38.84
N LYS A 2255 29.85 8.72 -39.53
CA LYS A 2255 30.91 9.27 -40.37
C LYS A 2255 32.14 9.62 -39.55
N LYS A 2256 31.92 10.20 -38.37
CA LYS A 2256 33.00 10.59 -37.45
C LYS A 2256 33.60 9.42 -36.67
N GLY A 2257 33.03 8.22 -36.78
CA GLY A 2257 33.60 7.09 -36.07
C GLY A 2257 33.38 7.09 -34.57
N LEU A 2258 32.27 7.66 -34.11
CA LEU A 2258 31.99 7.69 -32.68
C LEU A 2258 31.70 6.30 -32.14
N VAL A 2259 31.16 5.42 -32.97
CA VAL A 2259 30.96 4.02 -32.58
C VAL A 2259 32.30 3.35 -32.29
N ASN A 2260 33.30 3.58 -33.14
CA ASN A 2260 34.62 3.01 -32.90
C ASN A 2260 35.20 3.51 -31.59
N ASP A 2261 35.06 4.81 -31.32
CA ASP A 2261 35.66 5.35 -30.10
C ASP A 2261 34.96 4.77 -28.89
N LEU A 2262 33.64 4.67 -28.95
CA LEU A 2262 32.93 4.16 -27.80
C LEU A 2262 33.38 2.75 -27.52
N ALA A 2263 33.49 1.93 -28.57
CA ALA A 2263 33.89 0.54 -28.37
C ALA A 2263 35.30 0.46 -27.82
N ARG A 2264 36.22 1.28 -28.35
CA ARG A 2264 37.59 1.33 -27.87
C ARG A 2264 37.76 2.18 -26.61
N VAL A 2265 36.68 2.44 -25.88
CA VAL A 2265 36.79 3.15 -24.61
C VAL A 2265 37.53 2.27 -23.61
N PRO A 2266 37.16 0.98 -23.47
CA PRO A 2266 37.90 0.11 -22.56
C PRO A 2266 39.40 0.31 -22.59
N HIS A 2267 40.00 0.18 -23.77
CA HIS A 2267 41.44 0.28 -23.92
C HIS A 2267 42.01 1.42 -23.10
N SER A 2268 41.33 2.56 -23.12
CA SER A 2268 41.85 3.76 -22.48
C SER A 2268 41.12 3.99 -21.16
N LEU A 2269 41.02 2.89 -20.42
CA LEU A 2269 40.48 2.87 -19.08
C LEU A 2269 41.20 1.77 -18.31
N ASP A 2270 41.26 1.91 -16.99
CA ASP A 2270 41.80 0.85 -16.15
C ASP A 2270 40.75 -0.22 -15.91
N LEU A 2271 41.09 -1.47 -16.22
CA LEU A 2271 40.15 -2.56 -16.04
C LEU A 2271 39.95 -2.92 -14.58
N SER A 2272 40.91 -2.58 -13.72
CA SER A 2272 40.88 -2.93 -12.31
C SER A 2272 40.30 -1.82 -11.45
N SER A 2273 39.97 -0.68 -12.05
CA SER A 2273 39.40 0.41 -11.28
C SER A 2273 38.02 0.05 -10.75
N PRO A 2274 37.65 0.55 -9.57
CA PRO A 2274 36.29 0.31 -9.07
C PRO A 2274 35.22 0.96 -9.92
N ASN A 2275 35.50 2.14 -10.50
CA ASN A 2275 34.50 2.90 -11.25
C ASN A 2275 34.50 2.55 -12.73
N MET A 2276 34.99 1.38 -13.09
CA MET A 2276 35.11 0.97 -14.48
C MET A 2276 33.79 0.43 -15.04
N ALA A 2277 33.05 -0.33 -14.23
CA ALA A 2277 31.80 -0.90 -14.69
C ALA A 2277 30.75 0.16 -14.98
N ASN A 2278 30.70 1.23 -14.19
CA ASN A 2278 29.71 2.27 -14.47
C ASN A 2278 30.01 3.02 -15.76
N THR A 2279 31.28 3.35 -16.01
CA THR A 2279 31.61 4.02 -17.27
C THR A 2279 31.47 3.08 -18.46
N VAL A 2280 31.68 1.79 -18.28
CA VAL A 2280 31.49 0.87 -19.40
C VAL A 2280 30.01 0.67 -19.70
N ASN A 2281 29.18 0.50 -18.67
CA ASN A 2281 27.74 0.53 -18.87
C ASN A 2281 27.31 1.78 -19.62
N ALA A 2282 27.83 2.94 -19.20
CA ALA A 2282 27.45 4.19 -19.84
C ALA A 2282 27.85 4.19 -21.31
N ALA A 2283 29.02 3.65 -21.63
CA ALA A 2283 29.46 3.65 -23.03
C ALA A 2283 28.76 2.59 -23.85
N LEU A 2284 28.30 1.51 -23.22
CA LEU A 2284 27.50 0.52 -23.92
C LEU A 2284 26.11 1.03 -24.25
N LYS A 2285 25.60 1.97 -23.47
CA LYS A 2285 24.23 2.42 -23.71
C LYS A 2285 24.06 3.07 -25.08
N PRO A 2286 24.91 4.03 -25.47
CA PRO A 2286 24.85 4.53 -26.85
C PRO A 2286 25.37 3.54 -27.86
N LEU A 2287 26.29 2.66 -27.50
CA LEU A 2287 26.73 1.64 -28.45
C LEU A 2287 25.57 0.72 -28.78
N GLU A 2288 24.81 0.33 -27.77
CA GLU A 2288 23.65 -0.52 -28.00
C GLU A 2288 22.63 0.18 -28.88
N THR A 2289 22.26 1.41 -28.53
CA THR A 2289 21.27 2.13 -29.33
C THR A 2289 21.75 2.32 -30.76
N LEU A 2290 23.02 2.69 -30.95
CA LEU A 2290 23.54 3.00 -32.27
C LEU A 2290 23.68 1.75 -33.13
N SER A 2291 24.25 0.67 -32.56
CA SER A 2291 24.33 -0.59 -33.28
C SER A 2291 22.96 -1.10 -33.68
N ARG A 2292 21.97 -0.95 -32.79
CA ARG A 2292 20.61 -1.33 -33.15
C ARG A 2292 20.10 -0.50 -34.31
N ILE A 2293 20.20 0.82 -34.21
CA ILE A 2293 19.67 1.70 -35.24
C ILE A 2293 20.34 1.47 -36.59
N VAL A 2294 21.64 1.15 -36.59
CA VAL A 2294 22.31 0.79 -37.84
C VAL A 2294 21.79 -0.54 -38.37
N ASN A 2295 21.95 -1.61 -37.59
CA ASN A 2295 21.79 -2.95 -38.14
C ASN A 2295 20.36 -3.45 -38.17
N GLN A 2296 19.41 -2.71 -37.57
CA GLN A 2296 18.01 -3.05 -37.72
C GLN A 2296 17.55 -2.85 -39.16
N ASN A 2548 4.69 33.10 -11.48
CA ASN A 2548 5.38 33.28 -12.75
C ASN A 2548 4.58 34.17 -13.68
N ILE A 2549 5.24 35.15 -14.28
CA ILE A 2549 4.63 36.05 -15.26
C ILE A 2549 3.30 36.58 -14.74
N PRO A 2550 3.28 37.25 -13.59
CA PRO A 2550 2.01 37.69 -13.02
C PRO A 2550 1.27 38.64 -13.94
N THR A 2551 -0.04 38.41 -14.07
CA THR A 2551 -0.84 39.23 -14.99
C THR A 2551 -0.83 40.68 -14.59
N THR A 2552 -0.92 40.96 -13.29
CA THR A 2552 -0.97 42.32 -12.78
C THR A 2552 0.13 42.49 -11.74
N HIS A 2553 0.73 43.67 -11.71
CA HIS A 2553 1.75 43.95 -10.72
C HIS A 2553 1.13 43.85 -9.32
N PRO A 2554 1.86 43.36 -8.31
CA PRO A 2554 1.24 43.19 -7.00
C PRO A 2554 0.68 44.48 -6.42
N LEU A 2555 1.38 45.60 -6.62
CA LEU A 2555 0.89 46.87 -6.12
C LEU A 2555 -0.45 47.23 -6.73
N MET A 2556 -0.61 47.03 -8.04
CA MET A 2556 -1.86 47.36 -8.70
C MET A 2556 -3.00 46.51 -8.16
N VAL A 2557 -2.75 45.21 -8.00
CA VAL A 2557 -3.80 44.30 -7.56
C VAL A 2557 -4.08 44.52 -6.08
N ARG A 2558 -5.37 44.56 -5.74
CA ARG A 2558 -5.85 44.72 -4.37
C ARG A 2558 -4.85 45.41 -3.44
N LEU A 2678 14.41 19.41 -26.35
CA LEU A 2678 13.44 18.67 -25.56
C LEU A 2678 12.12 19.43 -25.49
N SER A 2679 11.01 18.70 -25.37
CA SER A 2679 9.70 19.32 -25.33
C SER A 2679 9.48 20.18 -24.08
N SER A 2680 10.35 20.07 -23.07
CA SER A 2680 10.28 20.98 -21.94
C SER A 2680 10.58 22.41 -22.36
N ILE A 2681 11.38 22.57 -23.41
CA ILE A 2681 11.74 23.91 -23.89
C ILE A 2681 10.51 24.59 -24.48
N PRO A 2682 10.14 25.78 -24.03
CA PRO A 2682 8.91 26.41 -24.51
C PRO A 2682 9.08 26.94 -25.93
N THR A 2683 8.06 26.71 -26.75
CA THR A 2683 8.07 27.13 -28.14
C THR A 2683 7.88 28.65 -28.25
N ALA A 2684 8.16 29.15 -29.45
CA ALA A 2684 8.08 30.58 -29.71
C ALA A 2684 6.65 31.09 -29.63
N LEU A 2685 5.70 30.33 -30.18
CA LEU A 2685 4.31 30.75 -30.09
C LEU A 2685 3.85 30.85 -28.65
N THR A 2686 4.25 29.90 -27.80
CA THR A 2686 3.80 29.95 -26.41
C THR A 2686 4.36 31.20 -25.73
N ARG A 2687 5.62 31.51 -26.02
CA ARG A 2687 6.23 32.69 -25.42
C ARG A 2687 5.52 33.94 -25.88
N TRP A 2688 5.20 34.02 -27.17
CA TRP A 2688 4.49 35.18 -27.68
C TRP A 2688 3.12 35.27 -27.03
N THR A 2689 2.49 34.12 -26.80
CA THR A 2689 1.17 34.09 -26.19
C THR A 2689 1.24 34.72 -24.81
N GLU A 2690 2.21 34.28 -24.01
CA GLU A 2690 2.36 34.83 -22.66
C GLU A 2690 2.66 36.32 -22.73
N GLU A 2691 3.53 36.72 -23.65
CA GLU A 2691 3.88 38.13 -23.80
C GLU A 2691 2.65 38.93 -24.15
N CYS A 2692 1.82 38.40 -25.05
CA CYS A 2692 0.61 39.07 -25.48
C CYS A 2692 -0.36 39.22 -24.33
N LYS A 2693 -0.49 38.17 -23.52
CA LYS A 2693 -1.35 38.23 -22.34
C LYS A 2693 -0.89 39.36 -21.42
N VAL A 2694 0.39 39.38 -21.09
CA VAL A 2694 0.89 40.40 -20.18
C VAL A 2694 0.70 41.79 -20.78
N LEU A 2695 1.29 42.02 -21.95
CA LEU A 2695 1.26 43.34 -22.57
C LEU A 2695 -0.14 43.79 -22.96
N ASP A 2696 -0.92 42.90 -23.57
CA ASP A 2696 -2.23 43.28 -24.11
C ASP A 2696 -3.19 42.10 -23.97
N ALA A 2697 -3.79 41.98 -22.79
CA ALA A 2697 -4.60 40.80 -22.50
C ALA A 2697 -5.80 40.69 -23.43
N GLU A 2698 -6.58 41.77 -23.58
CA GLU A 2698 -7.83 41.69 -24.32
C GLU A 2698 -7.82 42.42 -25.66
N SER A 2699 -6.77 43.15 -25.98
CA SER A 2699 -6.70 43.91 -27.23
C SER A 2699 -6.13 43.07 -28.37
N MET A 2700 -5.73 41.84 -28.09
CA MET A 2700 -5.21 40.94 -29.13
C MET A 2700 -6.26 40.68 -30.19
N HIS A 2701 -7.50 40.46 -29.78
CA HIS A 2701 -8.56 40.14 -30.73
C HIS A 2701 -8.79 41.28 -31.71
N ASP A 2702 -8.72 42.52 -31.24
CA ASP A 2702 -8.87 43.66 -32.16
C ASP A 2702 -7.82 43.62 -33.25
N CYS A 2703 -6.61 43.14 -32.94
CA CYS A 2703 -5.60 43.08 -33.98
C CYS A 2703 -5.87 41.87 -34.84
N VAL A 2704 -6.17 40.73 -34.22
CA VAL A 2704 -6.44 39.52 -34.98
C VAL A 2704 -7.46 39.87 -36.04
N SER A 2705 -8.35 40.81 -35.73
CA SER A 2705 -9.40 41.22 -36.64
C SER A 2705 -8.88 42.12 -37.76
N VAL A 2706 -8.08 43.12 -37.43
CA VAL A 2706 -7.59 43.96 -38.53
C VAL A 2706 -6.74 43.11 -39.47
N VAL A 2707 -5.86 42.27 -38.91
CA VAL A 2707 -4.99 41.46 -39.74
C VAL A 2707 -5.82 40.49 -40.54
N LYS A 2708 -6.89 39.97 -39.94
CA LYS A 2708 -7.73 38.98 -40.60
C LYS A 2708 -8.37 39.60 -41.83
N VAL A 2709 -8.92 40.81 -41.67
CA VAL A 2709 -9.51 41.49 -42.81
C VAL A 2709 -8.47 41.65 -43.92
N SER A 2710 -7.30 42.18 -43.54
CA SER A 2710 -6.28 42.47 -44.54
C SER A 2710 -5.89 41.20 -45.29
N ILE A 2711 -5.64 40.13 -44.54
CA ILE A 2711 -5.16 38.88 -45.13
C ILE A 2711 -6.23 38.26 -46.03
N VAL A 2712 -7.48 38.21 -45.55
CA VAL A 2712 -8.53 37.54 -46.32
C VAL A 2712 -8.80 38.27 -47.61
N ASN A 2713 -8.71 39.62 -47.60
CA ASN A 2713 -8.98 40.33 -48.85
C ASN A 2713 -7.93 40.00 -49.91
N HIS A 2714 -6.96 39.16 -49.57
CA HIS A 2714 -5.85 38.82 -50.43
C HIS A 2714 -5.88 37.35 -50.78
N LEU A 2715 -6.11 36.54 -49.75
CA LEU A 2715 -6.16 35.09 -49.94
C LEU A 2715 -7.41 34.66 -50.69
N GLU A 2716 -8.54 35.37 -50.53
CA GLU A 2716 -9.71 35.02 -51.33
C GLU A 2716 -9.49 35.40 -52.79
N PHE A 2717 -8.80 36.51 -53.03
CA PHE A 2717 -8.43 36.90 -54.38
C PHE A 2717 -7.53 35.85 -55.02
N LEU A 2718 -6.53 35.38 -54.28
CA LEU A 2718 -5.65 34.34 -54.81
C LEU A 2718 -6.38 33.02 -54.97
N ARG A 2719 -7.36 32.73 -54.10
CA ARG A 2719 -8.14 31.52 -54.27
C ARG A 2719 -8.96 31.58 -55.55
N ASP A 2720 -9.47 32.77 -55.88
CA ASP A 2720 -10.33 32.88 -57.05
C ASP A 2720 -9.48 32.91 -58.32
N GLU A 2721 -8.26 33.42 -58.21
CA GLU A 2721 -7.36 33.41 -59.36
C GLU A 2721 -6.86 31.99 -59.64
N GLU A 2722 -6.50 31.25 -58.59
CA GLU A 2722 -6.11 29.87 -58.77
C GLU A 2722 -7.27 29.04 -59.31
N LEU A 2723 -8.49 29.27 -58.80
CA LEU A 2723 -9.64 28.53 -59.29
C LEU A 2723 -9.90 28.80 -60.76
N GLU A 2724 -9.80 30.07 -61.17
CA GLU A 2724 -9.89 30.40 -62.59
C GLU A 2724 -8.81 29.69 -63.40
N GLU A 2725 -7.57 29.70 -62.91
CA GLU A 2725 -6.50 28.99 -63.61
C GLU A 2725 -6.81 27.50 -63.76
N ARG A 2726 -7.37 26.89 -62.71
CA ARG A 2726 -7.69 25.46 -62.77
C ARG A 2726 -8.80 25.18 -63.78
N ARG A 2727 -9.85 26.00 -63.76
CA ARG A 2727 -10.91 25.86 -64.77
C ARG A 2727 -10.38 26.09 -66.18
N GLU A 2728 -9.50 27.07 -66.35
CA GLU A 2728 -8.92 27.33 -67.66
C GLU A 2728 -8.12 26.12 -68.14
N LYS A 2729 -7.26 25.58 -67.29
CA LYS A 2729 -6.45 24.43 -67.70
C LYS A 2729 -7.34 23.23 -68.02
N ARG A 2730 -8.41 23.03 -67.25
CA ARG A 2730 -9.37 21.99 -67.57
C ARG A 2730 -10.01 22.22 -68.94
N ARG A 2731 -10.41 23.46 -69.21
CA ARG A 2731 -11.03 23.78 -70.50
C ARG A 2731 -10.07 23.55 -71.65
N LYS A 2732 -8.82 23.95 -71.51
CA LYS A 2732 -7.84 23.75 -72.58
C LYS A 2732 -7.55 22.26 -72.79
N GLN A 2733 -7.68 21.45 -71.74
CA GLN A 2733 -7.57 20.00 -71.90
C GLN A 2733 -8.78 19.45 -72.64
N LEU A 3216 30.34 -2.91 -42.12
CA LEU A 3216 31.35 -3.12 -41.08
C LEU A 3216 31.34 -1.97 -40.08
N LEU A 3217 30.39 -2.03 -39.14
CA LEU A 3217 30.29 -0.96 -38.16
C LEU A 3217 31.52 -0.89 -37.27
N LEU A 3218 32.01 -2.05 -36.81
CA LEU A 3218 33.17 -2.13 -35.94
C LEU A 3218 34.22 -3.08 -36.47
N ASP A 3219 35.47 -2.68 -36.33
CA ASP A 3219 36.62 -3.45 -36.77
C ASP A 3219 36.96 -4.50 -35.72
N HIS A 3220 37.94 -5.34 -36.05
CA HIS A 3220 38.31 -6.44 -35.14
C HIS A 3220 38.80 -5.91 -33.79
N GLU A 3221 39.53 -4.79 -33.80
CA GLU A 3221 40.14 -4.27 -32.57
C GLU A 3221 39.08 -3.84 -31.56
N ALA A 3222 38.06 -3.12 -32.01
CA ALA A 3222 37.01 -2.68 -31.10
C ALA A 3222 36.24 -3.86 -30.54
N LEU A 3223 35.94 -4.85 -31.40
CA LEU A 3223 35.26 -6.03 -30.92
C LEU A 3223 36.13 -6.76 -29.89
N SER A 3224 37.44 -6.76 -30.11
CA SER A 3224 38.34 -7.40 -29.16
C SER A 3224 38.26 -6.71 -27.81
N CYS A 3225 38.23 -5.38 -27.79
CA CYS A 3225 38.07 -4.67 -26.52
C CYS A 3225 36.75 -5.04 -25.84
N LEU A 3226 35.68 -5.18 -26.63
CA LEU A 3226 34.43 -5.60 -26.02
C LEU A 3226 34.55 -7.01 -25.41
N LEU A 3227 35.24 -7.91 -26.10
CA LEU A 3227 35.43 -9.23 -25.52
C LEU A 3227 36.28 -9.16 -24.27
N VAL A 3228 37.21 -8.21 -24.20
CA VAL A 3228 37.99 -8.07 -22.98
C VAL A 3228 37.09 -7.66 -21.84
N LEU A 3229 36.09 -6.81 -22.12
CA LEU A 3229 35.13 -6.50 -21.07
C LEU A 3229 34.37 -7.75 -20.68
N LEU A 3230 34.06 -8.59 -21.68
CA LEU A 3230 33.45 -9.89 -21.41
C LEU A 3230 34.29 -10.71 -20.43
N PHE A 3231 35.61 -10.54 -20.46
CA PHE A 3231 36.50 -11.36 -19.64
C PHE A 3231 36.50 -10.90 -18.18
N VAL A 3232 36.64 -9.60 -17.95
CA VAL A 3232 36.81 -9.08 -16.61
C VAL A 3232 35.61 -9.42 -15.73
N ASP A 3233 35.90 -9.69 -14.46
CA ASP A 3233 34.89 -10.06 -13.46
C ASP A 3233 34.48 -8.79 -12.73
N GLU A 3234 33.37 -8.20 -13.15
CA GLU A 3234 32.80 -7.04 -12.46
C GLU A 3234 31.33 -7.32 -12.21
N PRO A 3235 30.86 -7.36 -10.97
CA PRO A 3235 29.42 -7.57 -10.76
C PRO A 3235 28.59 -6.40 -11.27
N LYS A 3236 29.04 -5.17 -11.03
CA LYS A 3236 28.29 -3.99 -11.42
C LYS A 3236 28.17 -3.84 -12.93
N LEU A 3237 28.84 -4.69 -13.71
CA LEU A 3237 28.84 -4.57 -15.15
C LEU A 3237 27.59 -5.21 -15.74
N ASN A 3238 26.92 -4.47 -16.62
CA ASN A 3238 25.69 -4.92 -17.27
C ASN A 3238 26.04 -5.91 -18.37
N THR A 3239 26.16 -7.18 -18.00
CA THR A 3239 26.42 -8.22 -18.98
C THR A 3239 25.31 -8.26 -20.02
N SER A 3240 24.08 -8.02 -19.60
CA SER A 3240 22.94 -8.08 -20.51
C SER A 3240 23.06 -7.03 -21.61
N ARG A 3241 23.44 -5.81 -21.24
CA ARG A 3241 23.65 -4.78 -22.24
C ARG A 3241 24.77 -5.15 -23.19
N LEU A 3242 25.87 -5.71 -22.66
CA LEU A 3242 26.97 -6.09 -23.53
C LEU A 3242 26.50 -7.16 -24.50
N HIS A 3243 25.69 -8.09 -24.02
CA HIS A 3243 25.22 -9.19 -24.85
C HIS A 3243 24.36 -8.65 -25.98
N ARG A 3244 23.49 -7.68 -25.66
CA ARG A 3244 22.67 -7.05 -26.68
C ARG A 3244 23.52 -6.31 -27.70
N VAL A 3245 24.56 -5.60 -27.25
CA VAL A 3245 25.45 -4.93 -28.18
C VAL A 3245 26.07 -5.94 -29.12
N LEU A 3246 26.54 -7.06 -28.56
CA LEU A 3246 27.23 -8.05 -29.38
C LEU A 3246 26.26 -8.67 -30.38
N ARG A 3247 25.01 -8.90 -29.96
CA ARG A 3247 24.03 -9.47 -30.88
C ARG A 3247 23.76 -8.50 -32.03
N ASN A 3248 23.57 -7.22 -31.71
CA ASN A 3248 23.28 -6.24 -32.75
C ASN A 3248 24.46 -6.10 -33.69
N LEU A 3249 25.67 -6.33 -33.18
CA LEU A 3249 26.85 -6.29 -34.04
C LEU A 3249 26.91 -7.55 -34.89
N CYS A 3250 26.50 -8.68 -34.31
CA CYS A 3250 26.50 -9.98 -34.96
C CYS A 3250 25.33 -10.18 -35.90
N TYR A 3251 24.51 -9.15 -36.14
CA TYR A 3251 23.56 -9.25 -37.25
C TYR A 3251 24.31 -9.19 -38.59
N HIS A 3252 25.47 -8.53 -38.60
CA HIS A 3252 26.37 -8.57 -39.74
C HIS A 3252 27.04 -9.95 -39.76
N ALA A 3253 27.05 -10.58 -40.94
CA ALA A 3253 27.61 -11.91 -41.10
C ALA A 3253 29.12 -11.94 -40.82
N GLN A 3254 29.88 -11.02 -41.38
CA GLN A 3254 31.33 -11.04 -41.15
C GLN A 3254 31.62 -10.83 -39.67
N THR A 3255 30.94 -9.87 -39.04
CA THR A 3255 31.10 -9.65 -37.61
C THR A 3255 30.62 -10.86 -36.85
N ARG A 3256 29.53 -11.49 -37.30
CA ARG A 3256 29.01 -12.64 -36.55
C ARG A 3256 30.08 -13.72 -36.54
N HIS A 3257 30.69 -13.95 -37.69
CA HIS A 3257 31.66 -15.02 -37.82
C HIS A 3257 32.83 -14.75 -36.90
N TRP A 3258 33.35 -13.52 -36.94
CA TRP A 3258 34.52 -13.21 -36.13
C TRP A 3258 34.20 -13.39 -34.65
N VAL A 3259 33.06 -12.84 -34.22
CA VAL A 3259 32.75 -12.86 -32.79
C VAL A 3259 32.60 -14.31 -32.33
N ILE A 3260 31.73 -15.06 -33.00
CA ILE A 3260 31.46 -16.43 -32.58
C ILE A 3260 32.77 -17.23 -32.54
N ARG A 3261 33.57 -17.14 -33.60
CA ARG A 3261 34.80 -17.90 -33.65
C ARG A 3261 35.74 -17.50 -32.52
N SER A 3262 35.86 -16.20 -32.25
CA SER A 3262 36.75 -15.74 -31.20
C SER A 3262 36.28 -16.25 -29.85
N LEU A 3263 34.97 -16.23 -29.61
CA LEU A 3263 34.44 -16.73 -28.35
C LEU A 3263 34.73 -18.21 -28.19
N LEU A 3264 34.56 -18.99 -29.26
CA LEU A 3264 34.87 -20.41 -29.17
C LEU A 3264 36.36 -20.63 -28.90
N SER A 3265 37.21 -19.82 -29.53
CA SER A 3265 38.65 -19.93 -29.27
C SER A 3265 38.96 -19.61 -27.82
N ILE A 3266 38.27 -18.62 -27.25
CA ILE A 3266 38.45 -18.27 -25.85
C ILE A 3266 38.05 -19.44 -24.97
N LEU A 3267 36.95 -20.10 -25.34
CA LEU A 3267 36.53 -21.27 -24.60
C LEU A 3267 37.62 -22.32 -24.62
N GLN A 3268 38.10 -22.65 -25.82
CA GLN A 3268 39.12 -23.69 -25.95
C GLN A 3268 40.35 -23.35 -25.13
N ARG A 3269 40.86 -22.12 -25.27
CA ARG A 3269 42.09 -21.75 -24.57
C ARG A 3269 41.88 -21.75 -23.07
N SER A 3270 40.67 -21.43 -22.62
CA SER A 3270 40.40 -21.43 -21.19
C SER A 3270 40.58 -22.83 -20.62
N SER A 3271 40.06 -23.83 -21.32
CA SER A 3271 40.26 -25.23 -20.96
C SER A 3271 41.72 -25.65 -21.18
N SER A 3321 50.89 -2.42 -18.31
CA SER A 3321 50.13 -3.55 -18.84
C SER A 3321 48.64 -3.34 -18.65
N TRP A 3322 47.93 -3.18 -19.76
CA TRP A 3322 46.49 -2.98 -19.70
C TRP A 3322 45.78 -4.28 -19.34
N LEU A 3323 46.29 -5.40 -19.84
CA LEU A 3323 45.76 -6.73 -19.50
C LEU A 3323 46.38 -7.22 -18.19
N SER A 3324 45.92 -6.59 -17.10
CA SER A 3324 46.31 -6.95 -15.75
C SER A 3324 45.05 -7.07 -14.91
N VAL A 3325 44.17 -7.97 -15.35
CA VAL A 3325 42.84 -8.12 -14.75
C VAL A 3325 42.97 -9.18 -13.65
N SER A 3326 43.43 -8.74 -12.50
CA SER A 3326 43.56 -9.65 -11.37
C SER A 3326 42.19 -10.04 -10.85
N MET A 3327 42.00 -11.33 -10.57
CA MET A 3327 40.76 -11.84 -10.02
C MET A 3327 41.04 -12.58 -8.72
N ASP A 3328 40.16 -12.38 -7.74
CA ASP A 3328 40.29 -13.03 -6.44
C ASP A 3328 39.69 -14.43 -6.55
N ALA A 3329 40.38 -15.27 -7.32
CA ALA A 3329 39.87 -16.61 -7.59
C ALA A 3329 39.96 -17.49 -6.36
N ALA A 3330 41.07 -17.39 -5.63
CA ALA A 3330 41.36 -18.27 -4.52
C ALA A 3330 41.56 -17.46 -3.24
N LEU A 3331 41.54 -18.18 -2.12
CA LEU A 3331 41.63 -17.53 -0.82
C LEU A 3331 42.95 -16.78 -0.65
N GLY A 3332 44.06 -17.40 -1.02
CA GLY A 3332 45.35 -16.81 -0.72
C GLY A 3332 45.99 -16.02 -1.85
N CYS A 3333 45.59 -16.28 -3.09
CA CYS A 3333 46.25 -15.69 -4.24
C CYS A 3333 45.25 -14.99 -5.14
N ARG A 3334 45.64 -13.84 -5.67
CA ARG A 3334 44.87 -13.13 -6.67
C ARG A 3334 45.48 -13.48 -8.02
N THR A 3335 44.69 -14.07 -8.90
CA THR A 3335 45.19 -14.59 -10.16
C THR A 3335 44.89 -13.67 -11.33
N ASN A 3336 45.93 -13.35 -12.10
CA ASN A 3336 45.74 -12.61 -13.33
C ASN A 3336 45.02 -13.49 -14.35
N ILE A 3337 43.97 -12.95 -14.96
CA ILE A 3337 43.21 -13.72 -15.92
C ILE A 3337 44.01 -14.02 -17.18
N PHE A 3338 45.02 -13.21 -17.50
CA PHE A 3338 45.81 -13.35 -18.71
C PHE A 3338 47.28 -13.57 -18.37
N GLN A 3339 47.82 -14.73 -18.71
CA GLN A 3339 49.25 -15.01 -18.67
C GLN A 3339 49.82 -14.80 -20.07
N ILE A 3340 50.57 -13.72 -20.25
CA ILE A 3340 51.16 -13.37 -21.53
C ILE A 3340 52.66 -13.59 -21.45
N GLN A 3341 53.19 -14.40 -22.36
CA GLN A 3341 54.62 -14.69 -22.40
C GLN A 3341 55.15 -14.54 -23.82
N THR A 3358 49.86 -17.47 -27.81
CA THR A 3358 50.86 -17.31 -26.76
C THR A 3358 50.30 -16.58 -25.54
N VAL A 3359 49.00 -16.28 -25.59
CA VAL A 3359 48.27 -15.72 -24.47
C VAL A 3359 47.52 -16.85 -23.78
N HIS A 3360 47.73 -17.01 -22.47
CA HIS A 3360 47.10 -18.08 -21.72
C HIS A 3360 46.24 -17.51 -20.61
N ILE A 3361 45.21 -18.27 -20.25
CA ILE A 3361 44.29 -17.92 -19.18
C ILE A 3361 44.58 -18.76 -17.95
N HIS A 3362 44.81 -18.10 -16.83
CA HIS A 3362 45.21 -18.79 -15.61
C HIS A 3362 44.08 -19.73 -15.17
N PRO A 3363 44.34 -21.03 -15.00
CA PRO A 3363 43.23 -21.98 -14.84
C PRO A 3363 42.31 -21.69 -13.66
N GLN A 3364 42.74 -20.86 -12.70
CA GLN A 3364 41.83 -20.46 -11.63
C GLN A 3364 40.75 -19.52 -12.14
N ALA A 3365 41.07 -18.69 -13.13
CA ALA A 3365 40.12 -17.77 -13.71
C ALA A 3365 39.26 -18.42 -14.79
N ALA A 3366 39.75 -19.49 -15.41
CA ALA A 3366 39.03 -20.13 -16.52
C ALA A 3366 37.55 -20.33 -16.27
N PRO A 3367 37.10 -20.87 -15.14
CA PRO A 3367 35.66 -21.13 -14.98
C PRO A 3367 34.80 -19.88 -15.06
N VAL A 3368 35.39 -18.71 -14.83
CA VAL A 3368 34.65 -17.45 -14.89
C VAL A 3368 34.60 -16.94 -16.31
N VAL A 3369 35.73 -17.01 -17.02
CA VAL A 3369 35.72 -16.62 -18.41
C VAL A 3369 34.79 -17.53 -19.18
N CYS A 3370 34.81 -18.82 -18.85
CA CYS A 3370 33.90 -19.77 -19.47
C CYS A 3370 32.45 -19.40 -19.16
N ARG A 3371 32.15 -19.04 -17.91
CA ARG A 3371 30.77 -18.71 -17.56
C ARG A 3371 30.30 -17.53 -18.41
N HIS A 3372 31.11 -16.46 -18.46
CA HIS A 3372 30.69 -15.27 -19.19
C HIS A 3372 30.56 -15.55 -20.67
N VAL A 3373 31.53 -16.29 -21.23
CA VAL A 3373 31.52 -16.55 -22.66
C VAL A 3373 30.31 -17.40 -23.01
N LEU A 3374 29.97 -18.35 -22.14
CA LEU A 3374 28.84 -19.22 -22.37
C LEU A 3374 27.55 -18.43 -22.34
N ASP A 3375 27.45 -17.47 -21.42
CA ASP A 3375 26.26 -16.62 -21.42
C ASP A 3375 26.17 -15.87 -22.74
N THR A 3376 27.29 -15.32 -23.20
CA THR A 3376 27.25 -14.53 -24.42
C THR A 3376 26.83 -15.41 -25.59
N LEU A 3377 27.38 -16.62 -25.64
CA LEU A 3377 27.10 -17.52 -26.74
C LEU A 3377 25.64 -17.94 -26.74
N ILE A 3378 25.09 -18.16 -25.55
CA ILE A 3378 23.67 -18.49 -25.44
C ILE A 3378 22.82 -17.35 -25.96
N GLN A 3379 23.22 -16.11 -25.70
CA GLN A 3379 22.47 -14.98 -26.23
C GLN A 3379 22.54 -14.94 -27.75
N LEU A 3380 23.73 -15.08 -28.33
CA LEU A 3380 23.83 -15.09 -29.78
C LEU A 3380 23.04 -16.26 -30.36
N ALA A 3381 23.05 -17.40 -29.68
CA ALA A 3381 22.35 -18.59 -30.15
C ALA A 3381 20.85 -18.34 -30.19
N LYS A 3382 20.32 -17.67 -29.16
CA LYS A 3382 18.90 -17.38 -29.13
C LYS A 3382 18.49 -16.59 -30.36
N VAL A 3383 19.34 -15.64 -30.76
CA VAL A 3383 19.11 -14.88 -31.99
C VAL A 3383 19.58 -15.73 -33.17
N ASP A 3424 43.14 -14.94 -34.15
CA ASP A 3424 43.36 -13.54 -34.53
C ASP A 3424 43.10 -12.61 -33.35
N PHE A 3425 42.04 -12.91 -32.61
CA PHE A 3425 41.68 -12.08 -31.46
C PHE A 3425 42.84 -11.95 -30.48
N TRP A 3426 43.62 -13.03 -30.31
CA TRP A 3426 44.72 -13.01 -29.37
C TRP A 3426 45.85 -12.10 -29.83
N ASP A 3427 46.14 -12.07 -31.14
CA ASP A 3427 47.22 -11.22 -31.61
C ASP A 3427 46.81 -9.74 -31.56
N LEU A 3428 45.56 -9.45 -31.86
CA LEU A 3428 45.04 -8.10 -31.65
C LEU A 3428 45.08 -7.74 -30.17
N LEU A 3429 44.71 -8.68 -29.31
CA LEU A 3429 44.68 -8.44 -27.88
C LEU A 3429 46.05 -8.11 -27.34
N VAL A 3430 47.09 -8.80 -27.82
CA VAL A 3430 48.45 -8.43 -27.45
C VAL A 3430 48.91 -7.13 -28.10
N LYS A 3431 48.45 -6.84 -29.32
CA LYS A 3431 48.71 -5.54 -29.91
C LYS A 3431 48.13 -4.41 -29.07
N LEU A 3432 46.98 -4.64 -28.44
CA LEU A 3432 46.45 -3.70 -27.46
C LEU A 3432 47.31 -3.63 -26.22
N ASP A 3433 47.60 -4.79 -25.62
CA ASP A 3433 48.31 -4.81 -24.35
C ASP A 3433 49.68 -4.16 -24.45
N ASN A 3434 50.35 -4.27 -25.58
CA ASN A 3434 51.66 -3.63 -25.73
C ASN A 3434 51.58 -2.11 -25.73
N MET A 3435 50.48 -1.53 -26.20
CA MET A 3435 50.34 -0.08 -26.15
C MET A 3435 50.01 0.39 -24.74
N GLU A 3464 25.81 -21.40 -37.37
CA GLU A 3464 25.50 -21.95 -36.05
C GLU A 3464 25.95 -23.40 -35.98
N ALA A 3465 25.70 -24.12 -37.08
CA ALA A 3465 25.65 -25.57 -37.06
C ALA A 3465 27.03 -26.21 -37.18
N SER A 3466 27.99 -25.50 -37.80
CA SER A 3466 29.35 -26.04 -37.90
C SER A 3466 30.10 -26.01 -36.59
N PRO A 3467 30.19 -24.89 -35.87
CA PRO A 3467 30.83 -24.90 -34.55
C PRO A 3467 30.07 -25.65 -33.46
N LEU A 3468 28.96 -26.31 -33.79
CA LEU A 3468 28.31 -27.19 -32.83
C LEU A 3468 29.24 -28.33 -32.44
N GLY A 3469 30.00 -28.85 -33.40
CA GLY A 3469 30.96 -29.90 -33.09
C GLY A 3469 31.95 -29.48 -32.02
N GLN A 3470 32.49 -28.28 -32.17
CA GLN A 3470 33.49 -27.80 -31.21
C GLN A 3470 32.86 -27.67 -29.83
N LEU A 3471 31.64 -27.14 -29.76
CA LEU A 3471 31.01 -26.95 -28.47
C LEU A 3471 30.76 -28.29 -27.80
N MET A 3472 30.36 -29.29 -28.57
CA MET A 3472 30.19 -30.61 -27.99
C MET A 3472 31.53 -31.18 -27.52
N ASN A 3473 32.59 -30.98 -28.31
CA ASN A 3473 33.91 -31.43 -27.91
C ASN A 3473 34.38 -30.73 -26.63
N MET A 3474 33.83 -29.56 -26.33
CA MET A 3474 34.17 -28.89 -25.07
C MET A 3474 33.60 -29.60 -23.85
N LEU A 3475 32.65 -30.52 -24.02
CA LEU A 3475 32.17 -31.28 -22.87
C LEU A 3475 33.25 -32.17 -22.28
N SER A 3476 34.26 -32.53 -23.06
CA SER A 3476 35.34 -33.38 -22.56
C SER A 3476 36.36 -32.62 -21.72
N HIS A 3477 36.40 -31.30 -21.83
CA HIS A 3477 37.51 -30.54 -21.26
C HIS A 3477 37.28 -30.23 -19.78
N PRO A 3478 38.35 -30.30 -19.00
CA PRO A 3478 38.19 -30.52 -17.55
C PRO A 3478 37.48 -29.39 -16.82
N VAL A 3479 37.78 -28.13 -17.14
CA VAL A 3479 37.14 -27.02 -16.43
C VAL A 3479 35.63 -27.08 -16.60
N ILE A 3480 35.16 -27.59 -17.74
CA ILE A 3480 33.72 -27.72 -17.96
C ILE A 3480 33.19 -28.98 -17.30
N ARG A 3481 33.86 -30.11 -17.55
CA ARG A 3481 33.43 -31.40 -17.04
C ARG A 3481 33.37 -31.43 -15.52
N ARG A 3482 34.23 -30.67 -14.84
CA ARG A 3482 34.11 -30.50 -13.39
C ARG A 3482 32.81 -29.81 -13.01
N SER A 3483 32.54 -28.66 -13.60
CA SER A 3483 31.57 -27.73 -13.07
C SER A 3483 30.16 -28.09 -13.50
N SER A 3484 29.24 -28.08 -12.53
CA SER A 3484 27.83 -28.26 -12.84
C SER A 3484 27.30 -27.07 -13.61
N LEU A 3485 27.64 -25.86 -13.15
CA LEU A 3485 27.09 -24.66 -13.75
C LEU A 3485 27.48 -24.57 -15.22
N LEU A 3486 28.78 -24.73 -15.50
CA LEU A 3486 29.24 -24.58 -16.87
C LEU A 3486 28.64 -25.66 -17.74
N THR A 3487 28.53 -26.88 -17.21
CA THR A 3487 28.01 -27.97 -18.00
C THR A 3487 26.56 -27.70 -18.35
N GLU A 3488 25.78 -27.20 -17.39
CA GLU A 3488 24.38 -26.88 -17.67
C GLU A 3488 24.29 -25.79 -18.72
N LYS A 3489 25.13 -24.76 -18.62
CA LYS A 3489 25.04 -23.66 -19.58
C LYS A 3489 25.40 -24.16 -20.97
N LEU A 3490 26.42 -25.01 -21.06
CA LEU A 3490 26.83 -25.55 -22.35
C LEU A 3490 25.72 -26.40 -22.92
N LEU A 3491 25.06 -27.18 -22.08
CA LEU A 3491 23.97 -28.05 -22.52
C LEU A 3491 22.80 -27.20 -23.01
N ARG A 3492 22.55 -26.08 -22.32
CA ARG A 3492 21.50 -25.16 -22.76
C ARG A 3492 21.84 -24.63 -24.14
N LEU A 3493 23.11 -24.27 -24.34
CA LEU A 3493 23.51 -23.74 -25.64
C LEU A 3493 23.29 -24.79 -26.70
N LEU A 3494 23.65 -26.04 -26.40
CA LEU A 3494 23.54 -27.11 -27.37
C LEU A 3494 22.08 -27.32 -27.73
N SER A 3495 21.21 -27.27 -26.72
CA SER A 3495 19.78 -27.47 -26.96
C SER A 3495 19.28 -26.39 -27.87
N LEU A 3496 19.64 -25.13 -27.58
CA LEU A 3496 19.14 -24.02 -28.38
C LEU A 3496 19.59 -24.17 -29.82
N ILE A 3497 20.86 -24.54 -30.03
CA ILE A 3497 21.38 -24.65 -31.38
C ILE A 3497 20.70 -25.79 -32.12
N SER A 3498 20.49 -26.92 -31.41
CA SER A 3498 19.95 -28.11 -32.05
C SER A 3498 18.70 -27.80 -32.87
N ILE A 3499 17.87 -26.88 -32.39
CA ILE A 3499 16.73 -26.40 -33.14
C ILE A 3499 17.21 -25.80 -34.46
N GLY A 3612 31.50 -37.49 -34.80
CA GLY A 3612 30.10 -37.76 -34.51
C GLY A 3612 29.91 -38.83 -33.46
N LEU A 3613 30.73 -39.88 -33.56
CA LEU A 3613 30.67 -40.99 -32.61
C LEU A 3613 31.19 -40.58 -31.24
N THR A 3614 32.39 -39.98 -31.21
CA THR A 3614 32.94 -39.48 -29.96
C THR A 3614 32.09 -38.36 -29.38
N GLU A 3615 31.55 -37.48 -30.22
CA GLU A 3615 30.83 -36.32 -29.69
C GLU A 3615 29.50 -36.74 -29.09
N ASN A 3616 28.75 -37.57 -29.81
CA ASN A 3616 27.52 -38.11 -29.25
C ASN A 3616 27.82 -38.94 -28.01
N GLN A 3617 28.92 -39.68 -28.01
CA GLN A 3617 29.29 -40.45 -26.84
C GLN A 3617 29.57 -39.54 -25.65
N LEU A 3618 30.23 -38.41 -25.88
CA LEU A 3618 30.45 -37.43 -24.84
C LEU A 3618 29.13 -36.94 -24.25
N GLN A 3619 28.17 -36.64 -25.12
CA GLN A 3619 26.87 -36.22 -24.61
C GLN A 3619 26.24 -37.31 -23.77
N LEU A 3620 26.30 -38.56 -24.25
CA LEU A 3620 25.68 -39.64 -23.48
C LEU A 3620 26.42 -39.84 -22.16
N SER A 3621 27.74 -39.69 -22.17
CA SER A 3621 28.53 -39.80 -20.95
C SER A 3621 28.04 -38.79 -19.93
N VAL A 3622 27.55 -37.65 -20.41
CA VAL A 3622 27.15 -36.61 -19.47
C VAL A 3622 26.01 -37.17 -18.61
N GLU A 3623 24.92 -37.59 -19.27
CA GLU A 3623 23.77 -38.08 -18.53
C GLU A 3623 24.14 -39.32 -17.73
N VAL A 3624 24.99 -40.17 -18.28
CA VAL A 3624 25.38 -41.40 -17.59
C VAL A 3624 26.09 -41.10 -16.29
N LEU A 3625 26.90 -40.02 -16.26
CA LEU A 3625 27.73 -39.74 -15.09
C LEU A 3625 27.63 -38.28 -14.61
N THR A 3626 26.65 -37.52 -15.09
CA THR A 3626 26.58 -36.10 -14.75
C THR A 3626 27.91 -35.43 -15.09
N SER A 3631 21.00 -31.54 -11.20
CA SER A 3631 21.14 -30.99 -12.54
C SER A 3631 19.92 -31.28 -13.40
N GLU A 3632 18.74 -31.22 -12.78
CA GLU A 3632 17.51 -31.50 -13.51
C GLU A 3632 17.44 -30.68 -14.79
N GLU A 3633 17.89 -29.42 -14.72
CA GLU A 3633 17.98 -28.61 -15.93
C GLU A 3633 18.97 -29.23 -16.90
N GLY A 3634 20.11 -29.68 -16.40
CA GLY A 3634 21.08 -30.32 -17.28
C GLY A 3634 20.50 -31.57 -17.90
N LEU A 3635 19.73 -32.33 -17.12
CA LEU A 3635 19.16 -33.57 -17.64
C LEU A 3635 18.21 -33.24 -18.79
N GLU A 3636 17.36 -32.24 -18.57
CA GLU A 3636 16.39 -31.88 -19.60
C GLU A 3636 17.10 -31.38 -20.84
N ASP A 3637 18.14 -30.57 -20.66
CA ASP A 3637 18.85 -30.03 -21.80
C ASP A 3637 19.53 -31.13 -22.60
N ALA A 3638 20.11 -32.11 -21.91
CA ALA A 3638 20.73 -33.23 -22.60
C ALA A 3638 19.68 -34.01 -23.36
N ALA A 3639 18.52 -34.21 -22.75
CA ALA A 3639 17.46 -34.93 -23.44
C ALA A 3639 17.09 -34.20 -24.71
N ASN A 3640 16.93 -32.87 -24.62
CA ASN A 3640 16.51 -32.12 -25.79
C ASN A 3640 17.57 -32.20 -26.88
N VAL A 3641 18.85 -32.10 -26.49
CA VAL A 3641 19.91 -32.13 -27.48
C VAL A 3641 19.88 -33.46 -28.21
N LEU A 3642 19.80 -34.55 -27.43
CA LEU A 3642 19.85 -35.87 -28.03
C LEU A 3642 18.66 -36.07 -28.95
N LEU A 3643 17.48 -35.63 -28.51
CA LEU A 3643 16.27 -35.85 -29.29
C LEU A 3643 16.38 -35.10 -30.60
N GLN A 3644 16.71 -33.82 -30.54
CA GLN A 3644 16.79 -33.00 -31.75
C GLN A 3644 17.86 -33.53 -32.70
N LEU A 3645 19.03 -33.89 -32.18
CA LEU A 3645 20.06 -34.48 -33.03
C LEU A 3645 19.55 -35.77 -33.66
N SER A 3646 18.83 -36.59 -32.89
CA SER A 3646 18.36 -37.86 -33.43
C SER A 3646 17.38 -37.59 -34.57
N ARG A 3647 16.55 -36.56 -34.41
CA ARG A 3647 15.67 -36.15 -35.49
C ARG A 3647 16.47 -35.64 -36.67
N GLY A 3648 17.70 -35.19 -36.42
CA GLY A 3648 18.51 -34.64 -37.49
C GLY A 3648 18.89 -35.67 -38.53
N ASP A 3649 19.29 -36.87 -38.08
CA ASP A 3649 19.79 -37.91 -38.96
C ASP A 3649 19.33 -39.27 -38.46
N SER A 3650 19.20 -40.21 -39.38
CA SER A 3650 18.83 -41.58 -39.02
C SER A 3650 20.04 -42.36 -38.51
N GLY A 3651 21.15 -42.30 -39.24
CA GLY A 3651 22.38 -42.90 -38.75
C GLY A 3651 22.78 -42.39 -37.37
N THR A 3652 22.50 -41.13 -37.07
CA THR A 3652 22.79 -40.62 -35.74
C THR A 3652 21.75 -41.11 -34.74
N ARG A 3653 20.49 -41.25 -35.15
CA ARG A 3653 19.50 -41.91 -34.32
C ARG A 3653 20.04 -43.26 -33.86
N ASP A 3654 20.46 -44.08 -34.83
CA ASP A 3654 20.93 -45.43 -34.54
C ASP A 3654 22.16 -45.41 -33.62
N THR A 3655 23.13 -44.54 -33.92
CA THR A 3655 24.35 -44.49 -33.12
C THR A 3655 24.06 -44.02 -31.70
N VAL A 3656 23.16 -43.05 -31.54
CA VAL A 3656 22.83 -42.55 -30.22
C VAL A 3656 22.04 -43.60 -29.45
N LEU A 3657 21.08 -44.25 -30.08
CA LEU A 3657 20.36 -45.32 -29.40
C LEU A 3657 21.30 -46.44 -28.96
N LYS A 3658 22.24 -46.83 -29.84
CA LYS A 3658 23.18 -47.87 -29.47
C LYS A 3658 24.02 -47.44 -28.28
N LEU A 3659 24.52 -46.20 -28.31
CA LEU A 3659 25.42 -45.76 -27.27
C LEU A 3659 24.65 -45.67 -25.95
N LEU A 3660 23.39 -45.23 -26.03
CA LEU A 3660 22.58 -45.08 -24.83
C LEU A 3660 22.29 -46.45 -24.24
N LEU A 3661 22.01 -47.43 -25.09
CA LEU A 3661 21.77 -48.78 -24.60
C LEU A 3661 23.02 -49.30 -23.91
N ASN A 3662 24.19 -49.05 -24.49
CA ASN A 3662 25.42 -49.55 -23.87
C ASN A 3662 25.64 -48.89 -22.52
N GLY A 3663 25.35 -47.59 -22.43
CA GLY A 3663 25.49 -46.90 -21.17
C GLY A 3663 24.54 -47.46 -20.14
N ALA A 3664 23.31 -47.75 -20.56
CA ALA A 3664 22.32 -48.33 -19.66
C ALA A 3664 22.81 -49.69 -19.18
N ARG A 3665 23.38 -50.48 -20.08
CA ARG A 3665 23.82 -51.82 -19.69
C ARG A 3665 24.90 -51.71 -18.64
N HIS A 3666 25.86 -50.81 -18.85
CA HIS A 3666 26.96 -50.71 -17.91
C HIS A 3666 26.43 -50.23 -16.57
N LEU A 3667 25.50 -49.27 -16.61
CA LEU A 3667 24.94 -48.72 -15.39
C LEU A 3667 24.19 -49.80 -14.63
N GLY A 3668 23.45 -50.64 -15.35
CA GLY A 3668 22.76 -51.72 -14.71
C GLY A 3668 23.71 -52.72 -14.08
N TYR A 3669 24.79 -53.07 -14.79
CA TYR A 3669 25.75 -54.00 -14.22
C TYR A 3669 26.36 -53.46 -12.93
N THR A 3670 26.68 -52.16 -12.91
CA THR A 3670 27.20 -51.58 -11.67
C THR A 3670 26.12 -51.53 -10.60
N LEU A 3671 24.86 -51.37 -11.00
CA LEU A 3671 23.76 -51.36 -10.05
C LEU A 3671 23.60 -52.73 -9.42
N CYS A 3672 23.69 -53.78 -10.24
CA CYS A 3672 23.57 -55.15 -9.76
C CYS A 3672 24.74 -55.50 -8.87
N LYS A 3673 25.90 -54.85 -9.09
CA LYS A 3673 27.05 -55.07 -8.22
C LYS A 3673 26.89 -54.35 -6.90
N GLN A 3674 25.76 -53.67 -6.71
CA GLN A 3674 25.45 -52.89 -5.53
C GLN A 3674 24.29 -53.55 -4.80
N ILE A 3675 23.26 -53.91 -5.55
CA ILE A 3675 22.14 -54.65 -4.99
C ILE A 3675 22.58 -56.01 -4.48
N GLY A 3676 23.60 -56.62 -5.09
CA GLY A 3676 24.14 -57.84 -4.51
C GLY A 3676 24.77 -57.63 -3.15
N THR A 3677 25.46 -56.49 -2.97
CA THR A 3677 25.97 -56.16 -1.65
C THR A 3677 24.84 -55.85 -0.68
N LEU A 3678 23.82 -55.14 -1.16
CA LEU A 3678 22.68 -54.82 -0.31
C LEU A 3678 22.00 -56.09 0.19
N LEU A 3679 21.66 -56.99 -0.73
CA LEU A 3679 21.04 -58.26 -0.35
C LEU A 3679 21.92 -59.05 0.61
N ALA A 3680 23.21 -59.16 0.31
CA ALA A 3680 24.10 -59.88 1.22
C ALA A 3680 24.13 -59.25 2.61
N GLU A 3681 24.19 -57.92 2.68
CA GLU A 3681 24.24 -57.25 3.98
C GLU A 3681 22.91 -57.29 4.71
N LEU A 3682 21.80 -57.35 3.98
CA LEU A 3682 20.50 -57.60 4.63
C LEU A 3682 20.39 -59.02 5.16
N ARG A 3683 20.97 -59.98 4.44
CA ARG A 3683 21.07 -61.33 4.96
C ARG A 3683 21.87 -61.36 6.25
N GLU A 3684 23.04 -60.73 6.26
CA GLU A 3684 23.88 -60.74 7.45
C GLU A 3684 23.30 -59.89 8.59
N TYR A 3685 22.50 -58.87 8.25
CA TYR A 3685 21.81 -58.10 9.29
C TYR A 3685 20.67 -58.91 9.91
N ASN A 3686 19.92 -59.65 9.09
CA ASN A 3686 18.79 -60.40 9.61
C ASN A 3686 19.22 -61.71 10.24
N LEU A 3687 20.19 -62.40 9.62
CA LEU A 3687 20.46 -63.79 9.96
C LEU A 3687 21.02 -63.92 11.37
N GLU A 3688 21.46 -62.82 11.98
CA GLU A 3688 21.70 -62.77 13.41
C GLU A 3688 20.39 -62.52 14.16
N GLU A 3741 16.25 -49.42 13.02
CA GLU A 3741 15.78 -49.60 11.66
C GLU A 3741 16.95 -49.85 10.70
N LEU A 3742 16.63 -50.10 9.44
CA LEU A 3742 17.64 -50.42 8.44
C LEU A 3742 18.47 -49.19 8.10
N GLN A 3743 19.74 -49.22 8.51
CA GLN A 3743 20.77 -48.27 8.10
C GLN A 3743 22.00 -49.03 7.63
N LEU A 3744 21.76 -50.03 6.80
CA LEU A 3744 22.83 -50.77 6.15
C LEU A 3744 23.69 -49.80 5.34
N PRO A 3745 25.01 -49.77 5.54
CA PRO A 3745 25.82 -48.81 4.77
C PRO A 3745 25.81 -49.09 3.28
N SER A 3746 25.63 -50.34 2.87
CA SER A 3746 25.40 -50.63 1.47
C SER A 3746 24.21 -49.87 0.91
N MET A 3747 23.31 -49.40 1.79
CA MET A 3747 22.18 -48.61 1.35
C MET A 3747 22.57 -47.19 0.96
N SER A 3748 23.67 -46.69 1.51
CA SER A 3748 24.09 -45.30 1.28
C SER A 3748 24.31 -45.03 -0.20
N MET A 3749 25.02 -45.92 -0.89
CA MET A 3749 25.29 -45.77 -2.32
C MET A 3749 24.10 -46.03 -3.19
N LEU A 3750 22.94 -46.21 -2.56
CA LEU A 3750 21.66 -46.14 -3.23
C LEU A 3750 20.87 -44.90 -2.85
N THR A 3751 20.97 -44.47 -1.58
CA THR A 3751 20.35 -43.21 -1.19
C THR A 3751 20.93 -42.02 -1.95
N SER A 3752 22.22 -42.09 -2.29
CA SER A 3752 22.93 -40.94 -2.84
C SER A 3752 22.15 -40.33 -4.00
N LYS A 3753 22.08 -39.00 -4.01
CA LYS A 3753 21.41 -38.29 -5.10
C LYS A 3753 22.00 -38.67 -6.46
N THR A 3754 23.26 -39.09 -6.48
CA THR A 3754 23.95 -39.45 -7.71
C THR A 3754 24.13 -40.95 -7.85
N SER A 3755 23.28 -41.73 -7.19
CA SER A 3755 23.34 -43.17 -7.24
C SER A 3755 23.03 -43.70 -8.63
N THR A 3756 23.62 -44.86 -8.94
CA THR A 3756 23.42 -45.51 -10.23
C THR A 3756 21.94 -45.74 -10.52
N GLN A 3757 21.11 -45.86 -9.48
CA GLN A 3757 19.66 -45.92 -9.69
C GLN A 3757 19.18 -44.71 -10.46
N LYS A 3758 19.58 -43.52 -10.01
CA LYS A 3758 19.16 -42.29 -10.66
C LYS A 3758 19.61 -42.29 -12.11
N PHE A 3759 20.90 -42.54 -12.34
CA PHE A 3759 21.43 -42.47 -13.70
C PHE A 3759 20.72 -43.48 -14.58
N PHE A 3760 20.48 -44.69 -14.05
CA PHE A 3760 19.87 -45.74 -14.84
C PHE A 3760 18.48 -45.29 -15.27
N LEU A 3761 17.73 -44.72 -14.32
CA LEU A 3761 16.37 -44.29 -14.61
C LEU A 3761 16.39 -43.19 -15.66
N ARG A 3762 17.31 -42.24 -15.53
CA ARG A 3762 17.37 -41.12 -16.47
C ARG A 3762 17.67 -41.64 -17.87
N VAL A 3763 18.63 -42.55 -17.97
CA VAL A 3763 19.03 -43.06 -19.27
C VAL A 3763 17.86 -43.79 -19.89
N LEU A 3764 17.13 -44.55 -19.07
CA LEU A 3764 16.01 -45.33 -19.57
C LEU A 3764 14.92 -44.39 -20.06
N GLN A 3765 14.68 -43.31 -19.31
CA GLN A 3765 13.66 -42.36 -19.71
C GLN A 3765 14.00 -41.79 -21.08
N VAL A 3766 15.27 -41.42 -21.29
CA VAL A 3766 15.66 -40.84 -22.57
C VAL A 3766 15.52 -41.88 -23.67
N ILE A 3767 15.88 -43.13 -23.37
CA ILE A 3767 15.77 -44.19 -24.36
C ILE A 3767 14.32 -44.36 -24.78
N ILE A 3768 13.40 -44.29 -23.82
CA ILE A 3768 11.99 -44.38 -24.18
C ILE A 3768 11.59 -43.16 -24.99
N GLN A 3769 12.03 -41.97 -24.56
CA GLN A 3769 11.68 -40.76 -25.29
C GLN A 3769 12.20 -40.81 -26.72
N LEU A 3770 13.07 -41.78 -27.02
CA LEU A 3770 13.59 -41.98 -28.36
C LEU A 3770 12.93 -43.15 -29.08
N ARG A 3771 12.42 -44.13 -28.33
CA ARG A 3771 11.74 -45.27 -28.93
C ARG A 3771 10.62 -44.83 -29.86
N ASP A 3772 9.96 -43.72 -29.54
CA ASP A 3772 9.06 -43.06 -30.47
C ASP A 3772 9.66 -41.79 -31.05
N LEU A 3888 19.12 -54.70 -24.78
CA LEU A 3888 19.26 -54.33 -23.38
C LEU A 3888 19.02 -55.56 -22.51
N SER A 3889 20.09 -56.31 -22.25
CA SER A 3889 20.01 -57.57 -21.51
C SER A 3889 20.41 -57.33 -20.05
N LEU A 3890 19.45 -57.48 -19.15
CA LEU A 3890 19.69 -57.18 -17.73
C LEU A 3890 18.88 -58.10 -16.84
N ASP A 3891 18.56 -59.31 -17.33
CA ASP A 3891 17.79 -60.27 -16.55
C ASP A 3891 18.44 -60.55 -15.20
N GLU A 3892 19.77 -60.60 -15.16
CA GLU A 3892 20.46 -60.79 -13.89
C GLU A 3892 20.15 -59.67 -12.91
N LEU A 3893 20.19 -58.42 -13.39
CA LEU A 3893 19.83 -57.31 -12.51
C LEU A 3893 18.39 -57.40 -12.05
N TRP A 3894 17.49 -57.79 -12.94
CA TRP A 3894 16.08 -57.93 -12.56
C TRP A 3894 15.92 -59.00 -11.48
N ASP A 3895 16.61 -60.13 -11.63
CA ASP A 3895 16.52 -61.19 -10.63
C ASP A 3895 17.06 -60.69 -9.30
N MET A 3896 18.18 -59.97 -9.34
CA MET A 3896 18.78 -59.47 -8.11
C MET A 3896 17.82 -58.50 -7.45
N LEU A 3897 17.20 -57.64 -8.25
CA LEU A 3897 16.27 -56.66 -7.71
C LEU A 3897 15.11 -57.34 -7.03
N GLY A 3898 14.56 -58.38 -7.68
CA GLY A 3898 13.45 -59.13 -7.14
C GLY A 3898 13.78 -59.77 -5.81
N GLU A 3899 14.86 -60.56 -5.81
CA GLU A 3899 15.34 -61.20 -4.60
C GLU A 3899 15.57 -60.18 -3.49
N CYS A 3900 16.24 -59.07 -3.80
CA CYS A 3900 16.52 -58.08 -2.78
C CYS A 3900 15.23 -57.48 -2.26
N LEU A 3901 14.26 -57.23 -3.15
CA LEU A 3901 13.02 -56.61 -2.71
C LEU A 3901 12.32 -57.55 -1.74
N LYS A 3902 12.31 -58.84 -2.07
CA LYS A 3902 11.63 -59.82 -1.22
C LYS A 3902 12.29 -59.85 0.15
N GLU A 3903 13.63 -59.85 0.17
CA GLU A 3903 14.36 -59.85 1.43
C GLU A 3903 14.05 -58.61 2.23
N LEU A 3904 14.01 -57.46 1.57
CA LEU A 3904 13.69 -56.20 2.24
C LEU A 3904 12.30 -56.28 2.86
N GLU A 3905 11.32 -56.70 2.06
CA GLU A 3905 9.95 -56.77 2.52
C GLU A 3905 9.85 -57.70 3.72
N GLU A 3906 10.71 -58.73 3.75
CA GLU A 3906 10.72 -59.66 4.88
C GLU A 3906 11.10 -58.95 6.17
N SER A 3907 11.91 -57.89 6.08
CA SER A 3907 12.38 -57.22 7.26
C SER A 3907 11.25 -56.42 7.91
N HIS A 3908 11.51 -55.96 9.13
CA HIS A 3908 10.50 -55.21 9.87
C HIS A 3908 10.15 -53.89 9.20
N ASP A 3909 11.16 -53.12 8.80
CA ASP A 3909 10.90 -51.79 8.29
C ASP A 3909 10.25 -51.84 6.92
N GLN A 3910 9.26 -50.98 6.72
CA GLN A 3910 8.52 -50.93 5.46
C GLN A 3910 9.18 -49.99 4.46
N HIS A 3911 9.39 -48.74 4.86
CA HIS A 3911 10.08 -47.74 4.04
C HIS A 3911 11.45 -48.20 3.57
N ALA A 3912 12.04 -49.20 4.21
CA ALA A 3912 13.27 -49.82 3.75
C ALA A 3912 13.24 -50.25 2.28
N VAL A 3913 12.06 -50.45 1.72
CA VAL A 3913 11.94 -50.79 0.31
C VAL A 3913 12.31 -49.62 -0.59
N LEU A 3914 12.06 -48.39 -0.16
CA LEU A 3914 12.03 -47.24 -1.05
C LEU A 3914 13.39 -46.96 -1.70
N VAL A 3915 14.47 -47.48 -1.13
CA VAL A 3915 15.80 -47.41 -1.74
C VAL A 3915 15.91 -48.17 -3.04
N LEU A 3916 14.85 -48.84 -3.45
CA LEU A 3916 14.79 -49.47 -4.76
C LEU A 3916 13.64 -48.93 -5.60
N GLN A 3917 12.91 -47.94 -5.11
CA GLN A 3917 11.84 -47.33 -5.89
C GLN A 3917 12.29 -46.93 -7.29
N PRO A 3918 13.41 -46.22 -7.48
CA PRO A 3918 13.81 -45.85 -8.84
C PRO A 3918 14.11 -47.05 -9.73
N ALA A 3919 14.83 -48.03 -9.21
CA ALA A 3919 15.07 -49.25 -9.97
C ALA A 3919 13.78 -50.00 -10.26
N VAL A 3920 12.86 -50.03 -9.30
CA VAL A 3920 11.58 -50.65 -9.61
C VAL A 3920 10.89 -49.86 -10.69
N GLU A 3921 11.01 -48.54 -10.64
CA GLU A 3921 10.43 -47.73 -11.69
C GLU A 3921 11.06 -48.10 -13.02
N ALA A 3922 12.38 -48.31 -12.99
CA ALA A 3922 13.08 -48.66 -14.20
C ALA A 3922 12.56 -49.98 -14.75
N PHE A 3923 12.29 -50.93 -13.86
CA PHE A 3923 11.81 -52.22 -14.33
C PHE A 3923 10.50 -52.02 -15.09
N PHE A 3924 9.60 -51.25 -14.50
CA PHE A 3924 8.33 -50.98 -15.17
C PHE A 3924 8.55 -50.19 -16.44
N LEU A 3925 9.54 -49.30 -16.43
CA LEU A 3925 9.82 -48.54 -17.63
C LEU A 3925 10.26 -49.47 -18.75
N VAL A 3926 11.07 -50.48 -18.43
CA VAL A 3926 11.57 -51.35 -19.50
C VAL A 3926 10.50 -52.36 -19.89
N HIS A 3927 10.09 -53.19 -18.93
CA HIS A 3927 8.98 -54.10 -19.15
C HIS A 3927 7.69 -53.30 -19.29
N ALA A 3928 6.58 -53.99 -19.53
CA ALA A 3928 5.29 -53.31 -19.68
C ALA A 3928 5.41 -52.20 -20.71
N THR A 3929 5.94 -52.56 -21.87
CA THR A 3929 6.06 -51.61 -22.96
C THR A 3929 4.69 -51.12 -23.41
N GLU A 3930 4.59 -49.81 -23.60
CA GLU A 3930 3.35 -49.14 -24.03
C GLU A 3930 2.40 -50.06 -24.79
N GLN A 3990 2.99 -61.80 -18.13
CA GLN A 3990 4.13 -60.92 -18.38
C GLN A 3990 4.98 -60.81 -17.12
N LYS A 3991 6.26 -60.47 -17.30
CA LYS A 3991 7.15 -60.34 -16.15
C LYS A 3991 6.66 -59.26 -15.20
N PHE A 3992 6.15 -58.15 -15.74
CA PHE A 3992 5.74 -57.04 -14.90
C PHE A 3992 4.62 -57.47 -13.96
N LEU A 3993 3.62 -58.19 -14.47
CA LEU A 3993 2.50 -58.59 -13.62
C LEU A 3993 2.98 -59.54 -12.52
N ARG A 3994 3.84 -60.50 -12.88
CA ARG A 3994 4.28 -61.47 -11.89
C ARG A 3994 5.06 -60.76 -10.80
N PHE A 3995 5.91 -59.81 -11.21
CA PHE A 3995 6.73 -59.09 -10.26
C PHE A 3995 5.84 -58.30 -9.32
N ALA A 3996 4.85 -57.61 -9.90
CA ALA A 3996 3.95 -56.79 -9.10
C ALA A 3996 3.16 -57.64 -8.10
N GLU A 3997 2.72 -58.83 -8.50
CA GLU A 3997 2.05 -59.70 -7.54
C GLU A 3997 3.02 -60.10 -6.43
N THR A 3998 4.20 -60.59 -6.81
CA THR A 3998 5.12 -61.08 -5.79
C THR A 3998 5.69 -59.93 -4.97
N HIS A 3999 5.40 -58.70 -5.40
CA HIS A 3999 5.84 -57.45 -4.78
C HIS A 3999 4.67 -56.54 -4.50
N ARG A 4000 3.45 -57.09 -4.48
CA ARG A 4000 2.22 -56.32 -4.40
C ARG A 4000 2.33 -55.17 -3.42
N THR A 4001 2.71 -55.44 -2.18
CA THR A 4001 2.75 -54.35 -1.21
C THR A 4001 3.85 -53.35 -1.57
N VAL A 4002 4.84 -53.78 -2.36
CA VAL A 4002 5.89 -52.88 -2.78
C VAL A 4002 5.41 -51.96 -3.89
N LEU A 4003 4.80 -52.51 -4.93
CA LEU A 4003 4.21 -51.68 -5.96
C LEU A 4003 3.14 -50.76 -5.40
N ASN A 4004 2.47 -51.18 -4.34
CA ASN A 4004 1.53 -50.30 -3.66
C ASN A 4004 2.24 -49.17 -2.93
N GLN A 4005 3.35 -49.47 -2.25
CA GLN A 4005 4.13 -48.38 -1.66
C GLN A 4005 4.60 -47.40 -2.74
N ILE A 4006 5.03 -47.94 -3.89
CA ILE A 4006 5.45 -47.10 -5.01
C ILE A 4006 4.32 -46.17 -5.41
N LEU A 4007 3.16 -46.73 -5.73
CA LEU A 4007 2.06 -45.92 -6.26
C LEU A 4007 1.53 -44.95 -5.21
N ARG A 4008 1.41 -45.41 -3.97
CA ARG A 4008 0.93 -44.55 -2.89
C ARG A 4008 1.85 -43.37 -2.70
N GLN A 4009 3.17 -43.58 -2.80
CA GLN A 4009 4.07 -42.44 -2.70
C GLN A 4009 3.97 -41.57 -3.95
N SER A 4010 3.83 -42.19 -5.12
CA SER A 4010 3.80 -41.46 -6.37
C SER A 4010 2.51 -40.67 -6.52
N THR A 4011 2.61 -39.41 -6.92
CA THR A 4011 1.48 -38.62 -7.38
C THR A 4011 1.18 -38.80 -8.86
N THR A 4012 2.04 -39.50 -9.60
CA THR A 4012 1.74 -39.87 -10.98
C THR A 4012 0.40 -40.58 -11.10
N HIS A 4013 -0.46 -40.03 -11.97
CA HIS A 4013 -1.82 -40.51 -12.10
C HIS A 4013 -1.85 -41.87 -12.78
N LEU A 4014 -2.48 -42.84 -12.12
CA LEU A 4014 -2.28 -44.25 -12.46
C LEU A 4014 -2.51 -44.52 -13.93
N ALA A 4015 -3.51 -43.86 -14.54
CA ALA A 4015 -3.87 -44.13 -15.93
C ALA A 4015 -3.19 -43.20 -16.94
N ASP A 4016 -2.20 -42.41 -16.55
CA ASP A 4016 -1.37 -41.68 -17.51
C ASP A 4016 0.10 -42.07 -17.45
N GLY A 4017 0.55 -42.59 -16.30
CA GLY A 4017 1.87 -43.15 -16.14
C GLY A 4017 1.99 -44.54 -16.72
N PRO A 4018 3.12 -45.20 -16.45
CA PRO A 4018 3.38 -46.51 -17.05
C PRO A 4018 2.51 -47.59 -16.43
N PHE A 4019 2.13 -47.43 -15.17
CA PHE A 4019 1.36 -48.41 -14.42
C PHE A 4019 -0.11 -48.44 -14.82
N ALA A 4020 -0.49 -47.82 -15.94
CA ALA A 4020 -1.88 -47.90 -16.37
C ALA A 4020 -2.30 -49.32 -16.75
N VAL A 4021 -1.35 -50.15 -17.19
CA VAL A 4021 -1.74 -51.45 -17.71
C VAL A 4021 -2.51 -52.25 -16.67
N LEU A 4022 -2.16 -52.08 -15.40
CA LEU A 4022 -2.75 -52.89 -14.33
C LEU A 4022 -4.13 -52.40 -13.95
N VAL A 4023 -4.73 -51.51 -14.74
CA VAL A 4023 -6.11 -51.12 -14.52
C VAL A 4023 -6.98 -52.35 -14.34
N ASP A 4024 -6.73 -53.38 -15.14
CA ASP A 4024 -7.65 -54.51 -15.24
C ASP A 4024 -7.29 -55.63 -14.26
N TYR A 4025 -6.07 -55.64 -13.76
CA TYR A 4025 -5.65 -56.58 -12.72
C TYR A 4025 -5.62 -55.80 -11.40
N ILE A 4026 -6.79 -55.73 -10.76
CA ILE A 4026 -7.01 -54.75 -9.69
C ILE A 4026 -6.66 -55.27 -8.29
N ARG A 4027 -6.67 -56.60 -8.09
CA ARG A 4027 -6.23 -57.20 -6.84
C ARG A 4027 -4.82 -56.78 -6.42
N VAL A 4028 -4.01 -56.25 -7.34
CA VAL A 4028 -2.64 -55.86 -7.03
C VAL A 4028 -2.49 -54.44 -6.48
N LEU A 4029 -3.59 -53.77 -6.11
CA LEU A 4029 -3.43 -52.50 -5.41
C LEU A 4029 -4.14 -52.44 -4.07
N ASP A 4030 -3.58 -51.59 -3.22
CA ASP A 4030 -4.11 -51.22 -1.91
C ASP A 4030 -5.39 -50.40 -2.07
N PHE A 4031 -6.23 -50.46 -1.03
CA PHE A 4031 -7.47 -49.71 -1.06
C PHE A 4031 -7.23 -48.22 -1.29
N ASP A 4032 -6.35 -47.62 -0.49
CA ASP A 4032 -6.14 -46.17 -0.59
C ASP A 4032 -5.42 -45.76 -1.88
N VAL A 4033 -4.63 -46.66 -2.48
CA VAL A 4033 -4.11 -46.38 -3.82
C VAL A 4033 -5.25 -46.30 -4.82
N LYS A 4034 -6.18 -47.25 -4.75
CA LYS A 4034 -7.32 -47.23 -5.67
C LYS A 4034 -8.21 -46.04 -5.40
N ARG A 4035 -8.36 -45.64 -4.13
CA ARG A 4035 -9.11 -44.44 -3.79
C ARG A 4035 -8.47 -43.20 -4.39
N LYS A 4036 -7.15 -43.08 -4.32
CA LYS A 4036 -6.48 -41.93 -4.93
C LYS A 4036 -6.64 -41.94 -6.45
N TYR A 4037 -6.43 -43.10 -7.08
CA TYR A 4037 -6.63 -43.18 -8.52
C TYR A 4037 -8.06 -42.80 -8.91
N PHE A 4038 -9.04 -43.37 -8.21
CA PHE A 4038 -10.44 -43.01 -8.40
C PHE A 4038 -10.63 -41.50 -8.37
N ARG A 4039 -10.20 -40.87 -7.28
CA ARG A 4039 -10.48 -39.46 -7.05
C ARG A 4039 -9.71 -38.59 -8.05
N LEU A 4049 -20.68 -33.38 -18.16
CA LEU A 4049 -21.72 -32.70 -17.39
C LEU A 4049 -21.17 -31.48 -16.68
N ARG A 4050 -21.72 -30.32 -16.99
CA ARG A 4050 -21.63 -29.16 -16.12
C ARG A 4050 -22.49 -29.39 -14.87
N LYS A 4051 -21.87 -29.24 -13.70
CA LYS A 4051 -22.58 -29.38 -12.43
C LYS A 4051 -22.96 -27.99 -11.91
N GLU A 4052 -24.22 -27.83 -11.53
CA GLU A 4052 -24.73 -26.63 -10.90
C GLU A 4052 -24.96 -26.89 -9.41
N ASP A 4053 -25.24 -25.81 -8.70
CA ASP A 4053 -25.85 -25.93 -7.38
C ASP A 4053 -27.34 -26.18 -7.54
N MET A 4054 -27.92 -26.91 -6.60
CA MET A 4054 -29.32 -27.33 -6.72
C MET A 4054 -29.98 -27.41 -5.35
N ALA A 4055 -31.15 -26.78 -5.23
CA ALA A 4055 -31.86 -26.75 -3.97
C ALA A 4055 -32.64 -28.04 -3.78
N VAL A 4056 -32.84 -28.42 -2.51
CA VAL A 4056 -33.70 -29.54 -2.15
C VAL A 4056 -34.52 -29.13 -0.93
N HIS A 4057 -35.84 -28.97 -1.12
CA HIS A 4057 -36.72 -28.46 -0.08
C HIS A 4057 -37.34 -29.65 0.64
N VAL A 4058 -37.00 -29.81 1.92
CA VAL A 4058 -37.45 -30.93 2.73
C VAL A 4058 -37.87 -30.38 4.09
N ARG A 4059 -38.73 -31.14 4.78
CA ARG A 4059 -39.11 -30.80 6.15
C ARG A 4059 -38.29 -31.58 7.17
N ARG A 4060 -37.83 -30.88 8.20
CA ARG A 4060 -36.95 -31.48 9.20
C ARG A 4060 -37.55 -32.75 9.80
N ASP A 4061 -38.87 -32.82 9.88
CA ASP A 4061 -39.59 -33.95 10.45
C ASP A 4061 -39.94 -35.00 9.41
N HIS A 4062 -39.62 -34.77 8.14
CA HIS A 4062 -40.03 -35.68 7.06
C HIS A 4062 -38.88 -35.97 6.11
N VAL A 4063 -37.63 -35.65 6.48
CA VAL A 4063 -36.55 -35.57 5.51
C VAL A 4063 -36.53 -36.81 4.62
N PHE A 4064 -36.70 -37.99 5.20
CA PHE A 4064 -36.59 -39.20 4.40
C PHE A 4064 -37.66 -39.22 3.30
N GLU A 4065 -38.91 -38.98 3.69
CA GLU A 4065 -40.02 -38.99 2.72
C GLU A 4065 -40.08 -37.72 1.89
N ASP A 4066 -39.71 -36.56 2.45
CA ASP A 4066 -39.66 -35.35 1.64
C ASP A 4066 -38.58 -35.46 0.58
N SER A 4067 -37.43 -36.01 0.93
CA SER A 4067 -36.37 -36.23 -0.05
C SER A 4067 -36.80 -37.25 -1.09
N TYR A 4068 -37.43 -38.34 -0.65
CA TYR A 4068 -37.97 -39.30 -1.61
C TYR A 4068 -38.92 -38.64 -2.60
N ARG A 4069 -39.89 -37.85 -2.10
CA ARG A 4069 -40.81 -37.16 -2.99
C ARG A 4069 -40.09 -36.18 -3.92
N GLU A 4070 -39.16 -35.38 -3.39
CA GLU A 4070 -38.48 -34.38 -4.19
C GLU A 4070 -37.58 -35.01 -5.26
N LEU A 4071 -36.85 -36.06 -4.88
CA LEU A 4071 -35.71 -36.52 -5.65
C LEU A 4071 -35.96 -37.83 -6.39
N HIS A 4072 -36.84 -38.69 -5.89
CA HIS A 4072 -36.87 -40.06 -6.38
C HIS A 4072 -37.30 -40.13 -7.83
N ARG A 4073 -37.88 -39.05 -8.36
CA ARG A 4073 -38.17 -38.92 -9.78
C ARG A 4073 -37.16 -38.05 -10.50
N LYS A 4074 -36.24 -37.41 -9.78
CA LYS A 4074 -35.17 -36.64 -10.41
C LYS A 4074 -34.27 -37.56 -11.22
N SER A 4075 -33.63 -37.01 -12.25
CA SER A 4075 -32.72 -37.78 -13.05
C SER A 4075 -31.38 -37.98 -12.35
N PRO A 4076 -30.62 -39.01 -12.76
CA PRO A 4076 -29.24 -39.17 -12.26
C PRO A 4076 -28.34 -37.96 -12.46
N GLU A 4077 -28.43 -37.29 -13.62
CA GLU A 4077 -27.60 -36.12 -13.85
C GLU A 4077 -28.05 -34.92 -13.02
N GLU A 4078 -29.33 -34.86 -12.66
CA GLU A 4078 -29.75 -33.82 -11.72
C GLU A 4078 -29.28 -34.14 -10.32
N MET A 4079 -29.24 -35.42 -9.93
CA MET A 4079 -28.62 -35.78 -8.68
C MET A 4079 -27.14 -35.42 -8.67
N LYS A 4080 -26.45 -35.54 -9.81
CA LYS A 4080 -25.04 -35.23 -9.85
C LYS A 4080 -24.77 -33.74 -9.67
N ASN A 4081 -25.79 -32.90 -9.75
CA ASN A 4081 -25.65 -31.50 -9.37
C ASN A 4081 -25.36 -31.41 -7.88
N ARG A 4082 -24.71 -30.31 -7.47
CA ARG A 4082 -24.39 -30.13 -6.07
C ARG A 4082 -25.63 -29.71 -5.29
N LEU A 4083 -26.06 -30.56 -4.38
CA LEU A 4083 -27.27 -30.34 -3.60
C LEU A 4083 -26.98 -29.42 -2.42
N TYR A 4084 -27.80 -28.39 -2.23
CA TYR A 4084 -27.85 -27.65 -0.99
C TYR A 4084 -29.27 -27.77 -0.43
N ILE A 4085 -29.35 -28.05 0.87
CA ILE A 4085 -30.58 -28.49 1.50
C ILE A 4085 -31.19 -27.34 2.27
N VAL A 4086 -32.46 -27.06 2.04
CA VAL A 4086 -33.21 -26.06 2.77
C VAL A 4086 -34.31 -26.76 3.57
N PHE A 4087 -34.26 -26.60 4.88
CA PHE A 4087 -35.30 -27.14 5.76
C PHE A 4087 -36.38 -26.09 5.97
N GLU A 4088 -37.63 -26.49 5.77
CA GLU A 4088 -38.72 -25.53 5.66
C GLU A 4088 -38.82 -24.69 6.94
N GLY A 4089 -38.75 -23.37 6.76
CA GLY A 4089 -38.83 -22.42 7.85
C GLY A 4089 -37.64 -22.41 8.80
N GLU A 4090 -36.71 -23.35 8.69
CA GLU A 4090 -35.53 -23.34 9.53
C GLU A 4090 -34.61 -22.19 9.15
N GLU A 4091 -33.84 -21.72 10.12
CA GLU A 4091 -32.86 -20.67 9.86
C GLU A 4091 -31.81 -21.16 8.87
N GLY A 4092 -31.15 -20.20 8.23
CA GLY A 4092 -29.96 -20.50 7.48
C GLY A 4092 -28.86 -21.10 8.35
N GLN A 4093 -28.08 -21.98 7.74
CA GLN A 4093 -26.98 -22.67 8.39
C GLN A 4093 -25.97 -23.03 7.32
N ASP A 4094 -24.82 -23.54 7.74
CA ASP A 4094 -23.81 -23.95 6.78
C ASP A 4094 -24.40 -25.02 5.87
N ALA A 4095 -24.39 -24.75 4.56
CA ALA A 4095 -24.94 -25.73 3.62
C ALA A 4095 -24.18 -27.05 3.67
N GLY A 4096 -22.87 -27.00 3.91
CA GLY A 4096 -22.13 -28.25 4.05
C GLY A 4096 -22.53 -28.98 5.31
N GLY A 4097 -22.59 -28.27 6.42
CA GLY A 4097 -23.11 -28.83 7.65
C GLY A 4097 -24.56 -29.24 7.56
N LEU A 4098 -25.38 -28.46 6.86
CA LEU A 4098 -26.78 -28.83 6.68
C LEU A 4098 -26.96 -30.07 5.83
N LEU A 4099 -26.11 -30.26 4.83
CA LEU A 4099 -26.14 -31.50 4.05
C LEU A 4099 -25.64 -32.67 4.88
N ARG A 4100 -24.56 -32.48 5.62
CA ARG A 4100 -24.05 -33.54 6.47
C ARG A 4100 -25.08 -33.96 7.53
N GLU A 4101 -25.74 -32.98 8.15
CA GLU A 4101 -26.86 -33.28 9.03
C GLU A 4101 -27.95 -34.07 8.30
N TRP A 4102 -28.28 -33.67 7.08
CA TRP A 4102 -29.30 -34.36 6.31
C TRP A 4102 -28.92 -35.81 6.07
N TYR A 4103 -27.68 -36.04 5.63
CA TYR A 4103 -27.15 -37.39 5.47
C TYR A 4103 -27.18 -38.18 6.78
N MET A 4104 -26.84 -37.52 7.90
CA MET A 4104 -26.86 -38.19 9.20
C MET A 4104 -28.27 -38.62 9.59
N ILE A 4105 -29.24 -37.70 9.48
CA ILE A 4105 -30.61 -38.04 9.82
C ILE A 4105 -31.13 -39.16 8.93
N ILE A 4106 -30.83 -39.11 7.63
CA ILE A 4106 -31.27 -40.17 6.74
C ILE A 4106 -30.63 -41.50 7.11
N SER A 4107 -29.31 -41.51 7.32
CA SER A 4107 -28.62 -42.74 7.71
C SER A 4107 -29.08 -43.29 9.05
N ARG A 4108 -29.59 -42.44 9.93
CA ARG A 4108 -30.33 -42.94 11.09
C ARG A 4108 -31.66 -43.55 10.70
N GLU A 4109 -32.47 -42.81 9.96
CA GLU A 4109 -33.86 -43.24 9.74
C GLU A 4109 -33.92 -44.49 8.88
N MET A 4110 -32.93 -44.71 8.02
CA MET A 4110 -32.74 -46.00 7.37
C MET A 4110 -32.90 -47.12 8.38
N PHE A 4111 -32.37 -46.94 9.59
CA PHE A 4111 -32.39 -47.98 10.61
C PHE A 4111 -33.43 -47.72 11.68
N ASN A 4112 -34.36 -46.80 11.46
CA ASN A 4112 -35.57 -46.78 12.28
C ASN A 4112 -36.46 -47.95 11.90
N PRO A 4113 -36.88 -48.79 12.86
CA PRO A 4113 -37.72 -49.94 12.50
C PRO A 4113 -39.05 -49.56 11.86
N MET A 4114 -39.51 -48.32 11.99
CA MET A 4114 -40.80 -47.92 11.43
C MET A 4114 -40.84 -47.97 9.91
N TYR A 4115 -39.71 -47.85 9.24
CA TYR A 4115 -39.65 -48.01 7.79
C TYR A 4115 -39.38 -49.44 7.36
N ALA A 4116 -38.91 -50.30 8.27
CA ALA A 4116 -38.70 -51.71 7.96
C ALA A 4116 -37.75 -51.90 6.78
N LEU A 4117 -36.77 -51.00 6.62
CA LEU A 4117 -35.81 -51.14 5.53
C LEU A 4117 -34.67 -52.06 5.93
N PHE A 4118 -34.16 -51.91 7.15
CA PHE A 4118 -32.99 -52.63 7.60
C PHE A 4118 -33.24 -53.12 9.02
N ARG A 4119 -32.73 -54.30 9.33
CA ARG A 4119 -32.84 -54.89 10.66
C ARG A 4119 -31.48 -55.39 11.11
N THR A 4120 -31.27 -55.36 12.43
CA THR A 4120 -30.00 -55.78 12.99
C THR A 4120 -29.84 -57.29 12.88
N SER A 4121 -28.62 -57.72 12.59
CA SER A 4121 -28.27 -59.14 12.64
C SER A 4121 -28.57 -59.70 14.03
N PRO A 4122 -29.38 -60.76 14.13
CA PRO A 4122 -29.68 -61.31 15.47
C PRO A 4122 -28.45 -61.77 16.23
N GLY A 4123 -27.34 -62.01 15.53
CA GLY A 4123 -26.10 -62.38 16.21
C GLY A 4123 -25.36 -61.16 16.69
N ASP A 4124 -24.99 -60.27 15.77
CA ASP A 4124 -24.18 -59.12 16.14
C ASP A 4124 -25.03 -58.08 16.87
N ARG A 4125 -26.15 -57.70 16.27
CA ARG A 4125 -27.13 -56.75 16.81
C ARG A 4125 -26.69 -55.30 16.70
N VAL A 4126 -25.56 -55.00 16.06
CA VAL A 4126 -25.15 -53.62 15.82
C VAL A 4126 -25.00 -53.33 14.33
N THR A 4127 -24.90 -54.35 13.48
CA THR A 4127 -24.82 -54.21 12.04
C THR A 4127 -26.22 -54.10 11.49
N TYR A 4128 -26.35 -54.05 10.17
CA TYR A 4128 -27.67 -53.93 9.57
C TYR A 4128 -27.62 -54.58 8.20
N THR A 4129 -28.66 -55.36 7.91
CA THR A 4129 -28.89 -56.00 6.64
C THR A 4129 -30.35 -55.82 6.25
N ILE A 4130 -30.66 -56.14 5.00
CA ILE A 4130 -32.01 -55.93 4.50
C ILE A 4130 -32.99 -56.58 5.45
N ASN A 4131 -33.99 -55.82 5.86
CA ASN A 4131 -35.08 -56.31 6.68
C ASN A 4131 -35.98 -57.23 5.86
N PRO A 4132 -36.01 -58.56 6.12
CA PRO A 4132 -36.91 -59.44 5.36
C PRO A 4132 -38.38 -59.20 5.67
N SER A 4133 -38.66 -58.17 6.47
CA SER A 4133 -40.01 -57.78 6.83
C SER A 4133 -40.35 -56.41 6.27
N SER A 4134 -39.77 -56.07 5.12
CA SER A 4134 -40.00 -54.80 4.45
C SER A 4134 -41.17 -54.88 3.48
N HIS A 4135 -41.73 -56.07 3.28
CA HIS A 4135 -42.95 -56.25 2.51
C HIS A 4135 -44.17 -55.65 3.19
N CYS A 4136 -44.06 -55.30 4.48
CA CYS A 4136 -45.11 -54.54 5.15
C CYS A 4136 -45.28 -53.13 4.57
N ASN A 4137 -44.27 -52.61 3.86
CA ASN A 4137 -44.47 -51.47 2.99
C ASN A 4137 -44.71 -51.93 1.56
N PRO A 4138 -45.84 -51.58 0.92
CA PRO A 4138 -46.12 -52.13 -0.42
C PRO A 4138 -45.22 -51.54 -1.50
N ASN A 4139 -44.52 -50.45 -1.21
CA ASN A 4139 -43.64 -49.77 -2.14
C ASN A 4139 -42.18 -50.06 -1.85
N HIS A 4140 -41.91 -51.04 -0.99
CA HIS A 4140 -40.59 -51.14 -0.36
C HIS A 4140 -39.47 -51.22 -1.38
N LEU A 4141 -39.68 -51.91 -2.50
CA LEU A 4141 -38.63 -51.95 -3.52
C LEU A 4141 -38.26 -50.55 -3.97
N SER A 4142 -39.24 -49.65 -4.09
CA SER A 4142 -38.94 -48.29 -4.52
C SER A 4142 -38.14 -47.54 -3.46
N TYR A 4143 -38.40 -47.81 -2.18
CA TYR A 4143 -37.63 -47.16 -1.12
C TYR A 4143 -36.22 -47.72 -1.04
N PHE A 4144 -36.05 -49.03 -1.28
CA PHE A 4144 -34.71 -49.59 -1.36
C PHE A 4144 -33.93 -48.99 -2.54
N LYS A 4145 -34.62 -48.73 -3.65
CA LYS A 4145 -33.96 -48.03 -4.75
C LYS A 4145 -33.63 -46.58 -4.38
N PHE A 4146 -34.46 -45.95 -3.55
CA PHE A 4146 -34.15 -44.61 -3.08
C PHE A 4146 -32.94 -44.60 -2.16
N VAL A 4147 -32.88 -45.51 -1.20
CA VAL A 4147 -31.74 -45.54 -0.30
C VAL A 4147 -30.47 -45.93 -1.05
N GLY A 4148 -30.58 -46.81 -2.05
CA GLY A 4148 -29.45 -47.06 -2.93
C GLY A 4148 -29.00 -45.82 -3.68
N ARG A 4149 -29.95 -45.01 -4.16
CA ARG A 4149 -29.61 -43.72 -4.74
C ARG A 4149 -28.89 -42.82 -3.74
N ILE A 4150 -29.33 -42.82 -2.47
CA ILE A 4150 -28.72 -41.92 -1.49
C ILE A 4150 -27.32 -42.41 -1.14
N VAL A 4151 -27.12 -43.72 -1.09
CA VAL A 4151 -25.78 -44.28 -0.87
C VAL A 4151 -24.85 -43.91 -2.02
N ALA A 4152 -25.31 -44.10 -3.26
CA ALA A 4152 -24.48 -43.73 -4.40
C ALA A 4152 -24.25 -42.23 -4.49
N LYS A 4153 -25.18 -41.40 -4.00
CA LYS A 4153 -24.95 -39.97 -3.94
C LYS A 4153 -23.92 -39.60 -2.88
N ALA A 4154 -23.97 -40.25 -1.72
CA ALA A 4154 -22.93 -40.03 -0.71
C ALA A 4154 -21.56 -40.46 -1.22
N VAL A 4155 -21.49 -41.60 -1.89
CA VAL A 4155 -20.22 -42.04 -2.47
C VAL A 4155 -19.76 -41.07 -3.56
N TYR A 4156 -20.68 -40.64 -4.42
CA TYR A 4156 -20.30 -39.68 -5.46
C TYR A 4156 -19.84 -38.36 -4.85
N ASP A 4157 -20.53 -37.90 -3.80
CA ASP A 4157 -20.10 -36.69 -3.13
C ASP A 4157 -18.85 -36.90 -2.30
N ASN A 4158 -18.40 -38.15 -2.12
CA ASN A 4158 -17.32 -38.47 -1.19
C ASN A 4158 -17.66 -37.94 0.21
N ARG A 4159 -18.80 -38.40 0.72
CA ARG A 4159 -19.25 -38.04 2.05
C ARG A 4159 -19.52 -39.33 2.83
N LEU A 4160 -19.12 -39.36 4.10
CA LEU A 4160 -19.26 -40.58 4.89
C LEU A 4160 -20.65 -40.62 5.49
N LEU A 4161 -21.30 -41.76 5.37
CA LEU A 4161 -22.60 -42.04 5.96
C LEU A 4161 -22.42 -42.96 7.16
N GLU A 4162 -23.36 -42.87 8.10
CA GLU A 4162 -23.31 -43.74 9.27
C GLU A 4162 -23.99 -45.07 9.02
N CYS A 4163 -23.92 -45.53 7.77
CA CYS A 4163 -24.37 -46.87 7.41
C CYS A 4163 -23.39 -47.90 7.93
N TYR A 4164 -23.89 -49.03 8.40
CA TYR A 4164 -23.04 -50.14 8.83
C TYR A 4164 -23.73 -51.40 8.31
N PHE A 4165 -23.53 -51.66 7.02
CA PHE A 4165 -24.10 -52.83 6.38
C PHE A 4165 -23.28 -54.08 6.69
N THR A 4166 -23.90 -55.23 6.48
CA THR A 4166 -23.21 -56.49 6.70
C THR A 4166 -22.20 -56.73 5.59
N ARG A 4167 -21.26 -57.64 5.84
CA ARG A 4167 -20.34 -58.04 4.79
C ARG A 4167 -21.08 -58.71 3.64
N SER A 4168 -22.21 -59.35 3.96
CA SER A 4168 -23.07 -59.95 2.95
C SER A 4168 -23.59 -58.89 1.99
N PHE A 4169 -24.10 -57.78 2.54
CA PHE A 4169 -24.69 -56.76 1.69
C PHE A 4169 -23.65 -56.05 0.85
N TYR A 4170 -22.43 -55.86 1.37
CA TYR A 4170 -21.38 -55.27 0.55
C TYR A 4170 -20.98 -56.22 -0.56
N LYS A 4171 -20.98 -57.53 -0.28
CA LYS A 4171 -20.69 -58.51 -1.31
C LYS A 4171 -21.75 -58.48 -2.40
N HIS A 4172 -23.02 -58.36 -1.99
CA HIS A 4172 -24.11 -58.24 -2.95
C HIS A 4172 -23.98 -56.99 -3.81
N ILE A 4173 -23.54 -55.88 -3.20
CA ILE A 4173 -23.34 -54.65 -3.96
C ILE A 4173 -22.13 -54.73 -4.86
N LEU A 4174 -21.20 -55.65 -4.61
CA LEU A 4174 -20.09 -55.87 -5.52
C LEU A 4174 -20.32 -57.00 -6.51
N GLY A 4175 -21.43 -57.73 -6.39
CA GLY A 4175 -21.64 -58.89 -7.24
C GLY A 4175 -20.76 -60.07 -6.90
N LYS A 4176 -20.33 -60.18 -5.65
CA LYS A 4176 -19.53 -61.31 -5.18
C LYS A 4176 -20.44 -62.31 -4.49
N SER A 4177 -20.19 -63.59 -4.72
CA SER A 4177 -20.84 -64.62 -3.94
C SER A 4177 -20.54 -64.44 -2.46
N VAL A 4178 -21.50 -64.85 -1.62
CA VAL A 4178 -21.26 -65.00 -0.19
C VAL A 4178 -20.53 -66.32 0.07
N ARG A 4179 -20.05 -66.49 1.29
CA ARG A 4179 -19.41 -67.70 1.73
C ARG A 4179 -20.20 -68.30 2.89
N TYR A 4180 -20.09 -69.61 3.08
CA TYR A 4180 -20.92 -70.28 4.07
C TYR A 4180 -20.69 -69.73 5.47
N THR A 4181 -19.48 -69.19 5.74
CA THR A 4181 -19.23 -68.56 7.03
C THR A 4181 -20.09 -67.32 7.23
N ASP A 4182 -20.66 -66.77 6.16
CA ASP A 4182 -21.60 -65.67 6.30
C ASP A 4182 -22.86 -66.12 6.99
N MET A 4183 -23.21 -67.41 6.86
CA MET A 4183 -24.43 -67.86 7.47
C MET A 4183 -24.28 -67.77 8.97
N GLU A 4184 -23.04 -67.79 9.45
CA GLU A 4184 -22.81 -67.78 10.88
C GLU A 4184 -23.44 -66.54 11.48
N SER A 4185 -23.38 -65.40 10.78
CA SER A 4185 -24.01 -64.20 11.30
C SER A 4185 -25.50 -64.16 11.01
N GLU A 4186 -25.96 -64.75 9.90
CA GLU A 4186 -27.36 -64.60 9.52
C GLU A 4186 -28.28 -65.64 10.13
N ASP A 4187 -27.80 -66.87 10.34
CA ASP A 4187 -28.65 -67.95 10.81
C ASP A 4187 -27.80 -69.03 11.48
N TYR A 4188 -27.38 -68.77 12.73
CA TYR A 4188 -26.38 -69.60 13.38
C TYR A 4188 -26.71 -71.09 13.34
N HIS A 4189 -27.97 -71.46 13.60
CA HIS A 4189 -28.30 -72.88 13.57
C HIS A 4189 -28.24 -73.49 12.17
N PHE A 4190 -28.34 -72.69 11.11
CA PHE A 4190 -28.13 -73.25 9.79
C PHE A 4190 -26.65 -73.37 9.45
N TYR A 4191 -25.85 -72.38 9.86
CA TYR A 4191 -24.41 -72.55 9.79
C TYR A 4191 -23.99 -73.81 10.54
N GLN A 4192 -24.51 -73.98 11.76
CA GLN A 4192 -24.21 -75.17 12.56
C GLN A 4192 -24.62 -76.45 11.84
N GLY A 4193 -25.75 -76.42 11.13
CA GLY A 4193 -26.12 -77.57 10.32
C GLY A 4193 -25.10 -77.86 9.23
N LEU A 4194 -24.62 -76.81 8.56
CA LEU A 4194 -23.57 -76.99 7.55
C LEU A 4194 -22.27 -77.49 8.17
N VAL A 4195 -21.93 -77.01 9.37
CA VAL A 4195 -20.73 -77.49 10.05
C VAL A 4195 -20.90 -78.95 10.45
N TYR A 4196 -22.14 -79.38 10.68
CA TYR A 4196 -22.38 -80.81 10.85
C TYR A 4196 -22.32 -81.51 9.50
N LEU A 4197 -22.44 -80.74 8.42
CA LEU A 4197 -22.28 -81.25 7.07
C LEU A 4197 -20.81 -81.28 6.68
N LEU A 4198 -20.05 -80.24 7.00
CA LEU A 4198 -18.61 -80.30 6.88
C LEU A 4198 -18.01 -81.34 7.83
N GLU A 4199 -16.91 -81.94 7.38
CA GLU A 4199 -16.11 -82.88 8.17
C GLU A 4199 -16.91 -84.05 8.74
N ASN A 4200 -18.15 -84.26 8.30
CA ASN A 4200 -18.89 -85.45 8.66
C ASN A 4200 -19.44 -86.15 7.42
N ASP A 4201 -19.55 -87.47 7.52
CA ASP A 4201 -20.15 -88.27 6.46
C ASP A 4201 -21.65 -88.03 6.41
N VAL A 4202 -22.20 -87.97 5.18
CA VAL A 4202 -23.64 -87.91 5.00
C VAL A 4202 -24.35 -88.97 5.83
N SER A 4203 -23.66 -90.08 6.12
CA SER A 4203 -24.24 -91.13 6.95
C SER A 4203 -24.56 -90.63 8.37
N THR A 4204 -24.01 -89.49 8.78
CA THR A 4204 -24.37 -88.93 10.08
C THR A 4204 -25.74 -88.30 10.07
N LEU A 4205 -26.28 -87.97 8.89
CA LEU A 4205 -27.58 -87.32 8.82
C LEU A 4205 -28.71 -88.29 9.13
N GLY A 4206 -28.56 -89.55 8.73
CA GLY A 4206 -29.57 -90.58 8.93
C GLY A 4206 -30.78 -90.51 8.02
N TYR A 4207 -30.96 -89.43 7.26
CA TYR A 4207 -31.91 -89.41 6.16
C TYR A 4207 -31.29 -88.68 4.99
N ASP A 4208 -31.85 -88.87 3.81
CA ASP A 4208 -31.28 -88.30 2.61
C ASP A 4208 -31.71 -86.85 2.50
N LEU A 4209 -30.90 -86.04 1.82
CA LEU A 4209 -31.30 -84.72 1.38
C LEU A 4209 -31.10 -84.55 -0.12
N THR A 4210 -31.74 -83.51 -0.65
CA THR A 4210 -31.61 -83.11 -2.04
C THR A 4210 -31.42 -81.60 -2.09
N PHE A 4211 -31.28 -81.07 -3.30
CA PHE A 4211 -31.09 -79.64 -3.52
C PHE A 4211 -32.40 -78.84 -3.43
N SER A 4212 -33.02 -78.87 -2.25
CA SER A 4212 -34.23 -78.09 -2.05
C SER A 4212 -34.35 -77.69 -0.59
N THR A 4213 -34.81 -76.45 -0.36
CA THR A 4213 -34.90 -75.89 0.99
C THR A 4213 -36.14 -75.01 1.10
N GLU A 4214 -36.69 -74.93 2.32
CA GLU A 4214 -37.80 -74.03 2.63
C GLU A 4214 -37.29 -72.63 2.97
N VAL A 4215 -37.83 -71.62 2.28
CA VAL A 4215 -37.44 -70.22 2.46
C VAL A 4215 -38.68 -69.40 2.74
N GLN A 4216 -38.60 -68.56 3.78
CA GLN A 4216 -39.60 -67.51 4.02
C GLN A 4216 -39.17 -66.20 3.37
N GLU A 4217 -39.94 -65.74 2.39
CA GLU A 4217 -39.75 -64.43 1.77
C GLU A 4217 -41.07 -63.68 1.83
N PHE A 4218 -41.04 -62.44 2.32
CA PHE A 4218 -42.24 -61.60 2.44
C PHE A 4218 -43.32 -62.27 3.27
N GLY A 4219 -42.94 -63.16 4.17
CA GLY A 4219 -43.89 -63.93 4.96
C GLY A 4219 -44.50 -65.13 4.27
N VAL A 4220 -44.21 -65.37 3.00
CA VAL A 4220 -44.62 -66.60 2.32
C VAL A 4220 -43.49 -67.61 2.47
N CYS A 4221 -43.83 -68.82 2.87
CA CYS A 4221 -42.87 -69.93 2.90
C CYS A 4221 -43.05 -70.84 1.70
N GLU A 4222 -41.95 -71.11 1.01
CA GLU A 4222 -41.97 -71.95 -0.19
C GLU A 4222 -40.73 -72.85 -0.19
N VAL A 4223 -40.91 -74.08 -0.63
CA VAL A 4223 -39.79 -74.97 -0.89
C VAL A 4223 -39.24 -74.71 -2.30
N ARG A 4224 -37.96 -74.39 -2.38
CA ARG A 4224 -37.33 -74.02 -3.64
C ARG A 4224 -36.20 -75.00 -3.93
N ASP A 4225 -36.12 -75.42 -5.18
CA ASP A 4225 -34.98 -76.20 -5.67
C ASP A 4225 -33.71 -75.35 -5.71
N LEU A 4226 -32.58 -75.99 -5.44
CA LEU A 4226 -31.28 -75.36 -5.64
C LEU A 4226 -30.66 -75.71 -7.00
N LYS A 4227 -31.14 -76.75 -7.67
CA LYS A 4227 -30.72 -77.03 -9.05
C LYS A 4227 -31.89 -77.63 -9.83
N VAL A 4235 -28.59 -84.83 -3.53
CA VAL A 4235 -27.30 -84.43 -3.00
C VAL A 4235 -26.31 -85.57 -3.10
N THR A 4236 -25.03 -85.23 -3.15
CA THR A 4236 -23.97 -86.20 -3.38
C THR A 4236 -22.68 -85.69 -2.75
N GLU A 4237 -21.71 -86.59 -2.66
CA GLU A 4237 -20.38 -86.18 -2.23
C GLU A 4237 -19.74 -85.14 -3.14
N GLU A 4238 -20.05 -85.14 -4.44
CA GLU A 4238 -19.55 -84.07 -5.29
C GLU A 4238 -20.43 -82.85 -5.21
N ASN A 4239 -21.75 -83.06 -5.08
CA ASN A 4239 -22.70 -81.95 -5.06
C ASN A 4239 -22.65 -81.18 -3.74
N LYS A 4240 -22.33 -81.84 -2.63
CA LYS A 4240 -22.47 -81.14 -1.35
C LYS A 4240 -21.63 -79.88 -1.35
N LYS A 4241 -20.50 -79.90 -2.07
CA LYS A 4241 -19.71 -78.69 -2.24
C LYS A 4241 -20.62 -77.61 -2.81
N GLU A 4242 -21.53 -78.02 -3.68
CA GLU A 4242 -22.49 -77.14 -4.33
C GLU A 4242 -23.75 -77.01 -3.46
N TYR A 4243 -24.17 -78.07 -2.78
CA TYR A 4243 -25.35 -77.96 -1.94
C TYR A 4243 -25.19 -76.86 -0.92
N VAL A 4244 -24.06 -76.85 -0.22
CA VAL A 4244 -23.84 -75.85 0.83
C VAL A 4244 -23.72 -74.45 0.26
N HIS A 4245 -23.08 -74.30 -0.92
CA HIS A 4245 -23.05 -73.01 -1.57
C HIS A 4245 -24.45 -72.53 -1.96
N LEU A 4246 -25.19 -73.34 -2.70
CA LEU A 4246 -26.48 -72.88 -3.20
C LEU A 4246 -27.48 -72.73 -2.06
N VAL A 4247 -27.48 -73.64 -1.10
CA VAL A 4247 -28.41 -73.52 0.01
C VAL A 4247 -28.10 -72.25 0.81
N CYS A 4248 -26.82 -71.89 0.93
CA CYS A 4248 -26.51 -70.63 1.61
C CYS A 4248 -26.94 -69.43 0.78
N GLN A 4249 -26.86 -69.53 -0.55
CA GLN A 4249 -27.44 -68.51 -1.42
C GLN A 4249 -28.94 -68.40 -1.21
N MET A 4250 -29.63 -69.54 -1.25
CA MET A 4250 -31.08 -69.55 -1.11
C MET A 4250 -31.50 -68.96 0.24
N ARG A 4251 -30.83 -69.39 1.31
CA ARG A 4251 -31.20 -68.92 2.65
C ARG A 4251 -30.87 -67.45 2.87
N MET A 4252 -29.78 -66.95 2.28
CA MET A 4252 -29.41 -65.55 2.41
C MET A 4252 -30.26 -64.63 1.53
N THR A 4253 -30.38 -64.96 0.25
CA THR A 4253 -31.02 -64.09 -0.72
C THR A 4253 -32.51 -64.31 -0.83
N GLY A 4254 -32.98 -65.55 -0.67
CA GLY A 4254 -34.38 -65.83 -0.96
C GLY A 4254 -35.30 -64.84 -0.30
N ALA A 4255 -35.07 -64.57 1.00
CA ALA A 4255 -35.92 -63.66 1.73
C ALA A 4255 -35.64 -62.19 1.43
N ILE A 4256 -34.56 -61.87 0.72
CA ILE A 4256 -34.21 -60.47 0.48
C ILE A 4256 -33.86 -60.21 -0.98
N ARG A 4257 -34.01 -61.23 -1.84
CA ARG A 4257 -33.52 -61.12 -3.21
C ARG A 4257 -34.11 -59.92 -3.94
N LYS A 4258 -35.37 -59.59 -3.70
CA LYS A 4258 -35.99 -58.47 -4.41
C LYS A 4258 -35.65 -57.12 -3.80
N GLN A 4259 -35.58 -57.03 -2.47
CA GLN A 4259 -35.04 -55.84 -1.84
C GLN A 4259 -33.61 -55.58 -2.30
N LEU A 4260 -32.79 -56.62 -2.33
CA LEU A 4260 -31.41 -56.50 -2.79
C LEU A 4260 -31.34 -56.03 -4.23
N ALA A 4261 -32.11 -56.66 -5.12
CA ALA A 4261 -32.13 -56.23 -6.52
C ALA A 4261 -32.60 -54.80 -6.68
N ALA A 4262 -33.52 -54.34 -5.83
CA ALA A 4262 -33.96 -52.95 -5.89
C ALA A 4262 -32.87 -52.01 -5.42
N PHE A 4263 -32.18 -52.36 -4.35
CA PHE A 4263 -31.06 -51.54 -3.89
C PHE A 4263 -30.00 -51.43 -4.96
N LEU A 4264 -29.59 -52.55 -5.56
CA LEU A 4264 -28.62 -52.50 -6.64
C LEU A 4264 -29.10 -51.68 -7.83
N GLU A 4265 -30.41 -51.69 -8.10
CA GLU A 4265 -30.94 -50.82 -9.16
C GLU A 4265 -30.79 -49.35 -8.79
N GLY A 4266 -30.97 -49.03 -7.51
CA GLY A 4266 -30.77 -47.66 -7.06
C GLY A 4266 -29.31 -47.25 -7.10
N PHE A 4267 -28.42 -48.19 -6.77
CA PHE A 4267 -26.98 -47.92 -6.70
C PHE A 4267 -26.38 -47.72 -8.09
N TYR A 4268 -26.54 -48.70 -8.97
CA TYR A 4268 -25.94 -48.63 -10.31
C TYR A 4268 -26.51 -47.51 -11.17
N GLU A 4269 -27.63 -46.91 -10.80
CA GLU A 4269 -28.14 -45.74 -11.52
C GLU A 4269 -27.15 -44.58 -11.46
N ILE A 4270 -26.43 -44.41 -10.36
CA ILE A 4270 -25.56 -43.26 -10.15
C ILE A 4270 -24.08 -43.61 -10.21
N ILE A 4271 -23.69 -44.80 -9.77
CA ILE A 4271 -22.28 -45.21 -9.78
C ILE A 4271 -22.17 -46.46 -10.66
N PRO A 4272 -21.52 -46.34 -11.83
CA PRO A 4272 -21.40 -47.50 -12.72
C PRO A 4272 -20.77 -48.70 -12.03
N LYS A 4273 -21.41 -49.85 -12.21
CA LYS A 4273 -20.96 -51.10 -11.59
C LYS A 4273 -19.48 -51.35 -11.83
N ARG A 4274 -19.04 -51.34 -13.10
CA ARG A 4274 -17.63 -51.55 -13.39
C ARG A 4274 -16.71 -50.66 -12.58
N LEU A 4275 -17.16 -49.45 -12.23
CA LEU A 4275 -16.29 -48.52 -11.53
C LEU A 4275 -16.22 -48.79 -10.03
N ILE A 4276 -17.33 -49.24 -9.43
CA ILE A 4276 -17.29 -49.67 -8.03
C ILE A 4276 -16.66 -51.04 -7.85
N SER A 4277 -16.67 -51.88 -8.88
CA SER A 4277 -16.18 -53.26 -8.78
C SER A 4277 -14.67 -53.33 -8.57
N ILE A 4278 -13.98 -52.19 -8.47
CA ILE A 4278 -12.56 -52.22 -8.18
C ILE A 4278 -12.29 -52.46 -6.70
N PHE A 4279 -13.23 -52.09 -5.83
CA PHE A 4279 -13.10 -52.34 -4.40
C PHE A 4279 -13.45 -53.78 -4.05
N THR A 4280 -12.87 -54.26 -2.95
CA THR A 4280 -13.33 -55.48 -2.30
C THR A 4280 -14.57 -55.22 -1.43
N GLU A 4281 -15.16 -56.32 -0.95
CA GLU A 4281 -16.28 -56.23 0.00
C GLU A 4281 -15.88 -55.54 1.30
N GLN A 4282 -14.59 -55.57 1.66
CA GLN A 4282 -14.12 -54.73 2.75
C GLN A 4282 -14.04 -53.30 2.28
N GLU A 4283 -13.43 -53.10 1.11
CA GLU A 4283 -13.12 -51.76 0.66
C GLU A 4283 -14.38 -50.98 0.31
N LEU A 4284 -15.44 -51.66 -0.10
CA LEU A 4284 -16.69 -50.95 -0.33
C LEU A 4284 -17.27 -50.39 0.96
N GLU A 4285 -17.15 -51.15 2.06
CA GLU A 4285 -17.53 -50.62 3.36
C GLU A 4285 -16.65 -49.45 3.75
N LEU A 4286 -15.34 -49.56 3.49
CA LEU A 4286 -14.43 -48.47 3.83
C LEU A 4286 -14.65 -47.26 2.94
N LEU A 4287 -15.23 -47.44 1.75
CA LEU A 4287 -15.57 -46.33 0.88
C LEU A 4287 -16.85 -45.66 1.32
N ILE A 4288 -17.83 -46.44 1.78
CA ILE A 4288 -19.10 -45.86 2.19
C ILE A 4288 -18.99 -45.26 3.58
N SER A 4289 -18.41 -46.00 4.53
CA SER A 4289 -18.40 -45.59 5.92
C SER A 4289 -17.04 -45.08 6.41
N GLY A 4290 -16.00 -45.24 5.61
CA GLY A 4290 -14.69 -44.69 5.94
C GLY A 4290 -13.86 -45.62 6.80
N LEU A 4291 -12.55 -45.38 6.78
CA LEU A 4291 -11.62 -46.09 7.66
C LEU A 4291 -11.77 -45.64 9.10
N PRO A 4292 -12.03 -46.54 10.03
CA PRO A 4292 -12.06 -46.13 11.44
C PRO A 4292 -10.64 -45.96 11.95
N THR A 4293 -10.50 -45.16 12.99
CA THR A 4293 -9.26 -45.11 13.75
C THR A 4293 -9.37 -46.10 14.91
N ILE A 4294 -8.51 -47.11 14.90
CA ILE A 4294 -8.55 -48.18 15.89
C ILE A 4294 -7.53 -47.86 16.97
N ASP A 4295 -8.03 -47.63 18.18
CA ASP A 4295 -7.19 -47.52 19.38
C ASP A 4295 -6.77 -48.91 19.81
N ILE A 4296 -5.65 -49.39 19.28
CA ILE A 4296 -5.15 -50.71 19.62
C ILE A 4296 -4.97 -50.82 21.13
N ASP A 4297 -4.69 -49.70 21.79
CA ASP A 4297 -4.60 -49.69 23.25
C ASP A 4297 -5.95 -49.99 23.90
N ASP A 4298 -7.05 -49.54 23.29
CA ASP A 4298 -8.38 -49.86 23.82
C ASP A 4298 -8.70 -51.33 23.64
N LEU A 4299 -8.34 -51.91 22.50
CA LEU A 4299 -8.53 -53.33 22.30
C LEU A 4299 -7.72 -54.12 23.32
N LYS A 4300 -6.43 -53.79 23.44
CA LYS A 4300 -5.59 -54.46 24.44
C LYS A 4300 -6.19 -54.33 25.84
N SER A 4301 -6.73 -53.17 26.19
CA SER A 4301 -7.40 -53.02 27.48
C SER A 4301 -8.68 -53.84 27.57
N ASN A 4302 -9.26 -54.22 26.43
CA ASN A 4302 -10.50 -55.00 26.40
C ASN A 4302 -10.30 -56.33 25.67
N THR A 4303 -9.12 -56.94 25.79
CA THR A 4303 -8.87 -58.25 25.22
C THR A 4303 -8.96 -59.30 26.32
N GLU A 4304 -9.53 -60.45 25.95
CA GLU A 4304 -9.57 -61.63 26.82
C GLU A 4304 -8.74 -62.74 26.21
N TYR A 4305 -7.84 -63.30 27.01
CA TYR A 4305 -7.00 -64.41 26.57
C TYR A 4305 -7.47 -65.68 27.26
N HIS A 4306 -7.71 -66.72 26.44
CA HIS A 4306 -8.37 -67.94 26.90
C HIS A 4306 -7.38 -69.06 27.19
N LYS A 4307 -6.59 -69.42 26.19
CA LYS A 4307 -5.52 -70.40 26.31
C LYS A 4307 -4.12 -69.82 26.21
N TYR A 4308 -3.97 -68.73 25.45
CA TYR A 4308 -2.85 -67.83 25.60
C TYR A 4308 -2.92 -67.13 26.95
N GLN A 4309 -1.82 -66.46 27.29
CA GLN A 4309 -1.83 -65.55 28.43
C GLN A 4309 -1.43 -64.15 28.00
N SER A 4310 -1.74 -63.19 28.87
CA SER A 4310 -1.50 -61.79 28.53
C SER A 4310 -0.01 -61.55 28.36
N ASN A 4311 0.80 -62.43 28.94
CA ASN A 4311 2.25 -62.42 28.79
C ASN A 4311 2.77 -63.60 27.95
N SER A 4312 1.91 -64.25 27.17
CA SER A 4312 2.42 -65.24 26.23
C SER A 4312 3.19 -64.58 25.09
N ILE A 4313 4.17 -65.31 24.57
CA ILE A 4313 5.07 -64.78 23.56
C ILE A 4313 4.35 -64.59 22.23
N GLN A 4314 3.46 -65.53 21.89
CA GLN A 4314 2.61 -65.38 20.71
C GLN A 4314 1.70 -64.16 20.83
N ILE A 4315 1.33 -63.78 22.03
CA ILE A 4315 0.51 -62.59 22.21
C ILE A 4315 1.33 -61.31 22.03
N GLN A 4316 2.56 -61.28 22.54
CA GLN A 4316 3.42 -60.13 22.27
C GLN A 4316 3.73 -59.99 20.78
N TRP A 4317 3.94 -61.11 20.09
CA TRP A 4317 4.06 -61.08 18.63
C TRP A 4317 2.78 -60.59 17.96
N PHE A 4318 1.62 -61.05 18.43
CA PHE A 4318 0.35 -60.58 17.90
C PHE A 4318 0.21 -59.07 18.02
N TRP A 4319 0.45 -58.53 19.22
CA TRP A 4319 0.32 -57.09 19.43
C TRP A 4319 1.37 -56.30 18.66
N ARG A 4320 2.60 -56.81 18.53
CA ARG A 4320 3.57 -56.14 17.68
C ARG A 4320 3.11 -56.09 16.24
N ALA A 4321 2.61 -57.20 15.71
CA ALA A 4321 2.06 -57.21 14.35
C ALA A 4321 0.93 -56.22 14.19
N LEU A 4322 -0.07 -56.28 15.07
CA LEU A 4322 -1.25 -55.44 14.96
C LEU A 4322 -0.92 -53.95 15.16
N ARG A 4323 0.07 -53.63 15.98
CA ARG A 4323 0.58 -52.26 16.04
C ARG A 4323 1.29 -51.85 14.76
N SER A 4324 1.95 -52.80 14.08
CA SER A 4324 2.64 -52.48 12.84
C SER A 4324 1.73 -52.32 11.63
N PHE A 4325 0.52 -52.90 11.64
CA PHE A 4325 -0.40 -52.72 10.52
C PHE A 4325 -0.90 -51.29 10.40
N ASP A 4326 -0.99 -50.82 9.16
CA ASP A 4326 -1.56 -49.52 8.83
C ASP A 4326 -3.05 -49.49 9.10
N GLN A 4327 -3.62 -48.28 8.98
CA GLN A 4327 -5.02 -48.05 9.32
C GLN A 4327 -5.95 -48.93 8.51
N ALA A 4328 -5.61 -49.19 7.24
CA ALA A 4328 -6.45 -50.03 6.40
C ALA A 4328 -6.34 -51.49 6.79
N ASP A 4329 -5.15 -51.98 7.10
CA ASP A 4329 -5.03 -53.35 7.57
C ASP A 4329 -5.59 -53.53 8.96
N ARG A 4330 -5.49 -52.51 9.81
CA ARG A 4330 -6.20 -52.53 11.08
C ARG A 4330 -7.71 -52.61 10.89
N ALA A 4331 -8.26 -51.79 9.99
CA ALA A 4331 -9.69 -51.83 9.71
C ALA A 4331 -10.13 -53.18 9.12
N LYS A 4332 -9.35 -53.72 8.19
CA LYS A 4332 -9.62 -55.04 7.65
C LYS A 4332 -9.55 -56.13 8.71
N PHE A 4333 -8.64 -56.00 9.67
CA PHE A 4333 -8.63 -56.90 10.82
C PHE A 4333 -9.90 -56.77 11.65
N LEU A 4334 -10.29 -55.53 11.95
CA LEU A 4334 -11.50 -55.30 12.72
C LEU A 4334 -12.72 -55.88 12.03
N GLN A 4335 -12.81 -55.73 10.71
CA GLN A 4335 -13.86 -56.38 9.94
C GLN A 4335 -13.75 -57.90 10.00
N PHE A 4336 -12.53 -58.42 9.95
CA PHE A 4336 -12.31 -59.86 10.03
C PHE A 4336 -12.79 -60.45 11.33
N VAL A 4337 -12.59 -59.76 12.45
CA VAL A 4337 -12.88 -60.37 13.74
C VAL A 4337 -14.23 -59.95 14.31
N THR A 4338 -14.64 -58.70 14.07
CA THR A 4338 -15.94 -58.24 14.53
C THR A 4338 -17.00 -58.23 13.44
N GLY A 4339 -16.61 -58.33 12.18
CA GLY A 4339 -17.57 -58.20 11.10
C GLY A 4339 -17.94 -56.78 10.72
N THR A 4340 -17.33 -55.77 11.33
CA THR A 4340 -17.62 -54.38 10.98
C THR A 4340 -16.40 -53.51 11.23
N SER A 4341 -16.40 -52.34 10.59
CA SER A 4341 -15.47 -51.26 10.89
C SER A 4341 -15.98 -50.31 11.97
N LYS A 4342 -17.24 -50.45 12.40
CA LYS A 4342 -17.79 -49.53 13.38
C LYS A 4342 -17.07 -49.67 14.71
N VAL A 4343 -16.56 -48.55 15.22
CA VAL A 4343 -15.96 -48.51 16.55
C VAL A 4343 -17.04 -48.20 17.58
N PRO A 4344 -17.16 -48.99 18.64
CA PRO A 4344 -18.18 -48.69 19.67
C PRO A 4344 -17.87 -47.41 20.40
N LEU A 4345 -18.88 -46.55 20.56
CA LEU A 4345 -18.66 -45.24 21.17
C LEU A 4345 -18.06 -45.39 22.57
N GLN A 4346 -18.59 -46.33 23.36
CA GLN A 4346 -18.13 -46.56 24.72
C GLN A 4346 -16.81 -47.32 24.79
N GLY A 4347 -16.29 -47.78 23.65
CA GLY A 4347 -15.12 -48.64 23.63
C GLY A 4347 -15.47 -50.11 23.50
N PHE A 4348 -14.44 -50.89 23.20
CA PHE A 4348 -14.55 -52.32 22.91
C PHE A 4348 -15.00 -53.15 24.10
N ALA A 4349 -15.01 -52.59 25.31
CA ALA A 4349 -15.71 -53.24 26.41
C ALA A 4349 -17.16 -53.50 26.08
N ALA A 4350 -17.78 -52.63 25.28
CA ALA A 4350 -19.18 -52.78 24.89
C ALA A 4350 -19.35 -53.56 23.59
N LEU A 4351 -18.36 -54.36 23.21
CA LEU A 4351 -18.42 -55.12 21.97
C LEU A 4351 -19.50 -56.19 22.11
N GLU A 4352 -20.52 -56.13 21.26
CA GLU A 4352 -21.61 -57.10 21.31
C GLU A 4352 -21.27 -58.36 20.54
N GLY A 4353 -21.83 -59.48 21.00
CA GLY A 4353 -21.78 -60.72 20.24
C GLY A 4353 -23.12 -61.39 20.10
N MET A 4354 -23.11 -62.67 19.72
CA MET A 4354 -24.36 -63.41 19.52
C MET A 4354 -25.11 -63.58 20.83
N ASN A 4355 -24.39 -63.89 21.92
CA ASN A 4355 -25.03 -64.13 23.20
C ASN A 4355 -24.73 -62.97 24.16
N GLY A 4356 -25.19 -61.78 23.80
CA GLY A 4356 -24.98 -60.60 24.60
C GLY A 4356 -23.60 -60.00 24.40
N ILE A 4357 -23.28 -59.03 25.26
CA ILE A 4357 -22.02 -58.33 25.15
C ILE A 4357 -20.88 -59.33 25.20
N GLN A 4358 -20.13 -59.45 24.10
CA GLN A 4358 -19.00 -60.35 24.02
C GLN A 4358 -17.75 -59.53 23.73
N LYS A 4359 -16.75 -59.65 24.61
CA LYS A 4359 -15.47 -59.00 24.40
C LYS A 4359 -14.73 -59.69 23.26
N PHE A 4360 -13.77 -58.98 22.67
CA PHE A 4360 -12.93 -59.63 21.69
C PHE A 4360 -12.18 -60.75 22.42
N GLN A 4361 -11.76 -61.76 21.69
CA GLN A 4361 -11.16 -62.93 22.33
C GLN A 4361 -10.22 -63.66 21.40
N ILE A 4362 -9.07 -64.06 21.94
CA ILE A 4362 -8.04 -64.79 21.21
C ILE A 4362 -7.91 -66.18 21.83
N HIS A 4363 -8.08 -67.21 21.00
CA HIS A 4363 -7.95 -68.60 21.38
C HIS A 4363 -6.79 -69.20 20.61
N ARG A 4364 -6.00 -70.04 21.28
CA ARG A 4364 -4.93 -70.76 20.62
C ARG A 4364 -5.54 -71.90 19.82
N ASP A 4365 -5.24 -71.95 18.52
CA ASP A 4365 -5.71 -73.01 17.65
C ASP A 4365 -4.72 -74.17 17.67
N ASP A 4366 -5.07 -75.23 18.39
CA ASP A 4366 -4.16 -76.34 18.62
C ASP A 4366 -4.08 -77.27 17.42
N ARG A 4367 -4.72 -76.93 16.31
CA ARG A 4367 -4.49 -77.62 15.05
C ARG A 4367 -3.09 -77.27 14.52
N SER A 4368 -2.75 -77.87 13.38
CA SER A 4368 -1.45 -77.63 12.79
C SER A 4368 -1.25 -76.15 12.48
N THR A 4369 -0.02 -75.68 12.63
CA THR A 4369 0.33 -74.29 12.43
C THR A 4369 0.70 -73.98 10.99
N ASP A 4370 0.20 -74.78 10.04
CA ASP A 4370 0.28 -74.50 8.61
C ASP A 4370 -1.07 -74.10 8.04
N ARG A 4371 -1.98 -73.63 8.88
CA ARG A 4371 -3.28 -73.14 8.47
C ARG A 4371 -3.49 -71.72 8.99
N LEU A 4372 -4.27 -70.95 8.24
CA LEU A 4372 -4.51 -69.55 8.56
C LEU A 4372 -5.25 -69.42 9.90
N PRO A 4373 -5.07 -68.28 10.58
CA PRO A 4373 -6.03 -67.90 11.63
C PRO A 4373 -7.46 -67.92 11.12
N SER A 4374 -8.41 -68.06 12.02
CA SER A 4374 -9.81 -68.21 11.63
C SER A 4374 -10.67 -67.39 12.58
N ALA A 4375 -11.78 -66.86 12.07
CA ALA A 4375 -12.55 -65.89 12.83
C ALA A 4375 -13.99 -66.36 12.94
N HIS A 4376 -14.59 -66.05 14.09
CA HIS A 4376 -15.97 -66.35 14.41
C HIS A 4376 -16.60 -65.06 14.91
N THR A 4377 -17.05 -64.23 13.97
CA THR A 4377 -17.29 -62.82 14.28
C THR A 4377 -18.42 -62.66 15.28
N CYS A 4378 -19.34 -63.63 15.34
CA CYS A 4378 -20.44 -63.56 16.28
C CYS A 4378 -19.97 -63.74 17.72
N PHE A 4379 -18.82 -64.37 17.92
CA PHE A 4379 -18.14 -64.42 19.20
C PHE A 4379 -16.99 -63.43 19.27
N ASN A 4380 -16.77 -62.66 18.20
CA ASN A 4380 -15.58 -61.81 18.07
C ASN A 4380 -14.32 -62.62 18.32
N GLN A 4381 -14.28 -63.84 17.80
CA GLN A 4381 -13.28 -64.82 18.22
C GLN A 4381 -12.22 -64.99 17.13
N LEU A 4382 -10.96 -64.85 17.52
CA LEU A 4382 -9.83 -65.22 16.67
C LEU A 4382 -9.24 -66.53 17.18
N ASP A 4383 -9.16 -67.52 16.31
CA ASP A 4383 -8.37 -68.73 16.55
C ASP A 4383 -7.04 -68.54 15.83
N LEU A 4384 -5.95 -68.64 16.59
CA LEU A 4384 -4.62 -68.30 16.11
C LEU A 4384 -3.64 -69.45 16.34
N PRO A 4385 -3.18 -70.13 15.29
CA PRO A 4385 -2.12 -71.12 15.46
C PRO A 4385 -0.84 -70.52 16.03
N ALA A 4386 -0.07 -71.37 16.71
CA ALA A 4386 1.14 -70.98 17.44
C ALA A 4386 2.33 -70.74 16.51
N TYR A 4387 2.13 -69.85 15.55
CA TYR A 4387 3.10 -69.71 14.45
C TYR A 4387 4.50 -69.49 15.00
N GLU A 4388 5.46 -70.14 14.34
CA GLU A 4388 6.83 -70.22 14.86
C GLU A 4388 7.55 -68.88 14.85
N SER A 4389 7.04 -67.88 14.14
CA SER A 4389 7.78 -66.63 14.01
C SER A 4389 6.84 -65.47 13.76
N PHE A 4390 7.35 -64.28 14.08
CA PHE A 4390 6.64 -63.03 13.80
C PHE A 4390 6.31 -62.89 12.32
N GLU A 4391 7.30 -63.09 11.46
CA GLU A 4391 7.08 -62.91 10.02
C GLU A 4391 5.98 -63.81 9.49
N LYS A 4392 6.00 -65.11 9.83
CA LYS A 4392 4.95 -66.00 9.33
C LYS A 4392 3.57 -65.65 9.87
N LEU A 4393 3.47 -65.35 11.17
CA LEU A 4393 2.18 -64.96 11.74
C LEU A 4393 1.66 -63.70 11.06
N ARG A 4394 2.53 -62.71 10.87
CA ARG A 4394 2.14 -61.47 10.21
C ARG A 4394 1.72 -61.72 8.77
N HIS A 4395 2.46 -62.57 8.05
CA HIS A 4395 2.13 -62.85 6.67
C HIS A 4395 0.76 -63.51 6.55
N MET A 4396 0.49 -64.51 7.39
CA MET A 4396 -0.78 -65.21 7.33
C MET A 4396 -1.93 -64.29 7.73
N LEU A 4397 -1.76 -63.51 8.79
CA LEU A 4397 -2.79 -62.55 9.19
C LEU A 4397 -3.06 -61.51 8.11
N LEU A 4398 -2.00 -60.96 7.50
CA LEU A 4398 -2.20 -60.00 6.42
C LEU A 4398 -2.90 -60.64 5.23
N LEU A 4399 -2.62 -61.91 4.95
CA LEU A 4399 -3.37 -62.59 3.90
C LEU A 4399 -4.82 -62.84 4.29
N ALA A 4400 -5.09 -63.05 5.58
CA ALA A 4400 -6.47 -63.21 6.03
C ALA A 4400 -7.27 -61.91 5.88
N ILE A 4401 -6.75 -60.81 6.40
CA ILE A 4401 -7.42 -59.53 6.27
C ILE A 4401 -7.38 -59.04 4.82
N SER B 30 -14.92 32.27 17.77
CA SER B 30 -13.78 33.10 17.41
C SER B 30 -13.90 34.51 17.97
N LEU B 31 -15.05 34.81 18.57
CA LEU B 31 -15.25 36.07 19.26
C LEU B 31 -14.95 35.94 20.75
N TRP B 32 -14.71 34.71 21.21
CA TRP B 32 -14.38 34.43 22.60
C TRP B 32 -12.90 34.16 22.79
N ASP B 33 -12.11 34.36 21.73
CA ASP B 33 -10.67 34.17 21.81
C ASP B 33 -10.00 35.24 22.66
N ARG B 34 -10.69 36.36 22.89
CA ARG B 34 -10.10 37.47 23.63
C ARG B 34 -9.85 37.09 25.08
N PHE B 35 -10.69 36.22 25.63
CA PHE B 35 -10.49 35.73 26.98
C PHE B 35 -9.40 34.66 27.03
N SER B 36 -9.38 33.76 26.04
CA SER B 36 -8.38 32.72 25.98
C SER B 36 -7.08 33.24 25.39
#